data_7R7T
#
_entry.id   7R7T
#
_cell.length_a   1.00
_cell.length_b   1.00
_cell.length_c   1.00
_cell.angle_alpha   90.00
_cell.angle_beta   90.00
_cell.angle_gamma   90.00
#
_symmetry.space_group_name_H-M   'P 1'
#
loop_
_entity.id
_entity.type
_entity.pdbx_description
1 polymer 'Transitional endoplasmic reticulum ATPase'
2 polymer 'NSFL1 cofactor p47'
3 non-polymer "ADENOSINE-5'-DIPHOSPHATE"
#
loop_
_entity_poly.entity_id
_entity_poly.type
_entity_poly.pdbx_seq_one_letter_code
_entity_poly.pdbx_strand_id
1 'polypeptide(L)'
;MASGADSKGDDLSTAILKQKNRPNRLIVDEAINEDNSVVSLSQPKMDELQLFRGDTVLLKGKKRREAVCIVLSDDTCSDE
KIRMNRVVRNNLRVRLGDVISIQPCPDVKYGKRIHVLPIDDTVEGITGNLFEVYLKPYFLEAYRPIRKGDIFLVHGGMRA
VEFKVVETDPSPYCIVAPDTVIHCEGEPIKREDEEESLNEVGYDDIGGCRKQLAQIKEMVELPLRHPALFKAIGVKPPRG
ILLYGPPGTGKTLIARAVANETGAFFFLINGPEIMSKLAGESESNLRKAFEEAEKNAPAIIFIDELDAIAPKREKTHGEV
ERRIVSQLLTLMDGLKQRAHVIVMAATNRPNSIDPALRRFGRFDREVDIGIPDATGRLEILQIHTKNMKLADDVDLEQVA
NETHGHVGADLAALCSEAALQAIRKKMDLIDLEDETIDAEVMNSLAVTMDDFRWALSQSNPSALRETVVEVPQVTWEDIG
GLEDVKRELQELVQYPVEHPDKFLKFGMTPSKGVLFYGPPGCGKTLLAKAIANECQANFISIKGPELLTMWFGESEANVR
EIFDKARQAAPCVLFFDELDSIAKARGGNIGDGGGAADRVINQILTEMDGMSTKKNVFIIGATNRPDIIDPAILRPGRLD
QLIYIPLPDEKSRVAILKANLRKSPVAKDVDLEFLAKMTNGFSGADLTEICQRACKLAIRESIESEIRRERERQTNPSAM
EVEEDDPVPEIRRDHFEEAMRFARRSVSDNDIRKYEMFAQTLQQSRGFGSFRFPSGNQGGAGPSQGSGGGTGGSVYTEDN
DDDLYG
;
A,F,E,D,C,B
2 'polypeptide(L)'
;MAEERQDALREFVAVTGAEEDRARFFLESAGWDLQIALASFYEDGGDEDIVTISQATPSSVSRGTAPSDNRVTSFRDLIH
DQDEEEEEEEGQRFYAGGSERSGQQIVGPPRKKSPNELVDDLFKGAKEHGAVAVERVTKSPGETSKPRPFAGGGYRLGAA
PEEESAYVAGERRRHSGQDVHVVLKLWKTGFSLDNGDLRSYQDPSNAQFLESIRRGEVPAELRRLAHGGQVNLDMEDHRD
EDFVKPKGAFKAFTGEGQKLGSTAPQVLNTSSPAQQAENEAKASSSILINEAEPTTNIQIRLADGGRLVQKFNHSHRISD
IRLFIVDARPAMAATSFVLMTTFPNKELADENQTLKEANLLNAVIVQRLT
;
I
#
loop_
_chem_comp.id
_chem_comp.type
_chem_comp.name
_chem_comp.formula
ADP non-polymer ADENOSINE-5'-DIPHOSPHATE 'C10 H15 N5 O10 P2'
#
# COMPACT_ATOMS: atom_id res chain seq x y z
N ASN A 24 47.56 -5.43 47.72
CA ASN A 24 46.33 -5.95 48.31
C ASN A 24 45.77 -7.12 47.50
N ARG A 25 46.49 -7.54 46.46
CA ARG A 25 46.04 -8.61 45.59
C ARG A 25 46.68 -9.91 46.07
N LEU A 26 45.87 -10.76 46.72
CA LEU A 26 46.40 -11.91 47.42
C LEU A 26 45.30 -12.97 47.58
N ILE A 27 45.73 -14.19 47.89
CA ILE A 27 44.84 -15.36 47.92
C ILE A 27 44.05 -15.42 49.23
N VAL A 28 42.98 -16.21 49.24
CA VAL A 28 41.99 -16.17 50.31
C VAL A 28 41.97 -17.53 51.01
N ASP A 29 41.61 -17.50 52.30
CA ASP A 29 41.47 -18.69 53.13
C ASP A 29 40.05 -19.23 53.07
N GLU A 30 39.90 -20.51 53.42
CA GLU A 30 38.60 -21.15 53.45
C GLU A 30 37.82 -20.74 54.70
N ALA A 31 36.54 -21.12 54.73
CA ALA A 31 35.65 -20.73 55.81
C ALA A 31 35.97 -21.48 57.09
N ILE A 32 35.79 -20.81 58.23
CA ILE A 32 36.04 -21.40 59.54
C ILE A 32 34.76 -21.38 60.37
N ASN A 33 34.22 -20.19 60.59
CA ASN A 33 32.98 -20.00 61.35
C ASN A 33 31.87 -19.56 60.39
N GLU A 34 30.72 -19.20 60.95
CA GLU A 34 29.57 -18.75 60.17
C GLU A 34 29.09 -17.37 60.59
N ASP A 35 29.89 -16.63 61.35
CA ASP A 35 29.52 -15.32 61.85
C ASP A 35 30.37 -14.25 61.17
N ASN A 36 29.74 -13.12 60.84
CA ASN A 36 30.50 -11.96 60.39
C ASN A 36 31.08 -11.17 61.56
N SER A 37 30.61 -11.45 62.78
CA SER A 37 31.12 -10.80 63.98
C SER A 37 32.43 -11.40 64.46
N VAL A 38 32.88 -12.50 63.86
CA VAL A 38 34.23 -13.02 64.03
C VAL A 38 34.86 -13.18 62.63
N VAL A 39 36.06 -12.65 62.47
CA VAL A 39 36.81 -12.69 61.21
C VAL A 39 38.24 -13.10 61.52
N SER A 40 38.77 -14.05 60.75
CA SER A 40 40.12 -14.56 60.95
C SER A 40 41.15 -13.52 60.49
N LEU A 41 42.43 -13.88 60.57
CA LEU A 41 43.49 -12.89 60.46
C LEU A 41 44.78 -13.54 59.98
N SER A 42 45.50 -12.82 59.10
CA SER A 42 46.84 -13.19 58.67
C SER A 42 47.78 -12.05 59.06
N GLN A 43 48.51 -12.24 60.15
CA GLN A 43 49.36 -11.19 60.73
C GLN A 43 50.70 -10.94 60.03
N PRO A 44 51.44 -11.94 59.49
CA PRO A 44 52.60 -11.56 58.64
C PRO A 44 52.23 -10.80 57.38
N LYS A 45 51.06 -11.05 56.79
CA LYS A 45 50.67 -10.27 55.62
C LYS A 45 50.24 -8.85 55.98
N MET A 46 49.67 -8.66 57.19
CA MET A 46 49.44 -7.31 57.67
C MET A 46 50.74 -6.63 58.07
N ASP A 47 51.77 -7.42 58.45
CA ASP A 47 53.09 -6.87 58.66
C ASP A 47 53.70 -6.41 57.33
N GLU A 48 53.43 -7.14 56.25
CA GLU A 48 53.88 -6.72 54.92
C GLU A 48 53.10 -5.50 54.44
N LEU A 49 51.79 -5.49 54.65
CA LEU A 49 50.92 -4.43 54.14
C LEU A 49 50.75 -3.34 55.18
N GLN A 50 49.78 -2.45 54.94
CA GLN A 50 49.41 -1.39 55.88
C GLN A 50 47.88 -1.39 56.01
N LEU A 51 47.38 -1.97 57.10
CA LEU A 51 45.95 -2.04 57.37
C LEU A 51 45.66 -1.48 58.75
N PHE A 52 44.58 -0.71 58.85
CA PHE A 52 44.26 0.01 60.07
C PHE A 52 43.40 -0.85 61.00
N ARG A 53 42.81 -0.21 62.02
CA ARG A 53 42.27 -0.93 63.17
C ARG A 53 40.89 -1.50 62.86
N GLY A 54 40.76 -2.82 63.05
CA GLY A 54 39.52 -3.48 63.44
C GLY A 54 38.24 -3.28 62.65
N ASP A 55 37.30 -2.55 63.26
CA ASP A 55 35.90 -2.58 62.83
C ASP A 55 35.68 -1.85 61.52
N THR A 56 36.54 -0.89 61.18
CA THR A 56 36.36 -0.05 60.00
C THR A 56 37.50 -0.33 59.02
N VAL A 57 37.33 -1.38 58.21
CA VAL A 57 38.28 -1.75 57.16
C VAL A 57 37.48 -2.09 55.92
N LEU A 58 37.81 -1.43 54.81
CA LEU A 58 37.07 -1.60 53.56
C LEU A 58 37.59 -2.79 52.76
N LEU A 59 36.67 -3.58 52.21
CA LEU A 59 37.00 -4.57 51.19
C LEU A 59 36.14 -4.31 49.97
N LYS A 60 36.75 -4.42 48.79
CA LYS A 60 36.11 -4.09 47.52
C LYS A 60 36.04 -5.36 46.67
N GLY A 61 35.60 -5.18 45.42
CA GLY A 61 35.58 -6.27 44.48
C GLY A 61 34.51 -6.19 43.40
N LYS A 62 33.74 -7.26 43.25
CA LYS A 62 32.79 -7.37 42.17
C LYS A 62 31.55 -6.52 42.44
N LYS A 63 30.87 -6.14 41.35
CA LYS A 63 29.59 -5.42 41.31
C LYS A 63 29.66 -4.04 41.96
N ARG A 64 30.85 -3.43 42.00
CA ARG A 64 31.15 -2.13 42.60
C ARG A 64 30.82 -2.11 44.11
N ARG A 65 30.77 -3.27 44.77
CA ARG A 65 30.23 -3.32 46.11
C ARG A 65 31.35 -3.06 47.12
N GLU A 66 31.36 -1.85 47.67
CA GLU A 66 32.22 -1.53 48.79
C GLU A 66 31.57 -2.09 50.07
N ALA A 67 32.36 -2.78 50.87
CA ALA A 67 31.87 -3.36 52.11
C ALA A 67 32.87 -3.11 53.22
N VAL A 68 32.35 -2.93 54.43
CA VAL A 68 33.16 -2.67 55.62
C VAL A 68 32.75 -3.68 56.69
N CYS A 69 33.73 -4.38 57.24
CA CYS A 69 33.49 -5.21 58.42
C CYS A 69 34.76 -5.27 59.25
N ILE A 70 34.81 -6.22 60.17
CA ILE A 70 35.91 -6.33 61.11
C ILE A 70 37.02 -7.20 60.53
N VAL A 71 38.25 -6.93 60.97
CA VAL A 71 39.42 -7.79 60.79
C VAL A 71 40.10 -7.84 62.15
N LEU A 72 41.27 -8.49 62.22
CA LEU A 72 42.22 -8.41 63.35
C LEU A 72 41.60 -8.98 64.63
N SER A 73 40.84 -10.06 64.49
CA SER A 73 40.00 -10.49 65.62
C SER A 73 40.24 -11.91 66.08
N ASP A 74 40.43 -12.86 65.16
CA ASP A 74 40.46 -14.28 65.50
C ASP A 74 41.84 -14.90 65.42
N ASP A 75 42.55 -14.69 64.30
CA ASP A 75 43.89 -15.23 64.02
C ASP A 75 43.91 -16.76 64.10
N THR A 76 43.01 -17.40 63.37
CA THR A 76 42.94 -18.86 63.36
C THR A 76 43.79 -19.46 62.26
N CYS A 77 43.77 -18.87 61.07
CA CYS A 77 44.47 -19.41 59.92
C CYS A 77 45.92 -18.89 59.87
N SER A 78 46.60 -19.21 58.78
CA SER A 78 48.01 -18.86 58.60
C SER A 78 48.13 -17.52 57.86
N ASP A 79 49.35 -17.20 57.45
CA ASP A 79 49.62 -15.95 56.74
C ASP A 79 49.14 -16.04 55.29
N GLU A 80 49.03 -14.86 54.67
CA GLU A 80 48.70 -14.57 53.27
C GLU A 80 47.35 -15.13 52.80
N LYS A 81 46.50 -15.59 53.72
CA LYS A 81 45.14 -16.00 53.39
C LYS A 81 44.27 -15.72 54.60
N ILE A 82 43.12 -15.05 54.37
CA ILE A 82 42.28 -14.57 55.45
C ILE A 82 40.84 -14.99 55.18
N ARG A 83 40.14 -15.44 56.23
CA ARG A 83 38.75 -15.86 56.08
C ARG A 83 37.82 -14.66 56.12
N MET A 84 36.96 -14.55 55.10
CA MET A 84 35.82 -13.66 55.11
C MET A 84 34.54 -14.46 55.38
N ASN A 85 33.48 -13.74 55.76
CA ASN A 85 32.20 -14.38 56.03
C ASN A 85 31.55 -14.85 54.73
N ARG A 86 30.66 -15.83 54.85
CA ARG A 86 30.06 -16.49 53.69
C ARG A 86 29.15 -15.56 52.90
N VAL A 87 28.51 -14.60 53.58
CA VAL A 87 27.62 -13.67 52.91
C VAL A 87 28.43 -12.64 52.10
N VAL A 88 29.70 -12.43 52.43
CA VAL A 88 30.62 -11.71 51.55
C VAL A 88 31.61 -12.65 50.89
N ARG A 89 31.38 -13.96 50.95
CA ARG A 89 32.00 -14.89 50.02
C ARG A 89 31.19 -15.02 48.75
N ASN A 90 29.86 -15.15 48.89
CA ASN A 90 29.01 -15.18 47.70
C ASN A 90 28.91 -13.80 47.05
N ASN A 91 28.77 -12.76 47.86
CA ASN A 91 28.88 -11.41 47.35
C ASN A 91 30.35 -11.03 47.18
N LEU A 92 30.60 -10.09 46.27
CA LEU A 92 31.88 -9.46 45.91
C LEU A 92 32.89 -10.39 45.22
N ARG A 93 32.60 -11.69 45.16
CA ARG A 93 33.44 -12.68 44.48
C ARG A 93 32.50 -13.72 43.85
N VAL A 94 33.07 -14.82 43.38
CA VAL A 94 32.29 -15.86 42.71
C VAL A 94 32.34 -17.16 43.51
N ARG A 95 33.44 -17.41 44.19
CA ARG A 95 33.62 -18.65 44.95
C ARG A 95 34.90 -18.54 45.75
N LEU A 96 35.23 -19.63 46.44
CA LEU A 96 36.47 -19.68 47.21
C LEU A 96 37.68 -19.82 46.28
N GLY A 97 38.83 -19.36 46.77
CA GLY A 97 40.04 -19.34 45.98
C GLY A 97 40.25 -18.09 45.17
N ASP A 98 39.45 -17.06 45.37
CA ASP A 98 39.52 -15.82 44.59
C ASP A 98 40.58 -14.90 45.19
N VAL A 99 40.64 -13.67 44.71
CA VAL A 99 41.59 -12.67 45.17
C VAL A 99 40.85 -11.72 46.10
N ILE A 100 41.20 -11.74 47.38
CA ILE A 100 40.64 -10.84 48.37
C ILE A 100 41.50 -9.60 48.47
N SER A 101 40.85 -8.43 48.58
CA SER A 101 41.52 -7.15 48.69
C SER A 101 41.09 -6.45 49.98
N ILE A 102 41.99 -5.67 50.55
CA ILE A 102 41.73 -4.95 51.79
C ILE A 102 42.05 -3.47 51.59
N GLN A 103 41.43 -2.64 52.43
CA GLN A 103 41.58 -1.19 52.35
C GLN A 103 41.24 -0.61 53.72
N PRO A 104 42.06 0.30 54.26
CA PRO A 104 41.71 0.96 55.52
C PRO A 104 40.74 2.11 55.28
N CYS A 105 39.59 2.07 55.95
CA CYS A 105 38.58 3.13 55.86
C CYS A 105 38.19 3.58 57.26
N PRO A 106 39.09 4.31 57.95
CA PRO A 106 38.84 4.64 59.37
C PRO A 106 38.00 5.88 59.57
N ASP A 107 37.92 6.31 60.85
CA ASP A 107 37.41 7.62 61.34
C ASP A 107 36.01 7.94 60.83
N VAL A 108 35.16 6.93 60.77
CA VAL A 108 33.75 7.15 60.43
C VAL A 108 32.98 7.46 61.72
N LYS A 109 31.77 8.00 61.59
CA LYS A 109 30.98 8.41 62.73
C LYS A 109 30.21 7.22 63.31
N TYR A 110 29.33 7.50 64.27
CA TYR A 110 28.59 6.47 64.99
C TYR A 110 27.11 6.57 64.64
N GLY A 111 26.50 5.44 64.28
CA GLY A 111 25.10 5.41 63.93
C GLY A 111 24.19 5.18 65.13
N LYS A 112 22.89 5.16 64.86
CA LYS A 112 21.85 5.02 65.88
C LYS A 112 20.85 3.96 65.46
N ARG A 113 21.13 2.69 65.79
CA ARG A 113 20.19 1.55 65.68
C ARG A 113 19.69 1.34 64.25
N ILE A 114 20.60 0.84 63.42
CA ILE A 114 20.25 0.31 62.10
C ILE A 114 19.44 -0.97 62.26
N HIS A 115 18.99 -1.52 61.13
CA HIS A 115 17.69 -2.14 60.86
C HIS A 115 16.94 -2.87 61.98
N VAL A 116 15.64 -2.61 62.04
CA VAL A 116 14.69 -3.45 62.74
C VAL A 116 13.99 -4.40 61.75
N LEU A 117 14.32 -4.31 60.47
CA LEU A 117 13.57 -4.94 59.38
C LEU A 117 14.37 -6.03 58.69
N PRO A 118 14.05 -7.30 58.90
CA PRO A 118 14.61 -8.38 58.07
C PRO A 118 13.73 -8.71 56.88
N ILE A 119 14.35 -9.35 55.87
CA ILE A 119 13.73 -9.51 54.56
C ILE A 119 13.69 -10.95 54.07
N ASP A 120 13.93 -11.94 54.92
CA ASP A 120 13.76 -13.27 54.31
C ASP A 120 12.92 -14.23 55.15
N ASP A 121 13.05 -14.21 56.48
CA ASP A 121 12.49 -15.27 57.30
C ASP A 121 11.83 -14.69 58.54
N THR A 122 11.02 -13.65 58.38
CA THR A 122 10.27 -13.10 59.52
C THR A 122 9.12 -14.03 59.90
N VAL A 123 8.44 -14.60 58.90
CA VAL A 123 7.26 -15.42 59.16
C VAL A 123 7.63 -16.79 59.73
N GLU A 124 8.87 -17.24 59.57
CA GLU A 124 9.35 -18.47 60.19
C GLU A 124 9.78 -18.15 61.61
N GLY A 125 8.80 -18.07 62.50
CA GLY A 125 9.06 -17.72 63.89
C GLY A 125 8.09 -16.69 64.42
N ILE A 126 8.54 -15.85 65.35
CA ILE A 126 7.72 -14.83 65.97
C ILE A 126 8.47 -13.50 65.84
N THR A 127 7.70 -12.41 65.76
CA THR A 127 8.28 -11.07 65.57
C THR A 127 8.77 -10.48 66.89
N GLY A 128 7.87 -10.28 67.85
CA GLY A 128 8.25 -9.79 69.17
C GLY A 128 8.63 -8.32 69.19
N ASN A 129 9.90 -8.04 69.51
CA ASN A 129 10.43 -6.69 69.49
C ASN A 129 11.13 -6.35 68.19
N LEU A 130 11.33 -7.34 67.31
CA LEU A 130 11.74 -7.26 65.91
C LEU A 130 13.20 -6.85 65.70
N PHE A 131 13.91 -6.47 66.76
CA PHE A 131 15.36 -6.34 66.71
C PHE A 131 16.07 -6.86 67.95
N GLU A 132 15.40 -6.98 69.10
CA GLU A 132 16.00 -7.55 70.30
C GLU A 132 16.14 -9.06 70.22
N VAL A 133 15.34 -9.71 69.36
CA VAL A 133 15.25 -11.17 69.36
C VAL A 133 16.50 -11.79 68.74
N TYR A 134 16.94 -11.28 67.59
CA TYR A 134 17.99 -11.93 66.83
C TYR A 134 19.32 -11.21 66.83
N LEU A 135 19.34 -9.88 66.95
CA LEU A 135 20.60 -9.15 66.92
C LEU A 135 21.35 -9.26 68.25
N LYS A 136 20.64 -9.20 69.37
CA LYS A 136 21.25 -9.11 70.69
C LYS A 136 21.87 -10.39 71.26
N PRO A 137 21.34 -11.61 71.03
CA PRO A 137 22.14 -12.79 71.43
C PRO A 137 23.31 -13.10 70.50
N TYR A 138 23.39 -12.47 69.33
CA TYR A 138 24.38 -12.88 68.34
C TYR A 138 25.39 -11.77 68.04
N PHE A 139 25.87 -11.09 69.08
CA PHE A 139 26.90 -10.08 68.87
C PHE A 139 27.80 -10.00 70.09
N LEU A 140 29.03 -9.56 69.86
CA LEU A 140 30.09 -9.42 70.86
C LEU A 140 30.75 -8.05 70.72
N GLU A 141 29.89 -7.02 70.72
CA GLU A 141 30.20 -5.62 70.42
C GLU A 141 30.76 -5.46 69.00
N ALA A 142 30.06 -6.08 68.05
CA ALA A 142 30.24 -5.85 66.62
C ALA A 142 28.98 -5.14 66.15
N TYR A 143 28.99 -3.82 66.14
CA TYR A 143 27.76 -3.05 65.90
C TYR A 143 27.55 -2.71 64.42
N ARG A 144 27.68 -3.74 63.56
CA ARG A 144 27.23 -3.83 62.19
C ARG A 144 27.63 -2.68 61.27
N PRO A 145 28.93 -2.59 60.85
CA PRO A 145 29.36 -1.53 59.93
C PRO A 145 29.12 -1.84 58.45
N ILE A 146 27.95 -2.40 58.14
CA ILE A 146 27.65 -2.95 56.84
C ILE A 146 26.88 -1.87 56.08
N ARG A 147 26.80 -2.02 54.76
CA ARG A 147 26.07 -1.08 53.91
C ARG A 147 24.58 -1.10 54.24
N LYS A 148 23.97 0.09 54.27
CA LYS A 148 22.57 0.26 54.63
C LYS A 148 21.71 -0.24 53.47
N GLY A 149 21.50 -1.56 53.46
CA GLY A 149 20.83 -2.22 52.36
C GLY A 149 21.49 -3.53 51.99
N ASP A 150 22.54 -3.88 52.73
CA ASP A 150 23.31 -5.10 52.49
C ASP A 150 22.83 -6.22 53.41
N ILE A 151 23.25 -7.44 53.08
CA ILE A 151 22.71 -8.65 53.69
C ILE A 151 23.74 -9.32 54.57
N PHE A 152 23.25 -10.01 55.60
CA PHE A 152 24.01 -10.90 56.47
C PHE A 152 23.02 -11.78 57.22
N LEU A 153 23.29 -13.07 57.29
CA LEU A 153 22.39 -14.00 57.96
C LEU A 153 22.57 -13.88 59.48
N VAL A 154 21.49 -13.52 60.18
CA VAL A 154 21.56 -13.36 61.62
C VAL A 154 20.24 -13.75 62.30
N HIS A 155 20.33 -14.75 63.18
CA HIS A 155 19.23 -15.18 64.04
C HIS A 155 19.83 -15.95 65.21
N GLY A 156 19.05 -16.08 66.27
CA GLY A 156 19.50 -16.77 67.46
C GLY A 156 19.60 -18.27 67.31
N GLY A 157 18.46 -18.93 67.10
CA GLY A 157 18.43 -20.38 67.06
C GLY A 157 18.72 -20.99 65.70
N MET A 158 17.90 -20.63 64.70
CA MET A 158 18.02 -21.24 63.38
C MET A 158 19.11 -20.58 62.52
N ARG A 159 19.46 -19.32 62.83
CA ARG A 159 20.66 -18.63 62.33
C ARG A 159 20.68 -18.49 60.81
N ALA A 160 19.53 -18.25 60.18
CA ALA A 160 19.46 -18.07 58.73
C ALA A 160 18.48 -16.97 58.34
N VAL A 161 18.54 -15.83 59.04
CA VAL A 161 17.68 -14.69 58.72
C VAL A 161 18.55 -13.54 58.24
N GLU A 162 18.36 -13.16 56.97
CA GLU A 162 19.06 -12.04 56.36
C GLU A 162 18.36 -10.74 56.74
N PHE A 163 18.87 -9.62 56.20
CA PHE A 163 18.22 -8.33 56.38
C PHE A 163 18.54 -7.41 55.22
N LYS A 164 17.68 -6.42 55.03
CA LYS A 164 17.99 -5.23 54.24
C LYS A 164 17.74 -4.02 55.14
N VAL A 165 18.74 -3.17 55.27
CA VAL A 165 18.70 -2.10 56.27
C VAL A 165 17.89 -0.93 55.74
N VAL A 166 16.87 -0.53 56.49
CA VAL A 166 16.06 0.65 56.17
C VAL A 166 16.37 1.83 57.06
N GLU A 167 17.04 1.63 58.19
CA GLU A 167 17.42 2.72 59.08
C GLU A 167 18.80 3.22 58.69
N THR A 168 18.87 4.48 58.26
CA THR A 168 20.08 5.05 57.67
C THR A 168 20.43 6.34 58.42
N ASP A 169 20.53 6.22 59.75
CA ASP A 169 20.99 7.34 60.56
C ASP A 169 22.41 7.81 60.23
N PRO A 170 23.42 6.95 59.97
CA PRO A 170 24.59 7.48 59.29
C PRO A 170 24.53 7.27 57.78
N SER A 171 25.08 8.26 57.04
CA SER A 171 25.17 8.11 55.59
C SER A 171 26.26 7.12 55.16
N PRO A 172 27.58 7.28 55.53
CA PRO A 172 28.56 6.31 55.01
C PRO A 172 28.64 5.05 55.87
N TYR A 173 29.62 4.21 55.58
CA TYR A 173 29.85 2.94 56.26
C TYR A 173 30.28 3.21 57.69
N CYS A 174 29.35 3.02 58.64
CA CYS A 174 29.59 3.42 60.02
C CYS A 174 29.09 2.34 60.97
N ILE A 175 29.75 2.23 62.12
CA ILE A 175 29.22 1.45 63.23
C ILE A 175 28.13 2.25 63.93
N VAL A 176 27.36 1.58 64.79
CA VAL A 176 26.26 2.23 65.48
C VAL A 176 26.56 2.30 66.98
N ALA A 177 25.89 3.24 67.63
CA ALA A 177 25.99 3.38 69.08
C ALA A 177 25.32 2.20 69.77
N PRO A 178 25.80 1.80 70.95
CA PRO A 178 25.19 0.66 71.64
C PRO A 178 23.81 0.94 72.24
N ASP A 179 22.78 0.35 71.61
CA ASP A 179 21.45 0.10 72.18
C ASP A 179 20.70 1.38 72.57
N THR A 180 20.39 2.20 71.55
CA THR A 180 19.36 3.21 71.69
C THR A 180 18.03 2.61 71.21
N VAL A 181 17.02 3.44 70.99
CA VAL A 181 15.67 2.97 70.71
C VAL A 181 15.23 3.46 69.32
N ILE A 182 14.56 2.57 68.58
CA ILE A 182 13.94 2.89 67.30
C ILE A 182 12.55 2.29 67.21
N HIS A 183 11.92 2.43 66.03
CA HIS A 183 10.62 1.87 65.76
C HIS A 183 10.74 0.38 65.41
N CYS A 184 9.60 -0.25 65.14
CA CYS A 184 9.52 -1.69 64.88
C CYS A 184 8.62 -1.98 63.68
N GLU A 185 8.88 -1.29 62.57
CA GLU A 185 8.08 -1.41 61.36
C GLU A 185 8.58 -2.50 60.41
N GLY A 186 9.24 -3.53 60.92
CA GLY A 186 9.80 -4.57 60.07
C GLY A 186 8.73 -5.50 59.52
N GLU A 187 8.64 -5.60 58.19
CA GLU A 187 7.68 -6.46 57.53
C GLU A 187 8.42 -7.39 56.57
N PRO A 188 7.96 -8.63 56.38
CA PRO A 188 8.66 -9.54 55.48
C PRO A 188 8.38 -9.27 54.01
N ILE A 189 9.42 -9.47 53.21
CA ILE A 189 9.36 -9.44 51.75
C ILE A 189 9.98 -10.76 51.29
N LYS A 190 9.59 -11.24 50.11
CA LYS A 190 10.27 -12.37 49.50
C LYS A 190 11.69 -11.97 49.09
N ARG A 191 12.61 -12.93 49.16
CA ARG A 191 14.03 -12.65 48.93
C ARG A 191 14.32 -12.71 47.43
N GLU A 192 13.93 -11.65 46.75
CA GLU A 192 14.11 -11.51 45.31
C GLU A 192 14.86 -10.24 44.93
N ASP A 193 15.18 -9.39 45.90
CA ASP A 193 15.65 -8.04 45.59
C ASP A 193 17.10 -8.04 45.09
N GLU A 194 17.93 -8.93 45.63
CA GLU A 194 19.35 -8.94 45.26
C GLU A 194 19.54 -9.44 43.83
N GLU A 195 18.80 -10.45 43.40
CA GLU A 195 18.87 -10.89 42.01
C GLU A 195 17.91 -10.14 41.11
N GLU A 196 17.07 -9.25 41.68
CA GLU A 196 16.26 -8.37 40.85
C GLU A 196 17.01 -7.09 40.48
N SER A 197 17.74 -6.50 41.41
CA SER A 197 18.41 -5.22 41.18
C SER A 197 19.93 -5.31 41.09
N LEU A 198 20.56 -6.23 41.81
CA LEU A 198 22.01 -6.39 41.79
C LEU A 198 22.36 -7.83 41.44
N ASN A 199 21.77 -8.34 40.36
CA ASN A 199 22.02 -9.70 39.91
C ASN A 199 23.45 -9.86 39.44
N GLU A 200 24.17 -10.78 40.07
CA GLU A 200 25.60 -10.96 39.80
C GLU A 200 25.79 -11.69 38.48
N VAL A 201 26.42 -11.00 37.53
CA VAL A 201 26.85 -11.58 36.26
C VAL A 201 28.29 -11.19 36.02
N GLY A 202 29.03 -12.06 35.35
CA GLY A 202 30.41 -11.76 35.00
C GLY A 202 30.71 -12.11 33.56
N TYR A 203 32.00 -12.27 33.26
CA TYR A 203 32.38 -12.75 31.93
C TYR A 203 32.03 -14.21 31.76
N ASP A 204 32.07 -14.99 32.84
CA ASP A 204 31.78 -16.42 32.78
C ASP A 204 30.29 -16.73 32.76
N ASP A 205 29.44 -15.75 33.03
CA ASP A 205 28.02 -15.99 33.18
C ASP A 205 27.26 -15.90 31.88
N ILE A 206 27.94 -15.69 30.76
CA ILE A 206 27.35 -15.79 29.43
C ILE A 206 27.98 -16.99 28.75
N GLY A 207 27.14 -17.84 28.16
CA GLY A 207 27.58 -19.14 27.69
C GLY A 207 28.43 -19.16 26.44
N GLY A 208 29.67 -18.66 26.55
CA GLY A 208 30.62 -18.80 25.47
C GLY A 208 30.36 -17.91 24.27
N CYS A 209 30.43 -16.59 24.49
CA CYS A 209 30.33 -15.62 23.41
C CYS A 209 31.63 -14.87 23.23
N ARG A 210 32.76 -15.52 23.53
CA ARG A 210 34.06 -14.88 23.58
C ARG A 210 34.64 -14.54 22.22
N LYS A 211 33.98 -14.95 21.12
CA LYS A 211 34.29 -14.36 19.83
C LYS A 211 33.95 -12.87 19.82
N GLN A 212 32.82 -12.50 20.45
CA GLN A 212 32.39 -11.11 20.51
C GLN A 212 32.39 -10.52 21.91
N LEU A 213 32.50 -11.35 22.96
CA LEU A 213 32.63 -10.80 24.31
C LEU A 213 33.96 -10.08 24.49
N ALA A 214 35.01 -10.55 23.81
CA ALA A 214 36.28 -9.83 23.80
C ALA A 214 36.15 -8.49 23.09
N GLN A 215 35.37 -8.45 22.00
CA GLN A 215 35.10 -7.18 21.32
C GLN A 215 34.29 -6.23 22.19
N ILE A 216 33.34 -6.78 22.95
CA ILE A 216 32.55 -5.99 23.90
C ILE A 216 33.44 -5.40 24.98
N LYS A 217 34.35 -6.23 25.53
CA LYS A 217 35.30 -5.77 26.54
C LYS A 217 36.26 -4.72 26.00
N GLU A 218 36.65 -4.85 24.73
CA GLU A 218 37.47 -3.83 24.07
C GLU A 218 36.70 -2.52 23.92
N MET A 219 35.40 -2.61 23.60
CA MET A 219 34.61 -1.40 23.39
C MET A 219 34.29 -0.70 24.70
N VAL A 220 34.08 -1.44 25.78
CA VAL A 220 33.69 -0.82 27.05
C VAL A 220 34.87 -0.53 27.96
N GLU A 221 36.10 -0.80 27.53
CA GLU A 221 37.27 -0.58 28.38
C GLU A 221 37.55 0.91 28.58
N LEU A 222 37.30 1.72 27.57
CA LEU A 222 37.44 3.17 27.75
C LEU A 222 36.29 3.75 28.58
N PRO A 223 35.03 3.26 28.49
CA PRO A 223 34.09 3.56 29.58
C PRO A 223 34.45 2.95 30.93
N LEU A 224 35.28 1.90 30.96
CA LEU A 224 35.59 1.23 32.23
C LEU A 224 36.53 2.10 33.05
N ARG A 225 35.92 3.04 33.81
CA ARG A 225 36.53 3.96 34.80
C ARG A 225 37.80 4.66 34.28
N HIS A 226 37.87 4.94 32.98
CA HIS A 226 39.09 5.45 32.37
C HIS A 226 38.84 6.75 31.60
N PRO A 227 38.94 7.91 32.26
CA PRO A 227 39.04 9.17 31.51
C PRO A 227 40.43 9.49 31.02
N ALA A 228 41.45 8.78 31.48
CA ALA A 228 42.84 9.20 31.26
C ALA A 228 43.29 8.95 29.83
N LEU A 229 42.81 7.90 29.20
CA LEU A 229 43.20 7.59 27.83
C LEU A 229 42.28 8.22 26.80
N PHE A 230 41.36 9.09 27.23
CA PHE A 230 40.47 9.77 26.30
C PHE A 230 41.22 10.78 25.44
N LYS A 231 42.27 11.40 25.99
CA LYS A 231 43.10 12.28 25.18
C LYS A 231 44.03 11.52 24.25
N ALA A 232 44.28 10.25 24.53
CA ALA A 232 45.01 9.39 23.62
C ALA A 232 44.12 8.71 22.59
N ILE A 233 42.79 8.81 22.75
CA ILE A 233 41.85 8.21 21.82
C ILE A 233 41.17 9.26 20.94
N GLY A 234 41.27 10.54 21.28
CA GLY A 234 40.48 11.55 20.59
C GLY A 234 39.04 11.47 21.02
N VAL A 235 38.17 11.03 20.13
CA VAL A 235 36.79 10.75 20.47
C VAL A 235 36.69 9.27 20.81
N LYS A 236 35.72 8.91 21.65
CA LYS A 236 35.51 7.51 21.96
C LYS A 236 34.85 6.81 20.77
N PRO A 237 35.38 5.68 20.32
CA PRO A 237 34.69 4.87 19.31
C PRO A 237 33.34 4.34 19.80
N PRO A 238 33.15 4.04 21.14
CA PRO A 238 31.72 3.91 21.50
C PRO A 238 30.96 5.21 21.68
N ARG A 239 30.50 5.77 20.56
CA ARG A 239 29.45 6.78 20.65
C ARG A 239 28.11 6.13 20.94
N GLY A 240 27.92 4.91 20.44
CA GLY A 240 26.73 4.11 20.67
C GLY A 240 26.90 2.74 20.04
N ILE A 241 26.55 1.68 20.78
CA ILE A 241 26.84 0.31 20.36
C ILE A 241 25.53 -0.42 20.12
N LEU A 242 25.44 -1.09 18.97
CA LEU A 242 24.29 -1.90 18.61
C LEU A 242 24.63 -3.37 18.76
N LEU A 243 23.77 -4.11 19.46
CA LEU A 243 23.93 -5.55 19.61
C LEU A 243 23.05 -6.24 18.56
N TYR A 244 23.67 -7.07 17.73
CA TYR A 244 22.94 -7.81 16.71
C TYR A 244 22.89 -9.28 17.09
N GLY A 245 21.69 -9.83 17.13
CA GLY A 245 21.48 -11.22 17.45
C GLY A 245 20.13 -11.69 16.95
N PRO A 246 19.93 -13.01 16.91
CA PRO A 246 18.67 -13.56 16.41
C PRO A 246 17.52 -13.28 17.37
N PRO A 247 16.28 -13.22 16.86
CA PRO A 247 15.12 -13.07 17.76
C PRO A 247 14.91 -14.34 18.58
N GLY A 248 15.09 -14.21 19.88
CA GLY A 248 14.99 -15.34 20.79
C GLY A 248 16.27 -15.66 21.52
N THR A 249 17.41 -15.10 21.11
CA THR A 249 18.62 -15.33 21.87
C THR A 249 18.66 -14.54 23.18
N GLY A 250 17.87 -13.46 23.27
CA GLY A 250 17.89 -12.61 24.43
C GLY A 250 19.10 -11.72 24.53
N LYS A 251 18.91 -10.48 24.95
CA LYS A 251 20.03 -9.55 25.09
C LYS A 251 20.00 -8.83 26.43
N THR A 252 19.13 -9.24 27.35
CA THR A 252 18.99 -8.53 28.62
C THR A 252 20.20 -8.77 29.53
N LEU A 253 20.58 -10.03 29.73
CA LEU A 253 21.76 -10.31 30.54
C LEU A 253 23.04 -9.98 29.80
N ILE A 254 23.02 -10.01 28.46
CA ILE A 254 24.18 -9.60 27.68
C ILE A 254 24.42 -8.11 27.84
N ALA A 255 23.36 -7.31 27.83
CA ALA A 255 23.50 -5.88 28.09
C ALA A 255 23.74 -5.59 29.56
N ARG A 256 23.30 -6.47 30.45
CA ARG A 256 23.54 -6.31 31.87
C ARG A 256 24.91 -6.83 32.30
N ALA A 257 25.64 -7.47 31.40
CA ALA A 257 27.00 -7.91 31.70
C ALA A 257 27.93 -6.74 31.99
N VAL A 258 27.80 -5.64 31.25
CA VAL A 258 28.61 -4.47 31.54
C VAL A 258 28.12 -3.77 32.81
N ALA A 259 26.86 -3.95 33.19
CA ALA A 259 26.45 -3.59 34.53
C ALA A 259 27.08 -4.56 35.52
N ASN A 260 27.44 -4.03 36.70
CA ASN A 260 28.10 -4.75 37.80
C ASN A 260 29.45 -5.34 37.40
N GLU A 261 30.08 -4.81 36.35
CA GLU A 261 31.44 -5.14 35.99
C GLU A 261 32.15 -3.83 35.67
N THR A 262 31.36 -2.81 35.34
CA THR A 262 31.81 -1.43 35.24
C THR A 262 31.28 -0.60 36.40
N GLY A 263 30.09 -0.92 36.89
CA GLY A 263 29.48 -0.16 37.95
C GLY A 263 28.70 1.05 37.50
N ALA A 264 28.47 1.20 36.20
CA ALA A 264 27.68 2.30 35.68
C ALA A 264 26.21 2.12 36.02
N PHE A 265 25.48 3.23 36.00
CA PHE A 265 24.04 3.20 36.23
C PHE A 265 23.35 2.57 35.03
N PHE A 266 22.62 1.49 35.26
CA PHE A 266 22.10 0.70 34.14
C PHE A 266 20.86 1.35 33.54
N PHE A 267 19.77 1.39 34.30
CA PHE A 267 18.49 2.03 33.98
C PHE A 267 17.94 1.61 32.62
N LEU A 268 17.66 0.32 32.51
CA LEU A 268 17.11 -0.20 31.26
C LEU A 268 15.66 0.24 31.10
N ILE A 269 15.29 0.54 29.87
CA ILE A 269 13.92 0.88 29.52
C ILE A 269 13.50 0.05 28.31
N ASN A 270 12.30 -0.49 28.36
CA ASN A 270 11.80 -1.32 27.27
C ASN A 270 11.13 -0.45 26.22
N GLY A 271 11.19 -0.93 24.98
CA GLY A 271 10.57 -0.29 23.85
C GLY A 271 9.06 -0.15 23.94
N PRO A 272 8.36 -1.28 24.12
CA PRO A 272 6.91 -1.20 24.40
C PRO A 272 6.54 -0.52 25.70
N GLU A 273 7.47 -0.42 26.67
CA GLU A 273 7.22 0.42 27.84
C GLU A 273 7.11 1.88 27.45
N ILE A 274 7.97 2.34 26.54
CA ILE A 274 7.87 3.70 26.01
C ILE A 274 6.62 3.84 25.14
N MET A 275 6.33 2.82 24.33
CA MET A 275 5.19 2.88 23.43
C MET A 275 3.85 2.76 24.15
N SER A 276 3.84 2.29 25.40
CA SER A 276 2.60 2.13 26.13
C SER A 276 2.02 3.47 26.56
N LYS A 277 2.87 4.35 27.09
CA LYS A 277 2.40 5.63 27.59
C LYS A 277 2.08 6.58 26.43
N LEU A 278 1.19 7.53 26.70
CA LEU A 278 0.67 8.43 25.68
C LEU A 278 1.70 9.50 25.32
N ALA A 279 1.39 10.24 24.27
CA ALA A 279 2.26 11.30 23.77
C ALA A 279 2.34 12.45 24.77
N GLY A 280 3.53 13.02 24.91
CA GLY A 280 3.83 13.94 25.99
C GLY A 280 4.42 13.19 27.16
N GLU A 281 3.68 12.18 27.64
CA GLU A 281 4.23 11.23 28.58
C GLU A 281 5.18 10.24 27.91
N SER A 282 5.13 10.14 26.58
CA SER A 282 6.11 9.35 25.84
C SER A 282 7.51 9.97 25.93
N GLU A 283 7.58 11.30 25.88
CA GLU A 283 8.85 11.98 26.12
C GLU A 283 9.26 11.87 27.58
N SER A 284 8.28 11.83 28.49
CA SER A 284 8.55 11.56 29.90
C SER A 284 9.09 10.15 30.06
N ASN A 285 9.99 10.00 31.05
CA ASN A 285 10.87 8.84 31.32
C ASN A 285 11.63 8.35 30.08
N LEU A 286 11.84 9.21 29.08
CA LEU A 286 12.70 8.92 27.95
C LEU A 286 13.84 9.92 27.87
N ARG A 287 13.54 11.22 27.82
CA ARG A 287 14.55 12.24 27.99
C ARG A 287 14.94 12.42 29.45
N LYS A 288 14.08 11.99 30.37
CA LYS A 288 14.42 12.03 31.79
C LYS A 288 15.49 10.99 32.12
N ALA A 289 15.50 9.87 31.39
CA ALA A 289 16.55 8.88 31.53
C ALA A 289 17.92 9.45 31.14
N PHE A 290 17.96 10.19 30.04
CA PHE A 290 19.21 10.83 29.64
C PHE A 290 19.58 11.97 30.58
N GLU A 291 18.57 12.70 31.09
CA GLU A 291 18.81 13.80 32.01
C GLU A 291 19.42 13.31 33.32
N GLU A 292 18.94 12.17 33.83
CA GLU A 292 19.62 11.56 34.97
C GLU A 292 20.89 10.83 34.55
N ALA A 293 21.08 10.57 33.25
CA ALA A 293 22.34 9.99 32.82
C ALA A 293 23.46 11.03 32.79
N GLU A 294 23.15 12.33 32.65
CA GLU A 294 24.22 13.26 33.02
C GLU A 294 24.29 13.51 34.52
N LYS A 295 23.26 13.13 35.29
CA LYS A 295 23.33 13.31 36.73
C LYS A 295 24.26 12.29 37.38
N ASN A 296 24.28 11.06 36.87
CA ASN A 296 25.20 10.03 37.33
C ASN A 296 26.40 10.00 36.39
N ALA A 297 27.61 10.11 36.97
CA ALA A 297 28.81 10.14 36.14
C ALA A 297 29.11 8.83 35.41
N PRO A 298 29.08 7.61 36.05
CA PRO A 298 29.16 6.41 35.20
C PRO A 298 27.79 5.97 34.73
N ALA A 299 27.57 5.98 33.42
CA ALA A 299 26.25 5.70 32.87
C ALA A 299 26.40 4.87 31.60
N ILE A 300 25.75 3.71 31.59
CA ILE A 300 25.58 2.89 30.39
C ILE A 300 24.10 2.67 30.20
N ILE A 301 23.57 3.13 29.08
CA ILE A 301 22.13 3.07 28.80
C ILE A 301 21.88 1.90 27.87
N PHE A 302 20.76 1.21 28.06
CA PHE A 302 20.36 0.13 27.18
C PHE A 302 18.90 0.27 26.80
N ILE A 303 18.60 0.09 25.51
CA ILE A 303 17.24 0.08 25.01
C ILE A 303 16.92 -1.34 24.58
N ASP A 304 15.93 -1.96 25.23
CA ASP A 304 15.49 -3.30 24.89
C ASP A 304 14.44 -3.21 23.79
N GLU A 305 14.72 -3.88 22.66
CA GLU A 305 13.84 -4.00 21.51
C GLU A 305 13.46 -2.62 20.94
N LEU A 306 14.48 -1.92 20.43
CA LEU A 306 14.26 -0.60 19.86
C LEU A 306 13.59 -0.66 18.50
N ASP A 307 13.49 -1.84 17.89
CA ASP A 307 12.80 -2.01 16.62
C ASP A 307 11.32 -1.70 16.74
N ALA A 308 10.74 -1.92 17.93
CA ALA A 308 9.38 -1.44 18.19
C ALA A 308 9.33 0.08 18.20
N ILE A 309 10.34 0.73 18.78
CA ILE A 309 10.42 2.19 18.74
C ILE A 309 10.81 2.66 17.34
N ALA A 310 11.87 2.07 16.78
CA ALA A 310 12.46 2.53 15.53
C ALA A 310 12.47 1.40 14.52
N PRO A 311 11.40 1.22 13.75
CA PRO A 311 11.44 0.27 12.63
C PRO A 311 12.02 0.92 11.39
N LYS A 312 12.03 0.20 10.28
CA LYS A 312 12.22 0.84 9.00
C LYS A 312 11.01 1.71 8.70
N ARG A 313 11.25 2.84 8.03
CA ARG A 313 10.25 3.90 7.91
C ARG A 313 9.07 3.48 7.03
N GLU A 314 9.28 2.54 6.11
CA GLU A 314 8.21 2.08 5.23
C GLU A 314 7.15 1.29 5.98
N LYS A 315 7.52 0.63 7.08
CA LYS A 315 6.55 -0.09 7.89
C LYS A 315 5.92 0.79 8.95
N THR A 316 6.52 1.95 9.23
CA THR A 316 5.98 2.89 10.21
C THR A 316 4.70 3.54 9.70
N HIS A 317 3.91 4.05 10.63
CA HIS A 317 2.63 4.66 10.32
C HIS A 317 2.29 5.68 11.39
N GLY A 318 1.56 6.71 10.99
CA GLY A 318 1.14 7.72 11.94
C GLY A 318 2.23 8.72 12.24
N GLU A 319 1.92 9.59 13.22
CA GLU A 319 2.78 10.70 13.58
C GLU A 319 3.41 10.58 14.95
N VAL A 320 2.78 9.87 15.89
CA VAL A 320 3.32 9.77 17.24
C VAL A 320 4.56 8.87 17.25
N GLU A 321 4.62 7.87 16.38
CA GLU A 321 5.78 7.00 16.30
C GLU A 321 6.97 7.72 15.67
N ARG A 322 6.72 8.53 14.64
CA ARG A 322 7.76 9.36 14.06
C ARG A 322 8.24 10.43 15.02
N ARG A 323 7.32 10.98 15.83
CA ARG A 323 7.72 11.95 16.84
C ARG A 323 8.53 11.30 17.96
N ILE A 324 8.22 10.05 18.30
CA ILE A 324 8.96 9.32 19.33
C ILE A 324 10.37 9.01 18.82
N VAL A 325 10.50 8.57 17.57
CA VAL A 325 11.84 8.28 17.05
C VAL A 325 12.62 9.58 16.79
N SER A 326 11.92 10.69 16.55
CA SER A 326 12.57 11.99 16.46
C SER A 326 13.10 12.43 17.81
N GLN A 327 12.32 12.21 18.88
CA GLN A 327 12.78 12.52 20.22
C GLN A 327 13.96 11.67 20.63
N LEU A 328 13.94 10.37 20.27
CA LEU A 328 15.06 9.48 20.55
C LEU A 328 16.31 9.90 19.77
N LEU A 329 16.13 10.33 18.53
CA LEU A 329 17.29 10.74 17.76
C LEU A 329 17.85 12.07 18.22
N THR A 330 17.01 12.98 18.74
CA THR A 330 17.54 14.18 19.36
C THR A 330 18.22 13.87 20.69
N LEU A 331 17.79 12.81 21.38
CA LEU A 331 18.51 12.35 22.55
C LEU A 331 19.88 11.80 22.17
N MET A 332 19.97 11.13 21.02
CA MET A 332 21.26 10.63 20.54
C MET A 332 22.17 11.78 20.12
N ASP A 333 21.63 12.75 19.38
CA ASP A 333 22.43 13.87 18.90
C ASP A 333 22.72 14.89 19.99
N GLY A 334 21.97 14.88 21.09
CA GLY A 334 22.18 15.77 22.21
C GLY A 334 23.20 15.29 23.21
N LEU A 335 23.94 14.22 22.88
CA LEU A 335 25.02 13.75 23.72
C LEU A 335 26.15 14.77 23.74
N LYS A 336 26.57 15.15 24.95
CA LYS A 336 27.63 16.13 25.13
C LYS A 336 29.02 15.50 25.09
N GLN A 337 29.10 14.18 24.87
CA GLN A 337 30.33 13.39 24.85
C GLN A 337 31.10 13.52 26.15
N ARG A 338 30.39 13.56 27.26
CA ARG A 338 30.97 13.71 28.58
C ARG A 338 30.65 12.48 29.43
N ALA A 339 31.56 12.18 30.36
CA ALA A 339 31.43 11.16 31.41
C ALA A 339 31.25 9.74 30.87
N HIS A 340 31.70 9.52 29.62
CA HIS A 340 31.51 8.31 28.79
C HIS A 340 30.13 7.67 28.96
N VAL A 341 29.10 8.45 28.66
CA VAL A 341 27.74 7.94 28.70
C VAL A 341 27.46 7.20 27.39
N ILE A 342 27.19 5.90 27.49
CA ILE A 342 27.08 5.02 26.33
C ILE A 342 25.66 4.48 26.27
N VAL A 343 25.11 4.38 25.06
CA VAL A 343 23.79 3.84 24.83
C VAL A 343 23.92 2.51 24.10
N MET A 344 23.27 1.48 24.64
CA MET A 344 23.20 0.17 24.02
C MET A 344 21.79 -0.08 23.49
N ALA A 345 21.67 -1.08 22.62
CA ALA A 345 20.39 -1.36 21.97
C ALA A 345 20.32 -2.82 21.61
N ALA A 346 19.09 -3.29 21.35
CA ALA A 346 18.80 -4.69 21.07
C ALA A 346 18.16 -4.82 19.70
N THR A 347 18.94 -5.20 18.70
CA THR A 347 18.48 -5.28 17.33
C THR A 347 18.29 -6.75 16.94
N ASN A 348 17.11 -7.05 16.38
CA ASN A 348 16.91 -8.37 15.79
C ASN A 348 17.66 -8.48 14.47
N ARG A 349 17.53 -7.48 13.60
CA ARG A 349 18.27 -7.34 12.37
C ARG A 349 18.68 -5.88 12.21
N PRO A 350 19.83 -5.61 11.60
CA PRO A 350 20.20 -4.21 11.35
C PRO A 350 19.36 -3.55 10.27
N ASN A 351 18.76 -4.32 9.37
CA ASN A 351 17.85 -3.77 8.39
C ASN A 351 16.47 -3.51 8.96
N SER A 352 16.15 -4.08 10.12
CA SER A 352 14.85 -3.85 10.74
C SER A 352 14.74 -2.45 11.30
N ILE A 353 15.83 -1.90 11.84
CA ILE A 353 15.81 -0.54 12.37
C ILE A 353 15.87 0.45 11.23
N ASP A 354 15.65 1.73 11.55
CA ASP A 354 15.68 2.78 10.53
C ASP A 354 17.10 2.99 10.03
N PRO A 355 17.29 3.20 8.72
CA PRO A 355 18.65 3.41 8.20
C PRO A 355 19.27 4.74 8.59
N ALA A 356 18.49 5.69 9.12
CA ALA A 356 19.05 6.96 9.56
C ALA A 356 19.92 6.80 10.81
N LEU A 357 19.68 5.76 11.61
CA LEU A 357 20.44 5.55 12.84
C LEU A 357 21.82 4.94 12.59
N ARG A 358 22.12 4.50 11.37
CA ARG A 358 23.39 3.86 11.06
C ARG A 358 24.43 4.85 10.55
N ARG A 359 24.12 6.14 10.59
CA ARG A 359 25.07 7.20 10.31
C ARG A 359 26.17 7.19 11.36
N PHE A 360 27.38 7.64 10.98
CA PHE A 360 28.58 7.45 11.80
C PHE A 360 28.80 8.56 12.81
N GLY A 361 27.74 9.16 13.32
CA GLY A 361 27.89 10.11 14.41
C GLY A 361 27.34 9.54 15.70
N ARG A 362 26.49 8.52 15.57
CA ARG A 362 25.83 7.86 16.69
C ARG A 362 25.30 6.51 16.21
N PHE A 363 25.40 5.51 17.09
CA PHE A 363 25.03 4.11 16.83
C PHE A 363 25.74 3.54 15.60
N ASP A 364 27.03 3.85 15.49
CA ASP A 364 27.81 3.45 14.33
C ASP A 364 28.40 2.06 14.46
N ARG A 365 28.87 1.69 15.64
CA ARG A 365 29.61 0.46 15.83
C ARG A 365 28.62 -0.69 16.05
N GLU A 366 28.59 -1.62 15.11
CA GLU A 366 27.73 -2.79 15.21
C GLU A 366 28.55 -4.00 15.59
N VAL A 367 28.09 -4.73 16.59
CA VAL A 367 28.71 -5.97 17.03
C VAL A 367 27.65 -7.07 17.03
N ASP A 368 28.04 -8.25 16.56
CA ASP A 368 27.11 -9.35 16.30
C ASP A 368 27.26 -10.41 17.38
N ILE A 369 26.16 -10.73 18.05
CA ILE A 369 26.17 -11.85 19.00
C ILE A 369 26.20 -13.17 18.24
N GLY A 370 25.33 -13.33 17.24
CA GLY A 370 25.26 -14.55 16.49
C GLY A 370 24.61 -15.68 17.26
N ILE A 371 24.62 -16.85 16.65
CA ILE A 371 24.07 -18.05 17.28
C ILE A 371 25.19 -18.82 17.95
N PRO A 372 24.93 -19.56 19.01
CA PRO A 372 25.98 -20.40 19.59
C PRO A 372 26.27 -21.61 18.72
N ASP A 373 27.51 -22.07 18.80
CA ASP A 373 27.94 -23.27 18.09
C ASP A 373 27.80 -24.48 19.02
N ALA A 374 28.41 -25.61 18.62
CA ALA A 374 28.37 -26.81 19.43
C ALA A 374 29.12 -26.64 20.74
N THR A 375 30.28 -25.97 20.71
CA THR A 375 30.96 -25.68 21.97
C THR A 375 30.25 -24.58 22.74
N GLY A 376 29.61 -23.64 22.04
CA GLY A 376 28.74 -22.69 22.71
C GLY A 376 27.58 -23.37 23.41
N ARG A 377 27.03 -24.40 22.78
CA ARG A 377 26.02 -25.23 23.42
C ARG A 377 26.63 -26.07 24.55
N LEU A 378 27.93 -26.36 24.48
CA LEU A 378 28.57 -27.16 25.51
C LEU A 378 28.76 -26.36 26.80
N GLU A 379 29.48 -25.25 26.73
CA GLU A 379 29.60 -24.39 27.92
C GLU A 379 28.55 -23.29 27.98
N ILE A 380 27.38 -23.50 27.39
CA ILE A 380 26.20 -22.74 27.82
C ILE A 380 25.41 -23.46 28.90
N LEU A 381 25.70 -24.75 29.14
CA LEU A 381 24.78 -25.58 29.89
C LEU A 381 25.16 -25.75 31.35
N GLN A 382 26.44 -25.65 31.70
CA GLN A 382 26.85 -25.81 33.10
C GLN A 382 26.36 -24.66 33.97
N ILE A 383 26.18 -23.47 33.38
CA ILE A 383 25.65 -22.33 34.12
C ILE A 383 24.22 -22.60 34.55
N HIS A 384 23.40 -23.12 33.64
CA HIS A 384 22.02 -23.45 33.99
C HIS A 384 21.92 -24.72 34.82
N THR A 385 22.89 -25.62 34.73
CA THR A 385 22.85 -26.86 35.50
C THR A 385 23.77 -26.83 36.71
N LYS A 386 24.16 -25.64 37.18
CA LYS A 386 24.74 -25.51 38.51
C LYS A 386 23.77 -25.98 39.59
N ASN A 387 22.51 -25.59 39.49
CA ASN A 387 21.54 -25.85 40.56
C ASN A 387 20.76 -27.14 40.35
N MET A 388 21.49 -28.23 40.14
CA MET A 388 20.93 -29.58 39.98
C MET A 388 22.03 -30.58 40.32
N LYS A 389 21.76 -31.86 40.04
CA LYS A 389 22.74 -32.92 40.21
C LYS A 389 22.51 -33.97 39.15
N LEU A 390 23.51 -34.19 38.30
CA LEU A 390 23.40 -35.17 37.23
C LEU A 390 23.41 -36.58 37.81
N ALA A 391 22.95 -37.54 37.00
CA ALA A 391 22.93 -38.94 37.37
C ALA A 391 24.22 -39.67 36.97
N ASP A 392 25.32 -38.94 36.83
CA ASP A 392 26.66 -39.41 36.48
C ASP A 392 26.69 -40.12 35.13
N ASP A 393 25.81 -39.76 34.21
CA ASP A 393 25.71 -40.44 32.92
C ASP A 393 25.77 -39.50 31.73
N VAL A 394 25.38 -38.24 31.89
CA VAL A 394 25.46 -37.27 30.80
C VAL A 394 26.89 -36.73 30.73
N ASP A 395 27.50 -36.88 29.55
CA ASP A 395 28.79 -36.25 29.30
C ASP A 395 28.64 -34.87 28.67
N LEU A 396 27.41 -34.53 28.26
CA LEU A 396 26.94 -33.27 27.67
C LEU A 396 27.50 -32.99 26.28
N GLU A 397 28.39 -33.83 25.76
CA GLU A 397 28.74 -33.77 24.35
C GLU A 397 27.66 -34.41 23.49
N GLN A 398 26.96 -35.41 24.04
CA GLN A 398 25.81 -36.03 23.38
C GLN A 398 24.54 -35.23 23.58
N VAL A 399 24.60 -34.07 24.24
CA VAL A 399 23.48 -33.16 24.36
C VAL A 399 23.75 -31.99 23.43
N ALA A 400 25.04 -31.70 23.20
CA ALA A 400 25.43 -30.45 22.57
C ALA A 400 25.19 -30.46 21.07
N ASN A 401 25.88 -31.32 20.32
CA ASN A 401 25.85 -31.21 18.87
C ASN A 401 24.64 -31.89 18.24
N GLU A 402 23.82 -32.58 19.02
CA GLU A 402 22.53 -33.05 18.50
C GLU A 402 21.49 -31.94 18.45
N THR A 403 21.70 -30.85 19.18
CA THR A 403 20.80 -29.70 19.13
C THR A 403 21.31 -28.67 18.12
N HIS A 404 21.41 -29.11 16.87
CA HIS A 404 21.87 -28.25 15.80
C HIS A 404 20.79 -27.22 15.46
N GLY A 405 21.20 -25.97 15.29
CA GLY A 405 20.26 -24.89 15.07
C GLY A 405 19.42 -24.56 16.28
N HIS A 406 20.00 -24.64 17.47
CA HIS A 406 19.33 -24.24 18.70
C HIS A 406 19.90 -22.92 19.17
N VAL A 407 19.44 -22.47 20.34
CA VAL A 407 19.84 -21.16 20.85
C VAL A 407 19.85 -21.31 22.37
N GLY A 408 20.26 -20.26 23.10
CA GLY A 408 20.31 -20.34 24.56
C GLY A 408 18.95 -20.51 25.21
N ALA A 409 17.92 -19.88 24.63
CA ALA A 409 16.56 -20.09 25.10
C ALA A 409 16.10 -21.52 24.83
N ASP A 410 16.57 -22.12 23.73
CA ASP A 410 16.26 -23.51 23.44
C ASP A 410 16.87 -24.43 24.49
N LEU A 411 18.11 -24.16 24.91
CA LEU A 411 18.74 -24.99 25.94
C LEU A 411 18.12 -24.75 27.31
N ALA A 412 17.72 -23.51 27.61
CA ALA A 412 17.05 -23.22 28.87
C ALA A 412 15.70 -23.92 28.96
N ALA A 413 14.91 -23.83 27.89
CA ALA A 413 13.64 -24.56 27.84
C ALA A 413 13.85 -26.07 27.81
N LEU A 414 14.96 -26.52 27.22
CA LEU A 414 15.29 -27.94 27.18
C LEU A 414 15.56 -28.49 28.57
N CYS A 415 16.35 -27.75 29.37
CA CYS A 415 16.60 -28.15 30.75
C CYS A 415 15.33 -28.07 31.58
N SER A 416 14.49 -27.06 31.31
CA SER A 416 13.23 -26.90 32.05
C SER A 416 12.28 -28.07 31.80
N GLU A 417 12.03 -28.41 30.54
CA GLU A 417 11.12 -29.53 30.33
C GLU A 417 11.80 -30.89 30.47
N ALA A 418 13.13 -30.96 30.54
CA ALA A 418 13.77 -32.19 30.97
C ALA A 418 13.54 -32.44 32.45
N ALA A 419 13.64 -31.39 33.28
CA ALA A 419 13.29 -31.50 34.69
C ALA A 419 11.80 -31.78 34.86
N LEU A 420 10.97 -31.19 34.01
CA LEU A 420 9.53 -31.47 33.99
C LEU A 420 9.23 -32.92 33.62
N GLN A 421 9.98 -33.50 32.68
CA GLN A 421 9.82 -34.91 32.34
C GLN A 421 10.28 -35.80 33.49
N ALA A 422 11.34 -35.41 34.20
CA ALA A 422 11.78 -36.15 35.38
C ALA A 422 10.74 -36.10 36.49
N ILE A 423 10.06 -34.97 36.64
CA ILE A 423 8.95 -34.86 37.59
C ILE A 423 7.76 -35.71 37.12
N ARG A 424 7.55 -35.79 35.80
CA ARG A 424 6.50 -36.64 35.25
C ARG A 424 6.77 -38.12 35.52
N LYS A 425 8.04 -38.51 35.53
CA LYS A 425 8.41 -39.87 35.93
C LYS A 425 8.09 -40.11 37.40
N LYS A 426 8.19 -39.08 38.23
CA LYS A 426 7.81 -39.20 39.63
C LYS A 426 6.29 -39.22 39.77
N MET A 427 5.78 -40.16 40.57
CA MET A 427 4.35 -40.23 40.82
C MET A 427 3.95 -39.14 41.81
N ASP A 428 2.64 -38.91 41.94
CA ASP A 428 2.13 -37.85 42.82
C ASP A 428 2.12 -38.33 44.27
N LEU A 429 3.32 -38.46 44.83
CA LEU A 429 3.53 -38.86 46.21
C LEU A 429 4.49 -37.82 46.80
N ILE A 430 3.93 -36.72 47.29
CA ILE A 430 4.71 -35.57 47.72
C ILE A 430 4.42 -35.26 49.18
N ASP A 431 5.48 -35.16 49.97
CA ASP A 431 5.40 -34.63 51.33
C ASP A 431 5.92 -33.21 51.45
N LEU A 432 6.66 -32.73 50.46
CA LEU A 432 7.18 -31.38 50.47
C LEU A 432 6.12 -30.39 49.98
N ASP A 438 7.92 -36.82 48.99
CA ASP A 438 8.93 -36.35 49.93
C ASP A 438 10.24 -36.03 49.23
N ALA A 439 11.27 -35.72 50.00
CA ALA A 439 12.57 -35.35 49.46
C ALA A 439 13.37 -36.61 49.13
N GLU A 440 12.94 -37.27 48.05
CA GLU A 440 13.67 -38.39 47.48
C GLU A 440 14.04 -38.16 46.02
N VAL A 441 13.26 -37.35 45.29
CA VAL A 441 13.57 -37.01 43.91
C VAL A 441 13.95 -35.54 43.77
N MET A 442 13.31 -34.63 44.51
CA MET A 442 13.61 -33.21 44.39
C MET A 442 14.97 -32.85 44.98
N ASN A 443 15.37 -33.55 46.05
CA ASN A 443 16.69 -33.28 46.63
C ASN A 443 17.81 -33.91 45.80
N SER A 444 17.54 -35.04 45.14
CA SER A 444 18.53 -35.76 44.34
C SER A 444 17.84 -36.17 43.04
N LEU A 445 18.01 -35.35 42.00
CA LEU A 445 17.26 -35.52 40.77
C LEU A 445 18.02 -36.41 39.80
N ALA A 446 17.25 -37.14 38.98
CA ALA A 446 17.76 -38.24 38.17
C ALA A 446 17.36 -38.04 36.70
N VAL A 447 17.64 -36.87 36.15
CA VAL A 447 17.42 -36.63 34.72
C VAL A 447 18.47 -37.44 33.96
N THR A 448 18.05 -38.55 33.35
CA THR A 448 19.00 -39.47 32.75
C THR A 448 19.34 -39.04 31.32
N MET A 449 20.19 -39.85 30.67
CA MET A 449 20.46 -39.69 29.25
C MET A 449 19.21 -39.97 28.42
N ASP A 450 18.38 -40.92 28.85
CA ASP A 450 17.10 -41.15 28.19
C ASP A 450 16.17 -39.96 28.37
N ASP A 451 16.19 -39.35 29.56
CA ASP A 451 15.36 -38.17 29.81
C ASP A 451 15.81 -36.98 28.97
N PHE A 452 17.13 -36.76 28.89
CA PHE A 452 17.65 -35.68 28.07
C PHE A 452 17.46 -35.94 26.58
N ARG A 453 17.51 -37.21 26.16
CA ARG A 453 17.28 -37.52 24.76
C ARG A 453 15.80 -37.39 24.38
N TRP A 454 14.90 -37.75 25.30
CA TRP A 454 13.47 -37.52 25.07
C TRP A 454 13.17 -36.03 25.07
N ALA A 455 13.87 -35.27 25.92
CA ALA A 455 13.74 -33.82 25.90
C ALA A 455 14.26 -33.24 24.58
N LEU A 456 15.35 -33.81 24.07
CA LEU A 456 15.98 -33.32 22.85
C LEU A 456 15.12 -33.62 21.63
N SER A 457 14.34 -34.69 21.67
CA SER A 457 13.38 -34.94 20.60
C SER A 457 12.25 -33.92 20.62
N GLN A 458 11.67 -33.69 21.81
CA GLN A 458 10.59 -32.71 21.94
C GLN A 458 11.21 -31.33 22.15
N SER A 459 11.70 -30.76 21.06
CA SER A 459 12.31 -29.44 21.05
C SER A 459 11.57 -28.54 20.06
N ASN A 460 11.94 -27.26 20.08
CA ASN A 460 11.38 -26.28 19.15
C ASN A 460 12.49 -25.30 18.79
N PRO A 461 13.26 -25.59 17.74
CA PRO A 461 14.41 -24.73 17.41
C PRO A 461 14.00 -23.43 16.75
N SER A 462 14.10 -22.33 17.50
CA SER A 462 13.86 -21.01 16.93
C SER A 462 15.01 -20.56 16.03
N ALA A 463 16.19 -21.12 16.21
CA ALA A 463 17.36 -20.79 15.40
C ALA A 463 17.47 -21.66 14.15
N LEU A 464 16.45 -22.44 13.84
CA LEU A 464 16.39 -23.17 12.58
C LEU A 464 16.24 -22.18 11.42
N ARG A 465 16.77 -22.59 10.26
CA ARG A 465 16.90 -21.76 9.06
C ARG A 465 17.68 -20.48 9.32
N GLU A 466 18.73 -20.60 10.12
CA GLU A 466 19.69 -19.52 10.34
C GLU A 466 21.07 -20.05 10.01
N THR A 467 21.81 -19.31 9.19
CA THR A 467 23.11 -19.76 8.72
C THR A 467 24.15 -19.67 9.84
N VAL A 468 24.93 -20.74 9.98
CA VAL A 468 25.87 -20.83 11.08
C VAL A 468 27.13 -20.03 10.76
N VAL A 469 27.69 -19.39 11.77
CA VAL A 469 28.97 -18.69 11.66
C VAL A 469 29.90 -19.36 12.68
N GLU A 470 30.61 -20.39 12.23
CA GLU A 470 31.36 -21.29 13.09
C GLU A 470 32.31 -22.11 12.22
N VAL A 471 33.17 -22.88 12.86
CA VAL A 471 34.19 -23.68 12.19
C VAL A 471 33.78 -25.14 12.29
N PRO A 472 33.50 -25.81 11.17
CA PRO A 472 33.03 -27.20 11.22
C PRO A 472 34.16 -28.19 11.46
N GLN A 473 33.87 -29.49 11.37
CA GLN A 473 34.89 -30.52 11.59
C GLN A 473 34.94 -31.49 10.40
N VAL A 474 36.03 -31.39 9.64
CA VAL A 474 36.39 -32.40 8.63
C VAL A 474 37.83 -32.79 8.87
N THR A 475 38.71 -31.78 8.98
CA THR A 475 40.13 -31.88 9.32
C THR A 475 40.91 -32.76 8.34
N TRP A 476 40.75 -32.44 7.04
CA TRP A 476 41.77 -32.64 6.00
C TRP A 476 42.05 -34.07 5.56
N GLU A 477 41.52 -35.08 6.26
CA GLU A 477 41.74 -36.46 5.85
C GLU A 477 40.45 -37.28 5.85
N ASP A 478 39.30 -36.63 5.63
CA ASP A 478 38.08 -37.40 5.37
C ASP A 478 38.07 -37.93 3.95
N ILE A 479 38.70 -37.22 3.02
CA ILE A 479 38.82 -37.65 1.63
C ILE A 479 40.27 -37.44 1.21
N GLY A 480 40.83 -38.42 0.52
CA GLY A 480 42.22 -38.35 0.11
C GLY A 480 42.51 -37.34 -0.99
N GLY A 481 42.05 -37.63 -2.21
CA GLY A 481 42.29 -36.76 -3.33
C GLY A 481 43.76 -36.68 -3.72
N LEU A 482 44.11 -35.58 -4.35
CA LEU A 482 45.51 -35.25 -4.67
C LEU A 482 45.90 -34.07 -3.80
N GLU A 483 46.91 -34.30 -2.93
CA GLU A 483 47.21 -33.31 -1.89
C GLU A 483 47.89 -32.07 -2.44
N ASP A 484 48.59 -32.18 -3.57
CA ASP A 484 49.19 -30.99 -4.17
C ASP A 484 48.12 -30.07 -4.77
N VAL A 485 47.04 -30.67 -5.30
CA VAL A 485 45.92 -29.92 -5.85
C VAL A 485 45.25 -29.09 -4.76
N LYS A 486 45.08 -29.69 -3.58
CA LYS A 486 44.62 -28.91 -2.43
C LYS A 486 45.72 -28.03 -1.87
N ARG A 487 46.98 -28.30 -2.21
CA ARG A 487 48.07 -27.47 -1.69
C ARG A 487 48.22 -26.15 -2.42
N GLU A 488 47.79 -26.05 -3.69
CA GLU A 488 47.71 -24.69 -4.25
C GLU A 488 46.61 -23.89 -3.57
N LEU A 489 45.53 -24.54 -3.14
CA LEU A 489 44.53 -23.88 -2.31
C LEU A 489 45.09 -23.52 -0.94
N GLN A 490 45.96 -24.38 -0.39
CA GLN A 490 46.64 -24.11 0.87
C GLN A 490 47.52 -22.87 0.76
N GLU A 491 48.19 -22.71 -0.39
CA GLU A 491 48.91 -21.48 -0.65
C GLU A 491 47.98 -20.30 -0.88
N LEU A 492 46.80 -20.55 -1.45
CA LEU A 492 45.93 -19.48 -1.92
C LEU A 492 45.21 -18.76 -0.78
N VAL A 493 44.67 -19.48 0.20
CA VAL A 493 43.78 -18.90 1.19
C VAL A 493 44.40 -18.88 2.58
N GLN A 494 45.20 -19.89 2.93
CA GLN A 494 45.74 -19.97 4.29
C GLN A 494 46.87 -18.98 4.49
N TYR A 495 47.81 -18.95 3.56
CA TYR A 495 49.04 -18.18 3.68
C TYR A 495 48.90 -16.66 3.54
N PRO A 496 47.96 -16.09 2.76
CA PRO A 496 47.66 -14.66 2.94
C PRO A 496 47.14 -14.30 4.33
N VAL A 497 46.39 -15.19 4.98
CA VAL A 497 45.97 -14.93 6.35
C VAL A 497 47.15 -15.06 7.31
N GLU A 498 47.98 -16.10 7.12
CA GLU A 498 49.11 -16.33 8.01
C GLU A 498 50.22 -15.32 7.77
N HIS A 499 50.56 -15.04 6.51
CA HIS A 499 51.62 -14.10 6.18
C HIS A 499 51.03 -12.86 5.55
N PRO A 500 50.98 -11.73 6.26
CA PRO A 500 50.63 -10.46 5.60
C PRO A 500 51.70 -9.96 4.64
N ASP A 501 52.96 -10.34 4.85
CA ASP A 501 54.06 -9.97 3.98
C ASP A 501 54.30 -11.00 2.88
N LYS A 502 53.31 -11.85 2.59
CA LYS A 502 53.46 -12.90 1.59
C LYS A 502 53.58 -12.32 0.19
N PHE A 503 52.67 -11.43 -0.18
CA PHE A 503 52.70 -10.78 -1.48
C PHE A 503 53.15 -9.32 -1.40
N LEU A 504 53.52 -8.86 -0.21
CA LEU A 504 53.87 -7.45 -0.04
C LEU A 504 55.24 -7.11 -0.60
N LYS A 505 56.19 -8.05 -0.56
CA LYS A 505 57.56 -7.72 -0.93
C LYS A 505 57.74 -7.62 -2.45
N PHE A 506 57.12 -8.53 -3.21
CA PHE A 506 57.42 -8.67 -4.63
C PHE A 506 56.17 -8.94 -5.48
N GLY A 507 54.98 -8.90 -4.90
CA GLY A 507 53.82 -9.34 -5.65
C GLY A 507 52.57 -8.49 -5.55
N MET A 508 51.45 -9.07 -5.95
CA MET A 508 50.16 -8.39 -5.95
C MET A 508 49.11 -9.37 -5.41
N THR A 509 47.85 -8.99 -5.54
CA THR A 509 46.77 -9.65 -4.79
C THR A 509 46.47 -11.04 -5.35
N PRO A 510 46.27 -12.06 -4.50
CA PRO A 510 45.93 -13.40 -5.02
C PRO A 510 44.49 -13.52 -5.47
N SER A 511 44.08 -14.75 -5.81
CA SER A 511 42.75 -14.99 -6.33
C SER A 511 41.70 -14.84 -5.25
N LYS A 512 40.61 -14.14 -5.57
CA LYS A 512 39.54 -13.93 -4.60
C LYS A 512 38.67 -15.16 -4.44
N GLY A 513 38.47 -15.92 -5.52
CA GLY A 513 37.60 -17.09 -5.46
C GLY A 513 38.11 -18.20 -6.34
N VAL A 514 37.89 -19.44 -5.88
CA VAL A 514 38.17 -20.64 -6.64
C VAL A 514 36.91 -21.50 -6.64
N LEU A 515 36.45 -21.89 -7.83
CA LEU A 515 35.30 -22.78 -7.93
C LEU A 515 35.74 -24.13 -8.49
N PHE A 516 35.21 -25.19 -7.90
CA PHE A 516 35.43 -26.56 -8.37
C PHE A 516 34.16 -27.07 -9.04
N TYR A 517 34.33 -28.11 -9.85
CA TYR A 517 33.24 -28.58 -10.69
C TYR A 517 33.51 -30.03 -11.09
N GLY A 518 32.56 -30.61 -11.82
CA GLY A 518 32.64 -31.97 -12.26
C GLY A 518 31.47 -32.81 -11.79
N PRO A 519 31.74 -33.77 -10.92
CA PRO A 519 30.68 -34.66 -10.41
C PRO A 519 29.80 -33.95 -9.40
N PRO A 520 28.76 -34.64 -8.86
CA PRO A 520 28.12 -34.15 -7.62
C PRO A 520 29.14 -33.98 -6.49
N GLY A 521 29.37 -32.72 -6.13
CA GLY A 521 30.52 -32.36 -5.32
C GLY A 521 30.27 -32.26 -3.84
N CYS A 522 29.87 -33.38 -3.22
CA CYS A 522 29.85 -33.43 -1.77
C CYS A 522 31.26 -33.36 -1.19
N GLY A 523 32.24 -33.92 -1.89
CA GLY A 523 33.61 -33.83 -1.46
C GLY A 523 34.18 -32.42 -1.58
N LYS A 524 33.63 -31.61 -2.48
CA LYS A 524 34.03 -30.21 -2.57
C LYS A 524 33.62 -29.45 -1.31
N THR A 525 32.44 -29.78 -0.76
CA THR A 525 32.02 -29.22 0.51
C THR A 525 32.95 -29.65 1.64
N LEU A 526 33.42 -30.90 1.58
CA LEU A 526 34.38 -31.40 2.56
C LEU A 526 35.72 -30.67 2.47
N LEU A 527 36.16 -30.38 1.23
CA LEU A 527 37.40 -29.64 1.04
C LEU A 527 37.28 -28.21 1.53
N ALA A 528 36.14 -27.56 1.27
CA ALA A 528 35.91 -26.20 1.77
C ALA A 528 35.83 -26.17 3.29
N LYS A 529 35.20 -27.19 3.88
CA LYS A 529 35.10 -27.29 5.33
C LYS A 529 36.46 -27.53 5.97
N ALA A 530 37.31 -28.36 5.36
CA ALA A 530 38.65 -28.58 5.91
C ALA A 530 39.55 -27.37 5.71
N ILE A 531 39.34 -26.62 4.62
CA ILE A 531 40.03 -25.36 4.42
C ILE A 531 39.65 -24.36 5.51
N ALA A 532 38.36 -24.32 5.88
CA ALA A 532 37.94 -23.54 7.03
C ALA A 532 38.48 -24.10 8.34
N ASN A 533 38.73 -25.40 8.40
CA ASN A 533 39.26 -26.02 9.62
C ASN A 533 40.71 -25.62 9.85
N GLU A 534 41.50 -25.49 8.77
CA GLU A 534 42.92 -25.14 8.95
C GLU A 534 43.10 -23.71 9.42
N CYS A 535 42.31 -22.77 8.89
CA CYS A 535 42.45 -21.37 9.26
C CYS A 535 41.71 -21.03 10.55
N GLN A 536 40.83 -21.95 11.00
CA GLN A 536 39.79 -21.69 12.01
C GLN A 536 38.97 -20.46 11.64
N ALA A 537 38.61 -20.37 10.36
CA ALA A 537 37.81 -19.29 9.83
C ALA A 537 36.36 -19.77 9.66
N ASN A 538 35.47 -18.80 9.48
CA ASN A 538 34.05 -19.10 9.42
C ASN A 538 33.69 -19.76 8.10
N PHE A 539 32.60 -20.51 8.12
CA PHE A 539 32.14 -21.28 6.95
C PHE A 539 30.67 -20.96 6.73
N ILE A 540 30.41 -19.99 5.86
CA ILE A 540 29.04 -19.67 5.46
C ILE A 540 28.75 -20.40 4.16
N SER A 541 27.75 -21.27 4.19
CA SER A 541 27.37 -22.08 3.05
C SER A 541 25.99 -21.67 2.57
N ILE A 542 25.86 -21.40 1.27
CA ILE A 542 24.60 -21.05 0.64
C ILE A 542 24.26 -22.14 -0.35
N LYS A 543 23.07 -22.72 -0.22
CA LYS A 543 22.66 -23.82 -1.06
C LYS A 543 22.07 -23.32 -2.38
N GLY A 544 21.92 -24.25 -3.32
CA GLY A 544 21.27 -24.02 -4.58
C GLY A 544 19.81 -23.60 -4.48
N PRO A 545 18.99 -24.40 -3.75
CA PRO A 545 17.63 -23.92 -3.43
C PRO A 545 17.58 -22.64 -2.61
N GLU A 546 18.61 -22.35 -1.80
CA GLU A 546 18.65 -21.10 -1.06
C GLU A 546 18.79 -19.90 -2.00
N LEU A 547 19.55 -20.04 -3.07
CA LEU A 547 19.63 -18.99 -4.08
C LEU A 547 18.40 -18.98 -4.99
N LEU A 548 17.80 -20.15 -5.23
CA LEU A 548 16.58 -20.19 -6.03
C LEU A 548 15.40 -19.57 -5.31
N THR A 549 15.42 -19.59 -3.97
CA THR A 549 14.42 -18.89 -3.17
C THR A 549 14.47 -17.39 -3.41
N MET A 550 15.68 -16.82 -3.48
CA MET A 550 15.80 -15.41 -3.81
C MET A 550 15.56 -15.15 -5.29
N TRP A 551 15.78 -16.16 -6.13
CA TRP A 551 15.50 -16.03 -7.57
C TRP A 551 14.00 -15.92 -7.84
N PHE A 552 13.21 -16.75 -7.17
CA PHE A 552 11.77 -16.76 -7.38
C PHE A 552 11.01 -15.84 -6.44
N GLY A 553 11.62 -15.38 -5.35
CA GLY A 553 10.97 -14.47 -4.43
C GLY A 553 11.03 -13.02 -4.81
N GLU A 554 11.89 -12.68 -5.78
CA GLU A 554 12.09 -11.33 -6.32
C GLU A 554 12.47 -10.32 -5.23
N SER A 555 13.30 -10.77 -4.28
CA SER A 555 13.82 -9.93 -3.20
C SER A 555 15.34 -10.03 -3.25
N GLU A 556 15.98 -9.11 -3.97
CA GLU A 556 17.41 -9.17 -4.23
C GLU A 556 18.24 -8.63 -3.06
N ALA A 557 17.61 -8.05 -2.05
CA ALA A 557 18.35 -7.49 -0.92
C ALA A 557 18.85 -8.56 0.04
N ASN A 558 18.33 -9.79 -0.05
CA ASN A 558 18.75 -10.84 0.87
C ASN A 558 20.18 -11.26 0.64
N VAL A 559 20.60 -11.33 -0.63
CA VAL A 559 21.99 -11.69 -0.95
C VAL A 559 22.94 -10.58 -0.51
N ARG A 560 22.50 -9.32 -0.64
CA ARG A 560 23.28 -8.19 -0.16
C ARG A 560 23.40 -8.22 1.36
N GLU A 561 22.34 -8.62 2.06
CA GLU A 561 22.42 -8.75 3.51
C GLU A 561 23.31 -9.91 3.93
N ILE A 562 23.31 -11.00 3.15
CA ILE A 562 24.21 -12.13 3.39
C ILE A 562 25.66 -11.70 3.24
N PHE A 563 25.98 -10.95 2.19
CA PHE A 563 27.34 -10.47 2.01
C PHE A 563 27.72 -9.40 3.03
N ASP A 564 26.74 -8.59 3.47
CA ASP A 564 27.01 -7.58 4.49
C ASP A 564 27.32 -8.20 5.83
N LYS A 565 26.61 -9.28 6.20
CA LYS A 565 26.97 -9.99 7.42
C LYS A 565 28.21 -10.86 7.23
N ALA A 566 28.56 -11.22 6.00
CA ALA A 566 29.82 -11.89 5.75
C ALA A 566 31.00 -10.94 5.87
N ARG A 567 30.79 -9.65 5.62
CA ARG A 567 31.82 -8.64 5.89
C ARG A 567 32.14 -8.58 7.38
N GLN A 568 31.12 -8.60 8.23
CA GLN A 568 31.35 -8.60 9.67
C GLN A 568 31.73 -9.97 10.20
N ALA A 569 31.51 -11.03 9.43
CA ALA A 569 31.95 -12.38 9.80
C ALA A 569 33.35 -12.70 9.33
N ALA A 570 34.18 -11.69 9.08
CA ALA A 570 35.54 -11.91 8.60
C ALA A 570 36.41 -12.42 9.75
N PRO A 571 37.34 -13.36 9.48
CA PRO A 571 37.58 -14.05 8.21
C PRO A 571 36.61 -15.20 7.98
N CYS A 572 36.25 -15.43 6.72
CA CYS A 572 35.25 -16.44 6.40
C CYS A 572 35.50 -16.99 5.01
N VAL A 573 34.92 -18.16 4.76
CA VAL A 573 34.91 -18.78 3.44
C VAL A 573 33.47 -18.83 2.98
N LEU A 574 33.18 -18.16 1.88
CA LEU A 574 31.83 -18.10 1.34
C LEU A 574 31.65 -19.24 0.35
N PHE A 575 30.82 -20.22 0.70
CA PHE A 575 30.57 -21.37 -0.13
C PHE A 575 29.19 -21.24 -0.78
N PHE A 576 29.16 -21.38 -2.10
CA PHE A 576 27.92 -21.46 -2.86
C PHE A 576 27.84 -22.85 -3.47
N ASP A 577 26.83 -23.61 -3.07
CA ASP A 577 26.60 -24.93 -3.62
C ASP A 577 25.63 -24.83 -4.78
N GLU A 578 25.98 -25.48 -5.90
CA GLU A 578 25.16 -25.58 -7.12
C GLU A 578 24.82 -24.20 -7.68
N LEU A 579 25.87 -23.54 -8.19
CA LEU A 579 25.71 -22.26 -8.87
C LEU A 579 24.83 -22.36 -10.11
N ASP A 580 24.87 -23.51 -10.79
CA ASP A 580 24.07 -23.76 -11.98
C ASP A 580 22.64 -24.21 -11.66
N SER A 581 22.18 -24.01 -10.43
CA SER A 581 20.77 -24.26 -10.11
C SER A 581 19.86 -23.30 -10.85
N ILE A 582 20.28 -22.04 -11.00
CA ILE A 582 19.51 -21.09 -11.80
C ILE A 582 19.56 -21.47 -13.28
N ALA A 583 20.67 -22.05 -13.75
CA ALA A 583 20.75 -22.52 -15.13
C ALA A 583 19.84 -23.71 -15.37
N LYS A 584 19.77 -24.64 -14.41
CA LYS A 584 18.85 -25.76 -14.53
C LYS A 584 17.39 -25.33 -14.39
N ALA A 585 17.14 -24.26 -13.62
CA ALA A 585 15.78 -23.76 -13.50
C ALA A 585 15.33 -23.04 -14.77
N ARG A 586 16.22 -22.24 -15.37
CA ARG A 586 15.89 -21.57 -16.62
C ARG A 586 15.95 -22.50 -17.82
N GLY A 587 16.57 -23.68 -17.69
CA GLY A 587 16.53 -24.66 -18.75
C GLY A 587 15.16 -25.30 -18.90
N GLY A 588 14.43 -25.44 -17.80
CA GLY A 588 13.06 -25.92 -17.90
C GLY A 588 12.13 -24.91 -18.53
N ASN A 589 12.31 -23.63 -18.23
CA ASN A 589 11.48 -22.58 -18.80
C ASN A 589 12.33 -21.37 -19.18
N GLY A 595 19.10 -16.48 -21.98
CA GLY A 595 19.97 -15.61 -21.23
C GLY A 595 20.57 -16.28 -20.01
N ALA A 596 21.91 -16.39 -20.00
CA ALA A 596 22.58 -17.05 -18.89
C ALA A 596 22.59 -16.18 -17.64
N ALA A 597 22.72 -14.86 -17.80
CA ALA A 597 22.72 -13.96 -16.66
C ALA A 597 21.32 -13.82 -16.07
N ASP A 598 21.26 -13.76 -14.74
CA ASP A 598 20.01 -13.70 -14.01
C ASP A 598 20.10 -12.58 -12.97
N ARG A 599 19.02 -12.44 -12.19
CA ARG A 599 18.98 -11.36 -11.19
C ARG A 599 19.86 -11.66 -9.98
N VAL A 600 19.95 -12.91 -9.55
CA VAL A 600 20.71 -13.21 -8.34
C VAL A 600 22.21 -13.33 -8.61
N ILE A 601 22.61 -13.83 -9.79
CA ILE A 601 24.03 -13.92 -10.10
C ILE A 601 24.62 -12.56 -10.43
N ASN A 602 23.78 -11.61 -10.85
CA ASN A 602 24.26 -10.26 -11.08
C ASN A 602 24.51 -9.52 -9.78
N GLN A 603 23.69 -9.78 -8.76
CA GLN A 603 23.98 -9.27 -7.42
C GLN A 603 25.22 -9.91 -6.83
N ILE A 604 25.46 -11.18 -7.18
CA ILE A 604 26.68 -11.88 -6.77
C ILE A 604 27.90 -11.20 -7.38
N LEU A 605 27.83 -10.89 -8.68
CA LEU A 605 28.91 -10.18 -9.35
C LEU A 605 29.05 -8.75 -8.84
N THR A 606 27.95 -8.13 -8.42
CA THR A 606 27.98 -6.78 -7.89
C THR A 606 28.70 -6.74 -6.54
N GLU A 607 28.39 -7.67 -5.65
CA GLU A 607 29.06 -7.70 -4.35
C GLU A 607 30.50 -8.19 -4.47
N MET A 608 30.77 -9.14 -5.35
CA MET A 608 32.10 -9.72 -5.41
C MET A 608 33.06 -8.88 -6.24
N ASP A 609 32.57 -8.14 -7.24
CA ASP A 609 33.38 -7.08 -7.81
C ASP A 609 33.52 -5.91 -6.83
N GLY A 610 32.53 -5.70 -5.98
CA GLY A 610 32.66 -4.73 -4.92
C GLY A 610 33.39 -5.22 -3.69
N MET A 611 33.77 -6.50 -3.66
CA MET A 611 34.54 -7.04 -2.56
C MET A 611 35.96 -6.47 -2.58
N SER A 612 36.47 -6.14 -1.40
CA SER A 612 37.74 -5.46 -1.26
C SER A 612 38.91 -6.37 -1.61
N THR A 613 40.06 -5.76 -1.92
CA THR A 613 41.30 -6.48 -2.17
C THR A 613 41.94 -7.00 -0.89
N LYS A 614 41.41 -6.63 0.26
CA LYS A 614 41.87 -7.04 1.58
C LYS A 614 40.74 -7.82 2.25
N LYS A 615 40.89 -8.02 3.57
CA LYS A 615 39.96 -8.55 4.57
C LYS A 615 39.87 -10.09 4.46
N ASN A 616 40.49 -10.71 3.45
CA ASN A 616 40.63 -12.17 3.28
C ASN A 616 39.29 -12.90 3.25
N VAL A 617 38.34 -12.34 2.49
CA VAL A 617 37.08 -13.00 2.21
C VAL A 617 37.27 -13.86 0.97
N PHE A 618 36.98 -15.16 1.08
CA PHE A 618 37.33 -16.11 0.05
C PHE A 618 36.09 -16.86 -0.40
N ILE A 619 36.03 -17.17 -1.70
CA ILE A 619 34.84 -17.73 -2.33
C ILE A 619 35.14 -19.14 -2.82
N ILE A 620 34.24 -20.07 -2.52
CA ILE A 620 34.34 -21.45 -2.98
C ILE A 620 33.05 -21.80 -3.71
N GLY A 621 33.17 -22.27 -4.94
CA GLY A 621 32.01 -22.57 -5.77
C GLY A 621 31.94 -24.04 -6.15
N ALA A 622 30.73 -24.58 -6.16
CA ALA A 622 30.44 -25.94 -6.60
C ALA A 622 29.41 -25.90 -7.71
N THR A 623 29.65 -26.68 -8.77
CA THR A 623 28.82 -26.58 -9.97
C THR A 623 28.88 -27.91 -10.71
N ASN A 624 27.72 -28.49 -11.00
CA ASN A 624 27.69 -29.77 -11.73
C ASN A 624 28.01 -29.58 -13.21
N ARG A 625 27.43 -28.57 -13.85
CA ARG A 625 27.65 -28.33 -15.28
C ARG A 625 28.39 -27.01 -15.46
N PRO A 626 29.70 -27.04 -15.73
CA PRO A 626 30.52 -25.83 -15.58
C PRO A 626 30.36 -24.80 -16.68
N ASP A 627 30.19 -25.25 -17.92
CA ASP A 627 30.27 -24.34 -19.05
C ASP A 627 28.99 -23.55 -19.30
N ILE A 628 27.88 -23.94 -18.70
CA ILE A 628 26.58 -23.39 -19.09
C ILE A 628 26.09 -22.28 -18.16
N ILE A 629 26.81 -21.99 -17.08
CA ILE A 629 26.26 -21.08 -16.09
C ILE A 629 26.51 -19.62 -16.49
N ASP A 630 27.75 -19.25 -16.82
CA ASP A 630 28.06 -17.86 -17.09
C ASP A 630 29.30 -17.72 -17.94
N PRO A 631 29.22 -17.04 -19.09
CA PRO A 631 30.44 -16.70 -19.84
C PRO A 631 31.24 -15.60 -19.18
N ALA A 632 30.64 -14.80 -18.30
CA ALA A 632 31.35 -13.72 -17.63
C ALA A 632 32.03 -14.14 -16.35
N ILE A 633 31.79 -15.37 -15.88
CA ILE A 633 32.42 -15.82 -14.64
C ILE A 633 33.88 -16.21 -14.85
N LEU A 634 34.30 -16.42 -16.10
CA LEU A 634 35.68 -16.75 -16.42
C LEU A 634 36.54 -15.53 -16.68
N ARG A 635 35.97 -14.34 -16.60
CA ARG A 635 36.74 -13.12 -16.79
C ARG A 635 37.62 -12.85 -15.56
N PRO A 636 38.87 -12.45 -15.76
CA PRO A 636 39.70 -12.01 -14.63
C PRO A 636 39.17 -10.72 -14.03
N GLY A 637 39.47 -10.53 -12.75
CA GLY A 637 38.87 -9.45 -11.99
C GLY A 637 37.79 -10.02 -11.09
N ARG A 638 37.06 -11.01 -11.61
CA ARG A 638 36.11 -11.75 -10.80
C ARG A 638 36.80 -12.94 -10.13
N LEU A 639 37.26 -13.90 -10.93
CA LEU A 639 38.04 -15.07 -10.50
C LEU A 639 38.58 -15.75 -11.75
N ASP A 640 39.67 -16.50 -11.56
CA ASP A 640 40.39 -17.08 -12.68
C ASP A 640 40.60 -18.57 -12.49
N GLN A 641 40.69 -19.01 -11.24
CA GLN A 641 40.98 -20.41 -10.94
C GLN A 641 39.75 -21.27 -11.19
N LEU A 642 39.93 -22.32 -11.98
CA LEU A 642 38.91 -23.28 -12.35
C LEU A 642 39.42 -24.69 -12.09
N ILE A 643 39.90 -24.92 -10.87
CA ILE A 643 40.53 -26.18 -10.48
C ILE A 643 39.53 -27.32 -10.46
N TYR A 644 39.69 -28.25 -11.40
CA TYR A 644 38.84 -29.41 -11.49
C TYR A 644 39.40 -30.56 -10.67
N ILE A 645 38.52 -31.29 -10.00
CA ILE A 645 38.94 -32.54 -9.37
C ILE A 645 38.28 -33.69 -10.12
N PRO A 646 38.97 -34.81 -10.31
CA PRO A 646 38.36 -35.93 -11.04
C PRO A 646 37.45 -36.77 -10.17
N LEU A 647 36.97 -37.88 -10.72
CA LEU A 647 36.26 -38.86 -9.93
C LEU A 647 37.21 -39.50 -8.92
N PRO A 648 36.76 -39.72 -7.69
CA PRO A 648 37.61 -40.41 -6.70
C PRO A 648 37.90 -41.85 -7.12
N ASP A 649 39.15 -42.25 -6.95
CA ASP A 649 39.64 -43.54 -7.41
C ASP A 649 40.09 -44.37 -6.21
N GLU A 650 40.77 -45.48 -6.51
CA GLU A 650 41.06 -46.51 -5.51
C GLU A 650 42.02 -46.06 -4.42
N LYS A 651 42.75 -44.96 -4.62
CA LYS A 651 43.62 -44.47 -3.56
C LYS A 651 42.81 -43.81 -2.46
N SER A 652 41.74 -43.11 -2.82
CA SER A 652 40.90 -42.44 -1.82
C SER A 652 39.86 -43.37 -1.22
N ARG A 653 39.65 -44.56 -1.78
CA ARG A 653 38.71 -45.50 -1.21
C ARG A 653 39.19 -46.06 0.12
N VAL A 654 40.50 -46.13 0.32
CA VAL A 654 41.05 -46.48 1.63
C VAL A 654 40.71 -45.40 2.66
N ALA A 655 40.74 -44.14 2.24
CA ALA A 655 40.39 -43.04 3.14
C ALA A 655 38.90 -43.02 3.45
N ILE A 656 38.06 -43.31 2.45
CA ILE A 656 36.62 -43.34 2.69
C ILE A 656 36.25 -44.55 3.56
N LEU A 657 36.94 -45.67 3.38
CA LEU A 657 36.73 -46.82 4.26
C LEU A 657 37.31 -46.60 5.65
N LYS A 658 38.32 -45.72 5.79
CA LYS A 658 38.75 -45.33 7.12
C LYS A 658 37.74 -44.39 7.78
N ALA A 659 37.08 -43.57 6.98
CA ALA A 659 35.94 -42.79 7.47
C ALA A 659 34.78 -43.69 7.88
N ASN A 660 34.59 -44.81 7.17
CA ASN A 660 33.68 -45.86 7.61
C ASN A 660 34.15 -46.50 8.92
N LEU A 661 35.46 -46.69 9.08
CA LEU A 661 36.01 -47.25 10.32
C LEU A 661 35.80 -46.29 11.49
N ARG A 662 35.96 -45.00 11.26
CA ARG A 662 35.67 -44.00 12.28
C ARG A 662 34.17 -43.89 12.49
N LYS A 663 33.77 -43.69 13.74
CA LYS A 663 32.39 -43.50 14.22
C LYS A 663 31.46 -44.69 13.93
N SER A 664 32.01 -45.86 13.60
CA SER A 664 31.20 -47.04 13.27
C SER A 664 32.00 -48.31 13.54
N PRO A 665 31.45 -49.25 14.30
CA PRO A 665 32.21 -50.46 14.70
C PRO A 665 32.25 -51.54 13.64
N VAL A 666 32.95 -51.26 12.54
CA VAL A 666 33.25 -52.30 11.57
C VAL A 666 34.37 -53.17 12.10
N ALA A 667 34.29 -54.47 11.86
CA ALA A 667 35.22 -55.42 12.44
C ALA A 667 36.38 -55.67 11.49
N LYS A 668 37.24 -56.62 11.86
CA LYS A 668 38.40 -56.96 11.05
C LYS A 668 38.01 -57.96 9.96
N ASP A 669 39.03 -58.53 9.33
CA ASP A 669 38.92 -59.47 8.20
C ASP A 669 38.12 -58.89 7.03
N VAL A 670 38.27 -57.59 6.83
CA VAL A 670 37.65 -56.89 5.71
C VAL A 670 38.75 -56.55 4.71
N ASP A 671 38.46 -56.73 3.43
CA ASP A 671 39.46 -56.56 2.37
C ASP A 671 39.17 -55.24 1.66
N LEU A 672 39.73 -54.16 2.22
CA LEU A 672 39.54 -52.83 1.66
C LEU A 672 40.22 -52.68 0.31
N GLU A 673 41.32 -53.40 0.09
CA GLU A 673 41.97 -53.41 -1.21
C GLU A 673 41.13 -54.14 -2.26
N PHE A 674 40.38 -55.16 -1.85
CA PHE A 674 39.46 -55.83 -2.75
C PHE A 674 38.18 -55.03 -2.97
N LEU A 675 37.75 -54.26 -1.96
CA LEU A 675 36.64 -53.33 -2.13
C LEU A 675 37.01 -52.23 -3.11
N ALA A 676 38.22 -51.67 -2.99
CA ALA A 676 38.67 -50.65 -3.93
C ALA A 676 38.93 -51.23 -5.30
N LYS A 677 39.26 -52.52 -5.38
CA LYS A 677 39.31 -53.21 -6.67
C LYS A 677 37.92 -53.31 -7.29
N MET A 678 36.90 -53.56 -6.46
CA MET A 678 35.55 -53.76 -6.97
C MET A 678 34.90 -52.43 -7.37
N THR A 679 35.31 -51.32 -6.75
CA THR A 679 34.78 -50.01 -7.11
C THR A 679 35.46 -49.53 -8.39
N ASN A 680 34.90 -49.94 -9.53
CA ASN A 680 35.51 -49.56 -10.81
C ASN A 680 35.25 -48.11 -11.17
N GLY A 681 34.02 -47.62 -10.93
CA GLY A 681 33.68 -46.27 -11.30
C GLY A 681 32.73 -45.57 -10.36
N PHE A 682 32.64 -46.05 -9.11
CA PHE A 682 31.69 -45.50 -8.17
C PHE A 682 32.20 -44.18 -7.61
N SER A 683 31.28 -43.45 -6.98
CA SER A 683 31.58 -42.15 -6.37
C SER A 683 31.76 -42.30 -4.87
N GLY A 684 32.21 -41.21 -4.24
CA GLY A 684 32.31 -41.18 -2.79
C GLY A 684 30.94 -41.20 -2.13
N ALA A 685 29.96 -40.52 -2.73
CA ALA A 685 28.59 -40.61 -2.26
C ALA A 685 28.03 -42.02 -2.45
N ASP A 686 28.43 -42.69 -3.54
CA ASP A 686 28.04 -44.07 -3.76
C ASP A 686 28.64 -45.00 -2.71
N LEU A 687 29.89 -44.77 -2.30
CA LEU A 687 30.50 -45.64 -1.31
C LEU A 687 29.99 -45.34 0.11
N THR A 688 29.59 -44.09 0.39
CA THR A 688 28.87 -43.85 1.64
C THR A 688 27.48 -44.48 1.60
N GLU A 689 26.88 -44.59 0.41
CA GLU A 689 25.65 -45.37 0.30
C GLU A 689 25.90 -46.86 0.48
N ILE A 690 27.09 -47.35 0.08
CA ILE A 690 27.49 -48.72 0.35
C ILE A 690 27.59 -48.96 1.85
N CYS A 691 28.19 -48.00 2.56
CA CYS A 691 28.22 -47.99 4.01
C CYS A 691 26.81 -47.98 4.60
N GLN A 692 25.89 -47.24 3.99
CA GLN A 692 24.52 -47.17 4.49
C GLN A 692 23.78 -48.49 4.27
N ARG A 693 24.00 -49.16 3.13
CA ARG A 693 23.35 -50.45 2.89
C ARG A 693 23.90 -51.53 3.80
N ALA A 694 25.23 -51.50 4.05
CA ALA A 694 25.81 -52.43 5.01
C ALA A 694 25.31 -52.16 6.42
N CYS A 695 25.11 -50.88 6.76
CA CYS A 695 24.46 -50.50 8.02
C CYS A 695 23.05 -51.05 8.11
N LYS A 696 22.29 -50.95 7.03
CA LYS A 696 20.91 -51.44 7.01
C LYS A 696 20.86 -52.95 7.21
N LEU A 697 21.77 -53.67 6.54
CA LEU A 697 21.87 -55.12 6.72
C LEU A 697 22.27 -55.50 8.14
N ALA A 698 23.23 -54.77 8.72
CA ALA A 698 23.71 -55.09 10.06
C ALA A 698 22.65 -54.81 11.12
N ILE A 699 21.96 -53.67 11.03
CA ILE A 699 20.93 -53.34 12.02
C ILE A 699 19.72 -54.26 11.88
N ARG A 700 19.34 -54.60 10.64
CA ARG A 700 18.19 -55.49 10.49
C ARG A 700 18.50 -56.93 10.91
N GLU A 701 19.74 -57.39 10.72
CA GLU A 701 20.08 -58.72 11.22
C GLU A 701 20.29 -58.71 12.73
N SER A 702 20.70 -57.56 13.30
CA SER A 702 20.83 -57.47 14.75
C SER A 702 19.47 -57.49 15.44
N ILE A 703 18.50 -56.75 14.89
CA ILE A 703 17.17 -56.77 15.49
C ILE A 703 16.45 -58.08 15.19
N GLU A 704 16.81 -58.76 14.09
CA GLU A 704 16.24 -60.08 13.83
C GLU A 704 16.81 -61.10 14.80
N SER A 705 18.10 -60.99 15.13
CA SER A 705 18.71 -61.84 16.15
C SER A 705 18.11 -61.58 17.53
N GLU A 706 17.83 -60.30 17.84
CA GLU A 706 17.15 -59.95 19.08
C GLU A 706 15.73 -60.50 19.13
N ILE A 707 15.02 -60.46 18.00
CA ILE A 707 13.65 -60.96 17.93
C ILE A 707 13.61 -62.49 18.10
N ARG A 708 14.52 -63.21 17.45
CA ARG A 708 14.55 -64.66 17.67
C ARG A 708 15.11 -65.02 19.04
N ARG A 709 15.93 -64.16 19.66
CA ARG A 709 16.36 -64.39 21.03
C ARG A 709 15.19 -64.25 21.99
N GLU A 710 14.31 -63.27 21.76
CA GLU A 710 13.08 -63.15 22.54
C GLU A 710 12.12 -64.29 22.22
N ARG A 711 12.15 -64.80 20.99
CA ARG A 711 11.31 -65.91 20.57
C ARG A 711 11.82 -67.25 21.10
N GLU A 712 13.08 -67.30 21.57
CA GLU A 712 13.67 -68.54 22.05
C GLU A 712 12.98 -69.08 23.31
N ARG A 713 12.44 -68.20 24.15
CA ARG A 713 11.71 -68.64 25.32
C ARG A 713 10.26 -68.96 24.96
N ASP A 726 23.88 -58.85 24.32
CA ASP A 726 24.81 -59.28 23.27
C ASP A 726 24.28 -59.01 21.86
N PRO A 727 24.38 -57.75 21.40
CA PRO A 727 23.84 -57.40 20.08
C PRO A 727 24.75 -57.76 18.91
N VAL A 728 25.97 -58.21 19.19
CA VAL A 728 27.03 -58.55 18.24
C VAL A 728 27.28 -57.34 17.32
N PRO A 729 28.00 -56.32 17.79
CA PRO A 729 28.26 -55.15 16.94
C PRO A 729 29.31 -55.39 15.85
N GLU A 730 29.99 -56.53 15.88
CA GLU A 730 30.99 -56.83 14.86
C GLU A 730 30.34 -57.12 13.52
N ILE A 731 30.95 -56.60 12.46
CA ILE A 731 30.38 -56.61 11.11
C ILE A 731 31.26 -57.48 10.21
N ARG A 732 30.65 -58.39 9.48
CA ARG A 732 31.35 -59.39 8.71
C ARG A 732 31.32 -59.05 7.21
N ARG A 733 32.02 -59.88 6.42
CA ARG A 733 32.22 -59.66 4.99
C ARG A 733 30.93 -59.79 4.20
N ASP A 734 29.95 -60.52 4.72
CA ASP A 734 28.66 -60.68 4.05
C ASP A 734 27.87 -59.38 3.91
N HIS A 735 28.06 -58.43 4.83
CA HIS A 735 27.39 -57.13 4.73
C HIS A 735 27.86 -56.36 3.49
N PHE A 736 29.17 -56.27 3.29
CA PHE A 736 29.67 -55.62 2.07
C PHE A 736 29.40 -56.45 0.83
N GLU A 737 29.43 -57.79 0.96
CA GLU A 737 29.17 -58.66 -0.19
C GLU A 737 27.71 -58.56 -0.67
N GLU A 738 26.78 -58.26 0.24
CA GLU A 738 25.40 -58.06 -0.18
C GLU A 738 25.12 -56.59 -0.51
N ALA A 739 25.85 -55.65 0.11
CA ALA A 739 25.66 -54.24 -0.21
C ALA A 739 26.26 -53.88 -1.57
N MET A 740 27.20 -54.68 -2.07
CA MET A 740 27.74 -54.49 -3.42
C MET A 740 26.67 -54.65 -4.49
N ARG A 741 25.63 -55.45 -4.23
CA ARG A 741 24.50 -55.56 -5.13
C ARG A 741 23.66 -54.28 -5.20
N PHE A 742 23.80 -53.38 -4.24
CA PHE A 742 23.20 -52.05 -4.33
C PHE A 742 24.27 -51.00 -4.66
N ALA A 743 24.86 -51.12 -5.85
CA ALA A 743 25.93 -50.19 -6.25
C ALA A 743 25.82 -49.92 -7.75
N ARG A 744 25.34 -48.73 -8.11
CA ARG A 744 25.29 -48.29 -9.50
C ARG A 744 25.98 -46.94 -9.63
N ARG A 745 26.71 -46.76 -10.71
CA ARG A 745 27.40 -45.50 -11.00
C ARG A 745 26.36 -44.42 -11.30
N SER A 746 26.17 -43.50 -10.34
CA SER A 746 25.22 -42.42 -10.53
C SER A 746 25.70 -41.42 -11.56
N VAL A 747 27.02 -41.19 -11.63
CA VAL A 747 27.56 -40.31 -12.65
C VAL A 747 27.55 -41.02 -14.00
N SER A 748 27.31 -40.25 -15.05
CA SER A 748 27.23 -40.81 -16.39
C SER A 748 28.63 -41.08 -16.94
N ASP A 749 28.78 -42.20 -17.65
CA ASP A 749 30.06 -42.53 -18.26
C ASP A 749 30.39 -41.61 -19.42
N ASN A 750 29.37 -41.15 -20.15
CA ASN A 750 29.58 -40.12 -21.17
C ASN A 750 29.86 -38.76 -20.57
N ASP A 751 29.45 -38.54 -19.31
CA ASP A 751 29.74 -37.26 -18.67
C ASP A 751 31.21 -37.11 -18.30
N ILE A 752 31.94 -38.21 -18.13
CA ILE A 752 33.39 -38.11 -17.95
C ILE A 752 34.06 -37.67 -19.25
N ARG A 753 33.55 -38.14 -20.38
CA ARG A 753 33.99 -37.65 -21.68
C ARG A 753 33.64 -36.17 -21.84
N LYS A 754 32.47 -35.77 -21.33
CA LYS A 754 32.11 -34.35 -21.31
C LYS A 754 33.05 -33.55 -20.42
N TYR A 755 33.48 -34.12 -19.30
CA TYR A 755 34.38 -33.43 -18.36
C TYR A 755 35.76 -33.24 -18.98
N GLU A 756 36.28 -34.25 -19.67
CA GLU A 756 37.56 -34.05 -20.34
C GLU A 756 37.43 -33.20 -21.61
N MET A 757 36.23 -33.12 -22.19
CA MET A 757 36.00 -32.11 -23.23
C MET A 757 36.00 -30.70 -22.64
N PHE A 758 35.49 -30.53 -21.42
CA PHE A 758 35.61 -29.23 -20.74
C PHE A 758 37.05 -28.95 -20.36
N ALA A 759 37.81 -29.99 -20.03
CA ALA A 759 39.22 -29.86 -19.71
C ALA A 759 40.09 -29.68 -20.95
N GLN A 760 39.54 -29.91 -22.14
CA GLN A 760 40.23 -29.50 -23.36
C GLN A 760 40.36 -27.98 -23.43
N THR A 761 39.38 -27.25 -22.90
CA THR A 761 39.56 -25.82 -22.69
C THR A 761 40.63 -25.56 -21.65
N LEU A 762 40.67 -26.38 -20.60
CA LEU A 762 41.75 -26.32 -19.62
C LEU A 762 43.08 -26.81 -20.18
N GLN A 763 43.05 -27.63 -21.23
CA GLN A 763 44.27 -27.97 -21.94
C GLN A 763 44.80 -26.75 -22.66
N GLN A 764 46.03 -26.37 -22.34
CA GLN A 764 46.56 -25.07 -22.74
C GLN A 764 47.16 -25.13 -24.14
N SER A 765 47.89 -24.08 -24.51
CA SER A 765 48.53 -23.94 -25.82
C SER A 765 50.00 -24.31 -25.77
N ARG A 766 50.32 -25.37 -25.02
CA ARG A 766 51.69 -25.78 -24.75
C ARG A 766 52.40 -26.25 -26.02
N GLY A 767 53.72 -26.12 -26.02
CA GLY A 767 54.51 -26.52 -27.15
C GLY A 767 55.95 -26.08 -26.98
N PHE A 768 56.64 -25.91 -28.11
CA PHE A 768 58.01 -25.42 -28.12
C PHE A 768 58.05 -23.95 -27.70
N GLY A 769 59.12 -23.57 -27.01
CA GLY A 769 59.26 -22.20 -26.56
C GLY A 769 59.92 -22.04 -25.21
N SER A 770 60.28 -23.15 -24.57
CA SER A 770 60.98 -23.11 -23.28
C SER A 770 62.46 -22.90 -23.55
N PHE A 771 62.82 -21.64 -23.83
CA PHE A 771 64.17 -21.33 -24.30
C PHE A 771 65.17 -21.20 -23.17
N ARG A 772 65.01 -20.19 -22.32
CA ARG A 772 66.06 -19.84 -21.36
C ARG A 772 65.44 -19.25 -20.09
N PHE A 773 65.85 -19.77 -18.94
CA PHE A 773 65.52 -19.18 -17.65
C PHE A 773 66.34 -17.94 -17.27
N PRO A 774 67.63 -17.77 -17.70
CA PRO A 774 68.10 -16.39 -17.42
C PRO A 774 67.71 -15.42 -18.53
N ASN B 21 48.33 41.37 2.10
CA ASN B 21 48.58 42.05 0.83
C ASN B 21 48.39 43.56 1.00
N ARG B 22 47.55 43.95 1.96
CA ARG B 22 47.35 45.35 2.28
C ARG B 22 48.58 45.89 3.01
N PRO B 23 48.82 47.21 2.93
CA PRO B 23 49.93 47.81 3.69
C PRO B 23 49.77 47.71 5.21
N ASN B 24 48.55 47.59 5.72
CA ASN B 24 48.36 47.37 7.15
C ASN B 24 48.78 45.96 7.55
N ARG B 25 48.59 44.99 6.66
CA ARG B 25 48.89 43.60 6.95
C ARG B 25 50.39 43.37 6.75
N LEU B 26 51.10 43.09 7.82
CA LEU B 26 52.55 42.94 7.81
C LEU B 26 52.96 41.74 8.66
N ILE B 27 54.20 41.27 8.46
CA ILE B 27 54.66 40.04 9.08
C ILE B 27 54.90 40.26 10.58
N VAL B 28 54.66 39.21 11.37
CA VAL B 28 54.63 39.31 12.82
C VAL B 28 55.97 38.83 13.40
N ASP B 29 56.39 39.47 14.48
CA ASP B 29 57.55 39.08 15.24
C ASP B 29 57.20 37.89 16.13
N GLU B 30 58.22 37.10 16.49
CA GLU B 30 58.03 35.95 17.35
C GLU B 30 57.65 36.37 18.77
N ALA B 31 56.94 35.49 19.46
CA ALA B 31 56.39 35.78 20.79
C ALA B 31 57.51 35.78 21.82
N ILE B 32 57.90 36.99 22.26
CA ILE B 32 58.90 37.10 23.31
C ILE B 32 58.33 36.66 24.65
N ASN B 33 57.10 37.08 24.96
CA ASN B 33 56.45 36.74 26.22
C ASN B 33 54.99 36.42 25.94
N GLU B 34 54.32 35.88 26.96
CA GLU B 34 52.91 35.51 26.87
C GLU B 34 52.00 36.57 27.50
N ASP B 35 52.39 37.83 27.43
CA ASP B 35 51.68 38.92 28.11
C ASP B 35 50.70 39.60 27.16
N ASN B 36 49.48 39.84 27.64
CA ASN B 36 48.51 40.62 26.90
C ASN B 36 48.72 42.13 27.08
N SER B 37 49.56 42.54 28.02
CA SER B 37 49.72 43.94 28.35
C SER B 37 50.90 44.59 27.65
N VAL B 38 51.74 43.83 26.96
CA VAL B 38 52.97 44.34 26.36
C VAL B 38 52.89 44.17 24.85
N VAL B 39 53.02 45.28 24.12
CA VAL B 39 53.18 45.27 22.67
C VAL B 39 54.42 46.09 22.33
N SER B 40 55.37 45.48 21.62
CA SER B 40 56.60 46.16 21.25
C SER B 40 56.34 47.24 20.20
N LEU B 41 57.21 48.25 20.20
CA LEU B 41 57.08 49.42 19.34
C LEU B 41 57.93 49.24 18.10
N SER B 42 57.33 49.45 16.93
CA SER B 42 58.04 49.46 15.65
C SER B 42 58.13 50.91 15.19
N GLN B 43 59.31 51.49 15.32
CA GLN B 43 59.53 52.91 15.04
C GLN B 43 59.47 53.31 13.56
N PRO B 44 59.97 52.53 12.58
CA PRO B 44 59.63 52.87 11.18
C PRO B 44 58.16 52.73 10.84
N LYS B 45 57.46 51.75 11.42
CA LYS B 45 56.01 51.67 11.21
C LYS B 45 55.28 52.79 11.94
N MET B 46 55.82 53.23 13.08
CA MET B 46 55.28 54.42 13.76
C MET B 46 55.51 55.68 12.94
N ASP B 47 56.61 55.74 12.19
CA ASP B 47 56.81 56.84 11.25
C ASP B 47 55.97 56.70 9.99
N GLU B 48 55.51 55.47 9.68
CA GLU B 48 54.69 55.27 8.49
C GLU B 48 53.27 55.79 8.69
N LEU B 49 52.55 55.21 9.64
CA LEU B 49 51.17 55.60 9.90
C LEU B 49 51.12 56.62 11.04
N GLN B 50 49.92 56.94 11.51
CA GLN B 50 49.71 57.91 12.59
C GLN B 50 48.98 57.21 13.75
N LEU B 51 49.76 56.56 14.61
CA LEU B 51 49.23 55.92 15.81
C LEU B 51 49.55 56.78 17.02
N PHE B 52 48.57 56.96 17.89
CA PHE B 52 48.71 57.82 19.06
C PHE B 52 48.85 56.96 20.31
N ARG B 53 49.84 57.27 21.13
CA ARG B 53 50.07 56.53 22.36
C ARG B 53 49.00 56.89 23.39
N GLY B 54 48.88 56.03 24.41
CA GLY B 54 47.92 56.26 25.46
C GLY B 54 47.07 55.06 25.79
N ASP B 55 45.75 55.20 25.61
CA ASP B 55 44.82 54.18 26.12
C ASP B 55 44.69 53.00 25.16
N THR B 56 44.16 53.24 23.95
CA THR B 56 43.64 52.16 23.12
C THR B 56 44.14 52.29 21.69
N VAL B 57 44.57 51.17 21.12
CA VAL B 57 44.90 51.06 19.70
C VAL B 57 44.27 49.77 19.18
N LEU B 58 43.45 49.88 18.13
CA LEU B 58 42.76 48.74 17.57
C LEU B 58 43.69 47.89 16.72
N LEU B 59 43.56 46.57 16.82
CA LEU B 59 44.26 45.65 15.93
C LEU B 59 43.30 44.57 15.46
N LYS B 60 43.57 44.05 14.26
CA LYS B 60 42.79 42.94 13.70
C LYS B 60 43.71 41.78 13.39
N GLY B 61 43.17 40.57 13.50
CA GLY B 61 43.88 39.38 13.09
C GLY B 61 43.38 38.86 11.76
N LYS B 62 42.59 37.79 11.81
CA LYS B 62 41.94 37.25 10.62
C LYS B 62 40.54 36.79 10.99
N LYS B 63 39.75 36.48 9.95
CA LYS B 63 38.40 35.91 10.04
C LYS B 63 37.44 36.80 10.81
N ARG B 64 37.58 38.11 10.64
CA ARG B 64 36.75 39.16 11.26
C ARG B 64 36.78 39.07 12.79
N ARG B 65 37.98 39.28 13.34
CA ARG B 65 38.19 39.31 14.78
C ARG B 65 38.72 40.67 15.18
N GLU B 66 38.14 41.25 16.23
CA GLU B 66 38.47 42.59 16.68
C GLU B 66 39.10 42.54 18.07
N ALA B 67 40.18 43.29 18.25
CA ALA B 67 40.88 43.33 19.53
C ALA B 67 41.54 44.70 19.68
N VAL B 68 41.86 45.06 20.93
CA VAL B 68 42.44 46.35 21.26
C VAL B 68 43.57 46.13 22.26
N CYS B 69 44.73 46.72 22.00
CA CYS B 69 45.80 46.74 22.99
C CYS B 69 46.58 48.05 22.89
N ILE B 70 47.42 48.30 23.90
CA ILE B 70 48.19 49.52 24.00
C ILE B 70 49.44 49.42 23.12
N VAL B 71 50.12 50.55 22.92
CA VAL B 71 51.33 50.61 22.11
C VAL B 71 52.43 51.30 22.92
N LEU B 72 53.66 51.24 22.38
CA LEU B 72 54.88 51.84 22.93
C LEU B 72 55.16 51.32 24.34
N SER B 73 55.41 50.02 24.42
CA SER B 73 55.63 49.35 25.70
C SER B 73 57.00 48.71 25.83
N ASP B 74 57.51 48.05 24.79
CA ASP B 74 58.73 47.27 24.92
C ASP B 74 59.86 47.75 24.02
N ASP B 75 59.54 48.12 22.77
CA ASP B 75 60.50 48.61 21.75
C ASP B 75 61.62 47.59 21.49
N THR B 76 61.24 46.37 21.14
CA THR B 76 62.17 45.29 20.84
C THR B 76 62.18 44.90 19.37
N CYS B 77 61.02 44.94 18.72
CA CYS B 77 60.88 44.49 17.33
C CYS B 77 61.56 45.47 16.36
N SER B 78 61.97 44.93 15.22
CA SER B 78 62.69 45.68 14.20
C SER B 78 61.71 46.34 13.23
N ASP B 79 62.24 46.81 12.10
CA ASP B 79 61.43 47.47 11.10
C ASP B 79 60.48 46.48 10.40
N GLU B 80 59.33 47.03 9.96
CA GLU B 80 58.21 46.34 9.26
C GLU B 80 57.76 45.04 9.95
N LYS B 81 57.87 44.99 11.28
CA LYS B 81 57.37 43.88 12.07
C LYS B 81 57.05 44.41 13.47
N ILE B 82 55.97 43.89 14.05
CA ILE B 82 55.55 44.30 15.38
C ILE B 82 55.25 43.06 16.21
N ARG B 83 55.78 43.01 17.43
CA ARG B 83 55.50 41.91 18.35
C ARG B 83 54.14 42.12 18.98
N MET B 84 53.34 41.05 19.04
CA MET B 84 51.99 41.13 19.57
C MET B 84 51.78 40.13 20.70
N ASN B 85 50.54 39.97 21.13
CA ASN B 85 50.23 39.10 22.26
C ASN B 85 50.29 37.63 21.84
N ARG B 86 50.36 36.76 22.86
CA ARG B 86 50.33 35.32 22.61
C ARG B 86 48.92 34.86 22.24
N VAL B 87 47.90 35.45 22.87
CA VAL B 87 46.53 35.01 22.63
C VAL B 87 46.00 35.52 21.29
N VAL B 88 46.53 36.63 20.77
CA VAL B 88 46.19 37.03 19.41
C VAL B 88 47.03 36.30 18.37
N ARG B 89 48.02 35.52 18.80
CA ARG B 89 48.79 34.65 17.92
C ARG B 89 48.17 33.26 17.81
N ASN B 90 47.77 32.66 18.94
CA ASN B 90 47.15 31.35 18.86
C ASN B 90 45.72 31.43 18.33
N ASN B 91 44.98 32.46 18.74
CA ASN B 91 43.68 32.76 18.16
C ASN B 91 43.85 33.84 17.09
N LEU B 92 42.72 34.34 16.58
CA LEU B 92 42.59 35.45 15.63
C LEU B 92 43.25 35.20 14.27
N ARG B 93 43.67 33.97 13.99
CA ARG B 93 44.37 33.61 12.77
C ARG B 93 44.25 32.10 12.58
N VAL B 94 44.96 31.57 11.59
CA VAL B 94 45.03 30.13 11.37
C VAL B 94 46.38 29.56 11.83
N ARG B 95 47.40 30.41 11.98
CA ARG B 95 48.71 29.94 12.44
C ARG B 95 49.66 31.11 12.61
N LEU B 96 50.84 30.85 13.17
CA LEU B 96 51.85 31.89 13.34
C LEU B 96 52.62 32.08 12.04
N GLY B 97 53.46 33.11 12.01
CA GLY B 97 54.15 33.49 10.79
C GLY B 97 53.23 34.03 9.72
N ASP B 98 52.30 34.90 10.08
CA ASP B 98 51.27 35.39 9.16
C ASP B 98 51.15 36.89 9.41
N VAL B 99 50.06 37.49 8.92
CA VAL B 99 49.90 38.94 8.87
C VAL B 99 49.20 39.44 10.12
N ILE B 100 49.50 40.70 10.47
CA ILE B 100 48.87 41.39 11.60
C ILE B 100 48.61 42.84 11.17
N SER B 101 47.44 43.37 11.54
CA SER B 101 47.04 44.72 11.18
C SER B 101 46.88 45.59 12.43
N ILE B 102 47.01 46.90 12.24
CA ILE B 102 46.86 47.88 13.31
C ILE B 102 45.92 48.98 12.86
N GLN B 103 45.36 49.70 13.85
CA GLN B 103 44.38 50.76 13.59
C GLN B 103 44.34 51.74 14.75
N PRO B 104 44.37 53.05 14.50
CA PRO B 104 44.31 54.02 15.59
C PRO B 104 42.87 54.23 16.07
N CYS B 105 42.66 54.09 17.38
CA CYS B 105 41.36 54.32 18.00
C CYS B 105 41.51 54.71 19.46
N PRO B 106 41.89 55.97 19.76
CA PRO B 106 42.18 56.34 21.16
C PRO B 106 41.00 56.93 21.91
N ASP B 107 41.25 57.21 23.20
CA ASP B 107 40.38 57.89 24.18
C ASP B 107 38.92 57.41 24.16
N VAL B 108 38.76 56.12 24.43
CA VAL B 108 37.43 55.54 24.64
C VAL B 108 37.07 55.70 26.12
N LYS B 109 35.81 55.43 26.46
CA LYS B 109 35.36 55.46 27.84
C LYS B 109 35.93 54.26 28.61
N TYR B 110 35.68 54.26 29.93
CA TYR B 110 36.34 53.33 30.84
C TYR B 110 35.32 52.35 31.44
N GLY B 111 35.76 51.11 31.62
CA GLY B 111 34.95 50.07 32.21
C GLY B 111 35.27 49.84 33.68
N LYS B 112 34.80 48.70 34.20
CA LYS B 112 34.98 48.39 35.62
C LYS B 112 34.98 46.88 35.82
N ARG B 113 36.18 46.29 35.93
CA ARG B 113 36.45 44.95 36.45
C ARG B 113 35.73 43.85 35.66
N ILE B 114 36.16 43.71 34.41
CA ILE B 114 35.70 42.61 33.55
C ILE B 114 36.50 41.36 33.86
N HIS B 115 36.05 40.23 33.28
CA HIS B 115 36.68 38.89 33.27
C HIS B 115 37.04 38.40 34.68
N VAL B 116 35.99 38.17 35.46
CA VAL B 116 36.16 37.67 36.81
C VAL B 116 36.21 36.14 36.85
N LEU B 117 35.78 35.46 35.79
CA LEU B 117 35.53 34.03 35.83
C LEU B 117 36.65 33.25 35.14
N PRO B 118 37.41 32.43 35.85
CA PRO B 118 38.26 31.43 35.20
C PRO B 118 37.47 30.17 34.88
N ILE B 119 38.03 29.36 33.99
CA ILE B 119 37.30 28.26 33.36
C ILE B 119 37.95 26.90 33.63
N ASP B 120 39.29 26.83 33.60
CA ASP B 120 39.95 25.55 33.41
C ASP B 120 40.74 25.08 34.62
N ASP B 121 41.70 25.85 35.13
CA ASP B 121 42.71 25.33 36.05
C ASP B 121 42.47 25.76 37.49
N THR B 122 41.25 26.18 37.82
CA THR B 122 40.93 26.53 39.20
C THR B 122 40.78 25.28 40.07
N VAL B 123 40.41 24.14 39.48
CA VAL B 123 40.14 22.93 40.23
C VAL B 123 41.38 22.30 40.86
N GLU B 124 42.57 22.62 40.36
CA GLU B 124 43.79 22.31 41.08
C GLU B 124 44.37 23.58 41.68
N GLY B 125 45.09 23.41 42.78
CA GLY B 125 45.58 24.55 43.53
C GLY B 125 44.49 25.17 44.36
N ILE B 126 44.69 26.43 44.71
CA ILE B 126 43.72 27.17 45.50
C ILE B 126 43.03 28.19 44.60
N THR B 127 41.81 28.57 45.00
CA THR B 127 41.04 29.54 44.23
C THR B 127 41.56 30.97 44.43
N GLY B 128 41.87 31.33 45.68
CA GLY B 128 42.30 32.69 45.97
C GLY B 128 41.15 33.68 45.89
N ASN B 129 41.51 34.94 45.63
CA ASN B 129 40.53 36.01 45.45
C ASN B 129 40.14 36.20 43.99
N LEU B 130 40.71 35.39 43.09
CA LEU B 130 40.36 35.18 41.68
C LEU B 130 40.72 36.35 40.75
N PHE B 131 41.11 37.49 41.30
CA PHE B 131 41.82 38.51 40.52
C PHE B 131 42.93 39.21 41.29
N GLU B 132 43.02 39.03 42.60
CA GLU B 132 44.11 39.60 43.39
C GLU B 132 45.35 38.72 43.42
N VAL B 133 45.27 37.51 42.87
CA VAL B 133 46.38 36.56 42.95
C VAL B 133 47.27 36.64 41.72
N TYR B 134 46.70 36.50 40.53
CA TYR B 134 47.47 36.43 39.30
C TYR B 134 47.29 37.62 38.38
N LEU B 135 46.18 38.36 38.49
CA LEU B 135 45.93 39.48 37.58
C LEU B 135 46.61 40.75 38.07
N LYS B 136 46.44 41.08 39.35
CA LYS B 136 47.01 42.30 39.90
C LYS B 136 48.55 42.37 39.96
N PRO B 137 49.31 41.35 40.37
CA PRO B 137 50.77 41.48 40.33
C PRO B 137 51.40 41.25 38.96
N TYR B 138 50.62 41.18 37.88
CA TYR B 138 51.16 40.92 36.55
C TYR B 138 51.00 42.08 35.58
N PHE B 139 49.94 42.87 35.71
CA PHE B 139 49.67 43.93 34.74
C PHE B 139 50.46 45.19 35.06
N LEU B 140 50.70 45.99 34.03
CA LEU B 140 51.52 47.19 34.07
C LEU B 140 50.79 48.36 33.38
N GLU B 141 49.55 48.58 33.84
CA GLU B 141 48.62 49.62 33.38
C GLU B 141 48.22 49.42 31.92
N ALA B 142 47.85 48.20 31.57
CA ALA B 142 47.11 47.88 30.34
C ALA B 142 45.99 46.94 30.78
N TYR B 143 44.79 47.49 30.95
CA TYR B 143 43.75 46.82 31.72
C TYR B 143 42.85 45.93 30.86
N ARG B 144 43.48 45.08 30.04
CA ARG B 144 42.91 43.99 29.24
C ARG B 144 41.73 44.40 28.39
N PRO B 145 41.93 45.18 27.32
CA PRO B 145 40.78 45.63 26.50
C PRO B 145 40.45 44.63 25.40
N ILE B 146 39.86 43.50 25.80
CA ILE B 146 39.66 42.37 24.92
C ILE B 146 38.16 42.20 24.68
N ARG B 147 37.82 41.42 23.65
CA ARG B 147 36.43 41.09 23.33
C ARG B 147 35.79 40.29 24.47
N LYS B 148 34.53 40.62 24.77
CA LYS B 148 33.79 39.96 25.83
C LYS B 148 33.46 38.52 25.45
N GLY B 149 34.32 37.59 25.87
CA GLY B 149 34.18 36.19 25.50
C GLY B 149 35.51 35.60 25.12
N ASP B 150 36.53 36.45 24.99
CA ASP B 150 37.88 36.00 24.66
C ASP B 150 38.65 35.62 25.92
N ILE B 151 39.77 34.93 25.72
CA ILE B 151 40.54 34.39 26.84
C ILE B 151 41.89 35.06 26.93
N PHE B 152 42.66 34.70 27.96
CA PHE B 152 44.05 35.09 28.18
C PHE B 152 44.64 34.19 29.26
N LEU B 153 45.83 33.67 29.01
CA LEU B 153 46.50 32.79 29.96
C LEU B 153 47.48 33.59 30.81
N VAL B 154 47.35 33.45 32.14
CA VAL B 154 48.24 34.08 33.10
C VAL B 154 48.16 33.31 34.41
N HIS B 155 49.32 33.07 35.01
CA HIS B 155 49.44 32.52 36.35
C HIS B 155 50.84 32.88 36.85
N GLY B 156 51.01 32.83 38.17
CA GLY B 156 52.32 33.07 38.77
C GLY B 156 53.33 31.99 38.47
N GLY B 157 53.04 30.75 38.90
CA GLY B 157 53.98 29.66 38.73
C GLY B 157 53.87 28.90 37.42
N MET B 158 52.69 28.34 37.15
CA MET B 158 52.51 27.50 35.97
C MET B 158 52.41 28.30 34.69
N ARG B 159 51.86 29.52 34.76
CA ARG B 159 51.72 30.48 33.66
C ARG B 159 50.89 29.93 32.50
N ALA B 160 49.91 29.07 32.79
CA ALA B 160 49.04 28.52 31.76
C ALA B 160 47.60 28.43 32.26
N VAL B 161 47.11 29.47 32.93
CA VAL B 161 45.76 29.47 33.49
C VAL B 161 44.94 30.53 32.78
N GLU B 162 43.86 30.09 32.13
CA GLU B 162 43.01 30.95 31.32
C GLU B 162 41.76 31.38 32.09
N PHE B 163 41.12 32.43 31.59
CA PHE B 163 39.85 32.93 32.12
C PHE B 163 38.95 33.36 30.97
N LYS B 164 37.70 33.67 31.28
CA LYS B 164 36.70 34.06 30.30
C LYS B 164 35.98 35.31 30.76
N VAL B 165 35.73 36.22 29.82
CA VAL B 165 35.06 37.49 30.12
C VAL B 165 33.55 37.22 30.17
N VAL B 166 32.95 37.49 31.34
CA VAL B 166 31.52 37.31 31.51
C VAL B 166 30.81 38.58 31.95
N GLU B 167 31.52 39.58 32.47
CA GLU B 167 30.90 40.81 32.95
C GLU B 167 30.90 41.83 31.82
N THR B 168 29.73 42.41 31.54
CA THR B 168 29.51 43.23 30.36
C THR B 168 29.01 44.61 30.74
N ASP B 169 29.69 45.25 31.71
CA ASP B 169 29.40 46.65 32.02
C ASP B 169 29.70 47.61 30.88
N PRO B 170 30.84 47.55 30.16
CA PRO B 170 30.91 48.39 28.96
C PRO B 170 30.50 47.67 27.69
N SER B 171 29.77 48.39 26.84
CA SER B 171 29.35 47.87 25.54
C SER B 171 30.45 47.97 24.47
N PRO B 172 31.18 49.13 24.25
CA PRO B 172 32.31 49.04 23.30
C PRO B 172 33.58 48.54 23.97
N TYR B 173 34.69 48.54 23.22
CA TYR B 173 35.98 48.12 23.75
C TYR B 173 36.49 49.17 24.73
N CYS B 174 36.59 48.80 26.00
CA CYS B 174 36.95 49.74 27.06
C CYS B 174 37.94 49.10 28.01
N ILE B 175 38.91 49.90 28.46
CA ILE B 175 39.77 49.50 29.56
C ILE B 175 39.01 49.71 30.87
N VAL B 176 39.46 49.07 31.93
CA VAL B 176 38.81 49.18 33.22
C VAL B 176 39.72 49.96 34.17
N ALA B 177 39.11 50.50 35.22
CA ALA B 177 39.89 51.21 36.23
C ALA B 177 40.65 50.20 37.09
N PRO B 178 41.89 50.51 37.47
CA PRO B 178 42.63 49.62 38.37
C PRO B 178 42.07 49.64 39.78
N ASP B 179 42.33 48.54 40.50
CA ASP B 179 41.89 48.31 41.90
C ASP B 179 40.37 48.39 42.04
N THR B 180 39.65 47.75 41.12
CA THR B 180 38.21 47.67 41.17
C THR B 180 37.78 46.25 41.57
N VAL B 181 36.66 46.16 42.26
CA VAL B 181 36.17 44.89 42.77
C VAL B 181 34.69 44.73 42.40
N ILE B 182 34.32 43.52 41.97
CA ILE B 182 32.93 43.16 41.70
C ILE B 182 32.65 41.85 42.44
N HIS B 183 31.47 41.28 42.21
CA HIS B 183 31.11 40.01 42.84
C HIS B 183 31.96 38.87 42.29
N CYS B 184 32.46 38.04 43.19
CA CYS B 184 33.36 36.93 42.84
C CYS B 184 32.65 35.59 42.89
N GLU B 185 31.39 35.53 42.45
CA GLU B 185 30.59 34.32 42.48
C GLU B 185 30.68 33.51 41.20
N GLY B 186 31.64 33.82 40.33
CA GLY B 186 31.80 33.07 39.10
C GLY B 186 32.44 31.71 39.36
N GLU B 187 31.94 30.69 38.65
CA GLU B 187 32.40 29.33 38.81
C GLU B 187 32.93 28.78 37.49
N PRO B 188 33.96 27.94 37.52
CA PRO B 188 34.46 27.33 36.29
C PRO B 188 33.48 26.32 35.71
N ILE B 189 33.54 26.15 34.39
CA ILE B 189 32.63 25.25 33.68
C ILE B 189 33.41 24.15 32.98
N LYS B 190 34.25 24.52 32.02
CA LYS B 190 34.89 23.54 31.15
C LYS B 190 36.26 24.02 30.70
N ARG B 191 37.05 23.07 30.20
CA ARG B 191 38.32 23.32 29.54
C ARG B 191 38.21 23.31 28.02
N GLU B 192 37.42 22.39 27.46
CA GLU B 192 37.28 22.23 26.02
C GLU B 192 36.36 23.27 25.39
N ASP B 193 35.74 24.14 26.19
CA ASP B 193 34.84 25.16 25.66
C ASP B 193 35.57 26.23 24.86
N GLU B 194 36.86 26.46 25.14
CA GLU B 194 37.67 27.33 24.29
C GLU B 194 37.88 26.70 22.91
N GLU B 195 38.17 25.40 22.87
CA GLU B 195 38.32 24.72 21.59
C GLU B 195 36.97 24.55 20.88
N GLU B 196 35.90 24.36 21.64
CA GLU B 196 34.57 24.19 21.05
C GLU B 196 33.88 25.51 20.73
N SER B 197 34.43 26.63 21.19
CA SER B 197 33.91 27.93 20.75
C SER B 197 34.18 28.14 19.27
N LEU B 198 35.37 27.79 18.82
CA LEU B 198 35.61 27.66 17.38
C LEU B 198 34.96 26.39 16.84
N ASN B 199 35.09 25.29 17.60
CA ASN B 199 34.86 23.91 17.12
C ASN B 199 35.64 23.62 15.84
N GLU B 200 36.91 24.07 15.86
CA GLU B 200 37.91 23.81 14.82
C GLU B 200 37.48 24.33 13.44
N VAL B 201 37.23 25.63 13.38
CA VAL B 201 36.99 26.31 12.12
C VAL B 201 38.33 26.65 11.48
N GLY B 202 38.54 26.16 10.27
CA GLY B 202 39.70 26.51 9.49
C GLY B 202 39.67 25.77 8.17
N TYR B 203 40.13 26.43 7.11
CA TYR B 203 40.21 25.76 5.82
C TYR B 203 41.31 24.71 5.82
N ASP B 204 42.37 24.93 6.59
CA ASP B 204 43.31 23.86 6.89
C ASP B 204 42.68 22.84 7.82
N ASP B 205 41.81 23.30 8.73
CA ASP B 205 41.17 22.39 9.68
C ASP B 205 40.12 21.52 9.02
N ILE B 206 39.44 22.03 8.01
CA ILE B 206 38.49 21.22 7.26
C ILE B 206 39.27 20.32 6.31
N GLY B 207 38.69 19.16 5.98
CA GLY B 207 39.35 18.22 5.11
C GLY B 207 39.41 18.69 3.67
N GLY B 208 38.25 18.71 3.03
CA GLY B 208 38.13 19.40 1.76
C GLY B 208 38.37 18.59 0.51
N CYS B 209 37.31 18.43 -0.29
CA CYS B 209 37.46 18.14 -1.71
C CYS B 209 37.57 19.52 -2.37
N ARG B 210 38.82 19.89 -2.71
CA ARG B 210 39.21 21.30 -2.88
C ARG B 210 38.53 21.98 -4.05
N LYS B 211 38.04 21.23 -5.04
CA LYS B 211 37.28 21.83 -6.13
C LYS B 211 35.94 22.36 -5.65
N GLN B 212 35.11 21.47 -5.08
CA GLN B 212 33.80 21.84 -4.58
C GLN B 212 33.90 22.80 -3.41
N LEU B 213 34.92 22.63 -2.57
CA LEU B 213 35.21 23.61 -1.52
C LEU B 213 35.61 24.95 -2.11
N ALA B 214 36.26 24.97 -3.27
CA ALA B 214 36.60 26.24 -3.90
C ALA B 214 35.36 26.93 -4.46
N GLN B 215 34.43 26.19 -5.08
CA GLN B 215 33.21 26.87 -5.56
C GLN B 215 32.32 27.33 -4.41
N ILE B 216 32.23 26.56 -3.32
CA ILE B 216 31.41 27.03 -2.21
C ILE B 216 32.10 28.19 -1.48
N LYS B 217 33.45 28.21 -1.47
CA LYS B 217 34.19 29.32 -0.88
C LYS B 217 33.99 30.58 -1.70
N GLU B 218 33.95 30.46 -3.02
CA GLU B 218 33.66 31.60 -3.88
C GLU B 218 32.23 32.10 -3.69
N MET B 219 31.26 31.18 -3.70
CA MET B 219 29.85 31.58 -3.70
C MET B 219 29.33 31.97 -2.32
N VAL B 220 30.14 31.81 -1.26
CA VAL B 220 29.85 32.49 -0.01
C VAL B 220 30.78 33.69 0.23
N GLU B 221 32.00 33.67 -0.32
CA GLU B 221 32.93 34.76 -0.08
C GLU B 221 32.56 36.00 -0.87
N LEU B 222 31.90 35.86 -2.01
CA LEU B 222 31.40 37.06 -2.67
C LEU B 222 30.18 37.65 -1.95
N PRO B 223 29.29 36.87 -1.31
CA PRO B 223 28.44 37.48 -0.27
C PRO B 223 29.20 38.09 0.89
N LEU B 224 30.34 37.51 1.28
CA LEU B 224 31.09 38.03 2.42
C LEU B 224 31.71 39.39 2.10
N ARG B 225 31.55 40.32 3.04
CA ARG B 225 32.29 41.58 3.16
C ARG B 225 31.94 42.62 2.11
N HIS B 226 31.11 42.24 1.12
CA HIS B 226 30.68 43.15 0.05
C HIS B 226 29.17 43.08 -0.09
N PRO B 227 28.41 43.74 0.80
CA PRO B 227 26.95 43.75 0.64
C PRO B 227 26.51 44.67 -0.49
N ALA B 228 27.27 45.73 -0.73
CA ALA B 228 26.96 46.69 -1.76
C ALA B 228 27.29 46.19 -3.17
N LEU B 229 28.09 45.12 -3.28
CA LEU B 229 28.36 44.53 -4.58
C LEU B 229 27.14 43.81 -5.13
N PHE B 230 26.21 43.40 -4.26
CA PHE B 230 24.93 42.88 -4.72
C PHE B 230 24.07 43.93 -5.39
N LYS B 231 24.27 45.21 -5.06
CA LYS B 231 23.59 46.28 -5.78
C LYS B 231 24.23 46.50 -7.16
N ALA B 232 25.51 46.15 -7.30
CA ALA B 232 26.19 46.31 -8.59
C ALA B 232 25.68 45.30 -9.61
N ILE B 233 25.61 44.02 -9.22
CA ILE B 233 25.05 43.00 -10.09
C ILE B 233 23.52 43.16 -10.20
N GLY B 234 22.86 43.48 -9.09
CA GLY B 234 21.41 43.58 -9.06
C GLY B 234 20.69 42.26 -8.86
N VAL B 235 21.34 41.13 -9.14
CA VAL B 235 20.77 39.80 -8.97
C VAL B 235 21.62 39.07 -7.95
N LYS B 236 20.96 38.37 -7.02
CA LYS B 236 21.66 37.60 -5.99
C LYS B 236 21.49 36.11 -6.27
N PRO B 237 22.51 35.44 -6.78
CA PRO B 237 22.45 33.96 -6.94
C PRO B 237 22.36 33.21 -5.61
N PRO B 238 23.11 33.58 -4.50
CA PRO B 238 22.87 32.79 -3.27
C PRO B 238 21.58 33.17 -2.56
N ARG B 239 20.58 32.30 -2.68
CA ARG B 239 19.40 32.34 -1.83
C ARG B 239 19.14 31.01 -1.16
N GLY B 240 19.96 29.99 -1.45
CA GLY B 240 19.83 28.69 -0.85
C GLY B 240 20.73 27.68 -1.55
N ILE B 241 21.40 26.84 -0.77
CA ILE B 241 22.40 25.92 -1.31
C ILE B 241 22.10 24.53 -0.77
N LEU B 242 21.89 23.56 -1.66
CA LEU B 242 21.81 22.17 -1.25
C LEU B 242 23.22 21.58 -1.17
N LEU B 243 23.39 20.64 -0.25
CA LEU B 243 24.66 19.95 -0.05
C LEU B 243 24.42 18.47 -0.30
N TYR B 244 24.65 18.03 -1.53
CA TYR B 244 24.50 16.62 -1.87
C TYR B 244 25.75 15.85 -1.46
N GLY B 245 25.54 14.71 -0.82
CA GLY B 245 26.64 13.85 -0.44
C GLY B 245 26.17 12.71 0.45
N PRO B 246 26.90 11.59 0.43
CA PRO B 246 26.65 10.54 1.41
C PRO B 246 27.04 11.01 2.80
N PRO B 247 26.39 10.49 3.84
CA PRO B 247 26.71 10.93 5.20
C PRO B 247 28.07 10.44 5.67
N GLY B 248 28.63 11.17 6.62
CA GLY B 248 29.97 10.90 7.09
C GLY B 248 31.06 11.69 6.40
N THR B 249 30.69 12.64 5.55
CA THR B 249 31.65 13.39 4.76
C THR B 249 32.03 14.74 5.36
N GLY B 250 31.57 15.04 6.57
CA GLY B 250 31.83 16.35 7.13
C GLY B 250 30.91 17.43 6.62
N LYS B 251 29.71 17.05 6.16
CA LYS B 251 28.75 18.00 5.61
C LYS B 251 28.28 18.99 6.67
N THR B 252 28.11 18.51 7.91
CA THR B 252 27.78 19.40 9.01
C THR B 252 28.99 20.15 9.54
N LEU B 253 30.21 19.78 9.13
CA LEU B 253 31.38 20.59 9.44
C LEU B 253 31.84 21.45 8.28
N ILE B 254 31.41 21.15 7.05
CA ILE B 254 31.75 21.99 5.91
C ILE B 254 31.09 23.37 6.03
N ALA B 255 29.81 23.40 6.41
CA ALA B 255 29.13 24.67 6.62
C ALA B 255 29.67 25.39 7.86
N ARG B 256 30.07 24.64 8.87
CA ARG B 256 30.69 25.23 10.06
C ARG B 256 32.05 25.86 9.71
N ALA B 257 32.79 25.25 8.79
CA ALA B 257 34.06 25.81 8.35
C ALA B 257 33.87 26.99 7.40
N VAL B 258 32.80 26.97 6.60
CA VAL B 258 32.47 28.13 5.77
C VAL B 258 32.10 29.32 6.64
N ALA B 259 31.31 29.09 7.69
CA ALA B 259 31.12 30.10 8.72
C ALA B 259 32.40 30.27 9.53
N ASN B 260 32.49 31.43 10.20
CA ASN B 260 33.53 31.83 11.15
C ASN B 260 34.92 32.03 10.53
N GLU B 261 35.08 31.70 9.24
CA GLU B 261 36.10 32.29 8.40
C GLU B 261 35.57 33.55 7.74
N THR B 262 34.25 33.57 7.52
CA THR B 262 33.56 34.78 7.13
C THR B 262 33.29 35.65 8.36
N GLY B 263 32.60 35.08 9.35
CA GLY B 263 32.26 35.77 10.57
C GLY B 263 30.82 36.23 10.59
N ALA B 264 29.96 35.44 11.22
CA ALA B 264 28.51 35.67 11.23
C ALA B 264 27.91 34.85 12.36
N PHE B 265 26.59 34.71 12.35
CA PHE B 265 25.87 33.85 13.27
C PHE B 265 25.57 32.53 12.56
N PHE B 266 26.02 31.42 13.14
CA PHE B 266 25.93 30.14 12.43
C PHE B 266 24.54 29.53 12.58
N PHE B 267 24.16 29.16 13.81
CA PHE B 267 22.80 28.80 14.24
C PHE B 267 22.23 27.62 13.45
N LEU B 268 22.84 26.45 13.67
CA LEU B 268 22.32 25.24 13.04
C LEU B 268 20.98 24.85 13.65
N ILE B 269 20.13 24.27 12.82
CA ILE B 269 18.96 23.52 13.27
C ILE B 269 19.10 22.10 12.75
N ASN B 270 18.78 21.13 13.60
CA ASN B 270 18.92 19.75 13.21
C ASN B 270 17.62 19.22 12.61
N GLY B 271 17.70 18.01 12.07
CA GLY B 271 16.56 17.34 11.47
C GLY B 271 15.43 17.03 12.43
N PRO B 272 15.66 16.10 13.38
CA PRO B 272 14.56 15.71 14.28
C PRO B 272 14.21 16.73 15.35
N GLU B 273 14.93 17.86 15.46
CA GLU B 273 14.63 18.83 16.50
C GLU B 273 13.30 19.53 16.29
N ILE B 274 12.95 19.84 15.03
CA ILE B 274 11.62 20.36 14.73
C ILE B 274 10.57 19.26 14.90
N MET B 275 10.89 18.05 14.45
CA MET B 275 9.94 16.94 14.49
C MET B 275 9.67 16.43 15.90
N SER B 276 10.52 16.77 16.87
CA SER B 276 10.33 16.31 18.24
C SER B 276 9.19 17.01 18.97
N LYS B 277 8.77 18.17 18.50
CA LYS B 277 7.75 18.93 19.21
C LYS B 277 6.36 18.39 18.88
N LEU B 278 5.43 18.62 19.82
CA LEU B 278 4.10 17.99 19.78
C LEU B 278 3.23 18.44 18.61
N ALA B 279 2.76 19.69 18.64
CA ALA B 279 1.82 20.20 17.65
C ALA B 279 1.71 21.72 17.73
N GLY B 280 2.01 22.41 16.65
CA GLY B 280 1.90 23.86 16.59
C GLY B 280 3.13 24.62 17.06
N GLU B 281 3.76 24.13 18.13
CA GLU B 281 5.02 24.71 18.60
C GLU B 281 6.22 24.25 17.78
N SER B 282 6.02 23.32 16.85
CA SER B 282 7.04 23.03 15.85
C SER B 282 7.28 24.22 14.94
N GLU B 283 6.24 25.02 14.70
CA GLU B 283 6.39 26.28 13.98
C GLU B 283 7.25 27.25 14.77
N SER B 284 7.12 27.25 16.10
CA SER B 284 8.06 27.97 16.94
C SER B 284 9.42 27.29 16.89
N ASN B 285 10.47 28.13 17.04
CA ASN B 285 11.89 27.81 16.88
C ASN B 285 12.26 27.38 15.46
N LEU B 286 11.35 27.54 14.49
CA LEU B 286 11.66 27.39 13.08
C LEU B 286 11.36 28.67 12.32
N ARG B 287 10.15 29.22 12.49
CA ARG B 287 9.92 30.60 12.09
C ARG B 287 10.73 31.55 12.96
N LYS B 288 10.74 31.29 14.27
CA LYS B 288 11.53 32.06 15.24
C LYS B 288 13.01 32.01 14.92
N ALA B 289 13.48 30.90 14.35
CA ALA B 289 14.82 30.83 13.78
C ALA B 289 15.00 31.81 12.63
N PHE B 290 13.95 32.01 11.82
CA PHE B 290 14.09 32.89 10.66
C PHE B 290 14.07 34.36 11.03
N GLU B 291 13.29 34.78 12.04
CA GLU B 291 13.57 36.15 12.49
C GLU B 291 14.75 36.23 13.46
N GLU B 292 15.27 35.10 13.95
CA GLU B 292 16.54 35.13 14.66
C GLU B 292 17.68 35.41 13.70
N ALA B 293 17.59 34.89 12.48
CA ALA B 293 18.55 35.23 11.44
C ALA B 293 18.40 36.67 10.97
N GLU B 294 17.22 37.27 11.16
CA GLU B 294 17.02 38.66 10.79
C GLU B 294 17.75 39.63 11.71
N LYS B 295 18.15 39.19 12.89
CA LYS B 295 18.87 40.06 13.82
C LYS B 295 20.27 40.37 13.33
N ASN B 296 20.92 39.40 12.70
CA ASN B 296 22.27 39.58 12.18
C ASN B 296 22.21 39.90 10.70
N ALA B 297 22.95 40.92 10.27
CA ALA B 297 22.92 41.29 8.86
C ALA B 297 23.78 40.33 8.01
N PRO B 298 24.96 39.82 8.46
CA PRO B 298 25.45 38.57 7.84
C PRO B 298 24.69 37.38 8.42
N ALA B 299 23.76 36.84 7.63
CA ALA B 299 22.81 35.85 8.12
C ALA B 299 23.08 34.52 7.45
N ILE B 300 23.56 33.56 8.24
CA ILE B 300 23.79 32.19 7.81
C ILE B 300 22.89 31.29 8.64
N ILE B 301 22.20 30.36 7.97
CA ILE B 301 21.50 29.27 8.66
C ILE B 301 21.88 27.96 8.00
N PHE B 302 21.89 26.89 8.79
CA PHE B 302 22.16 25.55 8.29
C PHE B 302 21.10 24.61 8.81
N ILE B 303 20.51 23.83 7.92
CA ILE B 303 19.45 22.90 8.26
C ILE B 303 19.99 21.50 8.03
N ASP B 304 20.35 20.80 9.10
CA ASP B 304 20.82 19.43 8.99
C ASP B 304 19.65 18.51 8.67
N GLU B 305 19.90 17.55 7.77
CA GLU B 305 19.03 16.41 7.44
C GLU B 305 17.65 16.89 6.94
N LEU B 306 17.68 17.55 5.78
CA LEU B 306 16.47 18.12 5.19
C LEU B 306 15.48 17.05 4.74
N ASP B 307 15.95 15.83 4.47
CA ASP B 307 15.04 14.73 4.13
C ASP B 307 14.17 14.33 5.31
N ALA B 308 14.66 14.52 6.54
CA ALA B 308 13.83 14.28 7.72
C ALA B 308 12.70 15.29 7.83
N ILE B 309 12.94 16.54 7.44
CA ILE B 309 11.88 17.53 7.45
C ILE B 309 10.96 17.33 6.25
N ALA B 310 11.54 17.30 5.04
CA ALA B 310 10.74 17.33 3.80
C ALA B 310 11.07 16.17 2.88
N PRO B 311 10.43 15.02 3.06
CA PRO B 311 10.36 14.03 1.98
C PRO B 311 9.21 14.33 1.03
N LYS B 312 8.91 13.42 0.12
CA LYS B 312 7.90 13.65 -0.89
C LYS B 312 6.49 13.65 -0.29
N ARG B 313 5.54 14.18 -1.07
CA ARG B 313 4.15 14.26 -0.61
C ARG B 313 3.50 12.89 -0.54
N GLU B 314 3.79 12.01 -1.51
CA GLU B 314 3.36 10.63 -1.41
C GLU B 314 4.17 9.85 -0.39
N LYS B 315 5.36 10.33 -0.03
CA LYS B 315 6.20 9.64 0.93
C LYS B 315 5.67 9.76 2.34
N THR B 316 4.93 10.83 2.63
CA THR B 316 4.49 11.16 3.97
C THR B 316 3.12 10.56 4.28
N HIS B 317 2.90 10.24 5.54
CA HIS B 317 1.60 9.87 6.07
C HIS B 317 1.34 10.67 7.33
N GLY B 318 0.28 11.47 7.32
CA GLY B 318 -0.06 12.36 8.41
C GLY B 318 -0.36 13.74 7.89
N GLU B 319 -0.45 14.70 8.82
CA GLU B 319 -0.79 16.07 8.42
C GLU B 319 0.14 17.09 9.06
N VAL B 320 0.74 16.73 10.19
CA VAL B 320 1.62 17.66 10.91
C VAL B 320 2.91 17.89 10.14
N GLU B 321 3.45 16.83 9.53
CA GLU B 321 4.66 16.97 8.73
C GLU B 321 4.40 17.72 7.43
N ARG B 322 3.16 17.65 6.91
CA ARG B 322 2.80 18.49 5.78
C ARG B 322 2.74 19.95 6.17
N ARG B 323 2.27 20.23 7.40
CA ARG B 323 2.29 21.59 7.93
C ARG B 323 3.72 22.09 8.11
N ILE B 324 4.62 21.20 8.53
CA ILE B 324 6.03 21.57 8.72
C ILE B 324 6.69 21.85 7.37
N VAL B 325 6.37 21.05 6.35
CA VAL B 325 6.87 21.27 4.99
C VAL B 325 6.36 22.59 4.44
N SER B 326 5.06 22.88 4.66
CA SER B 326 4.46 24.12 4.21
C SER B 326 5.08 25.33 4.90
N GLN B 327 5.34 25.22 6.21
CA GLN B 327 6.03 26.28 6.94
C GLN B 327 7.45 26.47 6.43
N LEU B 328 8.11 25.38 6.04
CA LEU B 328 9.47 25.43 5.52
C LEU B 328 9.53 26.20 4.19
N LEU B 329 8.62 25.91 3.26
CA LEU B 329 8.75 26.70 2.03
C LEU B 329 8.12 28.08 2.12
N THR B 330 7.24 28.35 3.11
CA THR B 330 6.87 29.76 3.32
C THR B 330 8.02 30.55 3.89
N LEU B 331 8.84 29.93 4.74
CA LEU B 331 10.04 30.63 5.21
C LEU B 331 11.07 30.77 4.10
N MET B 332 11.16 29.77 3.21
CA MET B 332 12.11 29.85 2.11
C MET B 332 11.67 30.81 1.02
N ASP B 333 10.37 31.08 0.89
CA ASP B 333 9.91 32.16 0.03
C ASP B 333 9.77 33.48 0.77
N GLY B 334 9.88 33.47 2.09
CA GLY B 334 9.82 34.68 2.88
C GLY B 334 11.15 35.34 3.13
N LEU B 335 12.24 34.78 2.59
CA LEU B 335 13.55 35.40 2.75
C LEU B 335 13.84 36.44 1.67
N LYS B 336 12.93 36.61 0.72
CA LYS B 336 13.15 37.57 -0.36
C LYS B 336 13.03 39.00 0.16
N GLN B 337 13.95 39.85 -0.32
CA GLN B 337 14.06 41.27 0.03
C GLN B 337 14.18 41.47 1.54
N ARG B 338 15.04 40.67 2.17
CA ARG B 338 15.20 40.70 3.63
C ARG B 338 16.68 40.65 4.01
N ALA B 339 17.48 41.46 3.31
CA ALA B 339 18.77 41.99 3.78
C ALA B 339 19.80 40.88 4.08
N HIS B 340 20.24 40.24 2.99
CA HIS B 340 21.48 39.45 2.94
C HIS B 340 21.42 38.22 3.87
N VAL B 341 20.52 37.30 3.54
CA VAL B 341 20.36 36.05 4.26
C VAL B 341 20.87 34.91 3.38
N ILE B 342 21.55 33.94 3.99
CA ILE B 342 22.17 32.83 3.29
C ILE B 342 21.71 31.53 3.95
N VAL B 343 21.22 30.60 3.13
CA VAL B 343 20.64 29.34 3.60
C VAL B 343 21.45 28.18 3.02
N MET B 344 21.86 27.25 3.88
CA MET B 344 22.32 25.95 3.44
C MET B 344 21.51 24.85 4.12
N ALA B 345 21.49 23.69 3.49
CA ALA B 345 20.78 22.53 4.01
C ALA B 345 21.59 21.27 3.75
N ALA B 346 21.28 20.23 4.50
CA ALA B 346 21.98 18.95 4.41
C ALA B 346 21.03 17.87 3.91
N THR B 347 21.51 17.05 2.98
CA THR B 347 20.71 15.98 2.43
C THR B 347 21.59 14.83 2.00
N ASN B 348 20.97 13.68 1.77
CA ASN B 348 21.66 12.50 1.26
C ASN B 348 21.55 12.39 -0.25
N ARG B 349 20.35 12.46 -0.79
CA ARG B 349 20.12 12.37 -2.23
C ARG B 349 19.14 13.48 -2.64
N PRO B 350 19.28 14.01 -3.86
CA PRO B 350 18.38 15.09 -4.27
C PRO B 350 16.97 14.63 -4.58
N ASN B 351 16.78 13.37 -4.96
CA ASN B 351 15.44 12.86 -5.16
C ASN B 351 14.79 12.37 -3.86
N SER B 352 15.54 12.34 -2.77
CA SER B 352 14.95 12.01 -1.47
C SER B 352 14.06 13.13 -0.98
N ILE B 353 14.44 14.38 -1.24
CA ILE B 353 13.65 15.53 -0.82
C ILE B 353 12.54 15.76 -1.83
N ASP B 354 11.61 16.65 -1.49
CA ASP B 354 10.55 17.05 -2.40
C ASP B 354 11.15 17.76 -3.62
N PRO B 355 10.75 17.38 -4.84
CA PRO B 355 11.20 18.14 -6.02
C PRO B 355 10.68 19.56 -6.10
N ALA B 356 9.64 19.91 -5.35
CA ALA B 356 9.23 21.30 -5.24
C ALA B 356 10.24 22.16 -4.49
N LEU B 357 11.10 21.54 -3.67
CA LEU B 357 12.17 22.29 -3.03
C LEU B 357 13.23 22.74 -4.03
N ARG B 358 13.44 21.96 -5.09
CA ARG B 358 14.43 22.26 -6.12
C ARG B 358 13.87 23.12 -7.25
N ARG B 359 12.69 23.70 -7.06
CA ARG B 359 12.16 24.67 -7.99
C ARG B 359 13.05 25.90 -8.02
N PHE B 360 13.39 26.37 -9.23
CA PHE B 360 14.34 27.46 -9.38
C PHE B 360 13.76 28.77 -8.86
N GLY B 361 14.64 29.59 -8.30
CA GLY B 361 14.22 30.66 -7.42
C GLY B 361 14.90 30.46 -6.08
N ARG B 362 14.12 30.07 -5.07
CA ARG B 362 14.70 29.61 -3.81
C ARG B 362 15.46 28.31 -4.02
N PHE B 363 16.52 28.13 -3.21
CA PHE B 363 17.42 26.96 -3.24
C PHE B 363 18.02 26.72 -4.63
N ASP B 364 18.43 27.82 -5.26
CA ASP B 364 18.84 27.77 -6.67
C ASP B 364 20.20 27.09 -6.83
N ARG B 365 21.16 27.45 -5.98
CA ARG B 365 22.48 26.85 -6.06
C ARG B 365 22.45 25.43 -5.50
N GLU B 366 23.20 24.54 -6.14
CA GLU B 366 23.31 23.16 -5.69
C GLU B 366 24.72 22.67 -5.95
N VAL B 367 25.37 22.17 -4.92
CA VAL B 367 26.72 21.64 -5.02
C VAL B 367 26.75 20.22 -4.47
N ASP B 368 27.73 19.46 -4.94
CA ASP B 368 27.96 18.10 -4.47
C ASP B 368 29.20 18.07 -3.60
N ILE B 369 29.29 17.03 -2.78
CA ILE B 369 30.46 16.85 -1.93
C ILE B 369 31.13 15.54 -2.31
N GLY B 370 30.40 14.43 -2.18
CA GLY B 370 30.92 13.14 -2.55
C GLY B 370 31.92 12.60 -1.54
N ILE B 371 32.46 11.43 -1.86
CA ILE B 371 33.46 10.79 -1.03
C ILE B 371 34.80 11.49 -1.27
N PRO B 372 35.74 11.43 -0.33
CA PRO B 372 37.09 11.95 -0.61
C PRO B 372 37.80 11.12 -1.67
N ASP B 373 38.73 11.76 -2.36
CA ASP B 373 39.46 11.14 -3.45
C ASP B 373 40.61 10.30 -2.90
N ALA B 374 41.48 9.83 -3.80
CA ALA B 374 42.65 9.05 -3.40
C ALA B 374 43.64 9.89 -2.61
N THR B 375 43.80 11.16 -2.98
CA THR B 375 44.67 12.05 -2.21
C THR B 375 43.97 12.69 -1.03
N GLY B 376 42.67 13.00 -1.15
CA GLY B 376 41.96 13.70 -0.09
C GLY B 376 41.82 12.88 1.18
N ARG B 377 41.79 11.55 1.04
CA ARG B 377 41.92 10.66 2.18
C ARG B 377 43.27 10.83 2.87
N LEU B 378 44.33 11.11 2.09
CA LEU B 378 45.63 11.33 2.73
C LEU B 378 45.67 12.65 3.48
N GLU B 379 45.14 13.75 2.90
CA GLU B 379 45.16 14.99 3.68
C GLU B 379 44.23 14.94 4.90
N ILE B 380 43.09 14.25 4.82
CA ILE B 380 42.28 14.13 6.03
C ILE B 380 42.94 13.18 7.03
N LEU B 381 43.81 12.28 6.58
CA LEU B 381 44.60 11.49 7.52
C LEU B 381 45.62 12.35 8.26
N GLN B 382 46.31 13.27 7.58
CA GLN B 382 47.20 14.17 8.35
C GLN B 382 46.41 15.15 9.21
N ILE B 383 45.21 15.53 8.78
CA ILE B 383 44.38 16.43 9.58
C ILE B 383 43.92 15.75 10.87
N HIS B 384 43.47 14.50 10.78
CA HIS B 384 43.09 13.80 12.01
C HIS B 384 44.29 13.32 12.82
N THR B 385 45.49 13.30 12.25
CA THR B 385 46.68 13.08 13.07
C THR B 385 47.44 14.37 13.37
N LYS B 386 46.82 15.55 13.18
CA LYS B 386 47.38 16.78 13.75
C LYS B 386 47.41 16.71 15.27
N ASN B 387 46.32 16.27 15.89
CA ASN B 387 46.24 16.17 17.33
C ASN B 387 46.82 14.85 17.84
N MET B 388 47.10 13.90 16.95
CA MET B 388 47.67 12.62 17.32
C MET B 388 49.18 12.63 17.12
N LYS B 389 49.86 11.76 17.85
CA LYS B 389 51.30 11.56 17.70
C LYS B 389 51.51 10.16 17.15
N LEU B 390 52.42 10.04 16.19
CA LEU B 390 52.69 8.77 15.54
C LEU B 390 54.14 8.36 15.81
N ALA B 391 54.44 7.11 15.45
CA ALA B 391 55.78 6.58 15.62
C ALA B 391 56.73 6.96 14.48
N ASP B 392 56.21 7.62 13.44
CA ASP B 392 56.91 8.20 12.29
C ASP B 392 57.56 7.17 11.37
N ASP B 393 57.41 5.88 11.63
CA ASP B 393 57.91 4.87 10.70
C ASP B 393 56.91 4.60 9.59
N VAL B 394 55.68 5.07 9.72
CA VAL B 394 54.64 4.85 8.74
C VAL B 394 54.65 6.02 7.74
N ASP B 395 54.29 5.70 6.49
CA ASP B 395 54.20 6.71 5.44
C ASP B 395 52.78 7.20 5.22
N LEU B 396 51.79 6.36 5.55
CA LEU B 396 50.34 6.61 5.52
C LEU B 396 49.74 6.81 4.15
N GLU B 397 50.56 6.87 3.09
CA GLU B 397 50.03 7.00 1.74
C GLU B 397 49.92 5.66 1.04
N GLN B 398 50.81 4.71 1.37
CA GLN B 398 50.56 3.32 1.00
C GLN B 398 49.38 2.76 1.77
N VAL B 399 49.20 3.20 3.02
CA VAL B 399 48.11 2.72 3.85
C VAL B 399 46.78 3.24 3.33
N ALA B 400 46.71 4.52 2.96
CA ALA B 400 45.48 5.09 2.47
C ALA B 400 45.18 4.73 1.03
N ASN B 401 46.11 4.08 0.33
CA ASN B 401 45.87 3.69 -1.05
C ASN B 401 44.85 2.56 -1.13
N GLU B 402 44.85 1.65 -0.17
CA GLU B 402 43.87 0.57 -0.18
C GLU B 402 42.51 1.01 0.34
N THR B 403 42.43 2.18 0.98
CA THR B 403 41.17 2.68 1.52
C THR B 403 40.28 3.14 0.40
N HIS B 404 39.38 2.27 -0.06
CA HIS B 404 38.55 2.54 -1.22
C HIS B 404 37.20 3.14 -0.83
N GLY B 405 36.43 2.42 -0.02
CA GLY B 405 35.11 2.85 0.35
C GLY B 405 35.06 3.58 1.68
N HIS B 406 36.02 4.47 1.92
CA HIS B 406 36.15 5.20 3.17
C HIS B 406 35.62 6.61 3.02
N VAL B 407 35.24 7.20 4.15
CA VAL B 407 34.78 8.59 4.17
C VAL B 407 35.47 9.20 5.39
N GLY B 408 35.20 10.48 5.68
CA GLY B 408 35.92 11.16 6.75
C GLY B 408 35.62 10.62 8.14
N ALA B 409 34.35 10.30 8.42
CA ALA B 409 34.00 9.68 9.69
C ALA B 409 34.53 8.25 9.76
N ASP B 410 34.57 7.57 8.61
CA ASP B 410 35.19 6.25 8.54
C ASP B 410 36.67 6.29 8.88
N LEU B 411 37.39 7.27 8.33
CA LEU B 411 38.81 7.37 8.62
C LEU B 411 39.06 7.86 10.05
N ALA B 412 38.11 8.61 10.62
CA ALA B 412 38.14 8.89 12.04
C ALA B 412 37.98 7.62 12.86
N ALA B 413 37.12 6.70 12.40
CA ALA B 413 36.98 5.41 13.08
C ALA B 413 38.25 4.56 12.94
N LEU B 414 38.92 4.63 11.78
CA LEU B 414 40.23 3.98 11.62
C LEU B 414 41.28 4.52 12.56
N CYS B 415 41.39 5.85 12.70
CA CYS B 415 42.43 6.40 13.56
C CYS B 415 42.11 6.16 15.04
N SER B 416 40.82 6.20 15.39
CA SER B 416 40.40 5.86 16.76
C SER B 416 40.66 4.39 17.08
N GLU B 417 40.40 3.50 16.13
CA GLU B 417 40.63 2.08 16.39
C GLU B 417 42.11 1.73 16.39
N ALA B 418 42.92 2.45 15.60
CA ALA B 418 44.37 2.27 15.67
C ALA B 418 44.93 2.74 17.01
N ALA B 419 44.40 3.85 17.54
CA ALA B 419 44.78 4.26 18.89
C ALA B 419 44.29 3.28 19.94
N LEU B 420 43.13 2.65 19.70
CA LEU B 420 42.64 1.60 20.58
C LEU B 420 43.56 0.38 20.57
N GLN B 421 44.07 0.03 19.40
CA GLN B 421 45.01 -1.09 19.32
C GLN B 421 46.34 -0.75 19.96
N ALA B 422 46.77 0.51 19.85
CA ALA B 422 47.98 0.95 20.54
C ALA B 422 47.80 0.94 22.05
N ILE B 423 46.59 1.21 22.53
CA ILE B 423 46.26 0.98 23.93
C ILE B 423 46.34 -0.51 24.26
N ARG B 424 45.79 -1.34 23.36
CA ARG B 424 45.69 -2.77 23.61
C ARG B 424 47.04 -3.50 23.55
N LYS B 425 48.06 -2.87 22.96
CA LYS B 425 49.38 -3.49 22.91
C LYS B 425 50.02 -3.54 24.29
N LYS B 426 49.96 -2.42 25.02
CA LYS B 426 50.48 -2.40 26.37
C LYS B 426 49.49 -3.06 27.34
N MET B 427 50.02 -3.50 28.48
CA MET B 427 49.22 -4.19 29.47
C MET B 427 48.27 -3.23 30.18
N ASP B 428 47.09 -3.74 30.53
CA ASP B 428 46.01 -2.91 31.06
C ASP B 428 46.32 -2.51 32.50
N LEU B 429 46.41 -1.20 32.72
CA LEU B 429 46.61 -0.63 34.04
C LEU B 429 45.44 0.28 34.37
N ILE B 430 45.15 0.45 35.66
CA ILE B 430 43.94 1.17 36.07
C ILE B 430 44.12 2.67 35.90
N ASP B 431 45.19 3.23 36.47
CA ASP B 431 45.42 4.67 36.42
C ASP B 431 46.82 5.03 35.93
N LEU B 432 47.61 4.05 35.51
CA LEU B 432 48.96 4.34 35.02
C LEU B 432 49.19 3.71 33.66
N ALA B 439 51.53 6.31 33.88
CA ALA B 439 50.87 7.46 33.28
C ALA B 439 51.67 7.93 32.08
N GLU B 440 52.97 7.62 32.08
CA GLU B 440 53.85 8.02 30.99
C GLU B 440 53.61 7.17 29.74
N VAL B 441 53.10 5.95 29.91
CA VAL B 441 52.79 5.09 28.78
C VAL B 441 51.56 5.62 28.04
N MET B 442 50.67 6.33 28.75
CA MET B 442 49.47 6.90 28.14
C MET B 442 49.81 8.00 27.15
N ASN B 443 50.87 8.77 27.42
CA ASN B 443 51.36 9.74 26.44
C ASN B 443 52.08 9.06 25.28
N SER B 444 52.57 7.83 25.47
CA SER B 444 53.28 7.12 24.42
C SER B 444 52.29 6.48 23.46
N LEU B 445 52.36 6.86 22.19
CA LEU B 445 51.53 6.29 21.13
C LEU B 445 52.43 5.55 20.16
N ALA B 446 52.13 4.28 19.93
CA ALA B 446 53.01 3.39 19.19
C ALA B 446 52.27 2.73 18.04
N VAL B 447 51.54 3.53 17.27
CA VAL B 447 50.88 3.01 16.07
C VAL B 447 51.90 2.78 14.97
N THR B 448 51.80 1.63 14.31
CA THR B 448 52.65 1.27 13.19
C THR B 448 51.79 1.03 11.95
N MET B 449 52.46 0.66 10.85
CA MET B 449 51.73 0.32 9.64
C MET B 449 51.02 -1.03 9.79
N ASP B 450 51.54 -1.93 10.62
CA ASP B 450 50.83 -3.16 10.91
C ASP B 450 49.64 -2.90 11.82
N ASP B 451 49.74 -1.91 12.70
CA ASP B 451 48.62 -1.50 13.52
C ASP B 451 47.50 -0.89 12.68
N PHE B 452 47.86 -0.09 11.68
CA PHE B 452 46.85 0.44 10.76
C PHE B 452 46.31 -0.65 9.84
N ARG B 453 47.14 -1.66 9.54
CA ARG B 453 46.67 -2.82 8.76
C ARG B 453 45.63 -3.61 9.53
N TRP B 454 45.88 -3.84 10.82
CA TRP B 454 44.88 -4.48 11.67
C TRP B 454 43.69 -3.58 11.94
N ALA B 455 43.88 -2.26 11.88
CA ALA B 455 42.76 -1.34 11.98
C ALA B 455 41.85 -1.45 10.76
N LEU B 456 42.43 -1.55 9.57
CA LEU B 456 41.62 -1.75 8.37
C LEU B 456 41.17 -3.20 8.21
N SER B 457 41.65 -4.10 9.07
CA SER B 457 41.08 -5.44 9.17
C SER B 457 39.73 -5.48 9.87
N GLN B 458 39.26 -4.37 10.44
CA GLN B 458 37.88 -4.26 10.90
C GLN B 458 37.17 -3.04 10.32
N SER B 459 37.65 -2.51 9.21
CA SER B 459 37.06 -1.33 8.59
C SER B 459 35.86 -1.72 7.74
N ASN B 460 34.75 -1.01 7.94
CA ASN B 460 33.56 -1.23 7.12
C ASN B 460 33.43 -0.18 6.01
N PRO B 461 33.30 -0.62 4.75
CA PRO B 461 33.18 0.34 3.64
C PRO B 461 31.76 0.87 3.48
N SER B 462 31.44 1.97 4.16
CA SER B 462 30.11 2.56 4.03
C SER B 462 29.92 3.25 2.69
N ALA B 463 31.03 3.65 2.04
CA ALA B 463 30.99 4.27 0.73
C ALA B 463 31.05 3.25 -0.40
N LEU B 464 31.03 1.97 -0.07
CA LEU B 464 30.99 0.92 -1.08
C LEU B 464 29.64 0.91 -1.78
N ARG B 465 29.65 0.39 -3.02
CA ARG B 465 28.52 0.39 -3.95
C ARG B 465 27.98 1.82 -4.17
N GLU B 466 28.91 2.76 -4.30
CA GLU B 466 28.59 4.15 -4.63
C GLU B 466 29.56 4.62 -5.70
N THR B 467 29.06 5.47 -6.59
CA THR B 467 29.85 5.91 -7.74
C THR B 467 30.92 6.90 -7.31
N VAL B 468 32.15 6.66 -7.76
CA VAL B 468 33.31 7.46 -7.39
C VAL B 468 33.68 8.34 -8.57
N VAL B 469 33.93 9.63 -8.29
CA VAL B 469 34.18 10.62 -9.32
C VAL B 469 35.65 10.98 -9.38
N GLU B 470 36.51 10.03 -8.99
CA GLU B 470 37.94 10.28 -8.93
C GLU B 470 38.55 10.36 -10.33
N VAL B 471 39.63 11.12 -10.45
CA VAL B 471 40.41 11.21 -11.67
C VAL B 471 41.52 10.16 -11.57
N PRO B 472 41.60 9.22 -12.52
CA PRO B 472 42.63 8.18 -12.43
C PRO B 472 44.02 8.73 -12.71
N GLN B 473 45.00 8.18 -12.00
CA GLN B 473 46.38 8.64 -12.06
C GLN B 473 47.32 7.47 -12.31
N VAL B 474 46.98 6.62 -13.29
CA VAL B 474 47.79 5.41 -13.47
C VAL B 474 48.99 5.69 -14.36
N THR B 475 48.76 5.87 -15.65
CA THR B 475 49.79 5.96 -16.68
C THR B 475 49.19 6.60 -17.93
N TRP B 476 50.04 6.74 -18.94
CA TRP B 476 49.65 6.87 -20.34
C TRP B 476 50.37 5.87 -21.24
N GLU B 477 51.64 5.59 -20.98
CA GLU B 477 52.49 4.77 -21.84
C GLU B 477 52.49 3.30 -21.46
N ASP B 478 51.38 2.81 -20.90
CA ASP B 478 51.31 1.39 -20.54
C ASP B 478 51.19 0.51 -21.77
N ILE B 479 50.36 0.90 -22.72
CA ILE B 479 50.08 0.09 -23.91
C ILE B 479 50.65 0.83 -25.12
N GLY B 480 51.51 0.15 -25.87
CA GLY B 480 52.12 0.73 -27.05
C GLY B 480 51.23 0.60 -28.27
N GLY B 481 51.67 1.25 -29.35
CA GLY B 481 50.97 1.18 -30.61
C GLY B 481 49.70 2.02 -30.63
N LEU B 482 48.94 1.83 -31.72
CA LEU B 482 47.65 2.49 -31.99
C LEU B 482 47.79 4.01 -31.98
N GLU B 483 48.79 4.50 -32.72
CA GLU B 483 49.10 5.93 -32.72
C GLU B 483 48.03 6.73 -33.46
N ASP B 484 47.32 6.10 -34.41
CA ASP B 484 46.17 6.78 -35.01
C ASP B 484 45.02 6.88 -34.02
N VAL B 485 44.85 5.84 -33.20
CA VAL B 485 43.85 5.87 -32.13
C VAL B 485 44.20 6.92 -31.09
N LYS B 486 45.49 7.01 -30.74
CA LYS B 486 45.95 8.04 -29.81
C LYS B 486 45.78 9.44 -30.38
N ARG B 487 46.04 9.59 -31.69
CA ARG B 487 45.86 10.89 -32.35
C ARG B 487 44.39 11.29 -32.41
N GLU B 488 43.49 10.35 -32.70
CA GLU B 488 42.08 10.71 -32.79
C GLU B 488 41.46 10.95 -31.42
N LEU B 489 41.92 10.26 -30.37
CA LEU B 489 41.43 10.59 -29.04
C LEU B 489 41.99 11.93 -28.55
N GLN B 490 43.25 12.23 -28.90
CA GLN B 490 43.84 13.52 -28.56
C GLN B 490 43.12 14.65 -29.28
N GLU B 491 42.69 14.41 -30.52
CA GLU B 491 41.88 15.39 -31.25
C GLU B 491 40.48 15.50 -30.64
N LEU B 492 39.92 14.37 -30.19
CA LEU B 492 38.50 14.35 -29.86
C LEU B 492 38.20 14.78 -28.42
N VAL B 493 39.16 14.63 -27.50
CA VAL B 493 38.82 14.81 -26.09
C VAL B 493 39.35 16.12 -25.53
N GLN B 494 40.68 16.30 -25.56
CA GLN B 494 41.31 17.36 -24.79
C GLN B 494 41.13 18.73 -25.43
N TYR B 495 41.61 18.87 -26.65
CA TYR B 495 41.59 20.11 -27.44
C TYR B 495 40.23 20.77 -27.70
N PRO B 496 39.08 20.07 -27.63
CA PRO B 496 37.81 20.83 -27.47
C PRO B 496 37.77 21.72 -26.24
N VAL B 497 38.32 21.28 -25.11
CA VAL B 497 38.35 22.12 -23.92
C VAL B 497 39.40 23.21 -24.09
N GLU B 498 40.58 22.86 -24.61
CA GLU B 498 41.68 23.81 -24.68
C GLU B 498 41.44 24.87 -25.76
N HIS B 499 41.03 24.45 -26.96
CA HIS B 499 40.84 25.37 -28.07
C HIS B 499 39.47 25.17 -28.70
N PRO B 500 38.43 25.79 -28.13
CA PRO B 500 37.12 25.78 -28.81
C PRO B 500 37.08 26.69 -30.02
N ASP B 501 38.00 27.66 -30.14
CA ASP B 501 38.01 28.58 -31.26
C ASP B 501 38.41 27.88 -32.56
N LYS B 502 39.22 26.82 -32.47
CA LYS B 502 39.47 25.98 -33.64
C LYS B 502 38.20 25.25 -34.05
N PHE B 503 37.37 24.84 -33.09
CA PHE B 503 36.08 24.26 -33.40
C PHE B 503 35.07 25.33 -33.79
N LEU B 504 35.25 26.54 -33.28
CA LEU B 504 34.43 27.69 -33.69
C LEU B 504 34.97 28.36 -34.94
N LYS B 505 36.10 27.89 -35.48
CA LYS B 505 36.59 28.38 -36.76
C LYS B 505 35.64 28.01 -37.89
N PHE B 506 35.12 26.79 -37.87
CA PHE B 506 34.12 26.38 -38.84
C PHE B 506 32.73 26.27 -38.24
N GLY B 507 32.60 26.37 -36.92
CA GLY B 507 31.30 26.25 -36.26
C GLY B 507 30.68 24.89 -36.35
N MET B 508 31.49 23.83 -36.30
CA MET B 508 30.99 22.46 -36.37
C MET B 508 31.27 21.78 -35.04
N THR B 509 30.24 21.24 -34.41
CA THR B 509 30.30 20.60 -33.11
C THR B 509 30.73 19.15 -33.26
N PRO B 510 31.77 18.71 -32.54
CA PRO B 510 32.18 17.30 -32.63
C PRO B 510 31.18 16.38 -31.95
N SER B 511 31.28 15.10 -32.30
CA SER B 511 30.39 14.09 -31.75
C SER B 511 30.69 13.84 -30.28
N LYS B 512 29.65 13.53 -29.51
CA LYS B 512 29.78 13.34 -28.08
C LYS B 512 29.99 11.88 -27.70
N GLY B 513 29.99 10.96 -28.65
CA GLY B 513 30.07 9.55 -28.34
C GLY B 513 31.06 8.83 -29.22
N VAL B 514 31.70 7.81 -28.65
CA VAL B 514 32.63 6.95 -29.35
C VAL B 514 32.47 5.55 -28.75
N LEU B 515 32.83 4.53 -29.52
CA LEU B 515 32.73 3.16 -29.05
C LEU B 515 33.99 2.39 -29.41
N PHE B 516 34.37 1.47 -28.53
CA PHE B 516 35.46 0.54 -28.75
C PHE B 516 34.90 -0.87 -28.77
N TYR B 517 35.31 -1.67 -29.74
CA TYR B 517 34.82 -3.04 -29.83
C TYR B 517 35.96 -3.98 -30.18
N GLY B 518 35.65 -5.27 -30.18
CA GLY B 518 36.64 -6.29 -30.46
C GLY B 518 36.68 -7.34 -29.37
N PRO B 519 37.86 -7.53 -28.77
CA PRO B 519 38.04 -8.62 -27.80
C PRO B 519 37.38 -8.30 -26.47
N PRO B 520 37.34 -9.25 -25.54
CA PRO B 520 37.07 -8.91 -24.14
C PRO B 520 38.11 -7.93 -23.61
N GLY B 521 37.65 -7.04 -22.74
CA GLY B 521 38.37 -5.83 -22.37
C GLY B 521 39.74 -6.00 -21.75
N CYS B 522 40.77 -5.71 -22.54
CA CYS B 522 42.14 -5.69 -22.07
C CYS B 522 42.56 -4.28 -21.66
N GLY B 523 42.51 -3.35 -22.61
CA GLY B 523 42.91 -2.00 -22.35
C GLY B 523 41.84 -0.98 -22.69
N LYS B 524 40.58 -1.41 -22.74
CA LYS B 524 39.49 -0.46 -22.94
C LYS B 524 39.34 0.46 -21.72
N THR B 525 39.29 -0.14 -20.52
CA THR B 525 39.22 0.64 -19.30
C THR B 525 40.50 1.41 -19.06
N LEU B 526 41.64 0.82 -19.46
CA LEU B 526 42.94 1.48 -19.33
C LEU B 526 43.00 2.72 -20.21
N LEU B 527 42.52 2.61 -21.45
CA LEU B 527 42.51 3.74 -22.36
C LEU B 527 41.51 4.80 -21.91
N ALA B 528 40.36 4.39 -21.38
CA ALA B 528 39.38 5.35 -20.88
C ALA B 528 39.91 6.12 -19.66
N LYS B 529 40.57 5.40 -18.73
CA LYS B 529 41.17 6.05 -17.58
C LYS B 529 42.32 6.95 -17.97
N ALA B 530 43.09 6.56 -18.99
CA ALA B 530 44.18 7.42 -19.47
C ALA B 530 43.66 8.66 -20.18
N ILE B 531 42.55 8.52 -20.92
CA ILE B 531 41.90 9.64 -21.57
C ILE B 531 41.39 10.64 -20.54
N ALA B 532 40.74 10.14 -19.48
CA ALA B 532 40.31 11.00 -18.39
C ALA B 532 41.47 11.54 -17.58
N ASN B 533 42.62 10.87 -17.61
CA ASN B 533 43.80 11.36 -16.90
C ASN B 533 44.40 12.57 -17.60
N GLU B 534 44.78 12.41 -18.87
CA GLU B 534 45.49 13.50 -19.53
C GLU B 534 44.57 14.59 -20.08
N CYS B 535 43.25 14.45 -19.98
CA CYS B 535 42.36 15.56 -20.26
C CYS B 535 41.98 16.35 -19.02
N GLN B 536 42.36 15.86 -17.83
CA GLN B 536 42.06 16.45 -16.52
C GLN B 536 40.55 16.60 -16.30
N ALA B 537 39.87 15.47 -16.27
CA ALA B 537 38.45 15.42 -15.93
C ALA B 537 38.16 14.12 -15.19
N ASN B 538 37.00 14.09 -14.53
CA ASN B 538 36.61 12.94 -13.73
C ASN B 538 36.27 11.74 -14.60
N PHE B 539 36.37 10.55 -14.00
CA PHE B 539 36.05 9.31 -14.67
C PHE B 539 35.06 8.52 -13.85
N ILE B 540 34.02 8.01 -14.51
CA ILE B 540 33.08 7.09 -13.89
C ILE B 540 32.73 6.01 -14.91
N SER B 541 32.73 4.76 -14.47
CA SER B 541 32.42 3.62 -15.32
C SER B 541 31.26 2.86 -14.70
N ILE B 542 30.06 3.04 -15.24
CA ILE B 542 28.93 2.25 -14.82
C ILE B 542 29.10 0.84 -15.38
N LYS B 543 29.10 -0.16 -14.50
CA LYS B 543 29.48 -1.50 -14.88
C LYS B 543 28.36 -2.18 -15.67
N GLY B 544 28.73 -3.20 -16.42
CA GLY B 544 27.80 -4.05 -17.13
C GLY B 544 26.84 -4.80 -16.23
N PRO B 545 27.37 -5.48 -15.19
CA PRO B 545 26.47 -6.00 -14.13
C PRO B 545 25.61 -4.93 -13.47
N GLU B 546 26.14 -3.72 -13.28
CA GLU B 546 25.31 -2.62 -12.81
C GLU B 546 24.22 -2.28 -13.82
N LEU B 547 24.56 -2.35 -15.12
CA LEU B 547 23.59 -2.06 -16.18
C LEU B 547 22.45 -3.06 -16.19
N LEU B 548 22.74 -4.35 -16.04
CA LEU B 548 21.58 -5.24 -16.05
C LEU B 548 20.95 -5.44 -14.67
N THR B 549 21.56 -4.93 -13.58
CA THR B 549 20.74 -4.73 -12.38
C THR B 549 19.71 -3.63 -12.62
N MET B 550 20.11 -2.55 -13.31
CA MET B 550 19.15 -1.52 -13.71
C MET B 550 18.11 -2.06 -14.68
N TRP B 551 18.50 -3.02 -15.53
CA TRP B 551 17.55 -3.59 -16.47
C TRP B 551 16.56 -4.52 -15.77
N PHE B 552 17.05 -5.60 -15.15
CA PHE B 552 16.16 -6.63 -14.64
C PHE B 552 15.56 -6.27 -13.28
N GLY B 553 16.09 -5.26 -12.59
CA GLY B 553 15.46 -4.79 -11.37
C GLY B 553 14.39 -3.76 -11.58
N GLU B 554 14.20 -3.33 -12.84
CA GLU B 554 13.25 -2.30 -13.26
C GLU B 554 13.46 -0.99 -12.49
N SER B 555 14.69 -0.48 -12.56
CA SER B 555 15.08 0.77 -11.93
C SER B 555 15.61 1.69 -13.03
N GLU B 556 14.70 2.41 -13.68
CA GLU B 556 15.05 3.23 -14.84
C GLU B 556 15.46 4.65 -14.46
N ALA B 557 14.92 5.19 -13.36
CA ALA B 557 15.24 6.55 -12.95
C ALA B 557 16.62 6.65 -12.32
N ASN B 558 17.21 5.53 -11.90
CA ASN B 558 18.54 5.56 -11.30
C ASN B 558 19.61 5.88 -12.34
N VAL B 559 19.42 5.46 -13.59
CA VAL B 559 20.33 5.83 -14.67
C VAL B 559 20.23 7.32 -14.97
N ARG B 560 19.01 7.86 -14.88
CA ARG B 560 18.82 9.31 -15.01
C ARG B 560 19.52 10.06 -13.88
N GLU B 561 19.47 9.50 -12.66
CA GLU B 561 20.22 10.10 -11.54
C GLU B 561 21.72 10.00 -11.75
N ILE B 562 22.21 8.90 -12.34
CA ILE B 562 23.63 8.76 -12.64
C ILE B 562 24.08 9.79 -13.67
N PHE B 563 23.27 9.99 -14.71
CA PHE B 563 23.54 11.06 -15.67
C PHE B 563 23.42 12.45 -15.07
N ASP B 564 22.58 12.61 -14.04
CA ASP B 564 22.55 13.87 -13.30
C ASP B 564 23.84 14.09 -12.52
N LYS B 565 24.39 13.02 -11.92
CA LYS B 565 25.69 13.11 -11.25
C LYS B 565 26.80 13.44 -12.24
N ALA B 566 26.75 12.85 -13.43
CA ALA B 566 27.73 13.14 -14.47
C ALA B 566 27.61 14.57 -14.97
N ARG B 567 26.38 15.07 -15.14
CA ARG B 567 26.16 16.42 -15.61
C ARG B 567 26.55 17.45 -14.55
N GLN B 568 26.36 17.12 -13.27
CA GLN B 568 26.82 18.01 -12.21
C GLN B 568 28.34 17.98 -12.10
N ALA B 569 28.95 16.82 -12.32
CA ALA B 569 30.41 16.69 -12.28
C ALA B 569 30.99 16.85 -13.68
N ALA B 570 30.71 18.00 -14.29
CA ALA B 570 31.18 18.29 -15.63
C ALA B 570 32.45 19.14 -15.58
N PRO B 571 33.44 18.90 -16.47
CA PRO B 571 33.50 17.85 -17.49
C PRO B 571 33.93 16.50 -16.93
N CYS B 572 33.56 15.42 -17.63
CA CYS B 572 33.91 14.08 -17.19
C CYS B 572 33.86 13.15 -18.40
N VAL B 573 34.38 11.95 -18.21
CA VAL B 573 34.40 10.92 -19.23
C VAL B 573 33.52 9.77 -18.76
N LEU B 574 32.56 9.38 -19.59
CA LEU B 574 31.67 8.28 -19.29
C LEU B 574 32.11 7.02 -20.01
N PHE B 575 32.02 5.89 -19.32
CA PHE B 575 32.42 4.60 -19.88
C PHE B 575 31.33 3.59 -19.58
N PHE B 576 30.79 2.97 -20.61
CA PHE B 576 29.78 1.92 -20.48
C PHE B 576 30.32 0.66 -21.12
N ASP B 577 30.35 -0.43 -20.37
CA ASP B 577 30.93 -1.69 -20.80
C ASP B 577 29.85 -2.76 -20.91
N GLU B 578 30.03 -3.62 -21.91
CA GLU B 578 29.16 -4.77 -22.21
C GLU B 578 27.70 -4.36 -22.40
N LEU B 579 27.48 -3.52 -23.43
CA LEU B 579 26.14 -3.15 -23.82
C LEU B 579 25.40 -4.30 -24.50
N ASP B 580 26.14 -5.29 -25.01
CA ASP B 580 25.56 -6.47 -25.63
C ASP B 580 25.00 -7.46 -24.62
N SER B 581 25.32 -7.30 -23.33
CA SER B 581 24.83 -8.21 -22.30
C SER B 581 23.33 -8.10 -22.12
N ILE B 582 22.77 -6.90 -22.28
CA ILE B 582 21.33 -6.69 -22.19
C ILE B 582 20.60 -7.44 -23.30
N ALA B 583 21.13 -7.37 -24.52
CA ALA B 583 20.51 -8.10 -25.63
C ALA B 583 20.79 -9.59 -25.55
N LYS B 584 21.91 -9.99 -24.96
CA LYS B 584 22.21 -11.41 -24.80
C LYS B 584 21.30 -12.05 -23.77
N ALA B 585 20.99 -11.33 -22.70
CA ALA B 585 20.03 -11.84 -21.72
C ALA B 585 18.59 -11.72 -22.22
N ARG B 586 18.29 -10.69 -23.01
CA ARG B 586 16.95 -10.55 -23.57
C ARG B 586 16.71 -11.57 -24.68
N GLY B 587 17.67 -11.73 -25.58
CA GLY B 587 17.55 -12.68 -26.68
C GLY B 587 16.59 -12.23 -27.77
N ASP B 598 15.75 -1.59 -24.53
CA ASP B 598 14.52 -2.13 -23.96
C ASP B 598 13.98 -1.29 -22.79
N ARG B 599 13.92 -1.85 -21.58
CA ARG B 599 13.43 -1.10 -20.42
C ARG B 599 14.37 0.03 -20.03
N VAL B 600 15.66 -0.12 -20.28
CA VAL B 600 16.63 0.87 -19.81
C VAL B 600 17.57 1.37 -20.90
N ILE B 601 17.78 0.62 -21.99
CA ILE B 601 18.67 1.05 -23.06
C ILE B 601 18.05 2.21 -23.84
N ASN B 602 16.73 2.17 -24.03
CA ASN B 602 16.03 3.30 -24.64
C ASN B 602 16.03 4.51 -23.71
N GLN B 603 16.06 4.30 -22.40
CA GLN B 603 16.26 5.41 -21.47
C GLN B 603 17.64 6.02 -21.61
N ILE B 604 18.66 5.18 -21.85
CA ILE B 604 20.02 5.66 -22.08
C ILE B 604 20.08 6.48 -23.36
N LEU B 605 19.42 6.01 -24.42
CA LEU B 605 19.36 6.75 -25.67
C LEU B 605 18.58 8.05 -25.52
N THR B 606 17.52 8.05 -24.69
CA THR B 606 16.73 9.25 -24.46
C THR B 606 17.52 10.30 -23.70
N GLU B 607 18.30 9.87 -22.69
CA GLU B 607 19.12 10.84 -21.96
C GLU B 607 20.31 11.30 -22.79
N MET B 608 20.84 10.43 -23.65
CA MET B 608 21.99 10.81 -24.46
C MET B 608 21.61 11.77 -25.58
N ASP B 609 20.45 11.53 -26.21
CA ASP B 609 19.95 12.50 -27.18
C ASP B 609 19.47 13.77 -26.50
N GLY B 610 18.97 13.66 -25.27
CA GLY B 610 18.63 14.85 -24.50
C GLY B 610 19.83 15.56 -23.92
N MET B 611 20.99 14.90 -23.90
CA MET B 611 22.23 15.53 -23.46
C MET B 611 22.67 16.56 -24.48
N SER B 612 22.85 17.79 -24.02
CA SER B 612 23.28 18.88 -24.90
C SER B 612 24.75 18.71 -25.27
N THR B 613 25.11 19.22 -26.45
CA THR B 613 26.44 19.03 -27.00
C THR B 613 27.41 20.09 -26.49
N LYS B 614 27.59 20.12 -25.18
CA LYS B 614 28.47 21.04 -24.50
C LYS B 614 29.10 20.33 -23.30
N LYS B 615 29.91 21.08 -22.56
CA LYS B 615 30.47 20.74 -21.25
C LYS B 615 31.41 19.53 -21.26
N ASN B 616 31.85 19.09 -22.46
CA ASN B 616 32.74 17.93 -22.67
C ASN B 616 32.21 16.65 -22.03
N VAL B 617 30.91 16.43 -22.15
CA VAL B 617 30.31 15.19 -21.64
C VAL B 617 30.65 14.10 -22.65
N PHE B 618 31.72 13.37 -22.39
CA PHE B 618 32.26 12.41 -23.35
C PHE B 618 31.76 11.01 -23.04
N ILE B 619 31.36 10.28 -24.08
CA ILE B 619 30.83 8.94 -23.96
C ILE B 619 31.77 7.97 -24.67
N ILE B 620 32.20 6.94 -23.95
CA ILE B 620 33.05 5.89 -24.51
C ILE B 620 32.30 4.57 -24.39
N GLY B 621 32.04 3.93 -25.52
CA GLY B 621 31.33 2.67 -25.53
C GLY B 621 32.27 1.48 -25.57
N ALA B 622 31.84 0.38 -24.94
CA ALA B 622 32.59 -0.87 -24.94
C ALA B 622 31.63 -2.02 -25.16
N THR B 623 31.90 -2.82 -26.19
CA THR B 623 31.04 -3.94 -26.54
C THR B 623 31.89 -5.04 -27.14
N ASN B 624 31.87 -6.23 -26.52
CA ASN B 624 32.66 -7.35 -27.04
C ASN B 624 32.04 -7.95 -28.29
N ARG B 625 30.72 -8.07 -28.32
CA ARG B 625 29.99 -8.63 -29.46
C ARG B 625 29.06 -7.57 -30.02
N PRO B 626 29.47 -6.81 -31.03
CA PRO B 626 28.62 -5.74 -31.56
C PRO B 626 27.65 -6.18 -32.62
N ASP B 627 27.43 -7.49 -32.73
CA ASP B 627 26.45 -8.01 -33.68
C ASP B 627 25.02 -7.81 -33.17
N ILE B 628 24.80 -7.96 -31.86
CA ILE B 628 23.46 -7.95 -31.30
C ILE B 628 23.10 -6.60 -30.70
N ILE B 629 23.84 -5.55 -31.01
CA ILE B 629 23.52 -4.23 -30.50
C ILE B 629 22.31 -3.67 -31.25
N ASP B 630 21.67 -2.67 -30.64
CA ASP B 630 20.54 -2.02 -31.27
C ASP B 630 21.02 -1.14 -32.43
N PRO B 631 20.20 -1.03 -33.49
CA PRO B 631 20.59 -0.16 -34.62
C PRO B 631 20.61 1.33 -34.29
N ALA B 632 19.93 1.75 -33.22
CA ALA B 632 19.88 3.18 -32.89
C ALA B 632 21.18 3.68 -32.26
N ILE B 633 22.06 2.78 -31.83
CA ILE B 633 23.31 3.19 -31.21
C ILE B 633 24.26 3.80 -32.26
N LEU B 634 24.35 3.17 -33.42
CA LEU B 634 25.34 3.53 -34.44
C LEU B 634 24.86 4.63 -35.38
N ARG B 635 23.70 5.21 -35.13
CA ARG B 635 23.15 6.22 -36.04
C ARG B 635 23.91 7.54 -35.89
N PRO B 636 23.91 8.38 -36.93
CA PRO B 636 24.44 9.74 -36.78
C PRO B 636 23.60 10.56 -35.80
N GLY B 637 24.28 11.40 -35.01
CA GLY B 637 23.69 12.02 -33.85
C GLY B 637 23.73 11.16 -32.61
N ARG B 638 24.21 9.93 -32.73
CA ARG B 638 24.31 8.98 -31.63
C ARG B 638 25.78 8.55 -31.62
N LEU B 639 26.08 7.46 -30.91
CA LEU B 639 27.45 6.93 -30.84
C LEU B 639 27.81 6.30 -32.18
N ASP B 640 28.21 7.16 -33.13
CA ASP B 640 28.50 6.75 -34.49
C ASP B 640 29.99 6.59 -34.76
N GLN B 641 30.84 7.21 -33.96
CA GLN B 641 32.29 7.05 -34.11
C GLN B 641 32.67 5.68 -33.58
N LEU B 642 32.83 4.72 -34.49
CA LEU B 642 33.10 3.34 -34.14
C LEU B 642 34.50 2.98 -34.59
N ILE B 643 35.27 2.39 -33.68
CA ILE B 643 36.61 1.88 -33.99
C ILE B 643 36.87 0.71 -33.06
N TYR B 644 37.78 -0.18 -33.46
CA TYR B 644 38.09 -1.37 -32.71
C TYR B 644 39.53 -1.38 -32.26
N ILE B 645 39.79 -2.05 -31.15
CA ILE B 645 41.15 -2.33 -30.72
C ILE B 645 41.53 -3.71 -31.24
N PRO B 646 42.73 -3.89 -31.79
CA PRO B 646 43.09 -5.18 -32.34
C PRO B 646 43.69 -6.11 -31.30
N LEU B 647 44.07 -7.31 -31.73
CA LEU B 647 44.85 -8.19 -30.88
C LEU B 647 46.24 -7.58 -30.67
N PRO B 648 46.80 -7.67 -29.46
CA PRO B 648 48.08 -7.00 -29.18
C PRO B 648 49.25 -7.66 -29.91
N ASP B 649 50.06 -6.82 -30.55
CA ASP B 649 51.22 -7.28 -31.29
C ASP B 649 52.46 -7.23 -30.41
N GLU B 650 53.49 -7.98 -30.85
CA GLU B 650 54.59 -8.39 -29.98
C GLU B 650 55.48 -7.23 -29.53
N LYS B 651 55.48 -6.11 -30.23
CA LYS B 651 56.25 -4.97 -29.78
C LYS B 651 55.53 -4.17 -28.70
N SER B 652 54.23 -4.42 -28.50
CA SER B 652 53.52 -3.83 -27.38
C SER B 652 53.65 -4.64 -26.11
N ARG B 653 53.89 -5.95 -26.24
CA ARG B 653 53.94 -6.85 -25.08
C ARG B 653 55.10 -6.53 -24.15
N VAL B 654 56.22 -6.06 -24.70
CA VAL B 654 57.33 -5.63 -23.86
C VAL B 654 56.96 -4.40 -23.05
N ALA B 655 56.14 -3.51 -23.62
CA ALA B 655 55.65 -2.35 -22.87
C ALA B 655 54.64 -2.78 -21.81
N ILE B 656 53.83 -3.81 -22.11
CA ILE B 656 52.87 -4.34 -21.14
C ILE B 656 53.60 -4.93 -19.94
N LEU B 657 54.63 -5.73 -20.19
CA LEU B 657 55.37 -6.32 -19.07
C LEU B 657 56.24 -5.30 -18.35
N LYS B 658 56.75 -4.27 -19.04
CA LYS B 658 57.46 -3.21 -18.35
C LYS B 658 56.54 -2.38 -17.46
N ALA B 659 55.28 -2.23 -17.88
CA ALA B 659 54.27 -1.70 -16.96
C ALA B 659 53.98 -2.68 -15.84
N ASN B 660 54.09 -3.99 -16.10
CA ASN B 660 53.89 -5.00 -15.08
C ASN B 660 55.05 -5.10 -14.10
N LEU B 661 56.20 -4.47 -14.39
CA LEU B 661 57.19 -4.24 -13.33
C LEU B 661 56.61 -3.33 -12.24
N ARG B 662 55.82 -2.34 -12.62
CA ARG B 662 55.13 -1.53 -11.62
C ARG B 662 53.98 -2.31 -10.97
N LYS B 663 53.37 -3.23 -11.70
CA LYS B 663 52.33 -4.07 -11.10
C LYS B 663 52.91 -5.13 -10.18
N SER B 664 54.01 -5.77 -10.60
CA SER B 664 54.71 -6.74 -9.76
C SER B 664 56.19 -6.41 -9.82
N PRO B 665 56.82 -6.04 -8.70
CA PRO B 665 58.22 -5.60 -8.74
C PRO B 665 59.21 -6.72 -9.03
N VAL B 666 59.77 -6.71 -10.23
CA VAL B 666 60.72 -7.72 -10.68
C VAL B 666 62.02 -7.03 -11.03
N ALA B 667 63.12 -7.52 -10.47
CA ALA B 667 64.46 -7.03 -10.77
C ALA B 667 65.00 -7.76 -12.01
N LYS B 668 66.31 -7.72 -12.21
CA LYS B 668 66.95 -8.16 -13.45
C LYS B 668 66.99 -9.69 -13.56
N ASP B 669 67.81 -10.16 -14.51
CA ASP B 669 67.99 -11.53 -14.98
C ASP B 669 66.73 -12.10 -15.62
N VAL B 670 65.84 -11.24 -16.13
CA VAL B 670 64.70 -11.65 -16.94
C VAL B 670 64.66 -10.77 -18.19
N ASP B 671 64.27 -11.38 -19.31
CA ASP B 671 64.20 -10.68 -20.58
C ASP B 671 63.07 -11.25 -21.40
N LEU B 672 62.70 -10.55 -22.47
CA LEU B 672 61.48 -10.84 -23.21
C LEU B 672 61.74 -11.13 -24.69
N GLU B 673 62.93 -11.61 -25.04
CA GLU B 673 63.19 -11.93 -26.43
C GLU B 673 62.44 -13.19 -26.86
N PHE B 674 62.46 -14.24 -26.02
CA PHE B 674 61.70 -15.44 -26.32
C PHE B 674 60.21 -15.23 -26.09
N LEU B 675 59.86 -14.31 -25.18
CA LEU B 675 58.46 -13.93 -25.00
C LEU B 675 57.93 -13.22 -26.23
N ALA B 676 58.71 -12.31 -26.81
CA ALA B 676 58.31 -11.68 -28.06
C ALA B 676 58.33 -12.65 -29.22
N LYS B 677 59.16 -13.69 -29.14
CA LYS B 677 59.15 -14.74 -30.15
C LYS B 677 57.86 -15.55 -30.10
N MET B 678 57.41 -15.93 -28.90
CA MET B 678 56.39 -16.96 -28.77
C MET B 678 55.07 -16.48 -28.18
N THR B 679 54.86 -15.18 -28.02
CA THR B 679 53.54 -14.67 -27.66
C THR B 679 52.87 -14.10 -28.90
N ASN B 680 51.84 -14.79 -29.37
CA ASN B 680 51.02 -14.34 -30.49
C ASN B 680 49.66 -14.99 -30.36
N GLY B 681 48.60 -14.21 -30.60
CA GLY B 681 47.26 -14.72 -30.45
C GLY B 681 46.78 -14.81 -29.01
N PHE B 682 47.46 -14.13 -28.09
CA PHE B 682 47.08 -14.14 -26.68
C PHE B 682 46.75 -12.72 -26.24
N SER B 683 45.80 -12.60 -25.31
CA SER B 683 45.37 -11.31 -24.81
C SER B 683 46.43 -10.69 -23.91
N GLY B 684 46.36 -9.36 -23.76
CA GLY B 684 47.20 -8.70 -22.78
C GLY B 684 46.82 -9.07 -21.36
N ALA B 685 45.52 -9.28 -21.11
CA ALA B 685 45.06 -9.79 -19.83
C ALA B 685 45.58 -11.20 -19.59
N ASP B 686 45.73 -11.99 -20.65
CA ASP B 686 46.32 -13.32 -20.52
C ASP B 686 47.77 -13.24 -20.08
N LEU B 687 48.55 -12.29 -20.61
CA LEU B 687 49.93 -12.17 -20.15
C LEU B 687 50.05 -11.51 -18.79
N THR B 688 49.07 -10.70 -18.36
CA THR B 688 49.05 -10.30 -16.96
C THR B 688 48.77 -11.49 -16.06
N GLU B 689 47.92 -12.42 -16.51
CA GLU B 689 47.74 -13.67 -15.77
C GLU B 689 48.99 -14.54 -15.79
N ILE B 690 49.78 -14.46 -16.88
CA ILE B 690 51.06 -15.15 -16.95
C ILE B 690 52.02 -14.60 -15.90
N CYS B 691 52.08 -13.27 -15.78
CA CYS B 691 52.89 -12.63 -14.76
C CYS B 691 52.40 -12.97 -13.36
N GLN B 692 51.07 -13.05 -13.19
CA GLN B 692 50.47 -13.41 -11.91
C GLN B 692 50.82 -14.86 -11.53
N ARG B 693 50.78 -15.77 -12.51
CA ARG B 693 51.09 -17.17 -12.23
C ARG B 693 52.56 -17.37 -11.94
N ALA B 694 53.44 -16.67 -12.65
CA ALA B 694 54.87 -16.75 -12.38
C ALA B 694 55.21 -16.14 -11.03
N CYS B 695 54.54 -15.04 -10.68
CA CYS B 695 54.69 -14.44 -9.36
C CYS B 695 54.21 -15.36 -8.26
N LYS B 696 53.08 -16.05 -8.48
CA LYS B 696 52.57 -16.99 -7.49
C LYS B 696 53.48 -18.20 -7.34
N LEU B 697 54.10 -18.64 -8.43
CA LEU B 697 55.10 -19.72 -8.36
C LEU B 697 56.33 -19.29 -7.57
N ALA B 698 56.79 -18.05 -7.78
CA ALA B 698 57.94 -17.53 -7.03
C ALA B 698 57.61 -17.37 -5.55
N ILE B 699 56.39 -16.92 -5.24
CA ILE B 699 55.96 -16.81 -3.85
C ILE B 699 55.82 -18.18 -3.21
N ARG B 700 55.35 -19.17 -3.97
CA ARG B 700 55.23 -20.54 -3.48
C ARG B 700 56.59 -21.15 -3.16
N GLU B 701 57.58 -20.96 -4.04
CA GLU B 701 58.91 -21.48 -3.72
C GLU B 701 59.62 -20.64 -2.67
N SER B 702 59.25 -19.37 -2.50
CA SER B 702 59.78 -18.58 -1.38
C SER B 702 59.20 -19.06 -0.05
N ILE B 703 57.92 -19.45 -0.05
CA ILE B 703 57.30 -20.04 1.13
C ILE B 703 57.96 -21.37 1.47
N GLU B 704 58.26 -22.16 0.44
CA GLU B 704 59.01 -23.41 0.62
C GLU B 704 60.41 -23.16 1.17
N SER B 705 61.07 -22.11 0.69
CA SER B 705 62.41 -21.76 1.15
C SER B 705 62.42 -21.30 2.61
N GLU B 706 61.44 -20.48 3.01
CA GLU B 706 61.42 -20.03 4.40
C GLU B 706 60.96 -21.13 5.36
N ILE B 707 60.09 -22.04 4.89
CA ILE B 707 59.69 -23.18 5.71
C ILE B 707 60.87 -24.14 5.88
N ARG B 708 61.65 -24.35 4.83
CA ARG B 708 62.86 -25.16 4.92
C ARG B 708 63.94 -24.48 5.77
N ARG B 709 63.99 -23.14 5.76
CA ARG B 709 64.93 -22.42 6.61
C ARG B 709 64.54 -22.53 8.09
N GLU B 710 63.24 -22.47 8.39
CA GLU B 710 62.79 -22.70 9.76
C GLU B 710 62.97 -24.15 10.16
N ARG B 711 62.89 -25.08 9.20
CA ARG B 711 63.20 -26.48 9.47
C ARG B 711 64.68 -26.67 9.80
N GLU B 712 65.56 -25.94 9.12
CA GLU B 712 67.00 -26.04 9.38
C GLU B 712 67.37 -25.50 10.75
N ARG B 713 66.76 -24.40 11.17
CA ARG B 713 67.06 -23.80 12.46
C ARG B 713 65.82 -23.73 13.33
N ASP B 726 70.65 -17.51 1.49
CA ASP B 726 69.70 -16.59 0.87
C ASP B 726 68.46 -17.32 0.37
N PRO B 727 67.28 -16.74 0.60
CA PRO B 727 66.04 -17.40 0.14
C PRO B 727 65.84 -17.34 -1.36
N VAL B 728 66.47 -16.38 -2.03
CA VAL B 728 66.32 -16.04 -3.46
C VAL B 728 64.85 -15.84 -3.80
N PRO B 729 64.23 -14.71 -3.43
CA PRO B 729 62.83 -14.47 -3.82
C PRO B 729 62.68 -13.80 -5.18
N GLU B 730 63.74 -13.79 -5.99
CA GLU B 730 63.71 -13.09 -7.27
C GLU B 730 62.93 -13.88 -8.30
N ILE B 731 62.02 -13.20 -9.00
CA ILE B 731 61.25 -13.83 -10.05
C ILE B 731 62.15 -14.04 -11.26
N ARG B 732 62.47 -15.30 -11.54
CA ARG B 732 63.23 -15.67 -12.73
C ARG B 732 62.27 -16.01 -13.86
N ARG B 733 62.83 -16.42 -14.99
CA ARG B 733 62.00 -16.95 -16.07
C ARG B 733 61.66 -18.42 -15.88
N ASP B 734 62.21 -19.06 -14.84
CA ASP B 734 61.90 -20.47 -14.57
C ASP B 734 60.45 -20.63 -14.16
N HIS B 735 59.90 -19.65 -13.44
CA HIS B 735 58.46 -19.63 -13.21
C HIS B 735 57.69 -19.33 -14.48
N PHE B 736 58.29 -18.53 -15.38
CA PHE B 736 57.64 -18.21 -16.64
C PHE B 736 57.58 -19.40 -17.59
N GLU B 737 58.45 -20.40 -17.41
CA GLU B 737 58.29 -21.66 -18.15
C GLU B 737 56.99 -22.36 -17.79
N GLU B 738 56.73 -22.55 -16.49
CA GLU B 738 55.49 -23.18 -16.04
C GLU B 738 54.29 -22.28 -16.32
N ALA B 739 54.50 -20.96 -16.36
CA ALA B 739 53.47 -20.06 -16.85
C ALA B 739 53.16 -20.30 -18.32
N MET B 740 54.19 -20.61 -19.13
CA MET B 740 53.94 -20.97 -20.53
C MET B 740 53.26 -22.32 -20.65
N ARG B 741 53.49 -23.23 -19.70
CA ARG B 741 52.64 -24.42 -19.62
C ARG B 741 51.20 -24.07 -19.27
N PHE B 742 51.00 -23.08 -18.40
CA PHE B 742 49.63 -22.66 -18.03
C PHE B 742 49.18 -21.46 -18.88
N ALA B 743 49.22 -21.65 -20.20
CA ALA B 743 48.89 -20.60 -21.16
C ALA B 743 47.43 -20.75 -21.57
N ARG B 744 46.54 -20.09 -20.83
CA ARG B 744 45.11 -20.18 -21.07
C ARG B 744 44.72 -19.29 -22.25
N ARG B 745 44.07 -19.88 -23.25
CA ARG B 745 43.59 -19.10 -24.37
C ARG B 745 42.34 -18.31 -23.98
N SER B 746 42.11 -17.21 -24.70
CA SER B 746 40.97 -16.34 -24.44
C SER B 746 39.97 -16.34 -25.58
N VAL B 747 40.40 -16.03 -26.79
CA VAL B 747 39.50 -15.91 -27.93
C VAL B 747 39.79 -17.03 -28.92
N SER B 748 38.77 -17.37 -29.69
CA SER B 748 38.87 -18.36 -30.75
C SER B 748 39.04 -17.66 -32.10
N ASP B 749 39.27 -18.48 -33.14
CA ASP B 749 39.58 -17.93 -34.46
C ASP B 749 38.34 -17.32 -35.12
N ASN B 750 37.17 -17.95 -34.93
CA ASN B 750 35.95 -17.47 -35.58
C ASN B 750 35.48 -16.15 -35.00
N ASP B 751 35.76 -15.90 -33.72
CA ASP B 751 35.45 -14.60 -33.12
C ASP B 751 36.30 -13.49 -33.71
N ILE B 752 37.59 -13.76 -33.93
CA ILE B 752 38.49 -12.80 -34.57
C ILE B 752 38.09 -12.58 -36.02
N ARG B 753 37.61 -13.63 -36.69
CA ARG B 753 37.13 -13.45 -38.06
C ARG B 753 35.80 -12.69 -38.09
N LYS B 754 35.00 -12.78 -37.02
CA LYS B 754 33.79 -11.96 -36.93
C LYS B 754 34.15 -10.49 -36.70
N TYR B 755 35.19 -10.25 -35.88
CA TYR B 755 35.70 -8.89 -35.71
C TYR B 755 36.28 -8.36 -37.02
N GLU B 756 36.90 -9.23 -37.81
CA GLU B 756 37.39 -8.82 -39.12
C GLU B 756 36.25 -8.61 -40.10
N MET B 757 35.14 -9.34 -39.95
CA MET B 757 33.95 -9.07 -40.76
C MET B 757 33.40 -7.67 -40.46
N PHE B 758 33.37 -7.31 -39.17
CA PHE B 758 33.02 -5.94 -38.81
C PHE B 758 34.10 -4.93 -39.21
N ALA B 759 35.34 -5.38 -39.42
CA ALA B 759 36.37 -4.50 -39.94
C ALA B 759 36.15 -4.18 -41.42
N GLN B 760 36.13 -5.20 -42.28
CA GLN B 760 35.80 -5.00 -43.69
C GLN B 760 34.31 -4.77 -43.98
N THR B 761 33.47 -4.50 -42.98
CA THR B 761 32.34 -3.62 -43.24
C THR B 761 32.81 -2.27 -43.76
N LEU B 762 33.88 -1.73 -43.17
CA LEU B 762 34.46 -0.48 -43.65
C LEU B 762 35.25 -0.68 -44.95
N GLN B 763 36.17 -1.65 -44.96
CA GLN B 763 36.98 -1.88 -46.16
C GLN B 763 36.13 -2.62 -47.18
N SER B 765 35.68 -1.89 -48.18
CA SER B 765 34.78 -2.38 -49.23
C SER B 765 35.11 -1.60 -50.49
N ARG B 766 34.18 -1.56 -51.44
CA ARG B 766 34.32 -0.72 -52.61
C ARG B 766 34.27 0.74 -52.18
N GLY B 767 35.43 1.38 -52.12
CA GLY B 767 35.54 2.75 -51.67
C GLY B 767 36.08 3.68 -52.73
N PHE B 768 37.21 4.33 -52.45
CA PHE B 768 37.80 5.27 -53.38
C PHE B 768 39.32 5.23 -53.29
N GLY B 769 39.96 5.54 -54.41
CA GLY B 769 41.41 5.71 -54.46
C GLY B 769 41.80 6.78 -55.45
N SER B 770 40.83 7.59 -55.85
CA SER B 770 41.01 8.53 -56.95
C SER B 770 41.64 9.84 -56.46
N PHE B 771 42.10 10.63 -57.42
CA PHE B 771 42.62 11.96 -57.15
C PHE B 771 42.39 12.79 -58.41
N ARG B 772 41.49 13.77 -58.33
CA ARG B 772 41.08 14.54 -59.50
C ARG B 772 40.84 15.99 -59.09
N PHE B 773 41.75 16.87 -59.50
CA PHE B 773 41.61 18.31 -59.32
C PHE B 773 40.63 18.94 -60.31
N PRO B 774 40.82 18.83 -61.66
CA PRO B 774 39.88 19.64 -62.44
C PRO B 774 38.60 18.89 -62.79
N LYS C 18 -1.17 46.35 -38.39
CA LYS C 18 -0.77 47.63 -37.80
C LYS C 18 -1.30 48.79 -38.64
N GLN C 19 -0.76 49.98 -38.39
CA GLN C 19 -1.15 51.20 -39.08
C GLN C 19 0.04 51.73 -39.88
N LYS C 20 -0.17 52.84 -40.57
CA LYS C 20 0.86 53.38 -41.45
C LYS C 20 1.95 54.11 -40.66
N ASN C 21 3.19 53.72 -40.92
CA ASN C 21 4.42 54.39 -40.47
C ASN C 21 4.57 54.47 -38.95
N ARG C 22 3.87 53.60 -38.19
CA ARG C 22 3.79 53.56 -36.73
C ARG C 22 3.42 54.92 -36.16
N PRO C 23 2.14 55.31 -36.20
CA PRO C 23 1.74 56.72 -35.98
C PRO C 23 1.98 57.30 -34.59
N ASN C 24 2.54 56.55 -33.64
CA ASN C 24 3.04 57.15 -32.42
C ASN C 24 4.41 57.80 -32.60
N ARG C 25 5.05 57.62 -33.75
CA ARG C 25 6.30 58.30 -34.06
C ARG C 25 6.03 59.76 -34.38
N LEU C 26 6.78 60.66 -33.73
CA LEU C 26 6.54 62.10 -33.86
C LEU C 26 7.85 62.85 -34.01
N ILE C 27 7.73 64.09 -34.51
CA ILE C 27 8.85 64.97 -34.76
C ILE C 27 8.94 66.00 -33.64
N VAL C 28 10.12 66.10 -33.03
CA VAL C 28 10.34 67.07 -31.96
C VAL C 28 10.34 68.49 -32.53
N ASP C 29 9.74 69.43 -31.80
CA ASP C 29 9.65 70.81 -32.24
C ASP C 29 9.67 71.73 -31.03
N GLU C 30 9.93 73.01 -31.28
CA GLU C 30 9.98 74.00 -30.20
C GLU C 30 8.59 74.29 -29.67
N ALA C 31 8.52 74.55 -28.37
CA ALA C 31 7.25 74.76 -27.69
C ALA C 31 6.99 76.24 -27.43
N ILE C 32 5.80 76.51 -26.90
CA ILE C 32 5.43 77.85 -26.46
C ILE C 32 5.45 77.96 -24.94
N ASN C 33 4.96 76.93 -24.25
CA ASN C 33 5.00 76.90 -22.79
C ASN C 33 6.43 76.70 -22.29
N GLU C 34 6.75 77.36 -21.17
CA GLU C 34 8.06 77.28 -20.57
C GLU C 34 8.17 76.14 -19.56
N ASP C 35 7.13 75.34 -19.41
CA ASP C 35 7.13 74.29 -18.40
C ASP C 35 8.03 73.12 -18.84
N ASN C 36 8.71 72.52 -17.86
CA ASN C 36 9.63 71.43 -18.16
C ASN C 36 8.89 70.12 -18.43
N SER C 37 7.82 69.85 -17.70
CA SER C 37 7.12 68.58 -17.78
C SER C 37 5.89 68.62 -18.68
N VAL C 38 5.81 69.59 -19.59
CA VAL C 38 4.66 69.77 -20.46
C VAL C 38 5.11 69.63 -21.91
N VAL C 39 4.49 68.69 -22.63
CA VAL C 39 4.67 68.57 -24.07
C VAL C 39 3.33 68.85 -24.74
N SER C 40 3.39 69.23 -26.01
CA SER C 40 2.22 69.74 -26.72
C SER C 40 1.92 68.91 -27.95
N LEU C 41 0.64 68.61 -28.16
CA LEU C 41 0.16 67.87 -29.32
C LEU C 41 -0.93 68.66 -30.04
N SER C 42 -1.61 68.03 -30.99
CA SER C 42 -2.72 68.64 -31.70
C SER C 42 -4.04 68.00 -31.28
N GLN C 43 -5.15 68.62 -31.72
CA GLN C 43 -6.47 68.18 -31.28
C GLN C 43 -6.89 66.81 -31.83
N PRO C 44 -6.81 66.48 -33.14
CA PRO C 44 -7.24 65.13 -33.54
C PRO C 44 -6.23 64.04 -33.20
N LYS C 45 -4.98 64.42 -32.89
CA LYS C 45 -3.98 63.43 -32.49
C LYS C 45 -4.27 62.87 -31.10
N MET C 46 -4.68 63.73 -30.18
CA MET C 46 -5.01 63.28 -28.82
C MET C 46 -6.30 62.49 -28.81
N ASP C 47 -7.24 62.80 -29.70
CA ASP C 47 -8.46 62.01 -29.80
C ASP C 47 -8.19 60.63 -30.37
N GLU C 48 -7.26 60.53 -31.32
CA GLU C 48 -6.94 59.24 -31.92
C GLU C 48 -6.09 58.38 -30.98
N LEU C 49 -5.27 59.01 -30.14
CA LEU C 49 -4.37 58.30 -29.25
C LEU C 49 -4.96 58.11 -27.85
N GLN C 50 -6.27 58.35 -27.70
CA GLN C 50 -7.03 58.18 -26.45
C GLN C 50 -6.46 59.05 -25.32
N LEU C 51 -6.21 60.31 -25.63
CA LEU C 51 -5.54 61.23 -24.71
C LEU C 51 -6.49 62.34 -24.30
N PHE C 52 -6.40 62.74 -23.03
CA PHE C 52 -7.22 63.79 -22.44
C PHE C 52 -6.41 65.08 -22.34
N ARG C 53 -7.00 66.11 -21.73
CA ARG C 53 -6.34 67.39 -21.54
C ARG C 53 -5.61 67.49 -20.20
N GLY C 54 -5.70 66.47 -19.36
CA GLY C 54 -5.05 66.51 -18.07
C GLY C 54 -4.47 65.17 -17.68
N ASP C 55 -4.37 64.26 -18.64
CA ASP C 55 -3.88 62.92 -18.39
C ASP C 55 -2.38 62.85 -18.67
N THR C 56 -1.77 61.74 -18.24
CA THR C 56 -0.33 61.54 -18.28
C THR C 56 0.05 60.48 -19.30
N VAL C 57 1.21 60.66 -19.93
CA VAL C 57 1.70 59.71 -20.93
C VAL C 57 3.07 59.20 -20.52
N LEU C 58 3.66 58.34 -21.36
CA LEU C 58 4.99 57.78 -21.16
C LEU C 58 5.78 57.98 -22.45
N LEU C 59 6.61 59.01 -22.49
CA LEU C 59 7.40 59.32 -23.69
C LEU C 59 8.65 58.45 -23.74
N LYS C 60 8.97 57.95 -24.92
CA LYS C 60 10.13 57.11 -25.14
C LYS C 60 10.93 57.64 -26.33
N GLY C 61 12.26 57.66 -26.19
CA GLY C 61 13.11 58.18 -27.24
C GLY C 61 14.37 57.36 -27.49
N LYS C 62 15.44 58.04 -27.88
CA LYS C 62 16.69 57.38 -28.20
C LYS C 62 17.45 57.03 -26.91
N LYS C 63 18.48 56.18 -27.09
CA LYS C 63 19.44 55.77 -26.06
C LYS C 63 18.76 55.08 -24.88
N ARG C 64 17.69 54.33 -25.16
CA ARG C 64 16.75 53.67 -24.22
C ARG C 64 16.45 54.52 -22.98
N ARG C 65 16.07 55.77 -23.23
CA ARG C 65 15.70 56.72 -22.19
C ARG C 65 14.23 57.05 -22.30
N GLU C 66 13.51 56.95 -21.17
CA GLU C 66 12.08 57.17 -21.12
C GLU C 66 11.77 58.49 -20.42
N ALA C 67 10.51 58.91 -20.51
CA ALA C 67 10.05 60.13 -19.88
C ALA C 67 8.56 60.03 -19.59
N VAL C 68 8.13 60.67 -18.51
CA VAL C 68 6.72 60.74 -18.13
C VAL C 68 6.30 62.21 -18.17
N CYS C 69 5.22 62.50 -18.91
CA CYS C 69 4.78 63.87 -19.11
C CYS C 69 3.26 63.92 -19.16
N ILE C 70 2.73 65.14 -19.10
CA ILE C 70 1.30 65.41 -19.21
C ILE C 70 1.08 66.12 -20.53
N VAL C 71 0.22 65.55 -21.37
CA VAL C 71 -0.08 66.14 -22.67
C VAL C 71 -1.15 67.21 -22.50
N LEU C 72 -0.84 68.44 -22.91
CA LEU C 72 -1.78 69.55 -22.90
C LEU C 72 -2.16 69.91 -24.33
N SER C 73 -3.33 70.53 -24.48
CA SER C 73 -3.81 70.90 -25.81
C SER C 73 -3.08 72.12 -26.33
N ASP C 74 -2.74 72.10 -27.62
CA ASP C 74 -2.10 73.22 -28.28
C ASP C 74 -2.79 73.48 -29.61
N ASP C 75 -2.79 74.75 -30.03
CA ASP C 75 -3.39 75.16 -31.29
C ASP C 75 -2.38 75.43 -32.38
N THR C 76 -1.16 75.82 -32.03
CA THR C 76 -0.10 76.07 -33.00
C THR C 76 0.73 74.83 -33.32
N CYS C 77 0.43 73.70 -32.69
CA CYS C 77 1.16 72.46 -32.94
C CYS C 77 0.72 71.84 -34.26
N SER C 78 1.65 71.13 -34.89
CA SER C 78 1.39 70.51 -36.18
C SER C 78 0.65 69.19 -36.00
N ASP C 79 0.30 68.56 -37.12
CA ASP C 79 -0.45 67.31 -37.08
C ASP C 79 0.43 66.15 -36.64
N GLU C 80 1.64 66.05 -37.19
CA GLU C 80 2.55 64.95 -36.91
C GLU C 80 3.80 65.38 -36.16
N LYS C 81 3.72 66.49 -35.41
CA LYS C 81 4.84 66.98 -34.62
C LYS C 81 4.42 67.15 -33.17
N ILE C 82 5.42 67.27 -32.29
CA ILE C 82 5.20 67.49 -30.86
C ILE C 82 6.07 68.65 -30.42
N ARG C 83 5.49 69.59 -29.68
CA ARG C 83 6.20 70.77 -29.20
C ARG C 83 6.67 70.53 -27.77
N MET C 84 7.97 70.66 -27.54
CA MET C 84 8.56 70.51 -26.22
C MET C 84 9.78 71.41 -26.13
N ASN C 85 10.18 71.71 -24.89
CA ASN C 85 11.29 72.62 -24.65
C ASN C 85 12.63 71.87 -24.67
N ARG C 86 13.69 72.55 -24.26
CA ARG C 86 15.05 72.00 -24.33
C ARG C 86 15.34 70.98 -23.24
N VAL C 87 14.47 70.86 -22.23
CA VAL C 87 14.74 69.95 -21.12
C VAL C 87 14.48 68.50 -21.51
N VAL C 88 13.29 68.23 -22.09
CA VAL C 88 12.93 66.88 -22.49
C VAL C 88 13.75 66.44 -23.70
N ARG C 89 14.14 67.38 -24.56
CA ARG C 89 15.01 67.10 -25.69
C ARG C 89 16.39 66.62 -25.22
N ASN C 90 16.93 67.25 -24.18
CA ASN C 90 18.18 66.80 -23.60
C ASN C 90 17.99 65.57 -22.72
N ASN C 91 16.81 65.42 -22.12
CA ASN C 91 16.53 64.23 -21.31
C ASN C 91 16.36 62.99 -22.17
N LEU C 92 15.81 63.13 -23.36
CA LEU C 92 15.69 62.03 -24.30
C LEU C 92 16.95 61.84 -25.14
N ARG C 93 17.97 62.69 -24.94
CA ARG C 93 19.27 62.66 -25.63
C ARG C 93 19.11 62.75 -27.14
N VAL C 94 18.25 63.67 -27.58
CA VAL C 94 17.97 63.87 -28.99
C VAL C 94 18.19 65.34 -29.34
N ARG C 95 18.46 65.59 -30.62
CA ARG C 95 18.60 66.93 -31.14
C ARG C 95 17.37 67.29 -31.97
N LEU C 96 17.43 68.45 -32.61
CA LEU C 96 16.33 68.90 -33.46
C LEU C 96 16.41 68.21 -34.82
N GLY C 97 15.37 67.47 -35.19
CA GLY C 97 15.32 66.81 -36.48
C GLY C 97 15.20 65.30 -36.42
N ASP C 98 15.13 64.67 -35.24
CA ASP C 98 15.03 63.22 -35.14
C ASP C 98 13.58 62.82 -34.93
N VAL C 99 13.35 61.55 -34.63
CA VAL C 99 12.01 61.01 -34.40
C VAL C 99 11.93 60.48 -32.97
N ILE C 100 10.81 60.76 -32.29
CA ILE C 100 10.53 60.23 -30.96
C ILE C 100 9.18 59.55 -31.00
N SER C 101 8.88 58.80 -29.94
CA SER C 101 7.64 58.05 -29.82
C SER C 101 6.91 58.43 -28.54
N ILE C 102 5.59 58.32 -28.56
CA ILE C 102 4.74 58.64 -27.41
C ILE C 102 3.88 57.41 -27.10
N GLN C 103 3.84 57.02 -25.83
CA GLN C 103 3.03 55.90 -25.39
C GLN C 103 2.11 56.38 -24.26
N PRO C 104 0.83 56.02 -24.27
CA PRO C 104 -0.07 56.46 -23.19
C PRO C 104 0.22 55.70 -21.89
N CYS C 105 0.11 56.41 -20.77
CA CYS C 105 0.38 55.83 -19.44
C CYS C 105 -0.77 56.20 -18.51
N PRO C 106 -1.88 55.44 -18.56
CA PRO C 106 -3.09 55.83 -17.83
C PRO C 106 -3.22 55.27 -16.42
N ASP C 107 -2.17 54.66 -15.87
CA ASP C 107 -2.24 53.95 -14.59
C ASP C 107 -1.21 54.44 -13.58
N VAL C 108 -0.93 55.75 -13.57
CA VAL C 108 0.16 56.25 -12.73
C VAL C 108 -0.35 56.45 -11.30
N LYS C 109 0.43 55.97 -10.34
CA LYS C 109 0.16 56.14 -8.93
C LYS C 109 1.01 57.26 -8.35
N TYR C 110 0.56 57.79 -7.23
CA TYR C 110 1.28 58.87 -6.55
C TYR C 110 2.52 58.32 -5.85
N GLY C 111 3.53 59.19 -5.70
CA GLY C 111 4.75 58.81 -5.02
C GLY C 111 4.68 58.99 -3.51
N LYS C 112 5.60 58.30 -2.83
CA LYS C 112 5.69 58.34 -1.37
C LYS C 112 6.98 58.99 -0.88
N ARG C 113 8.13 58.55 -1.38
CA ARG C 113 9.41 59.16 -1.04
C ARG C 113 10.19 59.38 -2.32
N ILE C 114 10.68 60.60 -2.52
CA ILE C 114 11.41 60.98 -3.71
C ILE C 114 12.75 61.56 -3.29
N HIS C 115 13.83 60.98 -3.80
CA HIS C 115 15.19 61.43 -3.53
C HIS C 115 15.67 62.26 -4.71
N VAL C 116 16.12 63.49 -4.42
CA VAL C 116 16.67 64.37 -5.44
C VAL C 116 18.05 64.82 -5.01
N LEU C 117 18.96 64.89 -5.99
CA LEU C 117 20.34 65.31 -5.75
C LEU C 117 20.73 66.24 -6.89
N PRO C 118 21.17 67.46 -6.61
CA PRO C 118 21.56 68.38 -7.68
C PRO C 118 22.92 68.01 -8.26
N ILE C 119 23.19 68.54 -9.43
CA ILE C 119 24.47 68.37 -10.09
C ILE C 119 25.44 69.33 -9.44
N ASP C 120 26.74 68.96 -9.45
CA ASP C 120 27.74 69.67 -8.65
C ASP C 120 28.01 71.07 -9.17
N ASP C 121 27.93 71.28 -10.50
CA ASP C 121 28.23 72.59 -11.06
C ASP C 121 27.10 73.60 -10.85
N THR C 122 25.90 73.14 -10.54
CA THR C 122 24.75 74.01 -10.38
C THR C 122 24.58 74.56 -8.98
N VAL C 123 25.34 74.04 -8.00
CA VAL C 123 25.25 74.50 -6.61
C VAL C 123 26.54 75.12 -6.11
N GLU C 124 27.47 75.44 -7.02
CA GLU C 124 28.71 76.07 -6.62
C GLU C 124 28.47 77.56 -6.37
N GLY C 125 28.70 77.99 -5.14
CA GLY C 125 28.51 79.37 -4.72
C GLY C 125 27.32 79.59 -3.81
N ILE C 126 26.39 78.64 -3.76
CA ILE C 126 25.20 78.74 -2.94
C ILE C 126 25.22 77.63 -1.89
N THR C 127 24.82 77.98 -0.67
CA THR C 127 24.76 77.05 0.45
C THR C 127 23.42 77.21 1.17
N GLY C 128 23.03 76.16 1.88
CA GLY C 128 21.85 76.18 2.72
C GLY C 128 20.94 75.02 2.38
N ASN C 129 19.68 75.15 2.82
CA ASN C 129 18.67 74.14 2.53
C ASN C 129 18.10 74.37 1.14
N LEU C 130 18.14 73.34 0.30
CA LEU C 130 17.61 73.44 -1.05
C LEU C 130 16.16 73.02 -1.16
N PHE C 131 15.53 72.61 -0.05
CA PHE C 131 14.15 72.15 -0.12
C PHE C 131 13.16 73.31 -0.12
N GLU C 132 13.28 74.21 0.86
CA GLU C 132 12.31 75.30 1.02
C GLU C 132 12.47 76.38 -0.03
N VAL C 133 13.63 76.47 -0.67
CA VAL C 133 13.86 77.50 -1.69
C VAL C 133 13.56 76.96 -3.09
N TYR C 134 14.03 75.75 -3.39
CA TYR C 134 13.88 75.18 -4.73
C TYR C 134 12.80 74.12 -4.80
N LEU C 135 12.85 73.10 -3.95
CA LEU C 135 11.97 71.93 -4.11
C LEU C 135 10.53 72.23 -3.67
N LYS C 136 10.35 73.00 -2.59
CA LYS C 136 9.00 73.34 -2.14
C LYS C 136 8.22 74.23 -3.11
N PRO C 137 8.76 75.32 -3.68
CA PRO C 137 7.94 76.06 -4.68
C PRO C 137 7.79 75.34 -6.01
N TYR C 138 8.69 74.41 -6.36
CA TYR C 138 8.58 73.71 -7.63
C TYR C 138 7.47 72.66 -7.62
N PHE C 139 7.14 72.13 -6.44
CA PHE C 139 6.15 71.07 -6.31
C PHE C 139 4.99 71.47 -5.40
N LEU C 140 4.73 72.76 -5.23
CA LEU C 140 3.63 73.23 -4.40
C LEU C 140 2.35 73.07 -5.20
N GLU C 141 1.66 71.94 -4.99
CA GLU C 141 0.43 71.54 -5.68
C GLU C 141 0.60 71.55 -7.20
N ALA C 142 1.72 71.02 -7.67
CA ALA C 142 2.06 71.01 -9.09
C ALA C 142 1.71 69.69 -9.77
N TYR C 143 1.92 68.56 -9.07
CA TYR C 143 1.63 67.19 -9.53
C TYR C 143 2.38 66.86 -10.83
N ARG C 144 3.62 67.30 -10.93
CA ARG C 144 4.42 67.07 -12.14
C ARG C 144 4.93 65.63 -12.15
N PRO C 145 4.63 64.84 -13.18
CA PRO C 145 5.12 63.46 -13.21
C PRO C 145 6.54 63.36 -13.74
N ILE C 146 7.29 62.42 -13.17
CA ILE C 146 8.71 62.21 -13.49
C ILE C 146 8.99 60.72 -13.50
N ARG C 147 10.16 60.36 -14.02
CA ARG C 147 10.67 59.00 -13.97
C ARG C 147 12.03 58.99 -13.27
N LYS C 148 12.65 57.81 -13.22
CA LYS C 148 13.96 57.67 -12.59
C LYS C 148 15.05 58.08 -13.56
N GLY C 149 15.68 59.22 -13.29
CA GLY C 149 16.71 59.76 -14.16
C GLY C 149 16.35 61.06 -14.84
N ASP C 150 15.19 61.65 -14.53
CA ASP C 150 14.87 62.97 -15.06
C ASP C 150 15.69 64.04 -14.36
N ILE C 151 16.35 64.88 -15.15
CA ILE C 151 17.06 66.04 -14.64
C ILE C 151 16.23 67.26 -15.02
N PHE C 152 15.59 67.85 -14.01
CA PHE C 152 14.66 68.95 -14.23
C PHE C 152 15.23 70.23 -13.65
N LEU C 153 15.02 71.33 -14.36
CA LEU C 153 15.62 72.62 -14.04
C LEU C 153 14.70 73.38 -13.09
N VAL C 154 15.22 73.73 -11.92
CA VAL C 154 14.46 74.47 -10.93
C VAL C 154 15.02 75.89 -10.84
N HIS C 155 14.13 76.86 -10.95
CA HIS C 155 14.48 78.28 -10.93
C HIS C 155 14.27 78.84 -9.54
N GLY C 156 15.22 79.66 -9.09
CA GLY C 156 15.13 80.28 -7.79
C GLY C 156 16.42 80.93 -7.33
N GLY C 157 16.31 82.03 -6.59
CA GLY C 157 17.47 82.74 -6.08
C GLY C 157 18.34 83.39 -7.14
N MET C 158 17.70 83.89 -8.21
CA MET C 158 18.36 84.49 -9.39
C MET C 158 19.36 83.53 -10.04
N ARG C 159 19.04 82.24 -10.06
CA ARG C 159 19.90 81.23 -10.65
C ARG C 159 19.02 80.16 -11.28
N ALA C 160 19.67 79.14 -11.85
CA ALA C 160 18.97 78.03 -12.49
C ALA C 160 19.70 76.74 -12.10
N VAL C 161 19.10 75.98 -11.18
CA VAL C 161 19.72 74.79 -10.62
C VAL C 161 18.97 73.56 -11.11
N GLU C 162 19.69 72.64 -11.73
CA GLU C 162 19.12 71.38 -12.17
C GLU C 162 19.04 70.40 -11.02
N PHE C 163 17.94 69.62 -10.98
CA PHE C 163 17.76 68.60 -9.96
C PHE C 163 17.40 67.27 -10.63
N LYS C 164 18.01 66.20 -10.15
CA LYS C 164 17.93 64.88 -10.76
C LYS C 164 17.21 63.92 -9.84
N VAL C 165 16.27 63.15 -10.39
CA VAL C 165 15.58 62.11 -9.62
C VAL C 165 16.54 60.96 -9.36
N VAL C 166 16.60 60.51 -8.10
CA VAL C 166 17.49 59.43 -7.71
C VAL C 166 16.71 58.12 -7.61
N GLU C 167 15.74 58.07 -6.71
CA GLU C 167 15.00 56.84 -6.46
C GLU C 167 13.63 57.20 -5.89
N THR C 168 12.59 56.55 -6.42
CA THR C 168 11.22 56.73 -5.94
C THR C 168 10.69 55.39 -5.46
N ASP C 169 9.71 55.43 -4.55
CA ASP C 169 9.11 54.20 -4.04
C ASP C 169 8.15 53.58 -5.07
N PRO C 170 7.36 54.37 -5.86
CA PRO C 170 6.93 53.83 -7.16
C PRO C 170 8.06 53.91 -8.17
N SER C 171 8.91 52.87 -8.18
CA SER C 171 10.23 52.92 -8.81
C SER C 171 10.28 53.26 -10.31
N PRO C 172 9.39 52.74 -11.23
CA PRO C 172 9.45 53.26 -12.60
C PRO C 172 8.90 54.68 -12.76
N TYR C 173 7.68 54.93 -12.29
CA TYR C 173 7.01 56.19 -12.61
C TYR C 173 5.97 56.54 -11.56
N CYS C 174 5.83 57.84 -11.31
CA CYS C 174 5.02 58.36 -10.20
C CYS C 174 4.68 59.82 -10.44
N ILE C 175 3.73 60.32 -9.66
CA ILE C 175 3.34 61.73 -9.64
C ILE C 175 3.60 62.25 -8.24
N VAL C 176 4.21 63.42 -8.13
CA VAL C 176 4.55 64.04 -6.86
C VAL C 176 3.29 64.42 -6.11
N ALA C 177 2.95 63.67 -5.06
CA ALA C 177 1.83 64.00 -4.19
C ALA C 177 2.25 65.06 -3.17
N PRO C 178 1.30 65.80 -2.59
CA PRO C 178 1.65 66.68 -1.46
C PRO C 178 2.09 65.94 -0.21
N ASP C 179 1.76 64.66 -0.07
CA ASP C 179 2.23 63.84 1.04
C ASP C 179 3.56 63.16 0.76
N THR C 180 4.19 63.44 -0.39
CA THR C 180 5.46 62.81 -0.73
C THR C 180 6.61 63.53 -0.04
N VAL C 181 7.40 62.78 0.73
CA VAL C 181 8.56 63.34 1.41
C VAL C 181 9.70 63.46 0.41
N ILE C 182 10.28 64.65 0.30
CA ILE C 182 11.34 64.95 -0.66
C ILE C 182 12.67 64.84 0.06
N HIS C 183 13.57 64.02 -0.48
CA HIS C 183 14.88 63.78 0.11
C HIS C 183 15.95 64.51 -0.68
N CYS C 184 16.65 65.43 -0.01
CA CYS C 184 17.68 66.27 -0.64
C CYS C 184 18.91 66.33 0.25
N GLU C 185 19.39 65.15 0.66
CA GLU C 185 20.49 65.06 1.61
C GLU C 185 21.82 65.47 0.96
N GLY C 186 22.86 65.59 1.80
CA GLY C 186 24.15 66.06 1.35
C GLY C 186 24.93 65.03 0.58
N GLU C 187 26.07 65.49 0.03
CA GLU C 187 27.01 64.79 -0.84
C GLU C 187 26.28 64.20 -2.04
N PRO C 188 25.91 65.01 -3.02
CA PRO C 188 25.14 64.50 -4.17
C PRO C 188 26.01 63.76 -5.16
N ILE C 189 25.34 63.01 -6.04
CA ILE C 189 26.01 62.31 -7.12
C ILE C 189 26.21 63.28 -8.28
N LYS C 190 27.02 62.89 -9.25
CA LYS C 190 27.38 63.73 -10.38
C LYS C 190 26.71 63.19 -11.64
N ARG C 191 27.02 63.84 -12.77
CA ARG C 191 26.56 63.35 -14.06
C ARG C 191 27.33 62.08 -14.42
N GLU C 192 26.60 61.03 -14.77
CA GLU C 192 27.18 59.70 -14.90
C GLU C 192 26.53 59.02 -16.10
N ASP C 193 26.68 57.70 -16.18
CA ASP C 193 26.11 56.91 -17.26
C ASP C 193 24.66 56.50 -17.00
N GLU C 194 24.10 56.92 -15.86
CA GLU C 194 22.73 56.65 -15.36
C GLU C 194 22.33 55.18 -15.52
N GLU C 195 23.05 54.32 -14.81
CA GLU C 195 22.80 52.89 -14.84
C GLU C 195 21.49 52.54 -14.14
N GLU C 196 20.81 51.53 -14.67
CA GLU C 196 19.56 51.03 -14.11
C GLU C 196 19.85 49.81 -13.26
N SER C 197 19.25 49.75 -12.07
CA SER C 197 19.53 48.66 -11.14
C SER C 197 18.28 48.02 -10.52
N LEU C 198 17.14 48.71 -10.46
CA LEU C 198 15.94 48.14 -9.87
C LEU C 198 14.71 48.80 -10.50
N ASN C 199 13.66 48.00 -10.71
CA ASN C 199 12.47 48.47 -11.40
C ASN C 199 11.29 47.58 -11.02
N GLU C 200 10.13 47.88 -11.61
CA GLU C 200 8.92 47.08 -11.48
C GLU C 200 8.56 46.51 -12.85
N VAL C 201 7.92 45.34 -12.85
CA VAL C 201 7.70 44.60 -14.09
C VAL C 201 6.60 45.24 -14.93
N GLY C 202 6.56 44.86 -16.20
CA GLY C 202 5.56 45.32 -17.14
C GLY C 202 5.42 44.38 -18.32
N TYR C 203 4.72 44.81 -19.38
CA TYR C 203 4.55 43.96 -20.55
C TYR C 203 5.85 43.80 -21.33
N ASP C 204 6.67 44.86 -21.34
CA ASP C 204 8.00 44.75 -21.93
C ASP C 204 8.92 43.86 -21.12
N ASP C 205 8.67 43.74 -19.81
CA ASP C 205 9.46 42.83 -18.98
C ASP C 205 9.12 41.37 -19.27
N ILE C 206 7.92 41.11 -19.77
CA ILE C 206 7.53 39.77 -20.17
C ILE C 206 8.23 39.41 -21.47
N GLY C 207 8.84 38.23 -21.53
CA GLY C 207 9.58 37.83 -22.70
C GLY C 207 8.74 37.29 -23.84
N GLY C 208 9.19 36.20 -24.45
CA GLY C 208 8.52 35.71 -25.64
C GLY C 208 7.36 34.77 -25.33
N CYS C 209 6.16 35.35 -25.29
CA CYS C 209 4.95 34.58 -25.04
C CYS C 209 3.78 35.10 -25.85
N ARG C 210 4.03 35.87 -26.93
CA ARG C 210 3.04 36.77 -27.52
C ARG C 210 1.85 36.03 -28.13
N LYS C 211 2.06 34.80 -28.59
CA LYS C 211 0.99 33.99 -29.15
C LYS C 211 -0.04 33.61 -28.08
N GLN C 212 0.37 33.58 -26.81
CA GLN C 212 -0.55 33.42 -25.70
C GLN C 212 -0.68 34.68 -24.85
N LEU C 213 0.33 35.56 -24.87
CA LEU C 213 0.24 36.83 -24.16
C LEU C 213 -0.83 37.73 -24.74
N ALA C 214 -1.01 37.70 -26.07
CA ALA C 214 -2.09 38.46 -26.70
C ALA C 214 -3.46 37.93 -26.30
N GLN C 215 -3.58 36.60 -26.17
CA GLN C 215 -4.84 36.00 -25.77
C GLN C 215 -5.21 36.37 -24.35
N ILE C 216 -4.28 36.19 -23.40
CA ILE C 216 -4.57 36.56 -22.02
C ILE C 216 -4.66 38.07 -21.84
N LYS C 217 -4.00 38.84 -22.72
CA LYS C 217 -4.16 40.28 -22.76
C LYS C 217 -5.59 40.66 -23.12
N GLU C 218 -6.17 39.94 -24.08
CA GLU C 218 -7.58 40.16 -24.43
C GLU C 218 -8.50 39.74 -23.30
N MET C 219 -8.27 38.56 -22.71
CA MET C 219 -9.14 38.09 -21.64
C MET C 219 -8.97 38.83 -20.32
N VAL C 220 -7.98 39.71 -20.18
CA VAL C 220 -7.99 40.64 -19.05
C VAL C 220 -8.32 42.07 -19.46
N GLU C 221 -8.18 42.44 -20.74
CA GLU C 221 -8.48 43.80 -21.14
C GLU C 221 -9.99 43.99 -21.29
N LEU C 222 -10.71 42.95 -21.71
CA LEU C 222 -12.16 43.06 -21.75
C LEU C 222 -12.84 43.12 -20.37
N PRO C 223 -12.32 42.50 -19.30
CA PRO C 223 -12.80 42.90 -17.95
C PRO C 223 -12.51 44.34 -17.56
N LEU C 224 -11.49 44.98 -18.14
CA LEU C 224 -11.14 46.33 -17.76
C LEU C 224 -12.15 47.32 -18.33
N ARG C 225 -12.72 48.15 -17.43
CA ARG C 225 -13.69 49.24 -17.63
C ARG C 225 -14.85 48.91 -18.58
N HIS C 226 -15.28 47.66 -18.62
CA HIS C 226 -16.39 47.23 -19.48
C HIS C 226 -17.39 46.43 -18.66
N PRO C 227 -18.23 47.09 -17.85
CA PRO C 227 -19.23 46.34 -17.07
C PRO C 227 -20.42 45.92 -17.92
N ALA C 228 -20.86 46.82 -18.81
CA ALA C 228 -22.03 46.55 -19.63
C ALA C 228 -21.73 45.61 -20.78
N LEU C 229 -20.45 45.44 -21.13
CA LEU C 229 -20.10 44.51 -22.21
C LEU C 229 -20.35 43.07 -21.78
N PHE C 230 -20.01 42.72 -20.54
CA PHE C 230 -20.33 41.39 -20.04
C PHE C 230 -21.82 41.20 -19.80
N LYS C 231 -22.56 42.29 -19.60
CA LYS C 231 -24.01 42.20 -19.62
C LYS C 231 -24.54 41.97 -21.03
N ALA C 232 -23.84 42.49 -22.04
CA ALA C 232 -24.22 42.20 -23.42
C ALA C 232 -23.93 40.75 -23.77
N ILE C 233 -22.83 40.19 -23.26
CA ILE C 233 -22.62 38.75 -23.36
C ILE C 233 -23.62 38.01 -22.46
N GLY C 234 -23.92 38.59 -21.30
CA GLY C 234 -24.76 37.92 -20.31
C GLY C 234 -23.94 37.18 -19.28
N VAL C 235 -22.95 36.42 -19.72
CA VAL C 235 -22.04 35.70 -18.85
C VAL C 235 -20.64 36.26 -19.05
N LYS C 236 -19.81 36.17 -18.02
CA LYS C 236 -18.42 36.56 -18.12
C LYS C 236 -17.59 35.36 -18.54
N PRO C 237 -16.94 35.39 -19.71
CA PRO C 237 -16.22 34.19 -20.20
C PRO C 237 -14.98 33.84 -19.40
N PRO C 238 -14.03 34.80 -19.06
CA PRO C 238 -12.90 34.23 -18.29
C PRO C 238 -13.17 34.18 -16.79
N ARG C 239 -13.94 33.16 -16.40
CA ARG C 239 -14.24 32.94 -14.98
C ARG C 239 -13.00 32.47 -14.23
N GLY C 240 -12.30 31.48 -14.78
CA GLY C 240 -11.07 30.99 -14.19
C GLY C 240 -10.04 30.65 -15.25
N ILE C 241 -8.80 31.11 -15.06
CA ILE C 241 -7.74 30.97 -16.05
C ILE C 241 -6.64 30.12 -15.46
N LEU C 242 -6.31 29.02 -16.13
CA LEU C 242 -5.19 28.17 -15.74
C LEU C 242 -3.98 28.50 -16.59
N LEU C 243 -2.85 28.70 -15.92
CA LEU C 243 -1.59 29.01 -16.58
C LEU C 243 -0.57 27.97 -16.14
N TYR C 244 -0.25 27.04 -17.03
CA TYR C 244 0.57 25.89 -16.68
C TYR C 244 1.80 25.84 -17.57
N GLY C 245 2.87 25.26 -17.03
CA GLY C 245 4.12 25.11 -17.74
C GLY C 245 5.21 24.62 -16.81
N PRO C 246 6.47 24.76 -17.26
CA PRO C 246 7.59 24.48 -16.37
C PRO C 246 7.65 25.47 -15.23
N PRO C 247 8.19 25.07 -14.07
CA PRO C 247 8.21 25.98 -12.90
C PRO C 247 9.19 27.13 -13.11
N GLY C 248 8.65 28.33 -13.16
CA GLY C 248 9.44 29.53 -13.29
C GLY C 248 9.37 30.23 -14.63
N THR C 249 8.30 30.04 -15.40
CA THR C 249 8.20 30.65 -16.74
C THR C 249 7.57 32.03 -16.68
N GLY C 250 8.07 32.89 -15.80
CA GLY C 250 7.53 34.23 -15.61
C GLY C 250 6.09 34.25 -15.17
N LYS C 251 5.69 33.29 -14.32
CA LYS C 251 4.27 33.07 -14.05
C LYS C 251 3.68 34.18 -13.20
N THR C 252 4.25 34.40 -12.02
CA THR C 252 3.87 35.55 -11.21
C THR C 252 4.32 36.87 -11.85
N LEU C 253 5.32 36.83 -12.74
CA LEU C 253 5.67 38.00 -13.53
C LEU C 253 4.54 38.38 -14.49
N ILE C 254 3.95 37.38 -15.15
CA ILE C 254 2.81 37.61 -16.03
C ILE C 254 1.61 38.11 -15.22
N ALA C 255 1.36 37.48 -14.07
CA ALA C 255 0.23 37.87 -13.23
C ALA C 255 0.39 39.28 -12.66
N ARG C 256 1.61 39.66 -12.30
CA ARG C 256 1.85 40.99 -11.81
C ARG C 256 1.84 42.01 -12.94
N ALA C 257 2.21 41.57 -14.15
CA ALA C 257 2.24 42.47 -15.30
C ALA C 257 0.85 42.80 -15.79
N VAL C 258 -0.08 41.85 -15.72
CA VAL C 258 -1.43 42.11 -16.22
C VAL C 258 -2.27 42.83 -15.18
N ALA C 259 -1.68 43.10 -14.01
CA ALA C 259 -2.38 43.81 -12.94
C ALA C 259 -2.06 45.30 -12.91
N ASN C 260 -0.79 45.68 -12.98
CA ASN C 260 -0.41 47.07 -12.79
C ASN C 260 -0.75 47.94 -13.99
N GLU C 261 -0.49 47.44 -15.21
CA GLU C 261 -0.82 48.23 -16.40
C GLU C 261 -2.32 48.28 -16.66
N THR C 262 -3.06 47.25 -16.26
CA THR C 262 -4.51 47.33 -16.33
C THR C 262 -5.05 48.31 -15.29
N GLY C 263 -4.60 48.17 -14.05
CA GLY C 263 -5.04 49.02 -12.96
C GLY C 263 -6.09 48.33 -12.14
N ALA C 264 -5.69 47.72 -11.03
CA ALA C 264 -6.56 46.90 -10.20
C ALA C 264 -5.88 46.71 -8.85
N PHE C 265 -6.46 45.83 -8.03
CA PHE C 265 -5.83 45.35 -6.81
C PHE C 265 -5.35 43.94 -7.06
N PHE C 266 -4.06 43.69 -6.82
CA PHE C 266 -3.50 42.39 -7.19
C PHE C 266 -3.79 41.34 -6.12
N PHE C 267 -3.20 41.52 -4.93
CA PHE C 267 -3.39 40.70 -3.73
C PHE C 267 -3.10 39.22 -3.99
N LEU C 268 -1.84 38.93 -4.27
CA LEU C 268 -1.42 37.56 -4.47
C LEU C 268 -1.47 36.78 -3.17
N ILE C 269 -1.95 35.54 -3.24
CA ILE C 269 -1.83 34.59 -2.16
C ILE C 269 -1.27 33.31 -2.76
N ASN C 270 -0.60 32.51 -1.92
CA ASN C 270 0.03 31.29 -2.39
C ASN C 270 -0.42 30.11 -1.54
N GLY C 271 -0.47 28.95 -2.18
CA GLY C 271 -0.89 27.70 -1.57
C GLY C 271 -0.12 27.24 -0.34
N PRO C 272 1.22 27.33 -0.37
CA PRO C 272 1.98 27.18 0.89
C PRO C 272 1.56 28.14 1.99
N GLU C 273 1.23 29.39 1.69
CA GLU C 273 0.72 30.28 2.72
C GLU C 273 -0.71 29.94 3.14
N ILE C 274 -1.48 29.26 2.28
CA ILE C 274 -2.77 28.75 2.70
C ILE C 274 -2.59 27.60 3.68
N MET C 275 -1.65 26.70 3.39
CA MET C 275 -1.35 25.61 4.31
C MET C 275 -0.49 26.02 5.48
N SER C 276 -0.01 27.28 5.52
CA SER C 276 0.84 27.77 6.60
C SER C 276 0.08 27.94 7.91
N LYS C 277 -1.24 28.05 7.86
CA LYS C 277 -2.03 28.11 9.06
C LYS C 277 -2.53 26.73 9.44
N LEU C 278 -2.90 26.56 10.70
CA LEU C 278 -3.27 25.26 11.24
C LEU C 278 -4.72 24.94 10.89
N ALA C 279 -5.24 23.85 11.47
CA ALA C 279 -6.61 23.44 11.23
C ALA C 279 -7.59 24.40 11.90
N GLY C 280 -8.63 24.78 11.18
CA GLY C 280 -9.56 25.80 11.61
C GLY C 280 -9.21 27.19 11.12
N GLU C 281 -7.92 27.47 10.95
CA GLU C 281 -7.47 28.73 10.40
C GLU C 281 -7.25 28.66 8.89
N SER C 282 -7.52 27.51 8.28
CA SER C 282 -7.42 27.39 6.83
C SER C 282 -8.51 28.19 6.13
N GLU C 283 -9.70 28.27 6.73
CA GLU C 283 -10.74 29.16 6.21
C GLU C 283 -10.37 30.62 6.41
N SER C 284 -9.63 30.92 7.49
CA SER C 284 -9.13 32.26 7.71
C SER C 284 -8.08 32.61 6.68
N ASN C 285 -8.11 33.86 6.21
CA ASN C 285 -7.24 34.49 5.22
C ASN C 285 -7.33 33.85 3.82
N LEU C 286 -8.30 32.96 3.58
CA LEU C 286 -8.58 32.44 2.25
C LEU C 286 -9.94 32.91 1.75
N ARG C 287 -10.97 32.76 2.58
CA ARG C 287 -12.24 33.41 2.30
C ARG C 287 -12.10 34.93 2.36
N LYS C 288 -11.37 35.42 3.37
CA LYS C 288 -11.21 36.86 3.61
C LYS C 288 -10.50 37.55 2.47
N ALA C 289 -9.63 36.83 1.75
CA ALA C 289 -9.10 37.30 0.48
C ALA C 289 -10.21 37.51 -0.54
N PHE C 290 -11.23 36.66 -0.52
CA PHE C 290 -12.28 36.82 -1.52
C PHE C 290 -13.31 37.88 -1.13
N GLU C 291 -13.55 38.13 0.18
CA GLU C 291 -14.32 39.35 0.46
C GLU C 291 -13.49 40.61 0.24
N GLU C 292 -12.16 40.53 0.34
CA GLU C 292 -11.30 41.63 -0.07
C GLU C 292 -11.42 41.89 -1.57
N ALA C 293 -11.48 40.81 -2.36
CA ALA C 293 -11.69 40.96 -3.79
C ALA C 293 -13.12 41.40 -4.11
N GLU C 294 -14.07 41.08 -3.25
CA GLU C 294 -15.46 41.48 -3.49
C GLU C 294 -15.65 42.97 -3.20
N LYS C 295 -15.00 43.49 -2.15
CA LYS C 295 -15.14 44.90 -1.82
C LYS C 295 -14.37 45.81 -2.78
N ASN C 296 -13.42 45.26 -3.53
CA ASN C 296 -12.66 46.00 -4.54
C ASN C 296 -12.91 45.28 -5.87
N ALA C 297 -13.99 45.65 -6.55
CA ALA C 297 -14.40 45.06 -7.83
C ALA C 297 -13.35 45.17 -8.95
N PRO C 298 -12.58 46.30 -9.12
CA PRO C 298 -11.41 46.20 -10.00
C PRO C 298 -10.28 45.41 -9.35
N ALA C 299 -10.31 44.09 -9.48
CA ALA C 299 -9.24 43.25 -8.96
C ALA C 299 -9.17 41.96 -9.76
N ILE C 300 -8.02 41.30 -9.65
CA ILE C 300 -7.84 39.92 -10.12
C ILE C 300 -7.37 39.09 -8.93
N ILE C 301 -7.45 37.78 -9.09
CA ILE C 301 -7.02 36.84 -8.07
C ILE C 301 -6.06 35.85 -8.71
N PHE C 302 -4.87 35.74 -8.13
CA PHE C 302 -3.87 34.78 -8.57
C PHE C 302 -3.47 33.91 -7.38
N ILE C 303 -3.47 32.60 -7.59
CA ILE C 303 -3.02 31.64 -6.59
C ILE C 303 -1.87 30.84 -7.19
N ASP C 304 -0.84 30.60 -6.38
CA ASP C 304 0.34 29.87 -6.81
C ASP C 304 0.41 28.52 -6.12
N GLU C 305 0.99 27.54 -6.82
CA GLU C 305 1.17 26.16 -6.38
C GLU C 305 -0.18 25.51 -6.03
N LEU C 306 -1.02 25.39 -7.06
CA LEU C 306 -2.34 24.79 -6.90
C LEU C 306 -2.27 23.30 -6.61
N ASP C 307 -1.19 22.63 -7.02
CA ASP C 307 -1.01 21.21 -6.71
C ASP C 307 -0.80 20.98 -5.21
N ALA C 308 -0.23 21.96 -4.52
CA ALA C 308 -0.13 21.88 -3.07
C ALA C 308 -1.50 22.03 -2.40
N ILE C 309 -2.41 22.74 -3.05
CA ILE C 309 -3.78 22.86 -2.54
C ILE C 309 -4.61 21.69 -3.03
N ALA C 310 -4.70 21.53 -4.36
CA ALA C 310 -5.62 20.59 -4.97
C ALA C 310 -4.87 19.63 -5.88
N PRO C 311 -4.39 18.51 -5.35
CA PRO C 311 -3.87 17.44 -6.21
C PRO C 311 -4.99 16.55 -6.72
N LYS C 312 -4.63 15.43 -7.35
CA LYS C 312 -5.63 14.44 -7.76
C LYS C 312 -6.30 13.80 -6.56
N ARG C 313 -7.45 13.16 -6.82
CA ARG C 313 -8.29 12.63 -5.75
C ARG C 313 -7.63 11.46 -5.02
N GLU C 314 -6.89 10.62 -5.75
CA GLU C 314 -6.09 9.60 -5.07
C GLU C 314 -4.89 10.21 -4.37
N LYS C 315 -4.40 11.36 -4.85
CA LYS C 315 -3.29 12.04 -4.22
C LYS C 315 -3.72 12.83 -2.98
N THR C 316 -5.01 13.10 -2.83
CA THR C 316 -5.52 13.80 -1.65
C THR C 316 -5.52 12.83 -0.46
N HIS C 317 -4.34 12.67 0.12
CA HIS C 317 -4.16 11.71 1.22
C HIS C 317 -4.20 12.45 2.55
N GLY C 318 -5.39 12.96 2.87
CA GLY C 318 -5.55 13.71 4.10
C GLY C 318 -6.97 14.22 4.23
N GLU C 319 -7.19 15.01 5.29
CA GLU C 319 -8.51 15.53 5.62
C GLU C 319 -8.58 17.04 5.53
N VAL C 320 -7.62 17.75 6.14
CA VAL C 320 -7.62 19.20 6.14
C VAL C 320 -7.37 19.74 4.75
N GLU C 321 -6.52 19.05 3.97
CA GLU C 321 -6.27 19.45 2.59
C GLU C 321 -7.50 19.28 1.70
N ARG C 322 -8.27 18.21 1.90
CA ARG C 322 -9.50 18.08 1.13
C ARG C 322 -10.59 19.01 1.64
N ARG C 323 -10.52 19.41 2.92
CA ARG C 323 -11.37 20.50 3.40
C ARG C 323 -11.05 21.80 2.68
N ILE C 324 -9.76 22.10 2.50
CA ILE C 324 -9.32 23.30 1.79
C ILE C 324 -9.76 23.26 0.34
N VAL C 325 -9.69 22.07 -0.28
CA VAL C 325 -10.24 21.84 -1.61
C VAL C 325 -11.74 22.12 -1.64
N SER C 326 -12.44 21.74 -0.58
CA SER C 326 -13.88 21.98 -0.51
C SER C 326 -14.21 23.47 -0.37
N GLN C 327 -13.45 24.24 0.44
CA GLN C 327 -13.76 25.68 0.48
C GLN C 327 -13.36 26.38 -0.80
N LEU C 328 -12.30 25.89 -1.47
CA LEU C 328 -11.94 26.44 -2.78
C LEU C 328 -13.02 26.20 -3.82
N LEU C 329 -13.63 25.01 -3.80
CA LEU C 329 -14.71 24.71 -4.74
C LEU C 329 -15.98 25.49 -4.42
N THR C 330 -16.33 25.58 -3.14
CA THR C 330 -17.56 26.31 -2.78
C THR C 330 -17.37 27.82 -2.82
N LEU C 331 -16.13 28.30 -2.95
CA LEU C 331 -15.89 29.70 -3.21
C LEU C 331 -15.72 29.99 -4.70
N MET C 332 -15.35 28.99 -5.48
CA MET C 332 -15.14 29.15 -6.91
C MET C 332 -16.41 28.90 -7.74
N ASP C 333 -17.39 28.18 -7.20
CA ASP C 333 -18.59 27.96 -7.99
C ASP C 333 -19.55 29.14 -7.94
N GLY C 334 -19.57 29.87 -6.81
CA GLY C 334 -20.63 30.83 -6.57
C GLY C 334 -20.22 32.29 -6.52
N LEU C 335 -19.34 32.72 -7.41
CA LEU C 335 -19.03 34.13 -7.58
C LEU C 335 -19.52 34.65 -8.94
N LYS C 336 -20.56 34.01 -9.46
CA LYS C 336 -21.14 34.35 -10.77
C LYS C 336 -21.79 35.72 -10.69
N GLN C 337 -21.14 36.71 -11.33
CA GLN C 337 -21.42 38.14 -11.23
C GLN C 337 -21.43 38.59 -9.76
N ARG C 338 -20.28 38.41 -9.13
CA ARG C 338 -20.01 38.89 -7.77
C ARG C 338 -18.77 39.77 -7.87
N ALA C 339 -19.01 41.06 -8.13
CA ALA C 339 -18.01 42.12 -8.31
C ALA C 339 -17.06 41.85 -9.47
N HIS C 340 -17.50 41.05 -10.46
CA HIS C 340 -16.86 40.69 -11.73
C HIS C 340 -15.36 40.43 -11.68
N VAL C 341 -14.91 39.74 -10.65
CA VAL C 341 -13.49 39.48 -10.45
C VAL C 341 -13.11 38.19 -11.18
N ILE C 342 -11.93 38.18 -11.80
CA ILE C 342 -11.42 37.01 -12.49
C ILE C 342 -10.37 36.34 -11.61
N VAL C 343 -10.14 35.06 -11.88
CA VAL C 343 -9.29 34.22 -11.04
C VAL C 343 -8.24 33.56 -11.92
N MET C 344 -6.97 33.68 -11.53
CA MET C 344 -5.87 32.98 -12.16
C MET C 344 -5.27 31.95 -11.21
N ALA C 345 -4.64 30.94 -11.80
CA ALA C 345 -3.99 29.89 -11.03
C ALA C 345 -2.77 29.39 -11.79
N ALA C 346 -1.88 28.73 -11.05
CA ALA C 346 -0.63 28.25 -11.59
C ALA C 346 -0.41 26.80 -11.18
N THR C 347 0.13 26.00 -12.10
CA THR C 347 0.46 24.61 -11.84
C THR C 347 1.54 24.17 -12.81
N ASN C 348 2.05 22.96 -12.58
CA ASN C 348 3.02 22.38 -13.50
C ASN C 348 2.34 21.89 -14.78
N ARG C 349 1.39 20.97 -14.64
CA ARG C 349 0.70 20.40 -15.78
C ARG C 349 -0.80 20.45 -15.47
N PRO C 350 -1.64 20.57 -16.49
CA PRO C 350 -3.10 20.68 -16.25
C PRO C 350 -3.74 19.43 -15.67
N ASN C 351 -3.14 18.26 -15.83
CA ASN C 351 -3.69 17.07 -15.19
C ASN C 351 -3.21 16.89 -13.75
N SER C 352 -2.24 17.71 -13.31
CA SER C 352 -1.74 17.56 -11.94
C SER C 352 -2.75 18.06 -10.93
N ILE C 353 -3.61 19.00 -11.30
CA ILE C 353 -4.68 19.48 -10.43
C ILE C 353 -5.83 18.49 -10.48
N ASP C 354 -6.81 18.67 -9.59
CA ASP C 354 -7.97 17.80 -9.56
C ASP C 354 -8.83 18.03 -10.79
N PRO C 355 -9.21 16.98 -11.54
CA PRO C 355 -10.04 17.16 -12.73
C PRO C 355 -11.46 17.64 -12.44
N ALA C 356 -11.96 17.47 -11.21
CA ALA C 356 -13.26 18.03 -10.86
C ALA C 356 -13.20 19.55 -10.72
N LEU C 357 -12.02 20.11 -10.46
CA LEU C 357 -11.85 21.55 -10.51
C LEU C 357 -11.80 22.05 -11.95
N ARG C 358 -11.34 21.21 -12.87
CA ARG C 358 -11.12 21.58 -14.26
C ARG C 358 -12.37 21.40 -15.13
N ARG C 359 -13.57 21.38 -14.53
CA ARG C 359 -14.79 21.24 -15.32
C ARG C 359 -15.20 22.60 -15.87
N PHE C 360 -16.42 22.68 -16.40
CA PHE C 360 -16.87 23.89 -17.07
C PHE C 360 -17.75 24.72 -16.14
N GLY C 361 -18.01 25.96 -16.57
CA GLY C 361 -18.70 26.95 -15.76
C GLY C 361 -17.76 27.81 -14.95
N ARG C 362 -16.68 27.20 -14.44
CA ARG C 362 -15.61 27.92 -13.77
C ARG C 362 -14.34 27.11 -13.99
N PHE C 363 -13.21 27.83 -14.09
CA PHE C 363 -11.88 27.30 -14.41
C PHE C 363 -11.90 26.52 -15.73
N ASP C 364 -12.19 27.25 -16.81
CA ASP C 364 -12.25 26.67 -18.15
C ASP C 364 -11.26 27.27 -19.13
N ARG C 365 -10.91 28.55 -18.97
CA ARG C 365 -10.06 29.26 -19.94
C ARG C 365 -8.59 28.95 -19.66
N GLU C 366 -8.22 27.71 -19.95
CA GLU C 366 -6.85 27.27 -19.71
C GLU C 366 -5.94 27.63 -20.88
N VAL C 367 -4.69 27.94 -20.56
CA VAL C 367 -3.72 28.36 -21.56
C VAL C 367 -2.35 27.82 -21.16
N ASP C 368 -1.60 27.36 -22.17
CA ASP C 368 -0.22 26.96 -21.99
C ASP C 368 0.71 28.14 -22.19
N ILE C 369 1.90 28.04 -21.62
CA ILE C 369 2.99 29.00 -21.86
C ILE C 369 4.14 28.34 -22.60
N GLY C 370 4.68 27.25 -22.06
CA GLY C 370 5.77 26.56 -22.71
C GLY C 370 7.10 27.26 -22.53
N ILE C 371 8.12 26.69 -23.15
CA ILE C 371 9.47 27.25 -23.09
C ILE C 371 9.56 28.34 -24.14
N PRO C 372 10.48 29.30 -24.01
CA PRO C 372 10.71 30.26 -25.09
C PRO C 372 11.46 29.64 -26.25
N ASP C 373 11.39 30.32 -27.39
CA ASP C 373 12.14 29.94 -28.58
C ASP C 373 13.49 30.66 -28.56
N ALA C 374 14.19 30.67 -29.70
CA ALA C 374 15.48 31.35 -29.79
C ALA C 374 15.33 32.86 -29.68
N THR C 375 14.36 33.43 -30.39
CA THR C 375 14.14 34.87 -30.35
C THR C 375 13.54 35.31 -29.02
N GLY C 376 12.70 34.46 -28.41
CA GLY C 376 12.19 34.76 -27.09
C GLY C 376 13.28 34.75 -26.03
N ARG C 377 14.19 33.77 -26.12
CA ARG C 377 15.35 33.75 -25.24
C ARG C 377 16.27 34.95 -25.49
N LEU C 378 16.38 35.37 -26.76
CA LEU C 378 17.17 36.54 -27.11
C LEU C 378 16.60 37.81 -26.49
N GLU C 379 15.28 37.98 -26.57
CA GLU C 379 14.72 39.19 -25.99
C GLU C 379 14.63 39.12 -24.46
N ILE C 380 14.52 37.92 -23.88
CA ILE C 380 14.61 37.76 -22.43
C ILE C 380 15.99 38.17 -21.94
N LEU C 381 17.03 37.73 -22.65
CA LEU C 381 18.39 38.11 -22.30
C LEU C 381 18.64 39.60 -22.59
N GLN C 382 17.95 40.15 -23.59
CA GLN C 382 18.04 41.58 -23.86
C GLN C 382 17.43 42.42 -22.74
N ILE C 383 16.30 41.95 -22.19
CA ILE C 383 15.72 42.63 -21.02
C ILE C 383 16.63 42.50 -19.80
N HIS C 384 17.17 41.31 -19.57
CA HIS C 384 18.03 41.13 -18.41
C HIS C 384 19.40 41.78 -18.55
N THR C 385 19.82 42.11 -19.76
CA THR C 385 21.08 42.80 -19.99
C THR C 385 20.89 44.25 -20.42
N LYS C 386 19.65 44.75 -20.44
CA LYS C 386 19.43 46.16 -20.74
C LYS C 386 19.88 47.04 -19.59
N ASN C 387 19.59 46.63 -18.35
CA ASN C 387 19.94 47.45 -17.19
C ASN C 387 21.42 47.38 -16.87
N MET C 388 22.11 46.34 -17.30
CA MET C 388 23.51 46.13 -16.96
C MET C 388 24.39 46.37 -18.18
N LYS C 389 25.35 47.27 -18.05
CA LYS C 389 26.24 47.61 -19.16
C LYS C 389 27.28 46.51 -19.31
N LEU C 390 27.30 45.87 -20.48
CA LEU C 390 28.24 44.82 -20.80
C LEU C 390 29.44 45.41 -21.54
N ALA C 391 30.29 44.54 -22.08
CA ALA C 391 31.48 44.99 -22.78
C ALA C 391 31.20 45.43 -24.21
N ASP C 392 29.97 45.25 -24.69
CA ASP C 392 29.44 45.80 -25.95
C ASP C 392 30.16 45.26 -27.19
N ASP C 393 30.80 44.10 -27.07
CA ASP C 393 31.37 43.39 -28.21
C ASP C 393 30.77 42.01 -28.40
N VAL C 394 30.22 41.43 -27.33
CA VAL C 394 29.46 40.19 -27.45
C VAL C 394 28.15 40.46 -28.19
N ASP C 395 27.80 39.54 -29.10
CA ASP C 395 26.62 39.74 -29.93
C ASP C 395 25.31 39.53 -29.17
N LEU C 396 25.35 38.71 -28.11
CA LEU C 396 24.26 38.23 -27.26
C LEU C 396 23.27 37.32 -27.99
N GLU C 397 23.47 37.04 -29.28
CA GLU C 397 22.60 36.17 -30.05
C GLU C 397 23.10 34.74 -30.09
N GLN C 398 24.41 34.54 -30.23
CA GLN C 398 24.99 33.21 -30.15
C GLN C 398 24.87 32.64 -28.74
N VAL C 399 24.89 33.51 -27.73
CA VAL C 399 24.70 33.08 -26.35
C VAL C 399 23.29 32.55 -26.14
N ALA C 400 22.30 33.29 -26.64
CA ALA C 400 20.90 32.87 -26.53
C ALA C 400 20.52 31.81 -27.55
N ASN C 401 21.38 31.52 -28.52
CA ASN C 401 21.10 30.48 -29.50
C ASN C 401 21.75 29.15 -29.15
N GLU C 402 22.91 29.19 -28.49
CA GLU C 402 23.56 27.95 -28.09
C GLU C 402 22.86 27.28 -26.91
N THR C 403 22.11 28.04 -26.11
CA THR C 403 21.34 27.44 -25.04
C THR C 403 20.15 26.67 -25.60
N HIS C 404 19.67 25.71 -24.82
CA HIS C 404 18.62 24.83 -25.27
C HIS C 404 17.92 24.23 -24.06
N GLY C 405 16.60 24.36 -24.02
CA GLY C 405 15.82 23.84 -22.92
C GLY C 405 16.05 24.54 -21.59
N HIS C 406 16.09 25.86 -21.59
CA HIS C 406 16.31 26.63 -20.38
C HIS C 406 15.13 27.55 -20.12
N VAL C 407 14.73 27.63 -18.86
CA VAL C 407 13.67 28.53 -18.45
C VAL C 407 14.25 29.94 -18.31
N GLY C 408 13.38 30.96 -18.37
CA GLY C 408 13.85 32.35 -18.28
C GLY C 408 14.47 32.70 -16.95
N ALA C 409 14.06 32.01 -15.88
CA ALA C 409 14.76 32.12 -14.60
C ALA C 409 16.19 31.60 -14.69
N ASP C 410 16.40 30.54 -15.46
CA ASP C 410 17.75 30.06 -15.70
C ASP C 410 18.55 31.02 -16.58
N LEU C 411 17.88 31.76 -17.48
CA LEU C 411 18.60 32.81 -18.21
C LEU C 411 18.98 33.96 -17.29
N ALA C 412 18.12 34.31 -16.33
CA ALA C 412 18.47 35.33 -15.35
C ALA C 412 19.62 34.87 -14.46
N ALA C 413 19.60 33.59 -14.06
CA ALA C 413 20.71 33.02 -13.30
C ALA C 413 21.97 32.93 -14.14
N LEU C 414 21.83 32.70 -15.45
CA LEU C 414 22.97 32.69 -16.36
C LEU C 414 23.62 34.06 -16.46
N CYS C 415 22.79 35.11 -16.56
CA CYS C 415 23.31 36.48 -16.57
C CYS C 415 23.97 36.84 -15.24
N SER C 416 23.36 36.40 -14.13
CA SER C 416 23.94 36.64 -12.81
C SER C 416 25.26 35.90 -12.63
N GLU C 417 25.36 34.67 -13.12
CA GLU C 417 26.61 33.92 -12.97
C GLU C 417 27.68 34.42 -13.92
N ALA C 418 27.29 34.96 -15.08
CA ALA C 418 28.26 35.61 -15.97
C ALA C 418 28.80 36.89 -15.34
N ALA C 419 27.93 37.65 -14.67
CA ALA C 419 28.41 38.82 -13.93
C ALA C 419 29.27 38.41 -12.74
N LEU C 420 28.96 37.27 -12.12
CA LEU C 420 29.81 36.73 -11.06
C LEU C 420 31.18 36.32 -11.59
N GLN C 421 31.21 35.74 -12.79
CA GLN C 421 32.48 35.43 -13.46
C GLN C 421 33.27 36.70 -13.76
N ALA C 422 32.60 37.76 -14.19
CA ALA C 422 33.26 39.03 -14.47
C ALA C 422 33.81 39.67 -13.20
N ILE C 423 33.08 39.55 -12.09
CA ILE C 423 33.56 40.09 -10.82
C ILE C 423 34.73 39.26 -10.30
N ARG C 424 34.64 37.93 -10.37
CA ARG C 424 35.69 37.07 -9.85
C ARG C 424 36.92 37.03 -10.75
N LYS C 425 36.80 37.49 -12.01
CA LYS C 425 37.97 37.58 -12.88
C LYS C 425 38.93 38.66 -12.40
N LYS C 426 38.40 39.79 -11.98
CA LYS C 426 39.20 40.89 -11.45
C LYS C 426 39.41 40.71 -9.94
N MET C 427 40.55 41.22 -9.46
CA MET C 427 40.93 41.09 -8.07
C MET C 427 40.15 42.08 -7.20
N ASP C 428 40.44 42.08 -5.90
CA ASP C 428 39.69 42.92 -4.97
C ASP C 428 40.01 44.41 -5.12
N LEU C 429 38.96 45.20 -5.25
CA LEU C 429 39.06 46.65 -5.35
C LEU C 429 38.88 47.24 -3.95
N ILE C 430 38.60 48.55 -3.87
CA ILE C 430 38.34 49.20 -2.60
C ILE C 430 37.03 48.67 -2.01
N ASP C 431 36.92 48.75 -0.68
CA ASP C 431 35.81 48.16 0.04
C ASP C 431 34.84 49.25 0.51
N LEU C 432 33.60 48.85 0.74
CA LEU C 432 32.56 49.78 1.15
C LEU C 432 31.47 49.04 1.92
N ILE C 437 30.37 55.66 -3.09
CA ILE C 437 30.87 56.32 -4.28
C ILE C 437 30.13 55.80 -5.51
N ASP C 438 30.18 54.46 -5.68
CA ASP C 438 29.43 53.71 -6.70
C ASP C 438 29.78 54.16 -8.12
N ALA C 439 31.08 54.24 -8.41
CA ALA C 439 31.53 54.58 -9.75
C ALA C 439 32.77 53.79 -10.18
N GLU C 440 33.03 52.65 -9.56
CA GLU C 440 34.23 51.87 -9.84
C GLU C 440 33.94 50.48 -10.36
N VAL C 441 33.00 49.76 -9.74
CA VAL C 441 32.67 48.40 -10.15
C VAL C 441 31.53 48.34 -11.16
N MET C 442 31.02 49.49 -11.60
CA MET C 442 30.00 49.52 -12.64
C MET C 442 30.57 49.91 -13.99
N ASN C 443 31.41 50.95 -14.05
CA ASN C 443 32.03 51.35 -15.29
C ASN C 443 33.16 50.43 -15.73
N SER C 444 33.63 49.54 -14.85
CA SER C 444 34.62 48.54 -15.21
C SER C 444 33.98 47.18 -15.50
N LEU C 445 32.66 47.13 -15.61
CA LEU C 445 31.98 45.88 -15.90
C LEU C 445 32.19 45.47 -17.35
N ALA C 446 32.64 44.24 -17.56
CA ALA C 446 32.89 43.74 -18.90
C ALA C 446 32.76 42.23 -18.89
N VAL C 447 32.01 41.69 -19.85
CA VAL C 447 31.84 40.25 -20.00
C VAL C 447 32.29 39.85 -21.40
N THR C 448 32.92 38.68 -21.49
CA THR C 448 33.46 38.20 -22.75
C THR C 448 32.62 37.05 -23.28
N MET C 449 33.00 36.58 -24.48
CA MET C 449 32.43 35.35 -25.01
C MET C 449 32.83 34.16 -24.16
N ASP C 450 34.05 34.17 -23.62
CA ASP C 450 34.49 33.13 -22.71
C ASP C 450 33.76 33.19 -21.38
N ASP C 451 33.32 34.39 -20.97
CA ASP C 451 32.59 34.53 -19.70
C ASP C 451 31.23 33.85 -19.77
N PHE C 452 30.47 34.13 -20.82
CA PHE C 452 29.18 33.47 -20.99
C PHE C 452 29.34 32.01 -21.41
N ARG C 453 30.46 31.68 -22.07
CA ARG C 453 30.72 30.31 -22.46
C ARG C 453 31.02 29.43 -21.26
N TRP C 454 31.79 29.96 -20.30
CA TRP C 454 31.96 29.26 -19.02
C TRP C 454 30.68 29.30 -18.21
N ALA C 455 29.90 30.37 -18.34
CA ALA C 455 28.60 30.42 -17.69
C ALA C 455 27.62 29.43 -18.31
N LEU C 456 27.77 29.15 -19.61
CA LEU C 456 26.93 28.16 -20.27
C LEU C 456 27.21 26.75 -19.75
N SER C 457 28.47 26.47 -19.42
CA SER C 457 28.79 25.19 -18.79
C SER C 457 28.24 25.11 -17.38
N GLN C 458 28.33 26.21 -16.63
CA GLN C 458 27.85 26.25 -15.26
C GLN C 458 26.43 26.81 -15.23
N SER C 459 25.51 26.05 -15.81
CA SER C 459 24.10 26.45 -15.87
C SER C 459 23.26 25.19 -15.97
N ASN C 460 22.59 24.84 -14.87
CA ASN C 460 21.73 23.67 -14.86
C ASN C 460 20.37 24.02 -15.45
N PRO C 461 19.95 23.39 -16.55
CA PRO C 461 18.62 23.68 -17.10
C PRO C 461 17.53 22.93 -16.35
N SER C 462 16.30 23.34 -16.62
CA SER C 462 15.12 22.68 -16.07
C SER C 462 14.10 22.28 -17.12
N ALA C 463 14.11 22.89 -18.29
CA ALA C 463 13.14 22.59 -19.34
C ALA C 463 13.58 21.45 -20.25
N LEU C 464 14.69 20.79 -19.91
CA LEU C 464 15.08 19.58 -20.62
C LEU C 464 14.17 18.42 -20.22
N ARG C 465 14.28 17.31 -20.97
CA ARG C 465 13.41 16.14 -20.89
C ARG C 465 11.94 16.52 -21.07
N GLU C 466 11.68 17.42 -22.01
CA GLU C 466 10.35 17.93 -22.25
C GLU C 466 10.12 18.10 -23.74
N THR C 467 8.86 17.98 -24.16
CA THR C 467 8.50 18.16 -25.55
C THR C 467 8.56 19.64 -25.91
N VAL C 468 9.55 20.01 -26.70
CA VAL C 468 9.75 21.40 -27.08
C VAL C 468 8.74 21.80 -28.14
N VAL C 469 8.37 23.08 -28.14
CA VAL C 469 7.50 23.64 -29.16
C VAL C 469 8.18 24.87 -29.76
N GLU C 470 8.22 24.93 -31.08
CA GLU C 470 8.99 25.96 -31.78
C GLU C 470 8.51 26.06 -33.22
N VAL C 471 8.94 27.15 -33.87
CA VAL C 471 8.84 27.31 -35.32
C VAL C 471 10.26 27.34 -35.86
N PRO C 472 10.80 26.22 -36.34
CA PRO C 472 12.20 26.17 -36.78
C PRO C 472 12.38 26.86 -38.12
N GLN C 473 13.64 26.93 -38.56
CA GLN C 473 14.04 27.72 -39.72
C GLN C 473 14.89 26.88 -40.66
N VAL C 474 14.31 26.47 -41.79
CA VAL C 474 15.03 25.77 -42.85
C VAL C 474 14.98 26.61 -44.12
N THR C 475 13.87 27.35 -44.28
CA THR C 475 13.58 28.25 -45.40
C THR C 475 13.67 27.56 -46.77
N TRP C 476 13.14 26.34 -46.84
CA TRP C 476 12.70 25.65 -48.06
C TRP C 476 13.81 25.25 -49.03
N GLU C 477 15.07 25.59 -48.76
CA GLU C 477 16.12 25.41 -49.76
C GLU C 477 17.09 24.30 -49.43
N ASP C 478 16.93 23.65 -48.27
CA ASP C 478 17.66 22.41 -48.03
C ASP C 478 17.13 21.28 -48.89
N ILE C 479 15.85 21.35 -49.25
CA ILE C 479 15.16 20.27 -49.92
C ILE C 479 15.60 20.22 -51.38
N GLY C 480 16.02 19.03 -51.83
CA GLY C 480 16.44 18.85 -53.20
C GLY C 480 15.62 17.80 -53.94
N GLY C 481 14.97 18.21 -55.02
CA GLY C 481 14.09 17.31 -55.74
C GLY C 481 12.75 17.16 -55.06
N LEU C 482 11.93 16.28 -55.64
CA LEU C 482 10.57 15.93 -55.19
C LEU C 482 9.67 17.17 -55.12
N GLU C 483 9.71 17.97 -56.19
CA GLU C 483 8.99 19.24 -56.21
C GLU C 483 7.48 19.05 -56.28
N ASP C 484 7.02 18.02 -57.00
CA ASP C 484 5.60 17.68 -56.98
C ASP C 484 5.17 17.17 -55.61
N VAL C 485 6.06 16.46 -54.91
CA VAL C 485 5.80 16.03 -53.55
C VAL C 485 5.74 17.23 -52.62
N LYS C 486 6.59 18.23 -52.84
CA LYS C 486 6.54 19.46 -52.06
C LYS C 486 5.26 20.24 -52.33
N ARG C 487 4.79 20.21 -53.58
CA ARG C 487 3.51 20.86 -53.92
C ARG C 487 2.34 20.14 -53.25
N GLU C 488 2.39 18.80 -53.21
CA GLU C 488 1.34 18.04 -52.54
C GLU C 488 1.35 18.27 -51.04
N LEU C 489 2.54 18.39 -50.45
CA LEU C 489 2.66 18.70 -49.04
C LEU C 489 2.21 20.13 -48.73
N GLN C 490 2.41 21.06 -49.68
CA GLN C 490 1.88 22.40 -49.54
C GLN C 490 0.36 22.41 -49.61
N GLU C 491 -0.21 21.65 -50.55
CA GLU C 491 -1.65 21.61 -50.70
C GLU C 491 -2.34 20.87 -49.57
N LEU C 492 -1.65 19.95 -48.91
CA LEU C 492 -2.26 19.26 -47.77
C LEU C 492 -2.28 20.12 -46.51
N VAL C 493 -1.26 20.94 -46.30
CA VAL C 493 -1.07 21.66 -45.05
C VAL C 493 -1.23 23.16 -45.21
N GLN C 494 -0.48 23.77 -46.12
CA GLN C 494 -0.36 25.24 -46.17
C GLN C 494 -1.63 25.89 -46.66
N TYR C 495 -2.18 25.41 -47.77
CA TYR C 495 -3.37 25.99 -48.40
C TYR C 495 -4.69 25.84 -47.64
N PRO C 496 -4.93 24.80 -46.80
CA PRO C 496 -6.06 24.93 -45.85
C PRO C 496 -5.93 26.09 -44.88
N VAL C 497 -4.72 26.41 -44.43
CA VAL C 497 -4.54 27.58 -43.57
C VAL C 497 -4.68 28.86 -44.38
N GLU C 498 -4.13 28.89 -45.59
CA GLU C 498 -4.16 30.11 -46.40
C GLU C 498 -5.53 30.35 -47.01
N HIS C 499 -6.11 29.34 -47.65
CA HIS C 499 -7.42 29.47 -48.31
C HIS C 499 -8.31 28.33 -47.86
N PRO C 500 -8.98 28.45 -46.70
CA PRO C 500 -9.95 27.43 -46.29
C PRO C 500 -11.28 27.55 -47.00
N ASP C 501 -11.55 28.66 -47.69
CA ASP C 501 -12.82 28.84 -48.37
C ASP C 501 -12.93 27.95 -49.61
N LYS C 502 -11.79 27.59 -50.22
CA LYS C 502 -11.80 26.62 -51.30
C LYS C 502 -12.22 25.23 -50.80
N PHE C 503 -11.72 24.85 -49.62
CA PHE C 503 -12.06 23.54 -49.07
C PHE C 503 -13.48 23.51 -48.53
N LEU C 504 -13.99 24.66 -48.09
CA LEU C 504 -15.39 24.75 -47.68
C LEU C 504 -16.33 24.96 -48.85
N LYS C 505 -15.80 25.29 -50.03
CA LYS C 505 -16.62 25.38 -51.23
C LYS C 505 -17.17 24.03 -51.63
N PHE C 506 -16.32 22.99 -51.58
CA PHE C 506 -16.73 21.64 -51.96
C PHE C 506 -16.91 20.73 -50.76
N GLY C 507 -16.50 21.17 -49.57
CA GLY C 507 -16.68 20.35 -48.37
C GLY C 507 -15.78 19.14 -48.28
N MET C 508 -14.66 19.15 -49.00
CA MET C 508 -13.74 18.02 -49.02
C MET C 508 -12.90 18.04 -47.75
N THR C 509 -12.92 16.93 -47.02
CA THR C 509 -12.03 16.78 -45.88
C THR C 509 -10.62 16.52 -46.38
N PRO C 510 -9.65 17.36 -46.04
CA PRO C 510 -8.29 17.16 -46.56
C PRO C 510 -7.60 15.97 -45.90
N SER C 511 -6.62 15.43 -46.61
CA SER C 511 -5.82 14.32 -46.10
C SER C 511 -4.90 14.84 -45.01
N LYS C 512 -5.31 14.64 -43.76
CA LYS C 512 -4.60 15.16 -42.60
C LYS C 512 -3.51 14.21 -42.10
N GLY C 513 -3.36 13.05 -42.72
CA GLY C 513 -2.34 12.10 -42.32
C GLY C 513 -1.56 11.53 -43.49
N VAL C 514 -0.23 11.57 -43.39
CA VAL C 514 0.64 11.12 -44.47
C VAL C 514 1.70 10.21 -43.88
N LEU C 515 2.26 9.34 -44.72
CA LEU C 515 3.28 8.38 -44.31
C LEU C 515 4.54 8.61 -45.14
N PHE C 516 5.69 8.49 -44.50
CA PHE C 516 6.99 8.51 -45.15
C PHE C 516 7.67 7.16 -44.94
N TYR C 517 8.20 6.60 -46.03
CA TYR C 517 8.88 5.31 -45.94
C TYR C 517 10.04 5.29 -46.91
N GLY C 518 11.02 4.43 -46.61
CA GLY C 518 12.20 4.31 -47.42
C GLY C 518 13.47 4.19 -46.59
N PRO C 519 14.55 4.81 -47.04
CA PRO C 519 15.81 4.77 -46.30
C PRO C 519 15.72 5.58 -45.01
N PRO C 520 16.59 5.30 -44.02
CA PRO C 520 16.57 6.09 -42.78
C PRO C 520 17.10 7.50 -42.97
N GLY C 521 16.26 8.38 -43.51
CA GLY C 521 16.66 9.74 -43.82
C GLY C 521 16.23 10.72 -42.73
N CYS C 522 17.06 11.73 -42.51
CA CYS C 522 16.68 12.88 -41.69
C CYS C 522 16.12 14.02 -42.51
N GLY C 523 15.98 13.83 -43.83
CA GLY C 523 15.42 14.88 -44.67
C GLY C 523 13.93 15.03 -44.50
N LYS C 524 13.26 13.98 -44.02
CA LYS C 524 11.85 14.09 -43.67
C LYS C 524 11.65 14.97 -42.44
N THR C 525 12.60 14.95 -41.51
CA THR C 525 12.57 15.84 -40.36
C THR C 525 12.68 17.29 -40.80
N LEU C 526 13.58 17.57 -41.74
CA LEU C 526 13.71 18.92 -42.27
C LEU C 526 12.52 19.30 -43.17
N LEU C 527 11.88 18.31 -43.78
CA LEU C 527 10.64 18.54 -44.52
C LEU C 527 9.53 19.00 -43.59
N ALA C 528 9.39 18.34 -42.44
CA ALA C 528 8.40 18.74 -41.44
C ALA C 528 8.75 20.10 -40.83
N LYS C 529 10.04 20.35 -40.63
CA LYS C 529 10.50 21.66 -40.15
C LYS C 529 10.19 22.76 -41.15
N ALA C 530 10.34 22.48 -42.45
CA ALA C 530 10.01 23.46 -43.48
C ALA C 530 8.50 23.65 -43.59
N ILE C 531 7.71 22.60 -43.35
CA ILE C 531 6.26 22.73 -43.33
C ILE C 531 5.83 23.65 -42.20
N ALA C 532 6.42 23.46 -41.02
CA ALA C 532 6.13 24.34 -39.88
C ALA C 532 6.70 25.75 -40.09
N ASN C 533 7.77 25.89 -40.87
CA ASN C 533 8.36 27.20 -41.11
C ASN C 533 7.50 28.02 -42.07
N GLU C 534 7.31 27.51 -43.29
CA GLU C 534 6.51 28.25 -44.26
C GLU C 534 5.02 28.26 -43.93
N CYS C 535 4.56 27.33 -43.09
CA CYS C 535 3.22 27.41 -42.54
C CYS C 535 3.15 28.39 -41.38
N GLN C 536 4.31 28.79 -40.83
CA GLN C 536 4.44 29.61 -39.62
C GLN C 536 3.69 28.99 -38.44
N ALA C 537 3.80 27.67 -38.33
CA ALA C 537 3.07 26.89 -37.33
C ALA C 537 4.06 26.24 -36.38
N ASN C 538 3.50 25.67 -35.31
CA ASN C 538 4.32 25.05 -34.27
C ASN C 538 4.84 23.70 -34.74
N PHE C 539 5.82 23.18 -34.00
CA PHE C 539 6.41 21.89 -34.29
C PHE C 539 6.58 21.09 -33.01
N ILE C 540 6.29 19.80 -33.07
CA ILE C 540 6.50 18.87 -31.98
C ILE C 540 7.27 17.68 -32.52
N SER C 541 8.42 17.40 -31.92
CA SER C 541 9.28 16.29 -32.33
C SER C 541 9.01 15.10 -31.41
N ILE C 542 8.25 14.13 -31.91
CA ILE C 542 7.99 12.90 -31.17
C ILE C 542 9.16 11.95 -31.38
N LYS C 543 9.80 11.54 -30.29
CA LYS C 543 10.99 10.72 -30.36
C LYS C 543 10.66 9.23 -30.29
N GLY C 544 11.36 8.45 -31.10
CA GLY C 544 11.28 7.01 -31.06
C GLY C 544 11.72 6.37 -29.75
N PRO C 545 12.87 6.79 -29.21
CA PRO C 545 13.18 6.44 -27.81
C PRO C 545 12.15 6.89 -26.79
N GLU C 546 11.49 8.03 -27.01
CA GLU C 546 10.37 8.39 -26.14
C GLU C 546 9.17 7.47 -26.32
N LEU C 547 8.96 6.98 -27.56
CA LEU C 547 7.90 6.01 -27.80
C LEU C 547 8.18 4.68 -27.10
N LEU C 548 9.42 4.21 -27.14
CA LEU C 548 9.77 3.01 -26.42
C LEU C 548 9.83 3.23 -24.90
N THR C 549 10.07 4.48 -24.47
CA THR C 549 9.93 4.83 -23.07
C THR C 549 8.48 4.70 -22.61
N MET C 550 7.55 5.20 -23.43
CA MET C 550 6.13 5.10 -23.12
C MET C 550 5.63 3.66 -23.21
N TRP C 551 6.25 2.84 -24.07
CA TRP C 551 5.85 1.43 -24.18
C TRP C 551 6.40 0.60 -23.02
N PHE C 552 7.72 0.65 -22.80
CA PHE C 552 8.34 -0.17 -21.78
C PHE C 552 8.05 0.33 -20.36
N GLY C 553 7.70 1.60 -20.21
CA GLY C 553 7.30 2.13 -18.93
C GLY C 553 5.87 1.86 -18.53
N GLU C 554 5.10 1.22 -19.43
CA GLU C 554 3.70 0.84 -19.24
C GLU C 554 2.81 2.04 -18.92
N SER C 555 3.11 3.17 -19.55
CA SER C 555 2.35 4.41 -19.39
C SER C 555 1.83 4.83 -20.76
N GLU C 556 0.67 4.28 -21.13
CA GLU C 556 0.05 4.59 -22.41
C GLU C 556 -0.83 5.84 -22.35
N ALA C 557 -0.96 6.46 -21.18
CA ALA C 557 -1.74 7.67 -21.03
C ALA C 557 -0.95 8.93 -21.35
N ASN C 558 0.33 8.80 -21.69
CA ASN C 558 1.16 9.95 -22.02
C ASN C 558 0.86 10.53 -23.40
N VAL C 559 0.14 9.78 -24.25
CA VAL C 559 -0.25 10.27 -25.57
C VAL C 559 -1.28 11.39 -25.44
N ARG C 560 -2.13 11.33 -24.40
CA ARG C 560 -3.26 12.24 -24.26
C ARG C 560 -2.80 13.67 -23.99
N GLU C 561 -1.82 13.87 -23.11
CA GLU C 561 -1.36 15.23 -22.85
C GLU C 561 -0.50 15.77 -23.99
N ILE C 562 0.15 14.88 -24.75
CA ILE C 562 0.87 15.30 -25.95
C ILE C 562 -0.10 15.83 -27.00
N PHE C 563 -1.21 15.11 -27.20
CA PHE C 563 -2.23 15.58 -28.13
C PHE C 563 -2.98 16.79 -27.60
N ASP C 564 -3.08 16.92 -26.27
CA ASP C 564 -3.66 18.12 -25.68
C ASP C 564 -2.78 19.34 -25.93
N LYS C 565 -1.46 19.17 -25.80
CA LYS C 565 -0.53 20.25 -26.17
C LYS C 565 -0.58 20.54 -27.66
N ALA C 566 -0.83 19.51 -28.47
CA ALA C 566 -1.03 19.71 -29.91
C ALA C 566 -2.28 20.55 -30.20
N ARG C 567 -3.37 20.30 -29.47
CA ARG C 567 -4.58 21.10 -29.63
C ARG C 567 -4.36 22.53 -29.14
N GLN C 568 -3.68 22.71 -28.01
CA GLN C 568 -3.48 24.05 -27.49
C GLN C 568 -2.43 24.84 -28.27
N ALA C 569 -1.56 24.15 -29.01
CA ALA C 569 -0.59 24.81 -29.88
C ALA C 569 -1.03 24.77 -31.35
N ALA C 570 -2.33 24.85 -31.61
CA ALA C 570 -2.82 24.80 -32.97
C ALA C 570 -2.53 26.12 -33.69
N PRO C 571 -2.07 26.08 -34.96
CA PRO C 571 -1.73 24.89 -35.75
C PRO C 571 -0.33 24.36 -35.45
N CYS C 572 -0.12 23.06 -35.64
CA CYS C 572 1.15 22.46 -35.27
C CYS C 572 1.46 21.29 -36.21
N VAL C 573 2.72 20.89 -36.18
CA VAL C 573 3.23 19.77 -36.97
C VAL C 573 3.68 18.69 -36.01
N LEU C 574 3.11 17.49 -36.16
CA LEU C 574 3.30 16.39 -35.22
C LEU C 574 4.14 15.31 -35.91
N PHE C 575 5.46 15.46 -35.82
CA PHE C 575 6.39 14.56 -36.50
C PHE C 575 6.65 13.35 -35.60
N PHE C 576 6.07 12.22 -35.96
CA PHE C 576 6.33 10.97 -35.26
C PHE C 576 7.51 10.26 -35.89
N ASP C 577 8.31 9.61 -35.05
CA ASP C 577 9.46 8.82 -35.49
C ASP C 577 9.03 7.43 -35.95
N GLU C 578 10.00 6.52 -36.04
CA GLU C 578 9.77 5.17 -36.54
C GLU C 578 8.83 4.37 -35.65
N LEU C 579 7.59 4.19 -36.10
CA LEU C 579 6.60 3.44 -35.35
C LEU C 579 6.79 1.94 -35.48
N ASP C 580 7.52 1.49 -36.51
CA ASP C 580 7.76 0.06 -36.70
C ASP C 580 8.78 -0.50 -35.73
N SER C 581 9.54 0.36 -35.03
CA SER C 581 10.50 -0.11 -34.03
C SER C 581 9.81 -0.73 -32.83
N ILE C 582 8.62 -0.23 -32.48
CA ILE C 582 7.83 -0.85 -31.42
C ILE C 582 7.36 -2.23 -31.84
N ALA C 583 6.95 -2.37 -33.11
CA ALA C 583 6.65 -3.69 -33.64
C ALA C 583 7.91 -4.52 -33.91
N LYS C 584 9.06 -3.87 -34.10
CA LYS C 584 10.32 -4.59 -34.22
C LYS C 584 10.72 -5.21 -32.88
N ALA C 585 10.34 -4.57 -31.77
CA ALA C 585 10.57 -5.14 -30.44
C ALA C 585 9.80 -6.44 -30.24
N ARG C 586 8.59 -6.53 -30.79
CA ARG C 586 7.88 -7.80 -30.80
C ARG C 586 8.49 -8.77 -31.82
N GLY C 587 8.93 -8.25 -32.96
CA GLY C 587 9.54 -9.07 -33.98
C GLY C 587 10.21 -8.27 -35.08
N GLY C 593 5.23 -12.41 -29.64
CA GLY C 593 5.32 -13.17 -30.87
C GLY C 593 4.39 -12.65 -31.96
N GLY C 594 4.95 -11.86 -32.88
CA GLY C 594 4.13 -11.26 -33.92
C GLY C 594 3.26 -10.14 -33.37
N GLY C 595 2.10 -9.97 -33.99
CA GLY C 595 1.13 -8.99 -33.56
C GLY C 595 0.95 -7.88 -34.58
N ALA C 596 -0.04 -7.03 -34.31
CA ALA C 596 -0.40 -5.93 -35.18
C ALA C 596 -0.24 -4.57 -34.51
N ALA C 597 -0.72 -4.41 -33.28
CA ALA C 597 -0.66 -3.15 -32.57
C ALA C 597 -0.18 -3.37 -31.15
N ASP C 598 0.31 -2.29 -30.54
CA ASP C 598 0.88 -2.32 -29.20
C ASP C 598 0.08 -1.39 -28.28
N ARG C 599 0.59 -1.19 -27.07
CA ARG C 599 -0.09 -0.35 -26.08
C ARG C 599 -0.02 1.13 -26.41
N VAL C 600 0.90 1.55 -27.27
CA VAL C 600 1.02 2.95 -27.65
C VAL C 600 0.38 3.12 -29.01
N ILE C 601 0.39 2.05 -29.80
CA ILE C 601 -0.10 2.11 -31.17
C ILE C 601 -1.62 2.27 -31.19
N ASN C 602 -2.33 1.55 -30.30
CA ASN C 602 -3.79 1.61 -30.32
C ASN C 602 -4.31 2.94 -29.78
N GLN C 603 -3.51 3.64 -28.98
CA GLN C 603 -3.94 4.93 -28.45
C GLN C 603 -3.95 6.00 -29.53
N ILE C 604 -2.96 5.97 -30.44
CA ILE C 604 -2.90 7.00 -31.47
C ILE C 604 -3.95 6.79 -32.56
N LEU C 605 -4.48 5.58 -32.72
CA LEU C 605 -5.65 5.40 -33.58
C LEU C 605 -6.89 6.05 -32.98
N THR C 606 -7.05 5.96 -31.66
CA THR C 606 -8.13 6.66 -30.99
C THR C 606 -7.92 8.17 -31.02
N GLU C 607 -6.66 8.61 -31.06
CA GLU C 607 -6.38 10.03 -31.24
C GLU C 607 -6.73 10.48 -32.66
N MET C 608 -6.46 9.63 -33.65
CA MET C 608 -6.80 9.95 -35.04
C MET C 608 -8.30 9.96 -35.25
N ASP C 609 -9.02 9.04 -34.60
CA ASP C 609 -10.47 9.11 -34.62
C ASP C 609 -10.98 10.29 -33.81
N GLY C 610 -10.27 10.67 -32.75
CA GLY C 610 -10.55 11.89 -32.03
C GLY C 610 -9.98 13.14 -32.65
N MET C 611 -9.26 13.03 -33.76
CA MET C 611 -8.73 14.20 -34.45
C MET C 611 -9.84 14.88 -35.24
N SER C 612 -10.10 16.14 -34.92
CA SER C 612 -11.02 16.93 -35.72
C SER C 612 -10.37 17.31 -37.04
N THR C 613 -11.21 17.61 -38.02
CA THR C 613 -10.72 18.07 -39.31
C THR C 613 -10.32 19.55 -39.30
N LYS C 614 -10.63 20.26 -38.22
CA LYS C 614 -10.36 21.68 -38.10
C LYS C 614 -9.02 21.89 -37.41
N LYS C 615 -8.75 23.14 -37.04
CA LYS C 615 -7.62 23.66 -36.25
C LYS C 615 -6.27 23.58 -36.95
N ASN C 616 -6.21 22.99 -38.16
CA ASN C 616 -4.99 22.86 -38.99
C ASN C 616 -3.85 22.15 -38.26
N VAL C 617 -4.19 21.19 -37.42
CA VAL C 617 -3.19 20.36 -36.74
C VAL C 617 -2.95 19.15 -37.64
N PHE C 618 -1.70 19.00 -38.06
CA PHE C 618 -1.36 17.95 -39.01
C PHE C 618 -0.66 16.80 -38.31
N ILE C 619 -0.92 15.59 -38.77
CA ILE C 619 -0.26 14.39 -38.30
C ILE C 619 0.59 13.85 -39.44
N ILE C 620 1.89 13.79 -39.23
CA ILE C 620 2.84 13.38 -40.25
C ILE C 620 3.66 12.21 -39.71
N GLY C 621 3.76 11.15 -40.49
CA GLY C 621 4.38 9.92 -40.06
C GLY C 621 5.68 9.66 -40.81
N ALA C 622 6.63 9.01 -40.12
CA ALA C 622 7.93 8.70 -40.68
C ALA C 622 8.32 7.29 -40.29
N THR C 623 8.35 6.40 -41.28
CA THR C 623 8.79 5.02 -41.09
C THR C 623 9.91 4.72 -42.07
N ASN C 624 10.47 3.52 -41.95
CA ASN C 624 11.44 3.02 -42.92
C ASN C 624 10.95 1.76 -43.62
N ARG C 625 10.51 0.76 -42.88
CA ARG C 625 9.99 -0.47 -43.46
C ARG C 625 8.50 -0.57 -43.17
N PRO C 626 7.63 -0.34 -44.17
CA PRO C 626 6.19 -0.38 -43.93
C PRO C 626 5.57 -1.76 -44.00
N ASP C 627 6.35 -2.82 -44.13
CA ASP C 627 5.79 -4.17 -44.10
C ASP C 627 5.51 -4.65 -42.68
N ILE C 628 6.12 -4.02 -41.68
CA ILE C 628 6.04 -4.51 -40.31
C ILE C 628 5.25 -3.53 -39.45
N ILE C 629 4.29 -2.83 -40.07
CA ILE C 629 3.51 -1.85 -39.34
C ILE C 629 2.07 -2.35 -39.20
N ASP C 630 1.26 -1.59 -38.48
CA ASP C 630 -0.14 -1.94 -38.26
C ASP C 630 -0.92 -1.82 -39.56
N PRO C 631 -1.73 -2.82 -39.92
CA PRO C 631 -2.67 -2.63 -41.04
C PRO C 631 -3.76 -1.60 -40.78
N ALA C 632 -4.05 -1.27 -39.52
CA ALA C 632 -4.98 -0.20 -39.23
C ALA C 632 -4.41 1.17 -39.60
N ILE C 633 -3.08 1.30 -39.59
CA ILE C 633 -2.44 2.47 -40.20
C ILE C 633 -2.70 2.49 -41.69
N LEU C 634 -2.65 1.32 -42.33
CA LEU C 634 -2.96 1.21 -43.76
C LEU C 634 -4.44 1.38 -44.07
N ARG C 635 -5.32 1.35 -43.07
CA ARG C 635 -6.73 1.61 -43.29
C ARG C 635 -6.96 3.08 -43.64
N PRO C 636 -7.88 3.38 -44.55
CA PRO C 636 -8.16 4.77 -44.90
C PRO C 636 -8.83 5.52 -43.76
N GLY C 637 -8.52 6.82 -43.69
CA GLY C 637 -9.03 7.67 -42.65
C GLY C 637 -8.17 7.72 -41.40
N ARG C 638 -7.27 6.75 -41.22
CA ARG C 638 -6.37 6.73 -40.07
C ARG C 638 -5.03 7.39 -40.44
N LEU C 639 -4.31 6.80 -41.39
CA LEU C 639 -3.18 7.46 -42.02
C LEU C 639 -3.39 7.29 -43.51
N ASP C 640 -3.61 8.40 -44.21
CA ASP C 640 -4.34 8.36 -45.47
C ASP C 640 -3.47 7.89 -46.63
N GLN C 641 -2.41 8.61 -46.95
CA GLN C 641 -1.64 8.34 -48.15
C GLN C 641 -0.18 8.12 -47.79
N LEU C 642 0.50 7.28 -48.55
CA LEU C 642 1.90 6.93 -48.31
C LEU C 642 2.77 7.62 -49.35
N ILE C 643 3.83 8.27 -48.89
CA ILE C 643 4.78 8.96 -49.75
C ILE C 643 6.13 8.25 -49.64
N TYR C 644 6.64 7.79 -50.78
CA TYR C 644 7.98 7.23 -50.82
C TYR C 644 9.00 8.34 -51.00
N ILE C 645 10.04 8.32 -50.17
CA ILE C 645 11.17 9.22 -50.31
C ILE C 645 12.33 8.42 -50.90
N PRO C 646 12.73 8.66 -52.14
CA PRO C 646 13.76 7.83 -52.77
C PRO C 646 15.18 8.24 -52.40
N LEU C 647 16.15 7.65 -53.10
CA LEU C 647 17.55 8.00 -52.93
C LEU C 647 17.78 9.46 -53.35
N PRO C 648 18.75 10.14 -52.72
CA PRO C 648 19.04 11.51 -53.10
C PRO C 648 19.59 11.66 -54.52
N ASP C 649 19.24 12.77 -55.13
CA ASP C 649 19.67 13.10 -56.49
C ASP C 649 20.82 14.10 -56.45
N GLU C 650 21.35 14.42 -57.63
CA GLU C 650 22.54 15.27 -57.72
C GLU C 650 22.25 16.71 -57.32
N LYS C 651 21.06 17.23 -57.62
CA LYS C 651 20.68 18.54 -57.11
C LYS C 651 20.45 18.49 -55.61
N SER C 652 19.92 17.37 -55.11
CA SER C 652 19.85 17.19 -53.66
C SER C 652 21.23 16.98 -53.06
N ARG C 653 22.18 16.42 -53.81
CA ARG C 653 23.54 16.28 -53.32
C ARG C 653 24.24 17.63 -53.20
N VAL C 654 24.06 18.51 -54.19
CA VAL C 654 24.63 19.84 -54.05
C VAL C 654 23.85 20.70 -53.07
N ALA C 655 22.57 20.38 -52.81
CA ALA C 655 21.87 21.02 -51.70
C ALA C 655 22.39 20.54 -50.36
N ILE C 656 22.79 19.27 -50.27
CA ILE C 656 23.45 18.72 -49.08
C ILE C 656 24.77 19.43 -48.86
N LEU C 657 25.52 19.66 -49.93
CA LEU C 657 26.79 20.40 -49.81
C LEU C 657 26.56 21.88 -49.50
N LYS C 658 25.42 22.43 -49.93
CA LYS C 658 25.07 23.80 -49.53
C LYS C 658 24.73 23.86 -48.04
N ALA C 659 24.04 22.84 -47.53
CA ALA C 659 23.77 22.77 -46.10
C ALA C 659 25.05 22.51 -45.30
N ASN C 660 26.01 21.80 -45.91
CA ASN C 660 27.34 21.70 -45.33
C ASN C 660 28.05 23.04 -45.32
N LEU C 661 27.80 23.87 -46.34
CA LEU C 661 28.31 25.23 -46.38
C LEU C 661 27.43 26.20 -45.60
N ARG C 662 26.26 25.77 -45.14
CA ARG C 662 25.41 26.60 -44.31
C ARG C 662 26.02 26.74 -42.92
N LYS C 663 26.07 27.99 -42.42
CA LYS C 663 26.53 28.36 -41.08
C LYS C 663 27.96 27.91 -40.81
N SER C 664 28.80 27.91 -41.84
CA SER C 664 30.17 27.45 -41.74
C SER C 664 31.04 28.41 -42.56
N PRO C 665 32.06 29.01 -41.95
CA PRO C 665 32.97 29.88 -42.72
C PRO C 665 33.80 29.11 -43.73
N VAL C 666 33.56 29.39 -45.01
CA VAL C 666 34.19 28.70 -46.11
C VAL C 666 34.69 29.77 -47.09
N ALA C 667 35.67 29.40 -47.90
CA ALA C 667 36.25 30.28 -48.90
C ALA C 667 35.98 29.69 -50.29
N LYS C 668 36.62 30.27 -51.30
CA LYS C 668 36.40 29.86 -52.68
C LYS C 668 37.16 28.57 -52.99
N ASP C 669 37.14 28.20 -54.28
CA ASP C 669 37.73 26.97 -54.82
C ASP C 669 37.18 25.72 -54.14
N VAL C 670 35.87 25.55 -54.28
CA VAL C 670 35.18 24.34 -53.83
C VAL C 670 34.58 23.64 -55.05
N ASP C 671 34.67 22.31 -55.05
CA ASP C 671 34.20 21.48 -56.16
C ASP C 671 32.96 20.72 -55.68
N LEU C 672 31.80 21.36 -55.77
CA LEU C 672 30.57 20.75 -55.31
C LEU C 672 30.05 19.69 -56.26
N GLU C 673 30.43 19.75 -57.53
CA GLU C 673 30.05 18.72 -58.50
C GLU C 673 30.96 17.52 -58.47
N PHE C 674 32.02 17.55 -57.67
CA PHE C 674 32.97 16.45 -57.62
C PHE C 674 32.41 15.24 -56.89
N LEU C 675 31.56 15.46 -55.89
CA LEU C 675 31.06 14.36 -55.08
C LEU C 675 29.93 13.60 -55.77
N ALA C 676 29.08 14.29 -56.53
CA ALA C 676 27.84 13.68 -57.00
C ALA C 676 28.04 12.68 -58.13
N LYS C 677 29.18 12.71 -58.80
CA LYS C 677 29.36 11.85 -59.98
C LYS C 677 29.66 10.40 -59.61
N MET C 678 30.30 10.16 -58.47
CA MET C 678 30.66 8.79 -58.09
C MET C 678 30.12 8.34 -56.74
N THR C 679 29.73 9.25 -55.84
CA THR C 679 29.19 8.87 -54.54
C THR C 679 27.67 8.77 -54.55
N ASN C 680 27.08 8.41 -55.69
CA ASN C 680 25.63 8.26 -55.80
C ASN C 680 25.11 7.05 -55.04
N GLY C 681 25.94 6.03 -54.85
CA GLY C 681 25.51 4.86 -54.09
C GLY C 681 25.43 5.09 -52.60
N PHE C 682 26.11 6.12 -52.09
CA PHE C 682 26.08 6.40 -50.67
C PHE C 682 24.79 7.13 -50.30
N SER C 683 24.47 7.11 -49.00
CA SER C 683 23.35 7.86 -48.48
C SER C 683 23.79 9.30 -48.20
N GLY C 684 22.82 10.16 -47.85
CA GLY C 684 23.13 11.56 -47.61
C GLY C 684 23.90 11.80 -46.33
N ALA C 685 23.75 10.90 -45.35
CA ALA C 685 24.52 11.02 -44.12
C ALA C 685 25.98 10.69 -44.34
N ASP C 686 26.28 9.85 -45.34
CA ASP C 686 27.67 9.57 -45.70
C ASP C 686 28.33 10.82 -46.28
N LEU C 687 27.63 11.54 -47.17
CA LEU C 687 28.16 12.78 -47.71
C LEU C 687 28.19 13.88 -46.65
N THR C 688 27.31 13.81 -45.64
CA THR C 688 27.43 14.72 -44.51
C THR C 688 28.68 14.40 -43.69
N GLU C 689 28.88 13.13 -43.37
CA GLU C 689 30.02 12.65 -42.58
C GLU C 689 31.34 12.89 -43.28
N ILE C 690 31.35 12.96 -44.61
CA ILE C 690 32.50 13.44 -45.37
C ILE C 690 32.84 14.88 -44.96
N CYS C 691 31.81 15.73 -44.82
CA CYS C 691 32.05 17.13 -44.46
C CYS C 691 32.51 17.28 -43.01
N GLN C 692 31.89 16.53 -42.07
CA GLN C 692 32.40 16.62 -40.70
C GLN C 692 33.78 15.99 -40.55
N ARG C 693 34.08 14.91 -41.28
CA ARG C 693 35.41 14.32 -41.22
C ARG C 693 36.48 15.22 -41.82
N ALA C 694 36.17 15.91 -42.94
CA ALA C 694 37.08 16.90 -43.48
C ALA C 694 37.22 18.11 -42.58
N CYS C 695 36.16 18.48 -41.86
CA CYS C 695 36.25 19.60 -40.92
C CYS C 695 37.11 19.24 -39.71
N LYS C 696 37.00 18.01 -39.20
CA LYS C 696 37.89 17.58 -38.13
C LYS C 696 39.33 17.42 -38.61
N LEU C 697 39.51 17.03 -39.89
CA LEU C 697 40.84 17.02 -40.47
C LEU C 697 41.43 18.41 -40.58
N ALA C 698 40.60 19.40 -40.92
CA ALA C 698 41.04 20.79 -40.99
C ALA C 698 41.38 21.33 -39.60
N ILE C 699 40.58 20.98 -38.59
CA ILE C 699 40.85 21.38 -37.21
C ILE C 699 42.15 20.73 -36.72
N ARG C 700 42.35 19.46 -37.05
CA ARG C 700 43.57 18.75 -36.65
C ARG C 700 44.81 19.31 -37.33
N GLU C 701 44.72 19.66 -38.61
CA GLU C 701 45.89 20.21 -39.28
C GLU C 701 46.14 21.66 -38.87
N SER C 702 45.09 22.41 -38.49
CA SER C 702 45.29 23.75 -37.95
C SER C 702 45.93 23.70 -36.56
N ILE C 703 45.54 22.73 -35.74
CA ILE C 703 46.11 22.69 -34.40
C ILE C 703 47.49 22.04 -34.41
N GLU C 704 47.81 21.19 -35.39
CA GLU C 704 49.21 20.80 -35.51
C GLU C 704 50.05 21.86 -36.19
N SER C 705 49.43 22.78 -36.95
CA SER C 705 50.14 24.00 -37.34
C SER C 705 50.43 24.88 -36.14
N GLU C 706 49.50 24.94 -35.17
CA GLU C 706 49.77 25.59 -33.89
C GLU C 706 50.89 24.89 -33.13
N ILE C 707 50.92 23.56 -33.20
CA ILE C 707 52.00 22.77 -32.58
C ILE C 707 53.33 23.06 -33.27
N ARG C 708 53.31 23.24 -34.59
CA ARG C 708 54.50 23.65 -35.34
C ARG C 708 54.96 25.05 -34.94
N ARG C 709 54.01 25.97 -34.73
CA ARG C 709 54.32 27.31 -34.26
C ARG C 709 54.94 27.30 -32.87
N GLU C 710 54.43 26.45 -31.98
CA GLU C 710 55.02 26.31 -30.65
C GLU C 710 56.38 25.61 -30.70
N ARG C 711 56.56 24.70 -31.67
CA ARG C 711 57.82 23.99 -31.84
C ARG C 711 58.91 24.92 -32.37
N GLU C 712 58.53 25.88 -33.22
CA GLU C 712 59.49 26.81 -33.79
C GLU C 712 59.97 27.83 -32.77
N ARG C 713 59.28 27.99 -31.65
CA ARG C 713 59.70 28.90 -30.59
C ARG C 713 60.91 28.38 -29.85
N ASP C 726 48.11 33.56 -40.46
CA ASP C 726 47.18 33.09 -41.48
C ASP C 726 46.01 32.34 -40.84
N PRO C 727 44.79 32.62 -41.32
CA PRO C 727 43.61 31.96 -40.73
C PRO C 727 43.34 30.56 -41.25
N VAL C 728 43.90 30.20 -42.41
CA VAL C 728 43.59 29.05 -43.29
C VAL C 728 42.12 28.63 -43.25
N PRO C 729 41.20 29.48 -43.72
CA PRO C 729 39.77 29.24 -43.48
C PRO C 729 39.12 28.25 -44.43
N GLU C 730 39.86 27.68 -45.37
CA GLU C 730 39.30 26.80 -46.38
C GLU C 730 39.84 25.38 -46.22
N ILE C 731 38.93 24.41 -46.21
CA ILE C 731 39.33 23.01 -46.23
C ILE C 731 39.82 22.68 -47.63
N ARG C 732 41.10 22.35 -47.75
CA ARG C 732 41.67 22.05 -49.05
C ARG C 732 41.17 20.68 -49.52
N ARG C 733 40.95 20.55 -50.83
CA ARG C 733 40.14 19.44 -51.34
C ARG C 733 40.88 18.11 -51.37
N ASP C 734 42.19 18.08 -51.11
CA ASP C 734 42.86 16.81 -50.86
C ASP C 734 42.35 16.17 -49.57
N HIS C 735 42.08 16.99 -48.55
CA HIS C 735 41.47 16.49 -47.33
C HIS C 735 40.01 16.09 -47.58
N PHE C 736 39.33 16.77 -48.51
CA PHE C 736 38.00 16.34 -48.93
C PHE C 736 38.03 14.98 -49.61
N GLU C 737 39.05 14.73 -50.42
CA GLU C 737 39.13 13.44 -51.09
C GLU C 737 39.56 12.33 -50.15
N GLU C 738 40.40 12.65 -49.15
CA GLU C 738 40.68 11.68 -48.10
C GLU C 738 39.46 11.45 -47.21
N ALA C 739 38.58 12.45 -47.09
CA ALA C 739 37.33 12.24 -46.38
C ALA C 739 36.37 11.34 -47.16
N MET C 740 36.31 11.48 -48.48
CA MET C 740 35.43 10.61 -49.25
C MET C 740 36.06 9.25 -49.58
N ARG C 741 37.35 9.06 -49.22
CA ARG C 741 38.05 7.82 -49.55
C ARG C 741 37.43 6.60 -48.86
N PHE C 742 37.24 6.67 -47.54
CA PHE C 742 36.68 5.53 -46.80
C PHE C 742 35.18 5.44 -47.04
N ALA C 743 34.69 4.20 -47.11
CA ALA C 743 33.30 3.93 -47.50
C ALA C 743 32.54 3.35 -46.31
N ARG C 744 31.38 3.93 -46.02
CA ARG C 744 30.45 3.44 -45.00
C ARG C 744 29.02 3.46 -45.56
N ARG C 745 28.86 2.82 -46.72
CA ARG C 745 27.57 2.72 -47.40
C ARG C 745 26.54 2.01 -46.55
N SER C 746 25.57 2.77 -46.04
CA SER C 746 24.60 2.25 -45.07
C SER C 746 23.35 1.70 -45.72
N VAL C 747 23.10 2.02 -46.98
CA VAL C 747 21.93 1.51 -47.68
C VAL C 747 22.25 0.13 -48.27
N SER C 748 21.23 -0.69 -48.38
CA SER C 748 21.34 -2.01 -48.98
C SER C 748 20.51 -2.04 -50.26
N ASP C 749 21.08 -2.62 -51.32
CA ASP C 749 20.43 -2.62 -52.62
C ASP C 749 19.19 -3.51 -52.64
N ASN C 750 19.22 -4.60 -51.87
CA ASN C 750 18.05 -5.46 -51.75
C ASN C 750 16.90 -4.77 -51.01
N ASP C 751 17.20 -3.94 -50.01
CA ASP C 751 16.18 -3.13 -49.37
C ASP C 751 15.65 -2.06 -50.32
N ILE C 752 16.50 -1.55 -51.22
CA ILE C 752 16.06 -0.61 -52.24
C ILE C 752 15.10 -1.30 -53.22
N ARG C 753 15.39 -2.55 -53.59
CA ARG C 753 14.46 -3.31 -54.42
C ARG C 753 13.17 -3.64 -53.69
N LYS C 754 13.24 -3.84 -52.37
CA LYS C 754 12.05 -4.00 -51.55
C LYS C 754 11.19 -2.73 -51.53
N TYR C 755 11.84 -1.57 -51.43
CA TYR C 755 11.14 -0.29 -51.52
C TYR C 755 10.53 -0.08 -52.90
N GLU C 756 11.24 -0.51 -53.95
CA GLU C 756 10.69 -0.41 -55.30
C GLU C 756 9.54 -1.39 -55.50
N MET C 757 9.57 -2.53 -54.82
CA MET C 757 8.46 -3.47 -54.87
C MET C 757 7.22 -2.91 -54.20
N PHE C 758 7.38 -2.22 -53.07
CA PHE C 758 6.23 -1.53 -52.48
C PHE C 758 5.81 -0.30 -53.28
N ALA C 759 6.73 0.31 -54.03
CA ALA C 759 6.35 1.39 -54.92
C ALA C 759 5.53 0.87 -56.10
N GLN C 760 5.90 -0.31 -56.61
CA GLN C 760 5.12 -0.95 -57.66
C GLN C 760 3.78 -1.47 -57.14
N THR C 761 3.73 -1.83 -55.85
CA THR C 761 2.47 -2.18 -55.21
C THR C 761 1.54 -0.97 -55.15
N LEU C 762 2.10 0.22 -54.90
CA LEU C 762 1.34 1.46 -54.92
C LEU C 762 1.31 2.09 -56.31
N GLN C 763 1.96 1.49 -57.30
CA GLN C 763 1.80 1.91 -58.68
C GLN C 763 0.51 1.27 -59.21
N GLN C 764 -0.50 2.09 -59.42
CA GLN C 764 -1.85 1.59 -59.68
C GLN C 764 -2.30 1.85 -61.10
N ASN D 21 -57.41 21.60 -41.40
CA ASN D 21 -56.47 22.59 -41.91
C ASN D 21 -55.94 23.48 -40.78
N ARG D 22 -55.36 22.83 -39.75
CA ARG D 22 -54.82 23.33 -38.49
C ARG D 22 -55.72 24.39 -37.85
N PRO D 23 -56.82 23.98 -37.20
CA PRO D 23 -57.81 24.95 -36.69
C PRO D 23 -57.36 25.81 -35.52
N ASN D 24 -56.09 25.74 -35.09
CA ASN D 24 -55.56 26.67 -34.10
C ASN D 24 -55.37 28.08 -34.66
N ARG D 25 -55.34 28.22 -35.99
CA ARG D 25 -55.19 29.53 -36.61
C ARG D 25 -56.47 30.34 -36.44
N LEU D 26 -56.36 31.48 -35.76
CA LEU D 26 -57.50 32.34 -35.46
C LEU D 26 -57.31 33.70 -36.12
N ILE D 27 -58.37 34.50 -36.07
CA ILE D 27 -58.38 35.84 -36.66
C ILE D 27 -58.59 36.85 -35.54
N VAL D 28 -57.75 37.88 -35.50
CA VAL D 28 -57.82 38.89 -34.46
C VAL D 28 -59.01 39.82 -34.73
N ASP D 29 -59.73 40.19 -33.66
CA ASP D 29 -60.90 41.04 -33.77
C ASP D 29 -61.01 41.87 -32.50
N GLU D 30 -61.84 42.91 -32.55
CA GLU D 30 -62.05 43.77 -31.40
C GLU D 30 -62.83 43.05 -30.31
N ALA D 31 -62.44 43.27 -29.06
CA ALA D 31 -63.03 42.58 -27.93
C ALA D 31 -64.37 43.20 -27.53
N ILE D 32 -65.12 42.46 -26.73
CA ILE D 32 -66.34 42.94 -26.10
C ILE D 32 -66.04 43.49 -24.71
N ASN D 33 -65.35 42.70 -23.89
CA ASN D 33 -64.96 43.14 -22.56
C ASN D 33 -63.77 44.08 -22.64
N GLU D 34 -63.69 45.01 -21.69
CA GLU D 34 -62.61 45.99 -21.64
C GLU D 34 -61.37 45.47 -20.92
N ASP D 35 -61.40 44.25 -20.41
CA ASP D 35 -60.25 43.68 -19.71
C ASP D 35 -59.14 43.34 -20.69
N ASN D 36 -57.90 43.44 -20.22
CA ASN D 36 -56.73 43.09 -21.00
C ASN D 36 -56.30 41.64 -20.81
N SER D 37 -57.04 40.87 -20.00
CA SER D 37 -56.72 39.47 -19.75
C SER D 37 -57.87 38.54 -20.12
N VAL D 38 -58.85 39.01 -20.88
CA VAL D 38 -60.02 38.23 -21.25
C VAL D 38 -60.16 38.28 -22.77
N VAL D 39 -60.17 37.11 -23.40
CA VAL D 39 -60.44 37.00 -24.83
C VAL D 39 -61.79 36.31 -25.02
N SER D 40 -62.41 36.58 -26.15
CA SER D 40 -63.72 36.04 -26.49
C SER D 40 -63.59 35.06 -27.64
N LEU D 41 -64.13 33.86 -27.45
CA LEU D 41 -64.10 32.81 -28.47
C LEU D 41 -65.44 32.11 -28.50
N SER D 42 -65.70 31.44 -29.63
CA SER D 42 -66.97 30.77 -29.83
C SER D 42 -67.04 29.46 -29.04
N GLN D 43 -68.27 29.05 -28.75
CA GLN D 43 -68.49 27.78 -28.04
C GLN D 43 -68.05 26.52 -28.80
N PRO D 44 -68.31 26.30 -30.10
CA PRO D 44 -67.82 25.06 -30.73
C PRO D 44 -66.31 24.99 -30.91
N LYS D 45 -65.60 26.11 -30.84
CA LYS D 45 -64.14 26.07 -30.94
C LYS D 45 -63.46 25.87 -29.59
N MET D 46 -64.18 26.05 -28.48
CA MET D 46 -63.61 25.77 -27.17
C MET D 46 -63.57 24.27 -26.89
N ASP D 47 -64.62 23.54 -27.29
CA ASP D 47 -64.67 22.11 -27.04
C ASP D 47 -63.80 21.32 -28.00
N GLU D 48 -63.55 21.85 -29.20
CA GLU D 48 -62.71 21.15 -30.17
C GLU D 48 -61.25 21.17 -29.75
N LEU D 49 -60.80 22.25 -29.10
CA LEU D 49 -59.42 22.41 -28.68
C LEU D 49 -59.17 21.93 -27.26
N GLN D 50 -60.19 21.33 -26.62
CA GLN D 50 -60.13 20.74 -25.28
C GLN D 50 -59.72 21.77 -24.23
N LEU D 51 -60.57 22.79 -24.07
CA LEU D 51 -60.34 23.89 -23.15
C LEU D 51 -61.54 24.07 -22.24
N PHE D 52 -61.25 24.50 -21.01
CA PHE D 52 -62.30 24.77 -20.03
C PHE D 52 -62.81 26.19 -20.22
N ARG D 53 -63.69 26.63 -19.30
CA ARG D 53 -64.21 27.98 -19.34
C ARG D 53 -63.26 28.99 -18.70
N GLY D 54 -62.20 28.53 -18.05
CA GLY D 54 -61.19 29.39 -17.49
C GLY D 54 -59.80 28.88 -17.80
N ASP D 55 -59.67 28.20 -18.93
CA ASP D 55 -58.40 27.60 -19.31
C ASP D 55 -57.41 28.66 -19.77
N THR D 56 -56.13 28.42 -19.48
CA THR D 56 -55.04 29.26 -19.94
C THR D 56 -54.54 28.77 -21.28
N VAL D 57 -54.30 29.70 -22.20
CA VAL D 57 -53.95 29.36 -23.57
C VAL D 57 -52.65 30.06 -23.96
N LEU D 58 -51.99 29.51 -24.98
CA LEU D 58 -50.75 30.04 -25.51
C LEU D 58 -51.08 30.77 -26.81
N LEU D 59 -51.11 32.11 -26.75
CA LEU D 59 -51.44 32.94 -27.91
C LEU D 59 -50.15 33.50 -28.48
N LYS D 60 -49.73 32.98 -29.63
CA LYS D 60 -48.50 33.41 -30.28
C LYS D 60 -48.81 34.53 -31.26
N GLY D 61 -47.92 35.52 -31.33
CA GLY D 61 -48.07 36.61 -32.28
C GLY D 61 -46.84 36.82 -33.14
N LYS D 62 -46.64 38.06 -33.61
CA LYS D 62 -45.48 38.41 -34.40
C LYS D 62 -44.37 38.97 -33.51
N LYS D 63 -43.16 39.04 -34.09
CA LYS D 63 -41.91 39.43 -33.40
C LYS D 63 -41.66 38.57 -32.16
N ARG D 64 -41.92 37.26 -32.29
CA ARG D 64 -41.95 36.21 -31.28
C ARG D 64 -42.56 36.63 -29.94
N ARG D 65 -43.63 37.41 -29.99
CA ARG D 65 -44.30 37.90 -28.80
C ARG D 65 -45.51 37.02 -28.50
N GLU D 66 -45.65 36.64 -27.24
CA GLU D 66 -46.68 35.69 -26.82
C GLU D 66 -47.36 36.21 -25.57
N ALA D 67 -48.60 35.77 -25.36
CA ALA D 67 -49.36 36.21 -24.20
C ALA D 67 -50.34 35.11 -23.79
N VAL D 68 -50.74 35.14 -22.52
CA VAL D 68 -51.73 34.22 -21.96
C VAL D 68 -52.93 35.02 -21.52
N CYS D 69 -54.12 34.60 -21.96
CA CYS D 69 -55.37 35.25 -21.58
C CYS D 69 -56.42 34.19 -21.29
N ILE D 70 -57.32 34.52 -20.35
CA ILE D 70 -58.39 33.60 -19.97
C ILE D 70 -59.51 33.69 -21.01
N VAL D 71 -59.86 32.55 -21.59
CA VAL D 71 -60.86 32.51 -22.66
C VAL D 71 -62.25 32.46 -22.05
N LEU D 72 -63.13 33.36 -22.52
CA LEU D 72 -64.53 33.35 -22.14
C LEU D 72 -65.39 33.11 -23.38
N SER D 73 -66.46 32.34 -23.22
CA SER D 73 -67.35 32.05 -24.33
C SER D 73 -68.22 33.26 -24.64
N ASP D 74 -68.31 33.60 -25.93
CA ASP D 74 -69.08 34.74 -26.39
C ASP D 74 -70.07 34.27 -27.44
N ASP D 75 -71.33 34.71 -27.32
CA ASP D 75 -72.34 34.33 -28.29
C ASP D 75 -72.18 35.09 -29.61
N THR D 76 -71.66 36.31 -29.58
CA THR D 76 -71.53 37.14 -30.76
C THR D 76 -70.19 36.97 -31.46
N CYS D 77 -69.32 36.08 -30.97
CA CYS D 77 -68.01 35.88 -31.55
C CYS D 77 -68.06 34.82 -32.65
N SER D 78 -67.25 35.03 -33.68
CA SER D 78 -67.17 34.07 -34.78
C SER D 78 -66.33 32.86 -34.36
N ASP D 79 -66.50 31.76 -35.11
CA ASP D 79 -65.74 30.55 -34.83
C ASP D 79 -64.28 30.71 -35.22
N GLU D 80 -64.02 31.21 -36.43
CA GLU D 80 -62.66 31.39 -36.91
C GLU D 80 -61.97 32.59 -36.28
N LYS D 81 -62.71 33.53 -35.73
CA LYS D 81 -62.15 34.76 -35.19
C LYS D 81 -62.05 34.72 -33.67
N ILE D 82 -61.06 35.41 -33.14
CA ILE D 82 -60.89 35.60 -31.70
C ILE D 82 -60.93 37.11 -31.43
N ARG D 83 -61.58 37.49 -30.34
CA ARG D 83 -61.71 38.89 -29.96
C ARG D 83 -60.73 39.21 -28.84
N MET D 84 -59.92 40.25 -29.03
CA MET D 84 -58.94 40.65 -28.04
C MET D 84 -58.83 42.17 -28.03
N ASN D 85 -58.32 42.69 -26.92
CA ASN D 85 -58.25 44.13 -26.70
C ASN D 85 -57.10 44.74 -27.52
N ARG D 86 -57.08 46.08 -27.56
CA ARG D 86 -56.00 46.79 -28.22
C ARG D 86 -54.68 46.65 -27.48
N VAL D 87 -54.74 46.42 -26.16
CA VAL D 87 -53.55 46.13 -25.37
C VAL D 87 -52.93 44.80 -25.79
N VAL D 88 -53.77 43.77 -25.94
CA VAL D 88 -53.30 42.45 -26.36
C VAL D 88 -52.88 42.46 -27.82
N ARG D 89 -53.55 43.27 -28.66
CA ARG D 89 -53.18 43.39 -30.07
C ARG D 89 -51.83 44.07 -30.23
N ASN D 90 -51.56 45.12 -29.45
CA ASN D 90 -50.28 45.81 -29.53
C ASN D 90 -49.16 45.02 -28.86
N ASN D 91 -49.48 44.19 -27.87
CA ASN D 91 -48.47 43.35 -27.24
C ASN D 91 -48.08 42.18 -28.13
N LEU D 92 -48.97 41.73 -29.00
CA LEU D 92 -48.71 40.60 -29.90
C LEU D 92 -48.06 41.03 -31.21
N ARG D 93 -47.75 42.33 -31.37
CA ARG D 93 -47.14 42.93 -32.56
C ARG D 93 -47.96 42.66 -33.83
N VAL D 94 -49.27 42.75 -33.70
CA VAL D 94 -50.18 42.54 -34.83
C VAL D 94 -51.15 43.71 -34.91
N ARG D 95 -51.68 43.93 -36.11
CA ARG D 95 -52.74 44.89 -36.33
C ARG D 95 -54.06 44.14 -36.53
N LEU D 96 -55.11 44.88 -36.87
CA LEU D 96 -56.41 44.26 -37.14
C LEU D 96 -56.37 43.57 -38.50
N GLY D 97 -56.55 42.25 -38.51
CA GLY D 97 -56.51 41.46 -39.72
C GLY D 97 -55.40 40.43 -39.79
N ASP D 98 -54.58 40.30 -38.75
CA ASP D 98 -53.52 39.30 -38.73
C ASP D 98 -54.06 37.99 -38.14
N VAL D 99 -53.16 37.01 -37.98
CA VAL D 99 -53.52 35.68 -37.49
C VAL D 99 -52.69 35.35 -36.25
N ILE D 100 -53.32 34.65 -35.30
CA ILE D 100 -52.66 34.13 -34.11
C ILE D 100 -52.96 32.64 -34.00
N SER D 101 -52.25 31.98 -33.09
CA SER D 101 -52.40 30.55 -32.86
C SER D 101 -52.69 30.29 -31.39
N ILE D 102 -53.26 29.12 -31.11
CA ILE D 102 -53.69 28.76 -29.76
C ILE D 102 -53.24 27.32 -29.46
N GLN D 103 -52.72 27.12 -28.25
CA GLN D 103 -52.27 25.82 -27.76
C GLN D 103 -52.87 25.58 -26.38
N PRO D 104 -53.42 24.38 -26.11
CA PRO D 104 -53.90 24.08 -24.75
C PRO D 104 -52.74 23.96 -23.78
N CYS D 105 -52.83 24.68 -22.66
CA CYS D 105 -51.72 24.84 -21.73
C CYS D 105 -52.27 24.94 -20.30
N PRO D 106 -52.48 23.81 -19.63
CA PRO D 106 -53.08 23.85 -18.29
C PRO D 106 -52.10 23.99 -17.13
N ASP D 107 -50.79 23.95 -17.38
CA ASP D 107 -49.81 24.01 -16.31
C ASP D 107 -49.38 25.44 -15.97
N VAL D 108 -50.13 26.45 -16.39
CA VAL D 108 -49.85 27.83 -16.01
C VAL D 108 -50.31 28.03 -14.57
N LYS D 109 -49.38 28.43 -13.71
CA LYS D 109 -49.63 28.44 -12.27
C LYS D 109 -49.32 29.78 -11.62
N TYR D 110 -49.30 29.81 -10.30
CA TYR D 110 -49.08 31.05 -9.55
C TYR D 110 -47.61 31.45 -9.60
N GLY D 111 -47.36 32.71 -9.23
CA GLY D 111 -46.01 33.26 -9.23
C GLY D 111 -45.49 33.61 -7.86
N LYS D 112 -44.17 33.66 -7.71
CA LYS D 112 -43.52 33.98 -6.44
C LYS D 112 -43.18 35.47 -6.33
N ARG D 113 -42.36 35.98 -7.24
CA ARG D 113 -41.91 37.37 -7.23
C ARG D 113 -42.14 37.99 -8.60
N ILE D 114 -42.65 39.22 -8.61
CA ILE D 114 -42.93 39.95 -9.84
C ILE D 114 -42.33 41.34 -9.71
N HIS D 115 -41.45 41.70 -10.64
CA HIS D 115 -40.85 43.03 -10.71
C HIS D 115 -41.46 43.78 -11.87
N VAL D 116 -41.92 45.01 -11.61
CA VAL D 116 -42.52 45.84 -12.64
C VAL D 116 -41.79 47.18 -12.71
N LEU D 117 -41.64 47.68 -13.93
CA LEU D 117 -41.08 49.00 -14.17
C LEU D 117 -41.98 49.74 -15.15
N PRO D 118 -42.57 50.87 -14.75
CA PRO D 118 -43.45 51.61 -15.66
C PRO D 118 -42.67 52.33 -16.76
N ILE D 119 -43.34 52.53 -17.88
CA ILE D 119 -42.75 53.21 -19.02
C ILE D 119 -42.77 54.71 -18.75
N ASP D 120 -41.71 55.41 -19.17
CA ASP D 120 -41.43 56.77 -18.71
C ASP D 120 -42.41 57.80 -19.27
N ASP D 121 -43.02 57.53 -20.43
CA ASP D 121 -43.85 58.56 -21.05
C ASP D 121 -45.25 58.67 -20.43
N THR D 122 -45.64 57.73 -19.58
CA THR D 122 -46.98 57.71 -19.01
C THR D 122 -46.99 57.96 -17.51
N VAL D 123 -45.87 58.39 -16.92
CA VAL D 123 -45.78 58.59 -15.48
C VAL D 123 -45.43 60.03 -15.14
N GLU D 124 -45.72 60.97 -16.04
CA GLU D 124 -45.44 62.38 -15.78
C GLU D 124 -46.65 63.04 -15.11
N GLY D 125 -46.40 63.74 -14.01
CA GLY D 125 -47.42 64.47 -13.29
C GLY D 125 -47.92 63.80 -12.04
N ILE D 126 -47.55 62.53 -11.81
CA ILE D 126 -48.00 61.78 -10.64
C ILE D 126 -46.79 61.40 -9.80
N THR D 127 -46.86 61.71 -8.49
CA THR D 127 -45.83 61.35 -7.54
C THR D 127 -46.49 60.69 -6.33
N GLY D 128 -45.73 59.82 -5.66
CA GLY D 128 -46.22 59.13 -4.49
C GLY D 128 -46.14 57.63 -4.61
N ASN D 129 -46.96 56.91 -3.83
CA ASN D 129 -46.99 55.46 -3.87
C ASN D 129 -48.04 55.00 -4.85
N LEU D 130 -47.60 54.32 -5.91
CA LEU D 130 -48.50 53.79 -6.92
C LEU D 130 -48.85 52.32 -6.69
N PHE D 131 -48.30 51.71 -5.64
CA PHE D 131 -48.57 50.30 -5.35
C PHE D 131 -50.00 50.10 -4.82
N GLU D 132 -50.43 50.96 -3.89
CA GLU D 132 -51.75 50.85 -3.31
C GLU D 132 -52.84 51.49 -4.17
N VAL D 133 -52.48 52.19 -5.23
CA VAL D 133 -53.43 52.88 -6.08
C VAL D 133 -53.64 52.15 -7.39
N TYR D 134 -52.56 51.70 -8.03
CA TYR D 134 -52.61 51.07 -9.34
C TYR D 134 -52.39 49.56 -9.29
N LEU D 135 -51.35 49.11 -8.60
CA LEU D 135 -50.99 47.69 -8.62
C LEU D 135 -51.92 46.84 -7.76
N LYS D 136 -52.42 47.38 -6.65
CA LYS D 136 -53.26 46.59 -5.75
C LYS D 136 -54.70 46.38 -6.23
N PRO D 137 -55.48 47.38 -6.69
CA PRO D 137 -56.84 47.04 -7.13
C PRO D 137 -56.92 46.37 -8.50
N TYR D 138 -55.87 46.45 -9.31
CA TYR D 138 -55.91 45.82 -10.63
C TYR D 138 -55.77 44.31 -10.55
N PHE D 139 -54.98 43.81 -9.60
CA PHE D 139 -54.75 42.39 -9.44
C PHE D 139 -55.52 41.79 -8.28
N LEU D 140 -56.53 42.50 -7.76
CA LEU D 140 -57.28 42.05 -6.59
C LEU D 140 -58.25 40.96 -7.03
N GLU D 141 -57.84 39.70 -6.79
CA GLU D 141 -58.65 38.49 -6.99
C GLU D 141 -59.12 38.33 -8.43
N ALA D 142 -58.23 38.63 -9.38
CA ALA D 142 -58.55 38.55 -10.80
C ALA D 142 -57.85 37.40 -11.53
N TYR D 143 -56.71 36.93 -11.00
CA TYR D 143 -55.91 35.82 -11.55
C TYR D 143 -55.49 36.09 -13.00
N ARG D 144 -54.95 37.28 -13.23
CA ARG D 144 -54.54 37.68 -14.57
C ARG D 144 -53.22 37.05 -14.95
N PRO D 145 -53.12 36.35 -16.08
CA PRO D 145 -51.82 35.86 -16.54
C PRO D 145 -51.11 36.83 -17.47
N ILE D 146 -49.79 36.91 -17.32
CA ILE D 146 -48.96 37.84 -18.09
C ILE D 146 -47.71 37.13 -18.58
N ARG D 147 -46.91 37.85 -19.38
CA ARG D 147 -45.65 37.40 -19.93
C ARG D 147 -44.59 38.48 -19.76
N LYS D 148 -43.36 38.15 -20.13
CA LYS D 148 -42.27 39.11 -20.11
C LYS D 148 -42.46 40.13 -21.22
N GLY D 149 -42.20 41.41 -20.90
CA GLY D 149 -42.36 42.46 -21.88
C GLY D 149 -43.80 42.85 -22.16
N ASP D 150 -44.74 42.38 -21.33
CA ASP D 150 -46.14 42.71 -21.53
C ASP D 150 -46.42 44.13 -21.09
N ILE D 151 -46.99 44.92 -21.98
CA ILE D 151 -47.37 46.29 -21.71
C ILE D 151 -48.89 46.32 -21.52
N PHE D 152 -49.32 46.46 -20.27
CA PHE D 152 -50.74 46.52 -19.95
C PHE D 152 -51.05 47.88 -19.34
N LEU D 153 -52.24 48.40 -19.66
CA LEU D 153 -52.65 49.73 -19.26
C LEU D 153 -53.49 49.65 -18.00
N VAL D 154 -53.11 50.45 -16.99
CA VAL D 154 -53.83 50.53 -15.73
C VAL D 154 -54.35 51.95 -15.58
N HIS D 155 -55.65 52.08 -15.36
CA HIS D 155 -56.29 53.38 -15.19
C HIS D 155 -56.38 53.74 -13.71
N GLY D 156 -56.77 54.96 -13.45
CA GLY D 156 -56.94 55.46 -12.09
C GLY D 156 -56.40 56.86 -11.94
N GLY D 157 -57.12 57.67 -11.17
CA GLY D 157 -56.76 59.06 -10.98
C GLY D 157 -56.92 59.90 -12.22
N MET D 158 -57.96 59.61 -13.02
CA MET D 158 -58.26 60.26 -14.31
C MET D 158 -57.10 60.18 -15.30
N ARG D 159 -56.37 59.06 -15.27
CA ARG D 159 -55.23 58.85 -16.16
C ARG D 159 -55.21 57.39 -16.56
N ALA D 160 -54.13 56.99 -17.25
CA ALA D 160 -53.96 55.61 -17.69
C ALA D 160 -52.47 55.35 -17.82
N VAL D 161 -51.95 54.42 -17.02
CA VAL D 161 -50.51 54.20 -16.88
C VAL D 161 -50.14 52.88 -17.54
N GLU D 162 -49.14 52.93 -18.41
CA GLU D 162 -48.59 51.72 -19.01
C GLU D 162 -47.55 51.09 -18.10
N PHE D 163 -47.63 49.78 -17.93
CA PHE D 163 -46.69 49.04 -17.10
C PHE D 163 -46.07 47.92 -17.92
N LYS D 164 -44.74 47.87 -17.94
CA LYS D 164 -44.00 46.85 -18.66
C LYS D 164 -43.46 45.81 -17.68
N VAL D 165 -43.73 44.54 -17.96
CA VAL D 165 -43.30 43.45 -17.09
C VAL D 165 -41.82 43.20 -17.29
N VAL D 166 -41.06 43.19 -16.19
CA VAL D 166 -39.63 42.93 -16.25
C VAL D 166 -39.37 41.42 -16.16
N GLU D 167 -39.75 40.83 -15.03
CA GLU D 167 -39.50 39.40 -14.82
C GLU D 167 -40.45 38.86 -13.76
N THR D 168 -41.04 37.70 -14.04
CA THR D 168 -41.73 36.90 -13.04
C THR D 168 -41.01 35.55 -12.95
N ASP D 169 -41.11 34.92 -11.79
CA ASP D 169 -40.24 33.77 -11.56
C ASP D 169 -40.77 32.51 -12.24
N PRO D 170 -42.10 32.26 -12.36
CA PRO D 170 -42.52 31.34 -13.44
C PRO D 170 -42.68 32.06 -14.79
N SER D 171 -41.55 32.32 -15.46
CA SER D 171 -41.51 33.24 -16.60
C SER D 171 -42.38 32.89 -17.81
N PRO D 172 -42.39 31.64 -18.37
CA PRO D 172 -43.30 31.43 -19.51
C PRO D 172 -44.75 31.23 -19.09
N TYR D 173 -45.00 30.64 -17.94
CA TYR D 173 -46.35 30.27 -17.53
C TYR D 173 -46.60 30.79 -16.12
N CYS D 174 -47.22 31.96 -16.00
CA CYS D 174 -47.54 32.53 -14.70
C CYS D 174 -48.97 33.05 -14.69
N ILE D 175 -49.54 33.08 -13.49
CA ILE D 175 -50.80 33.74 -13.20
C ILE D 175 -50.58 34.57 -11.95
N VAL D 176 -50.95 35.86 -12.00
CA VAL D 176 -50.71 36.76 -10.88
C VAL D 176 -51.65 36.38 -9.73
N ALA D 177 -51.07 35.82 -8.67
CA ALA D 177 -51.76 35.37 -7.47
C ALA D 177 -51.82 36.49 -6.44
N PRO D 178 -52.80 36.46 -5.53
CA PRO D 178 -52.80 37.42 -4.41
C PRO D 178 -51.64 37.23 -3.44
N ASP D 179 -51.02 36.07 -3.39
CA ASP D 179 -49.87 35.83 -2.53
C ASP D 179 -48.55 36.23 -3.17
N THR D 180 -48.57 36.70 -4.41
CA THR D 180 -47.35 37.09 -5.11
C THR D 180 -46.98 38.53 -4.73
N VAL D 181 -45.78 38.70 -4.19
CA VAL D 181 -45.30 40.02 -3.82
C VAL D 181 -44.82 40.75 -5.07
N ILE D 182 -45.31 41.98 -5.26
CA ILE D 182 -45.01 42.78 -6.44
C ILE D 182 -43.88 43.75 -6.10
N HIS D 183 -42.75 43.60 -6.78
CA HIS D 183 -41.64 44.52 -6.64
C HIS D 183 -41.93 45.77 -7.49
N CYS D 184 -42.12 46.90 -6.83
CA CYS D 184 -42.60 48.13 -7.45
C CYS D 184 -41.65 49.28 -7.19
N GLU D 185 -40.36 49.06 -7.44
CA GLU D 185 -39.35 50.11 -7.36
C GLU D 185 -39.60 51.13 -8.48
N GLY D 186 -40.05 52.32 -8.11
CA GLY D 186 -40.39 53.34 -9.08
C GLY D 186 -39.19 53.95 -9.77
N GLU D 187 -38.99 53.58 -11.04
CA GLU D 187 -37.87 54.04 -11.85
C GLU D 187 -38.18 53.78 -13.32
N PRO D 188 -37.91 54.73 -14.22
CA PRO D 188 -37.99 54.43 -15.65
C PRO D 188 -36.88 53.48 -16.08
N ILE D 189 -37.17 52.71 -17.12
CA ILE D 189 -36.22 51.72 -17.60
C ILE D 189 -35.08 52.42 -18.36
N LYS D 190 -33.85 52.04 -18.04
CA LYS D 190 -32.68 52.65 -18.67
C LYS D 190 -32.54 52.18 -20.11
N ARG D 191 -31.98 53.06 -20.95
CA ARG D 191 -31.82 52.79 -22.38
C ARG D 191 -30.50 52.08 -22.68
N GLU D 192 -30.24 50.99 -21.96
CA GLU D 192 -29.03 50.20 -22.13
C GLU D 192 -29.38 48.73 -21.90
N ASP D 193 -28.36 47.88 -21.85
CA ASP D 193 -28.53 46.46 -21.60
C ASP D 193 -28.39 46.13 -20.11
N GLU D 194 -29.17 46.80 -19.28
CA GLU D 194 -29.09 46.67 -17.82
C GLU D 194 -30.45 46.32 -17.24
N GLU D 195 -31.09 45.31 -17.82
CA GLU D 195 -32.36 44.82 -17.29
C GLU D 195 -32.13 44.03 -16.00
N GLU D 196 -33.13 44.08 -15.11
CA GLU D 196 -33.01 43.46 -13.80
C GLU D 196 -33.35 41.98 -13.80
N SER D 197 -33.75 41.41 -14.93
CA SER D 197 -34.06 40.00 -15.01
C SER D 197 -32.78 39.16 -15.01
N LEU D 198 -32.76 38.10 -14.20
CA LEU D 198 -31.56 37.27 -14.08
C LEU D 198 -31.92 35.88 -13.60
N ASN D 199 -31.75 34.88 -14.48
CA ASN D 199 -31.73 33.44 -14.15
C ASN D 199 -33.05 32.98 -13.53
N GLU D 200 -34.13 33.14 -14.28
CA GLU D 200 -35.45 32.88 -13.72
C GLU D 200 -35.91 31.41 -13.78
N VAL D 201 -36.21 30.86 -14.97
CA VAL D 201 -36.68 29.48 -15.16
C VAL D 201 -36.67 29.27 -16.67
N GLY D 202 -36.71 28.02 -17.14
CA GLY D 202 -37.25 27.82 -18.47
C GLY D 202 -37.27 26.41 -19.02
N TYR D 203 -38.42 26.01 -19.57
CA TYR D 203 -38.42 24.93 -20.56
C TYR D 203 -38.01 25.42 -21.92
N ASP D 204 -38.02 26.74 -22.15
CA ASP D 204 -37.35 27.31 -23.31
C ASP D 204 -35.86 27.48 -23.07
N ASP D 205 -35.42 27.37 -21.82
CA ASP D 205 -34.01 27.51 -21.50
C ASP D 205 -33.26 26.19 -21.52
N ILE D 206 -33.95 25.07 -21.31
CA ILE D 206 -33.30 23.77 -21.47
C ILE D 206 -33.10 23.48 -22.96
N GLY D 207 -31.89 23.09 -23.31
CA GLY D 207 -31.53 23.02 -24.70
C GLY D 207 -32.08 21.90 -25.55
N GLY D 208 -31.58 20.68 -25.36
CA GLY D 208 -31.76 19.66 -26.40
C GLY D 208 -32.01 18.23 -25.96
N CYS D 209 -32.68 18.02 -24.84
CA CYS D 209 -32.85 16.66 -24.33
C CYS D 209 -34.31 16.31 -24.13
N ARG D 210 -35.14 16.54 -25.16
CA ARG D 210 -36.58 16.34 -25.07
C ARG D 210 -36.96 14.88 -24.81
N LYS D 211 -36.21 13.95 -25.41
CA LYS D 211 -36.53 12.53 -25.31
C LYS D 211 -36.23 11.96 -23.93
N GLN D 212 -35.51 12.69 -23.08
CA GLN D 212 -35.37 12.35 -21.67
C GLN D 212 -36.10 13.33 -20.76
N LEU D 213 -36.34 14.56 -21.23
CA LEU D 213 -37.13 15.51 -20.46
C LEU D 213 -38.58 15.05 -20.33
N ALA D 214 -39.11 14.42 -21.38
CA ALA D 214 -40.44 13.83 -21.29
C ALA D 214 -40.49 12.70 -20.27
N GLN D 215 -39.40 11.92 -20.17
CA GLN D 215 -39.32 10.86 -19.19
C GLN D 215 -39.29 11.40 -17.77
N ILE D 216 -38.42 12.39 -17.51
CA ILE D 216 -38.32 12.91 -16.14
C ILE D 216 -39.55 13.73 -15.77
N LYS D 217 -40.20 14.35 -16.77
CA LYS D 217 -41.49 14.99 -16.56
C LYS D 217 -42.55 13.96 -16.19
N GLU D 218 -42.49 12.78 -16.81
CA GLU D 218 -43.41 11.70 -16.47
C GLU D 218 -43.17 11.17 -15.06
N MET D 219 -41.91 11.07 -14.63
CA MET D 219 -41.64 10.62 -13.26
C MET D 219 -42.07 11.64 -12.21
N VAL D 220 -41.64 12.90 -12.34
CA VAL D 220 -41.85 13.82 -11.23
C VAL D 220 -43.09 14.68 -11.37
N GLU D 221 -43.79 14.62 -12.51
CA GLU D 221 -45.00 15.41 -12.66
C GLU D 221 -46.17 14.81 -11.90
N LEU D 222 -46.15 13.51 -11.68
CA LEU D 222 -47.20 12.86 -10.91
C LEU D 222 -47.15 13.18 -9.40
N PRO D 223 -45.99 13.43 -8.78
CA PRO D 223 -46.03 14.13 -7.48
C PRO D 223 -46.67 15.51 -7.52
N LEU D 224 -46.51 16.24 -8.62
CA LEU D 224 -47.17 17.54 -8.75
C LEU D 224 -48.67 17.35 -8.95
N ARG D 225 -49.46 18.15 -8.23
CA ARG D 225 -50.87 18.44 -8.49
C ARG D 225 -51.83 17.28 -8.19
N HIS D 226 -51.31 16.11 -7.85
CA HIS D 226 -52.13 14.94 -7.56
C HIS D 226 -51.67 14.22 -6.30
N PRO D 227 -52.13 14.65 -5.12
CA PRO D 227 -51.96 13.81 -3.92
C PRO D 227 -52.94 12.66 -3.84
N ALA D 228 -53.94 12.60 -4.72
CA ALA D 228 -55.01 11.61 -4.64
C ALA D 228 -54.62 10.26 -5.24
N LEU D 229 -53.46 10.16 -5.88
CA LEU D 229 -53.05 8.90 -6.48
C LEU D 229 -52.44 7.94 -5.46
N PHE D 230 -52.19 8.40 -4.23
CA PHE D 230 -51.45 7.60 -3.24
C PHE D 230 -52.27 6.42 -2.76
N LYS D 231 -53.59 6.51 -2.82
CA LYS D 231 -54.44 5.38 -2.43
C LYS D 231 -54.37 4.28 -3.47
N ALA D 232 -54.33 4.64 -4.76
CA ALA D 232 -54.26 3.63 -5.81
C ALA D 232 -52.86 3.06 -5.95
N ILE D 233 -51.83 3.90 -5.78
CA ILE D 233 -50.46 3.46 -6.06
C ILE D 233 -49.85 2.73 -4.87
N GLY D 234 -50.37 2.93 -3.65
CA GLY D 234 -49.79 2.32 -2.48
C GLY D 234 -48.50 3.00 -2.02
N VAL D 235 -47.44 2.82 -2.80
CA VAL D 235 -46.15 3.47 -2.55
C VAL D 235 -45.85 4.38 -3.74
N LYS D 236 -45.26 5.55 -3.45
CA LYS D 236 -44.99 6.53 -4.49
C LYS D 236 -43.93 6.02 -5.44
N PRO D 237 -44.14 6.13 -6.76
CA PRO D 237 -43.18 5.57 -7.73
C PRO D 237 -41.84 6.32 -7.78
N PRO D 238 -41.77 7.65 -7.59
CA PRO D 238 -40.44 8.19 -7.32
C PRO D 238 -40.15 8.37 -5.84
N ARG D 239 -38.88 8.20 -5.49
CA ARG D 239 -38.35 8.69 -4.23
C ARG D 239 -37.09 9.49 -4.51
N GLY D 240 -36.36 9.09 -5.54
CA GLY D 240 -35.19 9.80 -5.99
C GLY D 240 -34.74 9.38 -7.36
N ILE D 241 -34.27 10.33 -8.17
CA ILE D 241 -33.81 10.07 -9.53
C ILE D 241 -32.44 10.70 -9.68
N LEU D 242 -31.45 9.89 -10.04
CA LEU D 242 -30.12 10.41 -10.36
C LEU D 242 -30.09 10.96 -11.79
N LEU D 243 -29.24 11.94 -12.00
CA LEU D 243 -29.07 12.58 -13.30
C LEU D 243 -27.58 12.56 -13.62
N TYR D 244 -27.13 11.50 -14.26
CA TYR D 244 -25.71 11.32 -14.54
C TYR D 244 -25.41 11.60 -16.00
N GLY D 245 -24.17 11.99 -16.25
CA GLY D 245 -23.70 12.31 -17.58
C GLY D 245 -22.37 13.03 -17.54
N PRO D 246 -21.86 13.41 -18.71
CA PRO D 246 -20.64 14.22 -18.73
C PRO D 246 -20.91 15.62 -18.21
N PRO D 247 -19.93 16.26 -17.58
CA PRO D 247 -20.16 17.60 -17.03
C PRO D 247 -20.25 18.66 -18.12
N GLY D 248 -21.24 19.54 -17.99
CA GLY D 248 -21.40 20.64 -18.90
C GLY D 248 -22.74 20.70 -19.60
N THR D 249 -23.67 19.80 -19.25
CA THR D 249 -24.97 19.74 -19.91
C THR D 249 -26.13 19.95 -18.95
N GLY D 250 -25.88 20.58 -17.81
CA GLY D 250 -26.97 21.18 -17.06
C GLY D 250 -27.72 20.34 -16.05
N LYS D 251 -27.03 19.85 -15.01
CA LYS D 251 -27.74 19.26 -13.88
C LYS D 251 -28.63 20.29 -13.19
N THR D 252 -28.05 21.44 -12.84
CA THR D 252 -28.83 22.48 -12.19
C THR D 252 -29.74 23.19 -13.17
N LEU D 253 -29.41 23.16 -14.48
CA LEU D 253 -30.34 23.70 -15.47
C LEU D 253 -31.60 22.86 -15.56
N ILE D 254 -31.44 21.53 -15.57
CA ILE D 254 -32.59 20.63 -15.60
C ILE D 254 -33.40 20.74 -14.31
N ALA D 255 -32.70 20.79 -13.17
CA ALA D 255 -33.39 20.82 -11.88
C ALA D 255 -34.07 22.16 -11.63
N ARG D 256 -33.46 23.26 -12.07
CA ARG D 256 -34.09 24.56 -11.96
C ARG D 256 -35.20 24.75 -12.98
N ALA D 257 -35.12 24.05 -14.11
CA ALA D 257 -36.19 24.10 -15.10
C ALA D 257 -37.40 23.33 -14.63
N VAL D 258 -37.20 22.17 -14.00
CA VAL D 258 -38.34 21.42 -13.51
C VAL D 258 -38.88 22.07 -12.23
N ALA D 259 -38.04 22.79 -11.50
CA ALA D 259 -38.54 23.67 -10.46
C ALA D 259 -39.21 24.88 -11.11
N ASN D 260 -40.18 25.44 -10.38
CA ASN D 260 -40.85 26.72 -10.64
C ASN D 260 -41.76 26.71 -11.87
N GLU D 261 -41.72 25.63 -12.65
CA GLU D 261 -42.81 25.29 -13.56
C GLU D 261 -43.87 24.51 -12.82
N THR D 262 -43.46 23.67 -11.87
CA THR D 262 -44.41 23.02 -10.98
C THR D 262 -44.85 23.96 -9.87
N GLY D 263 -43.89 24.62 -9.23
CA GLY D 263 -44.17 25.54 -8.15
C GLY D 263 -43.95 24.84 -6.82
N ALA D 264 -42.77 25.02 -6.24
CA ALA D 264 -42.37 24.28 -5.06
C ALA D 264 -41.20 25.01 -4.41
N PHE D 265 -40.55 24.35 -3.47
CA PHE D 265 -39.32 24.84 -2.87
C PHE D 265 -38.16 24.07 -3.47
N PHE D 266 -37.25 24.80 -4.13
CA PHE D 266 -36.16 24.14 -4.84
C PHE D 266 -35.03 23.76 -3.90
N PHE D 267 -34.39 24.76 -3.29
CA PHE D 267 -33.36 24.63 -2.25
C PHE D 267 -32.16 23.81 -2.73
N LEU D 268 -31.45 24.37 -3.70
CA LEU D 268 -30.23 23.75 -4.19
C LEU D 268 -29.15 23.79 -3.10
N ILE D 269 -28.47 22.66 -2.92
CA ILE D 269 -27.28 22.59 -2.09
C ILE D 269 -26.18 21.91 -2.89
N ASN D 270 -24.94 22.23 -2.57
CA ASN D 270 -23.80 21.66 -3.28
C ASN D 270 -22.87 20.94 -2.31
N GLY D 271 -22.33 19.81 -2.77
CA GLY D 271 -21.45 18.96 -2.00
C GLY D 271 -20.18 19.59 -1.45
N PRO D 272 -19.49 20.45 -2.21
CA PRO D 272 -18.43 21.26 -1.60
C PRO D 272 -18.87 22.14 -0.44
N GLU D 273 -20.08 22.70 -0.46
CA GLU D 273 -20.55 23.47 0.67
C GLU D 273 -20.87 22.59 1.87
N ILE D 274 -21.31 21.36 1.61
CA ILE D 274 -21.54 20.41 2.69
C ILE D 274 -20.22 19.99 3.33
N MET D 275 -19.22 19.69 2.50
CA MET D 275 -17.93 19.27 3.02
C MET D 275 -17.07 20.44 3.50
N SER D 276 -17.48 21.68 3.25
CA SER D 276 -16.68 22.83 3.66
C SER D 276 -16.83 23.16 5.13
N LYS D 277 -17.86 22.66 5.78
CA LYS D 277 -18.05 22.91 7.20
C LYS D 277 -17.03 22.11 8.01
N LEU D 278 -16.82 22.54 9.25
CA LEU D 278 -15.88 21.87 10.14
C LEU D 278 -16.57 20.68 10.81
N ALA D 279 -15.88 20.07 11.78
CA ALA D 279 -16.44 18.95 12.51
C ALA D 279 -17.54 19.43 13.45
N GLY D 280 -18.67 18.72 13.45
CA GLY D 280 -19.82 19.09 14.22
C GLY D 280 -20.84 19.93 13.47
N GLU D 281 -20.41 20.65 12.43
CA GLU D 281 -21.33 21.38 11.55
C GLU D 281 -21.43 20.76 10.16
N SER D 282 -20.49 19.89 9.79
CA SER D 282 -20.68 19.07 8.59
C SER D 282 -21.81 18.09 8.79
N GLU D 283 -21.97 17.58 10.01
CA GLU D 283 -23.16 16.82 10.38
C GLU D 283 -24.41 17.70 10.35
N SER D 284 -24.26 18.98 10.68
CA SER D 284 -25.37 19.91 10.63
C SER D 284 -25.66 20.31 9.18
N ASN D 285 -26.76 21.05 9.02
CA ASN D 285 -27.31 21.54 7.73
C ASN D 285 -27.65 20.39 6.78
N LEU D 286 -27.93 19.21 7.32
CA LEU D 286 -28.43 18.10 6.53
C LEU D 286 -29.78 17.63 7.03
N ARG D 287 -29.91 17.38 8.34
CA ARG D 287 -31.24 17.29 8.93
C ARG D 287 -31.91 18.65 8.95
N LYS D 288 -31.13 19.72 9.10
CA LYS D 288 -31.67 21.07 9.04
C LYS D 288 -32.19 21.39 7.64
N ALA D 289 -31.45 20.98 6.61
CA ALA D 289 -31.87 21.20 5.23
C ALA D 289 -33.13 20.40 4.90
N PHE D 290 -33.20 19.15 5.35
CA PHE D 290 -34.39 18.35 5.07
C PHE D 290 -35.60 18.78 5.89
N GLU D 291 -35.40 19.27 7.11
CA GLU D 291 -36.52 19.81 7.88
C GLU D 291 -36.99 21.14 7.31
N GLU D 292 -36.07 21.94 6.79
CA GLU D 292 -36.41 23.17 6.11
C GLU D 292 -37.07 22.90 4.75
N ALA D 293 -36.86 21.70 4.20
CA ALA D 293 -37.74 21.23 3.14
C ALA D 293 -39.10 20.81 3.69
N GLU D 294 -39.11 20.19 4.87
CA GLU D 294 -40.34 19.66 5.45
C GLU D 294 -41.27 20.72 6.00
N LYS D 295 -40.85 21.97 6.11
CA LYS D 295 -41.82 23.02 6.43
C LYS D 295 -42.76 23.26 5.25
N ASN D 296 -42.31 23.02 4.04
CA ASN D 296 -43.13 23.12 2.84
C ASN D 296 -43.66 21.74 2.46
N ALA D 297 -44.79 21.72 1.77
CA ALA D 297 -45.40 20.44 1.39
C ALA D 297 -44.66 19.72 0.25
N PRO D 298 -44.30 20.34 -0.89
CA PRO D 298 -43.52 19.58 -1.87
C PRO D 298 -42.01 19.78 -1.71
N ALA D 299 -41.26 18.96 -2.43
CA ALA D 299 -39.80 18.99 -2.36
C ALA D 299 -39.21 18.50 -3.67
N ILE D 300 -38.41 19.35 -4.31
CA ILE D 300 -37.64 18.99 -5.51
C ILE D 300 -36.18 19.25 -5.15
N ILE D 301 -35.80 18.91 -3.92
CA ILE D 301 -34.48 19.25 -3.38
C ILE D 301 -33.38 18.54 -4.16
N PHE D 302 -32.37 19.31 -4.57
CA PHE D 302 -31.32 18.85 -5.46
C PHE D 302 -29.96 19.07 -4.83
N ILE D 303 -29.09 18.08 -4.97
CA ILE D 303 -27.73 18.11 -4.44
C ILE D 303 -26.76 18.16 -5.61
N ASP D 304 -25.83 19.11 -5.59
CA ASP D 304 -24.89 19.32 -6.69
C ASP D 304 -23.61 18.53 -6.45
N GLU D 305 -23.18 17.80 -7.49
CA GLU D 305 -22.03 16.88 -7.51
C GLU D 305 -21.94 15.99 -6.26
N LEU D 306 -22.99 15.17 -6.09
CA LEU D 306 -23.13 14.26 -4.97
C LEU D 306 -22.10 13.14 -4.97
N ASP D 307 -21.40 12.92 -6.09
CA ASP D 307 -20.28 11.97 -6.13
C ASP D 307 -19.14 12.38 -5.20
N ALA D 308 -18.94 13.68 -5.02
CA ALA D 308 -17.98 14.15 -4.03
C ALA D 308 -18.43 13.84 -2.61
N ILE D 309 -19.75 13.85 -2.37
CA ILE D 309 -20.27 13.49 -1.05
C ILE D 309 -20.12 11.99 -0.81
N ALA D 310 -20.50 11.18 -1.79
CA ALA D 310 -20.54 9.72 -1.63
C ALA D 310 -19.69 9.06 -2.72
N PRO D 311 -18.37 8.94 -2.50
CA PRO D 311 -17.55 8.16 -3.41
C PRO D 311 -17.58 6.67 -3.07
N LYS D 312 -16.70 5.89 -3.69
CA LYS D 312 -16.53 4.49 -3.33
C LYS D 312 -16.01 4.36 -1.90
N ARG D 313 -16.32 3.20 -1.29
CA ARG D 313 -15.86 2.92 0.07
C ARG D 313 -14.35 2.78 0.14
N GLU D 314 -13.74 2.18 -0.89
CA GLU D 314 -12.29 2.09 -0.94
C GLU D 314 -11.64 3.43 -1.24
N LYS D 315 -12.36 4.36 -1.87
CA LYS D 315 -11.81 5.67 -2.15
C LYS D 315 -11.75 6.55 -0.91
N THR D 316 -12.56 6.25 0.11
CA THR D 316 -12.58 7.04 1.32
C THR D 316 -11.37 6.71 2.19
N HIS D 317 -10.60 7.74 2.56
CA HIS D 317 -9.48 7.58 3.47
C HIS D 317 -9.90 7.87 4.92
N GLY D 318 -10.47 9.04 5.16
CA GLY D 318 -11.01 9.37 6.46
C GLY D 318 -12.39 8.78 6.67
N GLU D 319 -12.92 9.00 7.87
CA GLU D 319 -14.22 8.46 8.24
C GLU D 319 -15.30 9.52 8.42
N VAL D 320 -14.93 10.80 8.39
CA VAL D 320 -15.92 11.87 8.45
C VAL D 320 -16.79 11.88 7.20
N GLU D 321 -16.18 11.57 6.05
CA GLU D 321 -16.94 11.40 4.81
C GLU D 321 -17.88 10.20 4.89
N ARG D 322 -17.45 9.12 5.56
CA ARG D 322 -18.33 7.98 5.77
C ARG D 322 -19.46 8.31 6.73
N ARG D 323 -19.21 9.20 7.70
CA ARG D 323 -20.27 9.72 8.56
C ARG D 323 -21.28 10.53 7.77
N ILE D 324 -20.82 11.35 6.83
CA ILE D 324 -21.71 12.15 5.98
C ILE D 324 -22.53 11.23 5.07
N VAL D 325 -21.91 10.17 4.55
CA VAL D 325 -22.62 9.15 3.76
C VAL D 325 -23.69 8.47 4.60
N SER D 326 -23.35 8.13 5.85
CA SER D 326 -24.31 7.51 6.77
C SER D 326 -25.47 8.46 7.10
N GLN D 327 -25.18 9.75 7.24
CA GLN D 327 -26.23 10.74 7.48
C GLN D 327 -27.17 10.85 6.29
N LEU D 328 -26.60 10.82 5.08
CA LEU D 328 -27.42 10.86 3.87
C LEU D 328 -28.28 9.60 3.74
N LEU D 329 -27.72 8.45 4.09
CA LEU D 329 -28.47 7.20 4.04
C LEU D 329 -29.61 7.18 5.06
N THR D 330 -29.37 7.69 6.27
CA THR D 330 -30.42 7.76 7.27
C THR D 330 -31.53 8.72 6.86
N LEU D 331 -31.16 9.86 6.27
CA LEU D 331 -32.17 10.81 5.83
C LEU D 331 -32.99 10.26 4.67
N MET D 332 -32.33 9.57 3.73
CA MET D 332 -33.04 8.98 2.60
C MET D 332 -33.94 7.82 3.03
N ASP D 333 -33.51 7.04 4.03
CA ASP D 333 -34.35 5.95 4.52
C ASP D 333 -35.51 6.47 5.36
N GLY D 334 -35.25 7.43 6.25
CA GLY D 334 -36.29 7.95 7.12
C GLY D 334 -37.28 8.87 6.47
N LEU D 335 -36.91 9.47 5.34
CA LEU D 335 -37.85 10.29 4.58
C LEU D 335 -38.57 9.41 3.55
N LYS D 336 -39.35 8.47 4.09
CA LYS D 336 -40.14 7.54 3.30
C LYS D 336 -41.59 8.02 3.31
N GLN D 337 -42.10 8.35 2.11
CA GLN D 337 -43.42 8.93 1.79
C GLN D 337 -43.91 9.99 2.77
N ARG D 338 -43.01 10.86 3.23
CA ARG D 338 -43.36 11.93 4.17
C ARG D 338 -43.90 13.11 3.39
N ALA D 339 -45.16 12.96 2.94
CA ALA D 339 -45.95 13.98 2.23
C ALA D 339 -45.27 14.45 0.94
N HIS D 340 -45.11 13.50 0.02
CA HIS D 340 -44.61 13.64 -1.36
C HIS D 340 -43.36 14.51 -1.48
N VAL D 341 -42.28 14.03 -0.86
CA VAL D 341 -40.98 14.69 -0.92
C VAL D 341 -40.06 13.89 -1.84
N ILE D 342 -39.44 14.58 -2.80
CA ILE D 342 -38.57 13.95 -3.80
C ILE D 342 -37.20 14.61 -3.71
N VAL D 343 -36.16 13.79 -3.72
CA VAL D 343 -34.78 14.27 -3.68
C VAL D 343 -34.17 14.08 -5.06
N MET D 344 -33.71 15.17 -5.67
CA MET D 344 -33.01 15.11 -6.93
C MET D 344 -31.50 15.01 -6.69
N ALA D 345 -30.81 14.35 -7.61
CA ALA D 345 -29.38 14.13 -7.44
C ALA D 345 -28.71 14.05 -8.80
N ALA D 346 -27.40 14.31 -8.81
CA ALA D 346 -26.60 14.23 -10.01
C ALA D 346 -25.21 13.71 -9.69
N THR D 347 -24.59 13.07 -10.67
CA THR D 347 -23.25 12.52 -10.54
C THR D 347 -22.64 12.40 -11.94
N ASN D 348 -21.51 11.73 -12.03
CA ASN D 348 -20.86 11.47 -13.31
C ASN D 348 -21.23 10.08 -13.84
N ARG D 349 -20.94 9.05 -13.07
CA ARG D 349 -21.11 7.68 -13.53
C ARG D 349 -21.81 6.85 -12.46
N PRO D 350 -22.54 5.80 -12.86
CA PRO D 350 -23.16 4.92 -11.86
C PRO D 350 -22.17 4.18 -10.98
N ASN D 351 -21.01 3.81 -11.51
CA ASN D 351 -20.01 3.13 -10.70
C ASN D 351 -19.10 4.11 -9.95
N SER D 352 -19.20 5.40 -10.23
CA SER D 352 -18.37 6.37 -9.54
C SER D 352 -18.81 6.55 -8.09
N ILE D 353 -20.11 6.48 -7.84
CA ILE D 353 -20.66 6.59 -6.49
C ILE D 353 -20.56 5.24 -5.79
N ASP D 354 -20.88 5.23 -4.50
CA ASP D 354 -20.95 4.01 -3.72
C ASP D 354 -22.01 3.06 -4.32
N PRO D 355 -21.67 1.79 -4.54
CA PRO D 355 -22.71 0.81 -4.91
C PRO D 355 -23.76 0.58 -3.82
N ALA D 356 -23.44 0.87 -2.56
CA ALA D 356 -24.44 0.81 -1.50
C ALA D 356 -25.45 1.95 -1.59
N LEU D 357 -25.14 3.02 -2.33
CA LEU D 357 -26.08 4.12 -2.52
C LEU D 357 -27.23 3.77 -3.46
N ARG D 358 -27.07 2.72 -4.26
CA ARG D 358 -28.08 2.34 -5.25
C ARG D 358 -29.00 1.24 -4.72
N ARG D 359 -29.35 1.33 -3.45
CA ARG D 359 -30.30 0.42 -2.83
C ARG D 359 -31.68 0.59 -3.47
N PHE D 360 -32.35 -0.52 -3.77
CA PHE D 360 -33.61 -0.45 -4.49
C PHE D 360 -34.72 0.00 -3.53
N GLY D 361 -35.33 1.13 -3.85
CA GLY D 361 -36.34 1.75 -3.00
C GLY D 361 -36.15 3.25 -2.93
N ARG D 362 -34.96 3.70 -3.31
CA ARG D 362 -34.54 5.10 -3.22
C ARG D 362 -33.35 5.31 -4.16
N PHE D 363 -33.37 6.45 -4.88
CA PHE D 363 -32.41 6.78 -5.95
C PHE D 363 -32.33 5.67 -6.99
N ASP D 364 -33.49 5.18 -7.40
CA ASP D 364 -33.58 3.92 -8.13
C ASP D 364 -33.45 4.07 -9.64
N ARG D 365 -34.15 5.01 -10.24
CA ARG D 365 -34.23 5.10 -11.70
C ARG D 365 -33.16 6.09 -12.17
N GLU D 366 -31.98 5.56 -12.46
CA GLU D 366 -30.86 6.37 -12.93
C GLU D 366 -31.03 6.60 -14.43
N VAL D 367 -31.81 7.63 -14.76
CA VAL D 367 -32.05 8.00 -16.15
C VAL D 367 -30.81 8.71 -16.69
N ASP D 368 -30.59 8.61 -17.99
CA ASP D 368 -29.42 9.19 -18.62
C ASP D 368 -29.76 10.49 -19.33
N ILE D 369 -28.76 11.37 -19.43
CA ILE D 369 -28.87 12.61 -20.19
C ILE D 369 -28.06 12.55 -21.47
N GLY D 370 -26.74 12.36 -21.36
CA GLY D 370 -25.90 12.16 -22.53
C GLY D 370 -25.58 13.45 -23.25
N ILE D 371 -24.74 13.30 -24.27
CA ILE D 371 -24.38 14.44 -25.13
C ILE D 371 -25.56 14.79 -26.03
N PRO D 372 -25.83 16.06 -26.30
CA PRO D 372 -26.84 16.39 -27.31
C PRO D 372 -26.39 16.06 -28.72
N ASP D 373 -27.36 15.86 -29.58
CA ASP D 373 -27.11 15.57 -30.99
C ASP D 373 -26.94 16.88 -31.76
N ALA D 374 -26.87 16.79 -33.09
CA ALA D 374 -26.69 17.97 -33.93
C ALA D 374 -27.91 18.87 -33.90
N THR D 375 -29.11 18.28 -33.88
CA THR D 375 -30.33 19.07 -33.73
C THR D 375 -30.40 19.70 -32.35
N GLY D 376 -29.97 18.95 -31.32
CA GLY D 376 -29.92 19.50 -29.97
C GLY D 376 -28.90 20.61 -29.84
N ARG D 377 -27.74 20.46 -30.47
CA ARG D 377 -26.74 21.52 -30.52
C ARG D 377 -27.28 22.73 -31.27
N LEU D 378 -28.07 22.49 -32.33
CA LEU D 378 -28.67 23.58 -33.10
C LEU D 378 -29.66 24.38 -32.28
N GLU D 379 -30.52 23.70 -31.52
CA GLU D 379 -31.48 24.45 -30.72
C GLU D 379 -30.84 25.05 -29.46
N ILE D 380 -29.74 24.47 -28.96
CA ILE D 380 -28.93 25.11 -27.93
C ILE D 380 -28.37 26.43 -28.45
N LEU D 381 -27.83 26.40 -29.67
CA LEU D 381 -27.28 27.59 -30.31
C LEU D 381 -28.37 28.63 -30.57
N GLN D 382 -29.56 28.17 -30.98
CA GLN D 382 -30.69 29.06 -31.22
C GLN D 382 -31.14 29.75 -29.93
N ILE D 383 -31.26 29.00 -28.84
CA ILE D 383 -31.71 29.55 -27.58
C ILE D 383 -30.68 30.51 -27.00
N HIS D 384 -29.40 30.17 -27.11
CA HIS D 384 -28.37 31.07 -26.61
C HIS D 384 -28.15 32.27 -27.53
N THR D 385 -28.65 32.24 -28.76
CA THR D 385 -28.63 33.42 -29.61
C THR D 385 -29.95 34.16 -29.66
N LYS D 386 -30.98 33.69 -28.94
CA LYS D 386 -32.24 34.43 -28.86
C LYS D 386 -32.07 35.79 -28.19
N ASN D 387 -31.35 35.83 -27.06
CA ASN D 387 -31.27 37.08 -26.29
C ASN D 387 -30.36 38.09 -26.95
N MET D 388 -29.21 37.66 -27.46
CA MET D 388 -28.29 38.56 -28.13
C MET D 388 -28.79 38.87 -29.53
N LYS D 389 -28.50 40.08 -30.00
CA LYS D 389 -28.99 40.54 -31.29
C LYS D 389 -28.10 39.97 -32.39
N LEU D 390 -28.59 38.90 -33.03
CA LEU D 390 -27.91 38.35 -34.19
C LEU D 390 -28.07 39.29 -35.38
N ALA D 391 -27.05 39.33 -36.24
CA ALA D 391 -27.10 40.14 -37.44
C ALA D 391 -27.83 39.47 -38.59
N ASP D 392 -28.22 38.19 -38.43
CA ASP D 392 -28.98 37.37 -39.36
C ASP D 392 -28.30 37.14 -40.70
N ASP D 393 -27.00 37.44 -40.80
CA ASP D 393 -26.24 37.03 -41.97
C ASP D 393 -25.90 35.55 -41.92
N VAL D 394 -25.82 34.99 -40.73
CA VAL D 394 -25.54 33.59 -40.52
C VAL D 394 -26.85 32.83 -40.44
N ASP D 395 -26.80 31.53 -40.75
CA ASP D 395 -27.95 30.66 -40.59
C ASP D 395 -27.79 29.67 -39.45
N LEU D 396 -26.55 29.41 -39.01
CA LEU D 396 -26.14 28.67 -37.83
C LEU D 396 -26.48 27.18 -37.85
N GLU D 397 -27.06 26.66 -38.93
CA GLU D 397 -27.42 25.25 -38.97
C GLU D 397 -26.20 24.36 -39.16
N GLN D 398 -25.30 24.74 -40.06
CA GLN D 398 -24.16 23.89 -40.38
C GLN D 398 -23.03 24.00 -39.35
N VAL D 399 -23.13 24.93 -38.40
CA VAL D 399 -22.12 25.06 -37.35
C VAL D 399 -22.15 23.84 -36.44
N ALA D 400 -23.35 23.28 -36.21
CA ALA D 400 -23.47 22.03 -35.47
C ALA D 400 -23.04 20.81 -36.28
N ASN D 401 -22.80 20.97 -37.58
CA ASN D 401 -22.38 19.84 -38.39
C ASN D 401 -20.87 19.63 -38.39
N GLU D 402 -20.08 20.70 -38.25
CA GLU D 402 -18.63 20.51 -38.20
C GLU D 402 -18.17 19.96 -36.86
N THR D 403 -18.85 20.28 -35.78
CA THR D 403 -18.49 19.74 -34.48
C THR D 403 -18.87 18.26 -34.39
N HIS D 404 -18.04 17.50 -33.69
CA HIS D 404 -18.27 16.07 -33.47
C HIS D 404 -18.66 15.82 -32.02
N GLY D 405 -19.36 16.78 -31.43
CA GLY D 405 -19.79 16.66 -30.05
C GLY D 405 -19.10 17.65 -29.14
N HIS D 406 -19.77 18.76 -28.87
CA HIS D 406 -19.36 19.71 -27.86
C HIS D 406 -20.55 19.96 -26.95
N VAL D 407 -20.28 20.05 -25.65
CA VAL D 407 -21.32 19.96 -24.64
C VAL D 407 -21.95 21.34 -24.52
N GLY D 408 -23.08 21.46 -23.81
CA GLY D 408 -23.85 22.70 -23.80
C GLY D 408 -23.12 23.86 -23.15
N ALA D 409 -22.33 23.59 -22.11
CA ALA D 409 -21.47 24.62 -21.55
C ALA D 409 -20.39 25.04 -22.51
N ASP D 410 -19.87 24.09 -23.31
CA ASP D 410 -18.89 24.44 -24.34
C ASP D 410 -19.53 25.29 -25.43
N LEU D 411 -20.80 25.06 -25.75
CA LEU D 411 -21.44 25.88 -26.76
C LEU D 411 -21.80 27.26 -26.22
N ALA D 412 -22.11 27.35 -24.91
CA ALA D 412 -22.29 28.66 -24.28
C ALA D 412 -20.99 29.45 -24.29
N ALA D 413 -19.87 28.78 -23.96
CA ALA D 413 -18.56 29.41 -24.05
C ALA D 413 -18.19 29.73 -25.50
N LEU D 414 -18.66 28.92 -26.45
CA LEU D 414 -18.45 29.18 -27.87
C LEU D 414 -19.13 30.46 -28.31
N CYS D 415 -20.40 30.63 -27.91
CA CYS D 415 -21.14 31.85 -28.23
C CYS D 415 -20.52 33.07 -27.55
N SER D 416 -20.11 32.92 -26.29
CA SER D 416 -19.48 34.01 -25.56
C SER D 416 -18.15 34.42 -26.19
N GLU D 417 -17.33 33.44 -26.58
CA GLU D 417 -16.03 33.73 -27.18
C GLU D 417 -16.19 34.33 -28.57
N ALA D 418 -17.18 33.86 -29.34
CA ALA D 418 -17.44 34.41 -30.66
C ALA D 418 -17.90 35.86 -30.59
N ALA D 419 -18.80 36.16 -29.65
CA ALA D 419 -19.24 37.54 -29.47
C ALA D 419 -18.13 38.42 -28.91
N LEU D 420 -17.26 37.83 -28.06
CA LEU D 420 -16.15 38.57 -27.49
C LEU D 420 -15.13 38.97 -28.55
N GLN D 421 -14.73 38.02 -29.41
CA GLN D 421 -13.78 38.38 -30.45
C GLN D 421 -14.43 39.16 -31.58
N ALA D 422 -15.75 39.09 -31.73
CA ALA D 422 -16.44 39.96 -32.68
C ALA D 422 -16.44 41.40 -32.20
N ILE D 423 -16.64 41.61 -30.90
CA ILE D 423 -16.53 42.94 -30.32
C ILE D 423 -15.08 43.41 -30.35
N ARG D 424 -14.14 42.49 -30.14
CA ARG D 424 -12.71 42.79 -30.22
C ARG D 424 -12.28 43.15 -31.63
N LYS D 425 -12.95 42.60 -32.65
CA LYS D 425 -12.59 42.90 -34.03
C LYS D 425 -12.91 44.35 -34.38
N LYS D 426 -14.06 44.84 -33.95
CA LYS D 426 -14.37 46.26 -34.12
C LYS D 426 -13.67 47.09 -33.06
N MET D 427 -13.51 48.38 -33.34
CA MET D 427 -12.73 49.25 -32.48
C MET D 427 -13.54 49.67 -31.25
N ASP D 428 -12.82 50.16 -30.25
CA ASP D 428 -13.43 50.64 -29.02
C ASP D 428 -14.14 51.97 -29.29
N LEU D 429 -15.08 52.31 -28.42
CA LEU D 429 -15.92 53.49 -28.59
C LEU D 429 -15.16 54.76 -28.20
N ILE D 430 -15.88 55.88 -28.07
CA ILE D 430 -15.27 57.15 -27.74
C ILE D 430 -14.75 57.15 -26.30
N ASP D 431 -15.57 56.68 -25.36
CA ASP D 431 -15.16 56.60 -23.98
C ASP D 431 -15.91 55.47 -23.29
N LEU D 432 -15.24 54.86 -22.30
CA LEU D 432 -15.75 53.77 -21.46
C LEU D 432 -16.26 52.56 -22.24
N ILE D 437 -21.29 52.45 -26.35
CA ILE D 437 -21.73 51.69 -25.19
C ILE D 437 -23.25 51.65 -25.15
N ASP D 438 -23.89 52.18 -26.19
CA ASP D 438 -25.34 52.14 -26.29
C ASP D 438 -25.81 50.75 -26.69
N ALA D 439 -27.12 50.52 -26.53
CA ALA D 439 -27.70 49.23 -26.88
C ALA D 439 -27.71 48.99 -28.38
N GLU D 440 -27.86 50.05 -29.18
CA GLU D 440 -27.79 49.91 -30.63
C GLU D 440 -26.37 49.60 -31.09
N VAL D 441 -25.36 50.06 -30.34
CA VAL D 441 -23.99 49.60 -30.56
C VAL D 441 -23.87 48.13 -30.18
N MET D 442 -24.52 47.74 -29.07
CA MET D 442 -24.57 46.34 -28.69
C MET D 442 -25.48 45.53 -29.61
N ASN D 443 -26.37 46.17 -30.34
CA ASN D 443 -27.18 45.49 -31.35
C ASN D 443 -26.41 45.20 -32.63
N SER D 444 -25.22 45.78 -32.80
CA SER D 444 -24.41 45.57 -34.00
C SER D 444 -23.44 44.40 -33.84
N LEU D 445 -23.97 43.24 -33.47
CA LEU D 445 -23.15 42.03 -33.31
C LEU D 445 -23.12 41.31 -34.65
N ALA D 446 -22.24 41.79 -35.53
CA ALA D 446 -22.13 41.26 -36.89
C ALA D 446 -21.24 40.03 -36.90
N VAL D 447 -21.79 38.94 -36.36
CA VAL D 447 -21.09 37.67 -36.37
C VAL D 447 -21.20 37.03 -37.74
N THR D 448 -20.08 36.54 -38.26
CA THR D 448 -20.00 35.97 -39.59
C THR D 448 -19.76 34.47 -39.51
N MET D 449 -19.66 33.85 -40.69
CA MET D 449 -19.21 32.46 -40.77
C MET D 449 -17.79 32.30 -40.29
N ASP D 450 -16.92 33.26 -40.65
CA ASP D 450 -15.52 33.19 -40.23
C ASP D 450 -15.38 33.47 -38.74
N ASP D 451 -16.29 34.24 -38.14
CA ASP D 451 -16.26 34.48 -36.71
C ASP D 451 -16.57 33.21 -35.93
N PHE D 452 -17.62 32.49 -36.33
CA PHE D 452 -17.95 31.23 -35.68
C PHE D 452 -16.92 30.16 -36.00
N ARG D 453 -16.30 30.22 -37.19
CA ARG D 453 -15.22 29.29 -37.51
C ARG D 453 -13.99 29.56 -36.66
N TRP D 454 -13.67 30.83 -36.42
CA TRP D 454 -12.56 31.21 -35.54
C TRP D 454 -12.83 30.79 -34.10
N ALA D 455 -14.07 30.92 -33.65
CA ALA D 455 -14.42 30.48 -32.31
C ALA D 455 -14.40 28.95 -32.20
N LEU D 456 -14.79 28.25 -33.28
CA LEU D 456 -14.73 26.80 -33.31
C LEU D 456 -13.30 26.29 -33.26
N SER D 457 -12.40 26.96 -33.97
CA SER D 457 -10.98 26.62 -33.89
C SER D 457 -10.40 26.98 -32.53
N GLN D 458 -10.89 28.06 -31.92
CA GLN D 458 -10.42 28.47 -30.60
C GLN D 458 -11.32 27.89 -29.53
N SER D 459 -11.30 26.56 -29.45
CA SER D 459 -12.09 25.83 -28.48
C SER D 459 -11.40 24.50 -28.19
N ASN D 460 -12.10 23.61 -27.48
CA ASN D 460 -11.59 22.29 -27.17
C ASN D 460 -12.71 21.28 -26.99
N PRO D 461 -12.52 20.04 -27.45
CA PRO D 461 -13.54 19.00 -27.25
C PRO D 461 -13.45 18.33 -25.88
N SER D 462 -14.08 18.93 -24.87
CA SER D 462 -13.99 18.44 -23.51
C SER D 462 -14.74 17.14 -23.26
N ALA D 463 -15.59 16.69 -24.19
CA ALA D 463 -16.37 15.48 -24.01
C ALA D 463 -16.26 14.55 -25.22
N LEU D 464 -15.14 14.60 -25.94
CA LEU D 464 -14.98 13.78 -27.13
C LEU D 464 -14.70 12.33 -26.79
N ARG D 465 -14.08 12.06 -25.63
CA ARG D 465 -13.78 10.70 -25.24
C ARG D 465 -15.01 9.91 -24.86
N GLU D 466 -16.10 10.58 -24.48
CA GLU D 466 -17.34 9.91 -24.17
C GLU D 466 -17.99 9.36 -25.43
N THR D 467 -18.65 8.22 -25.29
CA THR D 467 -19.38 7.63 -26.41
C THR D 467 -20.59 8.48 -26.75
N VAL D 468 -20.79 8.72 -28.04
CA VAL D 468 -21.83 9.63 -28.50
C VAL D 468 -23.08 8.83 -28.81
N VAL D 469 -24.20 9.23 -28.21
CA VAL D 469 -25.48 8.55 -28.36
C VAL D 469 -26.36 9.42 -29.23
N GLU D 470 -26.69 8.93 -30.43
CA GLU D 470 -27.43 9.73 -31.40
C GLU D 470 -28.14 8.80 -32.38
N VAL D 471 -29.08 9.37 -33.13
CA VAL D 471 -29.66 8.68 -34.27
C VAL D 471 -28.90 9.11 -35.53
N PRO D 472 -28.67 8.19 -36.48
CA PRO D 472 -27.98 8.58 -37.71
C PRO D 472 -28.93 8.90 -38.85
N GLN D 473 -28.41 9.42 -39.96
CA GLN D 473 -29.22 9.88 -41.09
C GLN D 473 -28.63 9.39 -42.41
N VAL D 474 -28.30 8.10 -42.49
CA VAL D 474 -27.80 7.53 -43.74
C VAL D 474 -28.94 7.37 -44.75
N THR D 475 -30.05 6.77 -44.30
CA THR D 475 -31.34 6.70 -45.02
C THR D 475 -31.24 6.02 -46.40
N TRP D 476 -30.58 4.84 -46.41
CA TRP D 476 -30.54 3.90 -47.54
C TRP D 476 -29.97 4.53 -48.81
N GLU D 477 -28.73 5.00 -48.70
CA GLU D 477 -28.14 5.72 -49.82
C GLU D 477 -26.85 5.12 -50.36
N ASP D 478 -25.95 4.67 -49.48
CA ASP D 478 -24.64 4.22 -49.95
C ASP D 478 -24.67 2.84 -50.58
N ILE D 479 -25.58 1.98 -50.15
CA ILE D 479 -25.64 0.59 -50.62
C ILE D 479 -26.78 0.47 -51.60
N GLY D 480 -26.45 0.19 -52.87
CA GLY D 480 -27.45 -0.08 -53.88
C GLY D 480 -27.56 -1.55 -54.18
N GLY D 481 -27.05 -2.38 -53.28
CA GLY D 481 -27.11 -3.81 -53.45
C GLY D 481 -27.64 -4.51 -52.23
N LEU D 482 -27.30 -5.80 -52.08
CA LEU D 482 -27.65 -6.65 -50.94
C LEU D 482 -29.17 -6.76 -50.77
N GLU D 483 -29.81 -7.31 -51.80
CA GLU D 483 -31.26 -7.17 -51.98
C GLU D 483 -32.05 -7.97 -50.96
N ASP D 484 -31.74 -9.25 -50.80
CA ASP D 484 -32.44 -10.06 -49.82
C ASP D 484 -31.82 -9.96 -48.44
N VAL D 485 -30.56 -9.54 -48.35
CA VAL D 485 -29.91 -9.34 -47.06
C VAL D 485 -30.53 -8.16 -46.33
N LYS D 486 -30.83 -7.07 -47.06
CA LYS D 486 -31.51 -5.94 -46.43
C LYS D 486 -32.96 -6.28 -46.08
N ARG D 487 -33.58 -7.20 -46.83
CA ARG D 487 -34.91 -7.70 -46.46
C ARG D 487 -34.86 -8.49 -45.15
N GLU D 488 -33.82 -9.34 -45.01
CA GLU D 488 -33.61 -10.10 -43.78
C GLU D 488 -33.34 -9.19 -42.59
N LEU D 489 -32.51 -8.16 -42.79
CA LEU D 489 -32.22 -7.20 -41.72
C LEU D 489 -33.45 -6.38 -41.36
N GLN D 490 -34.25 -6.02 -42.35
CA GLN D 490 -35.49 -5.27 -42.10
C GLN D 490 -36.48 -6.09 -41.29
N GLU D 491 -36.72 -7.34 -41.69
CA GLU D 491 -37.65 -8.18 -40.95
C GLU D 491 -37.10 -8.62 -39.60
N LEU D 492 -35.78 -8.58 -39.42
CA LEU D 492 -35.23 -9.01 -38.15
C LEU D 492 -35.19 -7.86 -37.13
N VAL D 493 -34.95 -6.63 -37.58
CA VAL D 493 -34.79 -5.49 -36.68
C VAL D 493 -36.00 -4.55 -36.73
N GLN D 494 -36.33 -4.03 -37.92
CA GLN D 494 -37.38 -3.02 -38.06
C GLN D 494 -38.76 -3.58 -37.75
N TYR D 495 -39.03 -4.80 -38.19
CA TYR D 495 -40.34 -5.43 -38.04
C TYR D 495 -40.69 -5.75 -36.57
N PRO D 496 -39.77 -6.17 -35.68
CA PRO D 496 -40.12 -6.16 -34.25
C PRO D 496 -40.31 -4.77 -33.66
N VAL D 497 -39.70 -3.73 -34.23
CA VAL D 497 -39.86 -2.38 -33.68
C VAL D 497 -41.28 -1.87 -33.93
N GLU D 498 -41.79 -2.07 -35.15
CA GLU D 498 -43.14 -1.59 -35.46
C GLU D 498 -44.22 -2.50 -34.86
N HIS D 499 -43.99 -3.82 -34.84
CA HIS D 499 -44.95 -4.76 -34.27
C HIS D 499 -44.23 -6.03 -33.82
N PRO D 500 -43.93 -6.16 -32.53
CA PRO D 500 -43.33 -7.39 -32.01
C PRO D 500 -44.32 -8.47 -31.59
N ASP D 501 -45.62 -8.23 -31.74
CA ASP D 501 -46.63 -9.20 -31.33
C ASP D 501 -46.68 -10.40 -32.27
N LYS D 502 -46.19 -10.24 -33.51
CA LYS D 502 -46.19 -11.36 -34.46
C LYS D 502 -45.23 -12.46 -34.06
N PHE D 503 -44.18 -12.13 -33.29
CA PHE D 503 -43.27 -13.16 -32.81
C PHE D 503 -43.91 -13.96 -31.69
N LEU D 504 -44.78 -13.33 -30.90
CA LEU D 504 -45.55 -14.05 -29.89
C LEU D 504 -46.80 -14.70 -30.47
N LYS D 505 -47.16 -14.38 -31.72
CA LYS D 505 -48.26 -15.09 -32.38
C LYS D 505 -47.91 -16.56 -32.61
N PHE D 506 -46.66 -16.85 -32.97
CA PHE D 506 -46.27 -18.19 -33.35
C PHE D 506 -45.09 -18.68 -32.49
N GLY D 507 -44.57 -17.85 -31.59
CA GLY D 507 -43.56 -18.29 -30.66
C GLY D 507 -42.13 -18.02 -31.06
N MET D 508 -41.84 -16.89 -31.69
CA MET D 508 -40.51 -16.61 -32.18
C MET D 508 -39.70 -15.84 -31.15
N THR D 509 -38.52 -16.36 -30.80
CA THR D 509 -37.54 -15.60 -30.05
C THR D 509 -36.55 -14.99 -31.03
N PRO D 510 -36.44 -13.66 -31.10
CA PRO D 510 -35.56 -13.04 -32.10
C PRO D 510 -34.08 -13.22 -31.74
N SER D 511 -33.27 -13.53 -32.74
CA SER D 511 -31.83 -13.63 -32.57
C SER D 511 -31.24 -12.25 -32.83
N LYS D 512 -30.85 -11.56 -31.76
CA LYS D 512 -30.36 -10.18 -31.89
C LYS D 512 -28.95 -10.10 -32.47
N GLY D 513 -28.20 -11.19 -32.44
CA GLY D 513 -26.84 -11.18 -32.94
C GLY D 513 -26.73 -11.46 -34.43
N VAL D 514 -26.16 -10.50 -35.17
CA VAL D 514 -25.85 -10.69 -36.58
C VAL D 514 -24.38 -10.34 -36.79
N LEU D 515 -23.79 -10.97 -37.81
CA LEU D 515 -22.36 -10.82 -38.09
C LEU D 515 -22.17 -10.57 -39.58
N PHE D 516 -21.33 -9.60 -39.91
CA PHE D 516 -21.02 -9.24 -41.29
C PHE D 516 -19.54 -9.50 -41.56
N TYR D 517 -19.25 -10.18 -42.67
CA TYR D 517 -17.90 -10.60 -42.94
C TYR D 517 -17.66 -10.65 -44.45
N GLY D 518 -16.37 -10.71 -44.80
CA GLY D 518 -15.94 -10.63 -46.17
C GLY D 518 -14.74 -9.71 -46.27
N PRO D 519 -14.60 -9.03 -47.41
CA PRO D 519 -13.59 -7.96 -47.52
C PRO D 519 -13.98 -6.78 -46.66
N PRO D 520 -13.01 -5.95 -46.23
CA PRO D 520 -13.31 -4.87 -45.28
C PRO D 520 -14.23 -3.80 -45.84
N GLY D 521 -15.07 -3.25 -44.96
CA GLY D 521 -16.08 -2.31 -45.37
C GLY D 521 -16.61 -1.40 -44.28
N CYS D 522 -16.76 -0.11 -44.59
CA CYS D 522 -17.58 0.78 -43.80
C CYS D 522 -19.01 0.84 -44.31
N GLY D 523 -19.29 0.16 -45.43
CA GLY D 523 -20.65 0.09 -45.94
C GLY D 523 -21.57 -0.71 -45.04
N LYS D 524 -21.02 -1.70 -44.32
CA LYS D 524 -21.82 -2.40 -43.33
C LYS D 524 -22.12 -1.52 -42.12
N THR D 525 -21.21 -0.61 -41.77
CA THR D 525 -21.50 0.38 -40.73
C THR D 525 -22.59 1.34 -41.21
N LEU D 526 -22.54 1.72 -42.49
CA LEU D 526 -23.60 2.53 -43.07
C LEU D 526 -24.93 1.78 -43.13
N LEU D 527 -24.89 0.47 -43.35
CA LEU D 527 -26.09 -0.35 -43.32
C LEU D 527 -26.69 -0.41 -41.92
N ALA D 528 -25.84 -0.55 -40.90
CA ALA D 528 -26.30 -0.54 -39.52
C ALA D 528 -26.88 0.81 -39.13
N LYS D 529 -26.26 1.89 -39.62
CA LYS D 529 -26.81 3.23 -39.40
C LYS D 529 -28.14 3.43 -40.12
N ALA D 530 -28.29 2.85 -41.31
CA ALA D 530 -29.57 2.93 -42.02
C ALA D 530 -30.66 2.15 -41.30
N ILE D 531 -30.29 0.99 -40.73
CA ILE D 531 -31.23 0.19 -39.94
C ILE D 531 -31.66 0.96 -38.69
N ALA D 532 -30.71 1.57 -38.00
CA ALA D 532 -31.02 2.35 -36.80
C ALA D 532 -31.78 3.63 -37.12
N ASN D 533 -31.59 4.16 -38.33
CA ASN D 533 -32.37 5.32 -38.76
C ASN D 533 -33.80 4.92 -39.09
N GLU D 534 -33.99 3.75 -39.70
CA GLU D 534 -35.33 3.26 -40.00
C GLU D 534 -36.10 2.92 -38.73
N CYS D 535 -35.41 2.32 -37.75
CA CYS D 535 -36.06 2.09 -36.46
C CYS D 535 -36.21 3.37 -35.65
N GLN D 536 -35.45 4.42 -36.01
CA GLN D 536 -35.34 5.69 -35.29
C GLN D 536 -34.92 5.48 -33.85
N ALA D 537 -34.01 4.53 -33.64
CA ALA D 537 -33.41 4.27 -32.35
C ALA D 537 -32.00 4.87 -32.32
N ASN D 538 -31.55 5.16 -31.10
CA ASN D 538 -30.20 5.69 -30.92
C ASN D 538 -29.17 4.63 -31.27
N PHE D 539 -28.10 5.06 -31.93
CA PHE D 539 -27.06 4.16 -32.40
C PHE D 539 -25.76 4.45 -31.65
N ILE D 540 -25.17 3.39 -31.09
CA ILE D 540 -23.89 3.49 -30.38
C ILE D 540 -22.91 2.58 -31.09
N SER D 541 -21.81 3.16 -31.57
CA SER D 541 -20.76 2.41 -32.26
C SER D 541 -19.61 2.18 -31.29
N ILE D 542 -19.34 0.92 -30.99
CA ILE D 542 -18.22 0.55 -30.13
C ILE D 542 -17.01 0.32 -31.02
N LYS D 543 -15.94 1.07 -30.77
CA LYS D 543 -14.78 1.04 -31.64
C LYS D 543 -13.92 -0.17 -31.36
N GLY D 544 -13.41 -0.77 -32.43
CA GLY D 544 -12.46 -1.86 -32.37
C GLY D 544 -11.14 -1.53 -31.68
N PRO D 545 -10.51 -0.40 -32.04
CA PRO D 545 -9.38 0.10 -31.22
C PRO D 545 -9.72 0.38 -29.78
N GLU D 546 -10.96 0.76 -29.45
CA GLU D 546 -11.34 0.91 -28.05
C GLU D 546 -11.37 -0.44 -27.34
N LEU D 547 -11.84 -1.47 -28.05
CA LEU D 547 -11.80 -2.83 -27.49
C LEU D 547 -10.36 -3.32 -27.33
N LEU D 548 -9.48 -2.95 -28.26
CA LEU D 548 -8.07 -3.31 -28.15
C LEU D 548 -7.41 -2.58 -26.99
N THR D 549 -7.79 -1.32 -26.76
CA THR D 549 -7.28 -0.55 -25.62
C THR D 549 -7.77 -1.13 -24.31
N MET D 550 -9.00 -1.62 -24.26
CA MET D 550 -9.48 -2.31 -23.08
C MET D 550 -8.83 -3.68 -22.92
N TRP D 551 -8.39 -4.30 -24.02
CA TRP D 551 -7.72 -5.59 -23.93
C TRP D 551 -6.30 -5.45 -23.39
N PHE D 552 -5.53 -4.48 -23.88
CA PHE D 552 -4.19 -4.28 -23.36
C PHE D 552 -4.20 -3.77 -21.93
N GLY D 553 -5.17 -2.94 -21.58
CA GLY D 553 -5.28 -2.49 -20.21
C GLY D 553 -5.92 -3.48 -19.27
N GLU D 554 -6.58 -4.51 -19.82
CA GLU D 554 -7.31 -5.54 -19.08
C GLU D 554 -8.38 -4.94 -18.16
N SER D 555 -9.04 -3.89 -18.63
CA SER D 555 -10.10 -3.23 -17.88
C SER D 555 -11.43 -3.75 -18.40
N GLU D 556 -11.81 -4.93 -17.93
CA GLU D 556 -13.02 -5.59 -18.38
C GLU D 556 -14.29 -5.02 -17.76
N ALA D 557 -14.18 -4.14 -16.77
CA ALA D 557 -15.35 -3.52 -16.16
C ALA D 557 -15.87 -2.35 -16.98
N ASN D 558 -15.13 -1.88 -17.97
CA ASN D 558 -15.58 -0.76 -18.78
C ASN D 558 -16.68 -1.19 -19.74
N VAL D 559 -16.65 -2.44 -20.19
CA VAL D 559 -17.72 -2.93 -21.07
C VAL D 559 -18.99 -3.19 -20.28
N ARG D 560 -18.88 -3.38 -18.95
CA ARG D 560 -20.07 -3.36 -18.10
C ARG D 560 -20.74 -2.00 -18.11
N GLU D 561 -19.94 -0.93 -18.07
CA GLU D 561 -20.46 0.43 -18.21
C GLU D 561 -21.06 0.66 -19.59
N ILE D 562 -20.43 0.06 -20.62
CA ILE D 562 -20.94 0.15 -21.98
C ILE D 562 -22.32 -0.50 -22.10
N PHE D 563 -22.46 -1.71 -21.54
CA PHE D 563 -23.74 -2.39 -21.62
C PHE D 563 -24.79 -1.76 -20.71
N ASP D 564 -24.36 -1.13 -19.61
CA ASP D 564 -25.29 -0.42 -18.75
C ASP D 564 -25.83 0.82 -19.43
N LYS D 565 -24.98 1.54 -20.17
CA LYS D 565 -25.47 2.65 -20.99
C LYS D 565 -26.31 2.14 -22.16
N ALA D 566 -25.98 0.96 -22.68
CA ALA D 566 -26.70 0.40 -23.81
C ALA D 566 -28.11 -0.03 -23.45
N ARG D 567 -28.29 -0.62 -22.26
CA ARG D 567 -29.62 -1.06 -21.85
C ARG D 567 -30.53 0.09 -21.47
N GLN D 568 -29.96 1.26 -21.16
CA GLN D 568 -30.80 2.43 -20.89
C GLN D 568 -31.41 2.97 -22.17
N ALA D 569 -30.76 2.76 -23.31
CA ALA D 569 -31.32 3.13 -24.60
C ALA D 569 -32.21 1.99 -25.08
N ALA D 570 -33.52 2.22 -25.11
CA ALA D 570 -34.48 1.20 -25.51
C ALA D 570 -35.38 1.76 -26.60
N PRO D 571 -35.29 1.25 -27.84
CA PRO D 571 -34.34 0.23 -28.31
C PRO D 571 -33.01 0.84 -28.73
N CYS D 572 -32.02 -0.01 -29.00
CA CYS D 572 -30.70 0.48 -29.38
C CYS D 572 -30.06 -0.51 -30.34
N VAL D 573 -29.12 0.00 -31.12
CA VAL D 573 -28.32 -0.80 -32.05
C VAL D 573 -26.87 -0.71 -31.58
N LEU D 574 -26.29 -1.85 -31.25
CA LEU D 574 -24.92 -1.93 -30.73
C LEU D 574 -24.06 -2.55 -31.81
N PHE D 575 -23.00 -1.84 -32.21
CA PHE D 575 -22.14 -2.27 -33.29
C PHE D 575 -20.75 -2.56 -32.77
N PHE D 576 -20.17 -3.67 -33.21
CA PHE D 576 -18.79 -4.03 -32.91
C PHE D 576 -18.06 -4.31 -34.21
N ASP D 577 -16.83 -3.80 -34.32
CA ASP D 577 -16.05 -3.93 -35.54
C ASP D 577 -14.72 -4.62 -35.25
N GLU D 578 -14.38 -5.58 -36.13
CA GLU D 578 -13.10 -6.29 -36.14
C GLU D 578 -12.84 -7.02 -34.82
N LEU D 579 -13.74 -7.97 -34.52
CA LEU D 579 -13.56 -8.81 -33.35
C LEU D 579 -12.47 -9.84 -33.54
N ASP D 580 -12.10 -10.14 -34.80
CA ASP D 580 -10.96 -11.00 -35.07
C ASP D 580 -9.64 -10.31 -34.79
N SER D 581 -9.62 -8.98 -34.73
CA SER D 581 -8.38 -8.24 -34.54
C SER D 581 -7.82 -8.44 -33.14
N ILE D 582 -8.67 -8.72 -32.16
CA ILE D 582 -8.21 -8.99 -30.80
C ILE D 582 -7.41 -10.29 -30.75
N ALA D 583 -7.96 -11.35 -31.36
CA ALA D 583 -7.22 -12.61 -31.44
C ALA D 583 -6.05 -12.54 -32.41
N LYS D 584 -6.12 -11.63 -33.39
CA LYS D 584 -5.01 -11.46 -34.33
C LYS D 584 -3.82 -10.77 -33.67
N ALA D 585 -4.09 -9.74 -32.86
CA ALA D 585 -3.04 -8.96 -32.21
C ALA D 585 -2.81 -9.38 -30.77
N ARG D 586 -3.39 -10.50 -30.34
CA ARG D 586 -3.05 -11.09 -29.04
C ARG D 586 -1.60 -11.54 -29.02
N GLY D 587 -0.77 -10.83 -28.25
CA GLY D 587 0.63 -11.14 -28.16
C GLY D 587 1.20 -10.91 -26.77
N GLY D 588 0.34 -10.87 -25.77
CA GLY D 588 0.76 -10.65 -24.39
C GLY D 588 1.46 -11.85 -23.78
N ALA D 596 -10.36 -16.15 -30.52
CA ALA D 596 -10.06 -17.27 -29.65
C ALA D 596 -10.31 -16.91 -28.19
N ALA D 597 -9.28 -17.04 -27.36
CA ALA D 597 -9.39 -16.76 -25.93
C ALA D 597 -8.78 -15.39 -25.64
N ASP D 598 -9.60 -14.48 -25.11
CA ASP D 598 -9.17 -13.13 -24.77
C ASP D 598 -10.01 -12.65 -23.60
N ARG D 599 -9.50 -11.60 -22.92
CA ARG D 599 -10.15 -11.12 -21.71
C ARG D 599 -11.48 -10.43 -22.03
N VAL D 600 -11.51 -9.66 -23.11
CA VAL D 600 -12.75 -9.01 -23.53
C VAL D 600 -13.72 -10.03 -24.13
N ILE D 601 -13.18 -11.04 -24.81
CA ILE D 601 -13.98 -11.99 -25.58
C ILE D 601 -14.87 -12.84 -24.68
N ASN D 602 -14.30 -13.35 -23.58
CA ASN D 602 -15.12 -14.06 -22.59
C ASN D 602 -16.07 -13.10 -21.89
N GLN D 603 -15.66 -11.85 -21.68
CA GLN D 603 -16.57 -10.84 -21.12
C GLN D 603 -17.68 -10.50 -22.10
N ILE D 604 -17.36 -10.48 -23.41
CA ILE D 604 -18.38 -10.27 -24.44
C ILE D 604 -19.37 -11.42 -24.44
N LEU D 605 -18.88 -12.66 -24.32
CA LEU D 605 -19.75 -13.83 -24.26
C LEU D 605 -20.62 -13.83 -23.00
N THR D 606 -20.05 -13.41 -21.87
CA THR D 606 -20.78 -13.34 -20.61
C THR D 606 -21.87 -12.27 -20.66
N GLU D 607 -21.56 -11.12 -21.25
CA GLU D 607 -22.56 -10.06 -21.35
C GLU D 607 -23.61 -10.39 -22.39
N MET D 608 -23.24 -11.10 -23.45
CA MET D 608 -24.19 -11.52 -24.47
C MET D 608 -25.13 -12.60 -23.95
N ASP D 609 -24.62 -13.48 -23.07
CA ASP D 609 -25.50 -14.41 -22.37
C ASP D 609 -26.45 -13.66 -21.43
N GLY D 610 -25.93 -12.63 -20.75
CA GLY D 610 -26.76 -11.83 -19.87
C GLY D 610 -27.45 -10.71 -20.60
N MET D 611 -28.41 -11.06 -21.45
CA MET D 611 -29.18 -10.08 -22.21
C MET D 611 -30.66 -10.39 -22.11
N SER D 612 -31.47 -9.33 -22.05
CA SER D 612 -32.91 -9.49 -22.16
C SER D 612 -33.28 -9.88 -23.58
N THR D 613 -34.22 -10.83 -23.71
CA THR D 613 -34.69 -11.21 -25.03
C THR D 613 -35.61 -10.16 -25.64
N LYS D 614 -36.15 -9.26 -24.83
CA LYS D 614 -36.89 -8.11 -25.32
C LYS D 614 -35.94 -6.92 -25.43
N LYS D 615 -36.49 -5.71 -25.56
CA LYS D 615 -35.91 -4.37 -25.66
C LYS D 615 -35.27 -4.10 -27.02
N ASN D 616 -35.15 -5.10 -27.91
CA ASN D 616 -34.61 -4.98 -29.28
C ASN D 616 -33.19 -4.39 -29.32
N VAL D 617 -32.36 -4.79 -28.35
CA VAL D 617 -30.98 -4.30 -28.28
C VAL D 617 -30.14 -5.23 -29.15
N PHE D 618 -30.17 -4.96 -30.46
CA PHE D 618 -29.60 -5.87 -31.43
C PHE D 618 -28.10 -5.63 -31.57
N ILE D 619 -27.35 -6.73 -31.62
CA ILE D 619 -25.90 -6.68 -31.73
C ILE D 619 -25.51 -7.00 -33.16
N ILE D 620 -24.78 -6.09 -33.80
CA ILE D 620 -24.28 -6.30 -35.14
C ILE D 620 -22.75 -6.32 -35.09
N GLY D 621 -22.16 -7.33 -35.71
CA GLY D 621 -20.73 -7.49 -35.68
C GLY D 621 -20.10 -7.36 -37.05
N ALA D 622 -18.86 -6.87 -37.09
CA ALA D 622 -18.10 -6.77 -38.32
C ALA D 622 -16.74 -7.41 -38.11
N THR D 623 -16.26 -8.08 -39.14
CA THR D 623 -14.95 -8.74 -39.09
C THR D 623 -14.44 -8.92 -40.50
N ASN D 624 -13.14 -9.20 -40.60
CA ASN D 624 -12.47 -9.38 -41.87
C ASN D 624 -12.00 -10.81 -42.11
N ARG D 625 -11.56 -11.51 -41.07
CA ARG D 625 -11.04 -12.87 -41.19
C ARG D 625 -11.90 -13.81 -40.34
N PRO D 626 -12.90 -14.46 -40.95
CA PRO D 626 -13.75 -15.37 -40.17
C PRO D 626 -13.08 -16.66 -39.74
N ASP D 627 -11.91 -17.00 -40.29
CA ASP D 627 -11.21 -18.21 -39.87
C ASP D 627 -10.69 -18.09 -38.44
N ILE D 628 -10.18 -16.92 -38.07
CA ILE D 628 -9.80 -16.64 -36.69
C ILE D 628 -10.96 -15.91 -36.03
N ILE D 629 -11.66 -16.63 -35.15
CA ILE D 629 -12.87 -16.14 -34.50
C ILE D 629 -13.08 -17.01 -33.27
N ASP D 630 -13.89 -16.53 -32.33
CA ASP D 630 -14.32 -17.35 -31.21
C ASP D 630 -15.25 -18.45 -31.70
N PRO D 631 -14.95 -19.73 -31.42
CA PRO D 631 -15.88 -20.80 -31.84
C PRO D 631 -17.15 -20.85 -31.01
N ALA D 632 -17.16 -20.23 -29.83
CA ALA D 632 -18.38 -20.19 -29.03
C ALA D 632 -19.40 -19.20 -29.58
N ILE D 633 -18.95 -18.17 -30.30
CA ILE D 633 -19.88 -17.20 -30.83
C ILE D 633 -20.51 -17.66 -32.14
N LEU D 634 -19.91 -18.62 -32.84
CA LEU D 634 -20.51 -19.18 -34.04
C LEU D 634 -21.48 -20.31 -33.72
N ARG D 635 -21.61 -20.67 -32.44
CA ARG D 635 -22.60 -21.63 -32.01
C ARG D 635 -24.00 -21.05 -32.20
N PRO D 636 -24.99 -21.90 -32.48
CA PRO D 636 -26.39 -21.43 -32.51
C PRO D 636 -26.84 -20.93 -31.15
N GLY D 637 -27.77 -19.98 -31.16
CA GLY D 637 -28.11 -19.25 -29.97
C GLY D 637 -28.08 -17.75 -30.16
N ARG D 638 -27.10 -17.09 -29.54
CA ARG D 638 -27.03 -15.63 -29.54
C ARG D 638 -26.72 -15.08 -30.93
N LEU D 639 -25.74 -15.66 -31.61
CA LEU D 639 -25.44 -15.31 -32.99
C LEU D 639 -25.76 -16.51 -33.87
N ASP D 640 -26.74 -16.35 -34.76
CA ASP D 640 -27.19 -17.42 -35.62
C ASP D 640 -26.95 -17.14 -37.09
N GLN D 641 -27.38 -15.98 -37.58
CA GLN D 641 -27.27 -15.65 -38.99
C GLN D 641 -25.87 -15.16 -39.30
N LEU D 642 -25.22 -15.78 -40.27
CA LEU D 642 -23.87 -15.41 -40.71
C LEU D 642 -23.96 -15.04 -42.17
N ILE D 643 -23.79 -13.76 -42.47
CA ILE D 643 -23.98 -13.22 -43.82
C ILE D 643 -22.65 -12.72 -44.35
N TYR D 644 -22.26 -13.22 -45.52
CA TYR D 644 -21.11 -12.71 -46.24
C TYR D 644 -21.53 -11.51 -47.08
N ILE D 645 -20.83 -10.40 -46.93
CA ILE D 645 -21.11 -9.20 -47.70
C ILE D 645 -20.15 -9.18 -48.89
N PRO D 646 -20.65 -9.18 -50.13
CA PRO D 646 -19.76 -9.29 -51.29
C PRO D 646 -19.19 -7.96 -51.75
N LEU D 647 -18.49 -7.99 -52.89
CA LEU D 647 -17.97 -6.80 -53.54
C LEU D 647 -19.12 -5.89 -53.98
N PRO D 648 -18.94 -4.57 -53.95
CA PRO D 648 -20.04 -3.68 -54.35
C PRO D 648 -20.28 -3.72 -55.85
N ASP D 649 -21.52 -3.39 -56.24
CA ASP D 649 -21.95 -3.54 -57.62
C ASP D 649 -21.36 -2.42 -58.47
N GLU D 650 -20.63 -2.80 -59.52
CA GLU D 650 -20.15 -1.83 -60.49
C GLU D 650 -21.30 -1.30 -61.33
N LYS D 651 -22.35 -2.09 -61.52
CA LYS D 651 -23.52 -1.63 -62.24
C LYS D 651 -24.37 -0.68 -61.41
N SER D 652 -24.30 -0.76 -60.09
CA SER D 652 -25.03 0.12 -59.18
C SER D 652 -24.13 1.16 -58.54
N ARG D 653 -23.17 1.69 -59.31
CA ARG D 653 -22.33 2.79 -58.85
C ARG D 653 -23.03 4.14 -58.91
N VAL D 654 -24.25 4.19 -59.45
CA VAL D 654 -25.03 5.42 -59.51
C VAL D 654 -25.35 5.93 -58.11
N ALA D 655 -25.64 5.01 -57.19
CA ALA D 655 -25.87 5.40 -55.80
C ALA D 655 -24.58 5.85 -55.11
N ILE D 656 -23.44 5.27 -55.46
CA ILE D 656 -22.19 5.67 -54.85
C ILE D 656 -21.76 7.05 -55.35
N LEU D 657 -21.94 7.32 -56.65
CA LEU D 657 -21.71 8.69 -57.11
C LEU D 657 -22.83 9.64 -56.72
N LYS D 658 -24.00 9.13 -56.32
CA LYS D 658 -24.99 9.99 -55.66
C LYS D 658 -24.53 10.38 -54.26
N ALA D 659 -23.87 9.46 -53.56
CA ALA D 659 -23.22 9.80 -52.30
C ALA D 659 -22.04 10.75 -52.53
N ASN D 660 -21.40 10.65 -53.69
CA ASN D 660 -20.39 11.62 -54.09
C ASN D 660 -20.98 12.92 -54.61
N LEU D 661 -22.29 12.97 -54.88
CA LEU D 661 -22.94 14.20 -55.30
C LEU D 661 -23.21 15.16 -54.15
N ARG D 662 -23.03 14.71 -52.92
CA ARG D 662 -22.75 15.59 -51.80
C ARG D 662 -21.26 15.50 -51.50
N LYS D 663 -20.74 16.51 -50.79
CA LYS D 663 -19.32 16.66 -50.45
C LYS D 663 -18.47 16.69 -51.72
N SER D 664 -18.49 17.85 -52.43
CA SER D 664 -18.15 18.17 -53.83
C SER D 664 -19.12 17.56 -54.84
N PRO D 665 -20.31 18.17 -55.02
CA PRO D 665 -21.16 17.82 -56.18
C PRO D 665 -20.45 18.03 -57.51
N VAL D 666 -20.30 16.96 -58.28
CA VAL D 666 -19.68 17.05 -59.60
C VAL D 666 -20.68 17.66 -60.56
N ALA D 667 -20.21 18.58 -61.41
CA ALA D 667 -21.06 19.18 -62.42
C ALA D 667 -21.32 18.19 -63.55
N LYS D 668 -22.25 18.54 -64.43
CA LYS D 668 -22.68 17.63 -65.48
C LYS D 668 -21.73 17.63 -66.68
N ASP D 669 -22.21 17.06 -67.80
CA ASP D 669 -21.40 16.68 -68.96
C ASP D 669 -20.26 15.75 -68.56
N VAL D 670 -20.56 14.83 -67.64
CA VAL D 670 -19.65 13.77 -67.24
C VAL D 670 -20.39 12.45 -67.40
N ASP D 671 -19.62 11.37 -67.52
CA ASP D 671 -20.18 10.05 -67.80
C ASP D 671 -20.04 9.19 -66.56
N LEU D 672 -21.18 8.71 -66.05
CA LEU D 672 -21.15 7.69 -65.01
C LEU D 672 -20.75 6.33 -65.58
N GLU D 673 -21.03 6.13 -66.87
CA GLU D 673 -20.58 4.93 -67.57
C GLU D 673 -19.06 4.89 -67.72
N PHE D 674 -18.39 6.05 -67.69
CA PHE D 674 -16.93 6.09 -67.69
C PHE D 674 -16.36 5.47 -66.41
N LEU D 675 -17.01 5.72 -65.27
CA LEU D 675 -16.67 5.01 -64.05
C LEU D 675 -17.36 3.65 -63.95
N ALA D 676 -18.23 3.32 -64.89
CA ALA D 676 -18.81 1.98 -64.97
C ALA D 676 -18.23 1.15 -66.11
N LYS D 677 -17.17 1.63 -66.77
CA LYS D 677 -16.57 0.89 -67.88
C LYS D 677 -15.38 0.03 -67.44
N MET D 678 -14.34 0.66 -66.91
CA MET D 678 -13.12 -0.07 -66.56
C MET D 678 -13.09 -0.49 -65.10
N THR D 679 -13.93 0.11 -64.25
CA THR D 679 -14.00 -0.30 -62.85
C THR D 679 -14.79 -1.59 -62.77
N ASN D 680 -14.11 -2.68 -62.38
CA ASN D 680 -14.72 -3.99 -62.32
C ASN D 680 -14.64 -4.64 -60.95
N GLY D 681 -13.61 -4.33 -60.16
CA GLY D 681 -13.50 -4.90 -58.83
C GLY D 681 -13.01 -3.91 -57.78
N PHE D 682 -13.31 -2.63 -57.99
CA PHE D 682 -12.80 -1.58 -57.12
C PHE D 682 -13.72 -1.36 -55.92
N SER D 683 -13.11 -1.06 -54.79
CA SER D 683 -13.85 -0.89 -53.54
C SER D 683 -14.62 0.43 -53.55
N GLY D 684 -15.67 0.47 -52.73
CA GLY D 684 -16.56 1.62 -52.66
C GLY D 684 -15.94 2.86 -52.06
N ALA D 685 -15.40 2.74 -50.85
CA ALA D 685 -14.75 3.87 -50.19
C ALA D 685 -13.46 4.25 -50.89
N ASP D 686 -12.81 3.28 -51.56
CA ASP D 686 -11.70 3.59 -52.46
C ASP D 686 -12.16 4.47 -53.60
N LEU D 687 -13.35 4.20 -54.15
CA LEU D 687 -13.89 5.03 -55.22
C LEU D 687 -14.27 6.41 -54.70
N THR D 688 -14.81 6.50 -53.49
CA THR D 688 -15.17 7.81 -52.93
C THR D 688 -13.94 8.63 -52.60
N GLU D 689 -12.89 8.00 -52.07
CA GLU D 689 -11.68 8.76 -51.77
C GLU D 689 -10.90 9.10 -53.03
N ILE D 690 -11.03 8.30 -54.10
CA ILE D 690 -10.37 8.70 -55.33
C ILE D 690 -11.19 9.77 -56.05
N CYS D 691 -12.50 9.82 -55.81
CA CYS D 691 -13.32 10.93 -56.28
C CYS D 691 -12.98 12.21 -55.52
N GLN D 692 -12.73 12.09 -54.22
CA GLN D 692 -12.26 13.23 -53.44
C GLN D 692 -10.83 13.60 -53.77
N ARG D 693 -10.02 12.65 -54.27
CA ARG D 693 -8.69 13.01 -54.74
C ARG D 693 -8.76 13.77 -56.06
N ALA D 694 -9.69 13.40 -56.93
CA ALA D 694 -9.96 14.20 -58.13
C ALA D 694 -10.52 15.57 -57.75
N CYS D 695 -11.32 15.62 -56.68
CA CYS D 695 -11.78 16.88 -56.11
C CYS D 695 -10.61 17.70 -55.58
N LYS D 696 -9.61 17.04 -54.99
CA LYS D 696 -8.42 17.72 -54.51
C LYS D 696 -7.60 18.27 -55.68
N LEU D 697 -7.58 17.55 -56.80
CA LEU D 697 -6.98 18.06 -58.03
C LEU D 697 -7.73 19.30 -58.53
N ALA D 698 -9.06 19.27 -58.44
CA ALA D 698 -9.87 20.43 -58.82
C ALA D 698 -9.63 21.62 -57.87
N ILE D 699 -9.45 21.34 -56.58
CA ILE D 699 -9.19 22.41 -55.62
C ILE D 699 -7.80 23.01 -55.84
N ARG D 700 -6.81 22.17 -56.14
CA ARG D 700 -5.46 22.70 -56.40
C ARG D 700 -5.39 23.42 -57.74
N GLU D 701 -6.20 23.02 -58.73
CA GLU D 701 -6.24 23.80 -59.97
C GLU D 701 -7.06 25.08 -59.81
N SER D 702 -8.02 25.11 -58.88
CA SER D 702 -8.71 26.36 -58.56
C SER D 702 -7.78 27.31 -57.82
N ILE D 703 -6.92 26.76 -56.96
CA ILE D 703 -5.89 27.55 -56.28
C ILE D 703 -4.88 28.07 -57.29
N GLU D 704 -4.55 27.25 -58.30
CA GLU D 704 -3.70 27.70 -59.41
C GLU D 704 -4.35 28.81 -60.22
N SER D 705 -5.66 28.72 -60.45
CA SER D 705 -6.39 29.77 -61.14
C SER D 705 -6.42 31.07 -60.34
N GLU D 706 -6.59 30.96 -59.01
CA GLU D 706 -6.58 32.14 -58.16
C GLU D 706 -5.18 32.76 -58.08
N ILE D 707 -4.15 31.91 -58.09
CA ILE D 707 -2.76 32.38 -58.11
C ILE D 707 -2.46 33.12 -59.41
N ARG D 708 -2.94 32.59 -60.53
CA ARG D 708 -2.76 33.25 -61.83
C ARG D 708 -3.56 34.55 -61.90
N ARG D 709 -4.75 34.58 -61.29
CA ARG D 709 -5.57 35.79 -61.30
C ARG D 709 -4.96 36.88 -60.42
N GLU D 710 -4.35 36.49 -59.29
CA GLU D 710 -3.64 37.47 -58.48
C GLU D 710 -2.32 37.88 -59.11
N ARG D 711 -1.73 36.99 -59.93
CA ARG D 711 -0.51 37.30 -60.66
C ARG D 711 -0.78 38.16 -61.89
N GLU D 712 -2.04 38.27 -62.32
CA GLU D 712 -2.40 39.23 -63.37
C GLU D 712 -2.16 40.66 -62.92
N ARG D 713 -2.51 40.98 -61.69
CA ARG D 713 -2.33 42.33 -61.17
C ARG D 713 -1.17 42.39 -60.18
N ASP D 726 -13.48 33.06 -61.68
CA ASP D 726 -14.26 31.87 -61.35
C ASP D 726 -13.35 30.72 -60.90
N PRO D 727 -13.82 29.91 -59.95
CA PRO D 727 -13.01 28.78 -59.48
C PRO D 727 -13.07 27.56 -60.38
N VAL D 728 -13.89 27.60 -61.44
CA VAL D 728 -14.22 26.50 -62.34
C VAL D 728 -14.70 25.29 -61.53
N PRO D 729 -15.93 25.31 -61.01
CA PRO D 729 -16.39 24.22 -60.14
C PRO D 729 -16.64 22.89 -60.86
N GLU D 730 -16.68 22.88 -62.19
CA GLU D 730 -16.85 21.63 -62.91
C GLU D 730 -15.58 20.79 -62.87
N ILE D 731 -15.77 19.48 -62.85
CA ILE D 731 -14.66 18.53 -62.74
C ILE D 731 -14.41 17.90 -64.10
N ARG D 732 -13.17 17.99 -64.58
CA ARG D 732 -12.82 17.50 -65.89
C ARG D 732 -12.70 15.98 -65.89
N ARG D 733 -12.73 15.41 -67.09
CA ARG D 733 -12.57 13.97 -67.26
C ARG D 733 -11.14 13.52 -67.03
N ASP D 734 -10.16 14.44 -67.17
CA ASP D 734 -8.76 14.08 -66.94
C ASP D 734 -8.48 13.80 -65.47
N HIS D 735 -9.21 14.46 -64.56
CA HIS D 735 -9.12 14.14 -63.14
C HIS D 735 -9.61 12.72 -62.87
N PHE D 736 -10.70 12.31 -63.54
CA PHE D 736 -11.19 10.94 -63.40
C PHE D 736 -10.27 9.93 -64.05
N GLU D 737 -9.61 10.29 -65.14
CA GLU D 737 -8.67 9.37 -65.79
C GLU D 737 -7.42 9.17 -64.94
N GLU D 738 -6.88 10.25 -64.37
CA GLU D 738 -5.75 10.12 -63.46
C GLU D 738 -6.15 9.45 -62.15
N ALA D 739 -7.41 9.62 -61.74
CA ALA D 739 -7.95 8.89 -60.60
C ALA D 739 -7.99 7.39 -60.88
N MET D 740 -8.40 7.01 -62.10
CA MET D 740 -8.40 5.60 -62.50
C MET D 740 -6.98 5.05 -62.58
N ARG D 741 -6.04 5.86 -63.06
CA ARG D 741 -4.66 5.41 -63.17
C ARG D 741 -3.91 5.45 -61.84
N PHE D 742 -4.46 6.10 -60.81
CA PHE D 742 -3.86 6.11 -59.48
C PHE D 742 -4.70 5.38 -58.44
N ALA D 743 -5.59 4.48 -58.86
CA ALA D 743 -6.36 3.66 -57.92
C ALA D 743 -6.33 2.22 -58.37
N ARG D 744 -6.00 1.32 -57.44
CA ARG D 744 -6.09 -0.12 -57.64
C ARG D 744 -6.95 -0.71 -56.52
N ARG D 745 -7.50 -1.88 -56.80
CA ARG D 745 -8.35 -2.55 -55.82
C ARG D 745 -7.54 -3.08 -54.64
N SER D 746 -8.19 -3.13 -53.48
CA SER D 746 -7.65 -3.80 -52.31
C SER D 746 -8.03 -5.26 -52.27
N VAL D 747 -8.64 -5.77 -53.33
CA VAL D 747 -9.13 -7.15 -53.38
C VAL D 747 -7.94 -8.09 -53.56
N SER D 748 -7.83 -9.06 -52.66
CA SER D 748 -6.83 -10.11 -52.75
C SER D 748 -7.50 -11.40 -53.17
N ASP D 749 -6.86 -12.12 -54.10
CA ASP D 749 -7.48 -13.29 -54.70
C ASP D 749 -7.58 -14.46 -53.72
N ASN D 750 -6.53 -14.65 -52.91
CA ASN D 750 -6.56 -15.70 -51.88
C ASN D 750 -7.62 -15.42 -50.83
N ASP D 751 -7.81 -14.14 -50.50
CA ASP D 751 -8.85 -13.74 -49.55
C ASP D 751 -10.24 -14.06 -50.07
N ILE D 752 -10.52 -13.75 -51.34
CA ILE D 752 -11.87 -13.97 -51.82
C ILE D 752 -12.13 -15.44 -52.13
N ARG D 753 -11.10 -16.24 -52.47
CA ARG D 753 -11.37 -17.67 -52.58
C ARG D 753 -11.51 -18.32 -51.21
N LYS D 754 -10.87 -17.75 -50.17
CA LYS D 754 -11.16 -18.25 -48.83
C LYS D 754 -12.54 -17.80 -48.34
N TYR D 755 -13.04 -16.67 -48.83
CA TYR D 755 -14.42 -16.28 -48.53
C TYR D 755 -15.42 -17.21 -49.23
N GLU D 756 -15.10 -17.60 -50.47
CA GLU D 756 -15.90 -18.61 -51.17
C GLU D 756 -15.82 -19.96 -50.48
N MET D 757 -14.67 -20.28 -49.88
CA MET D 757 -14.55 -21.51 -49.09
C MET D 757 -15.37 -21.44 -47.81
N PHE D 758 -15.47 -20.25 -47.20
CA PHE D 758 -16.36 -20.06 -46.05
C PHE D 758 -17.82 -20.21 -46.45
N ALA D 759 -18.17 -19.71 -47.64
CA ALA D 759 -19.52 -19.87 -48.15
C ALA D 759 -19.83 -21.32 -48.50
N GLN D 760 -18.83 -22.06 -48.98
CA GLN D 760 -19.01 -23.48 -49.26
C GLN D 760 -19.08 -24.30 -47.97
N THR D 761 -18.37 -23.86 -46.93
CA THR D 761 -18.46 -24.52 -45.63
C THR D 761 -19.84 -24.32 -45.00
N LEU D 762 -20.33 -23.08 -45.02
CA LEU D 762 -21.69 -22.79 -44.58
C LEU D 762 -22.60 -22.67 -45.80
N GLN D 763 -22.74 -23.79 -46.51
CA GLN D 763 -23.55 -23.85 -47.72
C GLN D 763 -24.98 -24.20 -47.35
N GLN D 764 -25.84 -23.19 -47.32
CA GLN D 764 -27.28 -23.38 -47.06
C GLN D 764 -27.99 -22.92 -48.33
N SER D 765 -28.14 -23.84 -49.28
CA SER D 765 -28.60 -23.52 -50.62
C SER D 765 -29.78 -24.40 -51.01
N ARG D 766 -30.69 -23.84 -51.80
CA ARG D 766 -31.85 -24.58 -52.28
C ARG D 766 -31.42 -25.63 -53.30
N GLY D 767 -31.93 -26.85 -53.14
CA GLY D 767 -31.62 -27.93 -54.06
C GLY D 767 -32.37 -27.80 -55.38
N LYS E 18 -54.59 -24.95 13.04
CA LYS E 18 -53.72 -26.07 13.37
C LYS E 18 -54.04 -26.64 14.74
N GLN E 19 -53.89 -25.83 15.77
CA GLN E 19 -54.18 -26.26 17.14
C GLN E 19 -55.68 -26.34 17.36
N LYS E 20 -56.14 -27.45 17.95
CA LYS E 20 -57.54 -27.66 18.27
C LYS E 20 -57.86 -27.34 19.73
N ASN E 21 -56.92 -26.72 20.44
CA ASN E 21 -57.14 -26.40 21.86
C ASN E 21 -58.10 -25.23 22.04
N ARG E 22 -58.33 -24.42 21.01
CA ARG E 22 -59.19 -23.26 21.13
C ARG E 22 -60.15 -23.16 19.94
N PRO E 23 -61.45 -22.95 20.20
CA PRO E 23 -62.41 -22.74 19.10
C PRO E 23 -62.56 -21.27 18.72
N ASN E 24 -61.59 -20.45 19.11
CA ASN E 24 -61.72 -18.99 19.06
C ASN E 24 -61.76 -18.42 17.65
N ARG E 25 -61.32 -19.18 16.65
CA ARG E 25 -61.21 -18.66 15.29
C ARG E 25 -62.59 -18.61 14.64
N LEU E 26 -63.09 -17.40 14.41
CA LEU E 26 -64.40 -17.18 13.80
C LEU E 26 -64.23 -16.25 12.60
N ILE E 27 -65.36 -15.81 12.04
CA ILE E 27 -65.37 -14.95 10.86
C ILE E 27 -65.98 -13.60 11.26
N VAL E 28 -65.35 -12.52 10.82
CA VAL E 28 -65.84 -11.18 11.14
C VAL E 28 -67.05 -10.86 10.29
N ASP E 29 -68.15 -10.46 10.93
CA ASP E 29 -69.39 -10.13 10.26
C ASP E 29 -69.92 -8.80 10.79
N GLU E 30 -70.85 -8.20 10.05
CA GLU E 30 -71.46 -6.96 10.46
C GLU E 30 -72.44 -7.19 11.61
N ALA E 31 -72.58 -6.18 12.47
CA ALA E 31 -73.42 -6.29 13.65
C ALA E 31 -74.77 -5.61 13.44
N ILE E 32 -75.68 -5.88 14.36
CA ILE E 32 -77.00 -5.27 14.38
C ILE E 32 -77.09 -4.15 15.40
N ASN E 33 -76.54 -4.36 16.59
CA ASN E 33 -76.63 -3.39 17.67
C ASN E 33 -75.72 -2.19 17.40
N GLU E 34 -76.21 -1.01 17.78
CA GLU E 34 -75.49 0.24 17.55
C GLU E 34 -74.39 0.47 18.59
N ASP E 35 -74.42 -0.26 19.69
CA ASP E 35 -73.45 -0.06 20.76
C ASP E 35 -72.07 -0.56 20.35
N ASN E 36 -71.05 0.27 20.59
CA ASN E 36 -69.69 -0.09 20.21
C ASN E 36 -69.07 -1.12 21.14
N SER E 37 -69.49 -1.15 22.40
CA SER E 37 -68.96 -2.09 23.38
C SER E 37 -69.74 -3.40 23.44
N VAL E 38 -70.72 -3.58 22.56
CA VAL E 38 -71.56 -4.78 22.54
C VAL E 38 -71.29 -5.52 21.24
N VAL E 39 -70.86 -6.77 21.35
CA VAL E 39 -70.70 -7.65 20.21
C VAL E 39 -71.70 -8.80 20.32
N SER E 40 -72.00 -9.43 19.20
CA SER E 40 -73.05 -10.42 19.11
C SER E 40 -72.48 -11.80 18.81
N LEU E 41 -73.06 -12.82 19.44
CA LEU E 41 -72.72 -14.21 19.20
C LEU E 41 -74.00 -15.03 19.19
N SER E 42 -73.89 -16.26 18.70
CA SER E 42 -75.03 -17.15 18.62
C SER E 42 -75.23 -17.88 19.95
N GLN E 43 -76.47 -18.33 20.16
CA GLN E 43 -76.81 -19.07 21.38
C GLN E 43 -76.12 -20.42 21.54
N PRO E 44 -76.04 -21.34 20.55
CA PRO E 44 -75.34 -22.61 20.82
C PRO E 44 -73.83 -22.49 20.93
N LYS E 45 -73.22 -21.42 20.42
CA LYS E 45 -71.78 -21.28 20.49
C LYS E 45 -71.29 -20.56 21.73
N MET E 46 -72.19 -19.94 22.50
CA MET E 46 -71.79 -19.27 23.73
C MET E 46 -71.53 -20.27 24.85
N ASP E 47 -72.27 -21.39 24.87
CA ASP E 47 -72.05 -22.41 25.88
C ASP E 47 -70.75 -23.18 25.61
N GLU E 48 -70.34 -23.28 24.35
CA GLU E 48 -69.05 -23.88 24.04
C GLU E 48 -67.90 -22.97 24.49
N LEU E 49 -68.08 -21.67 24.38
CA LEU E 49 -67.08 -20.70 24.81
C LEU E 49 -67.18 -20.35 26.29
N GLN E 50 -68.21 -20.85 26.97
CA GLN E 50 -68.48 -20.63 28.40
C GLN E 50 -68.61 -19.14 28.74
N LEU E 51 -69.62 -18.53 28.16
CA LEU E 51 -69.88 -17.10 28.32
C LEU E 51 -71.18 -16.89 29.09
N PHE E 52 -71.18 -15.89 29.96
CA PHE E 52 -72.35 -15.56 30.77
C PHE E 52 -73.25 -14.59 30.00
N ARG E 53 -74.24 -14.02 30.69
CA ARG E 53 -75.15 -13.06 30.07
C ARG E 53 -74.44 -11.74 29.75
N GLY E 54 -73.69 -11.22 30.72
CA GLY E 54 -72.97 -9.98 30.52
C GLY E 54 -71.47 -10.15 30.59
N ASP E 55 -70.98 -11.22 29.98
CA ASP E 55 -69.55 -11.53 30.04
C ASP E 55 -68.74 -10.57 29.17
N THR E 56 -67.55 -10.22 29.66
CA THR E 56 -66.61 -9.39 28.92
C THR E 56 -65.51 -10.28 28.36
N VAL E 57 -65.28 -10.19 27.05
CA VAL E 57 -64.37 -11.07 26.34
C VAL E 57 -63.19 -10.27 25.80
N LEU E 58 -62.16 -10.99 25.37
CA LEU E 58 -60.97 -10.39 24.78
C LEU E 58 -60.91 -10.79 23.31
N LEU E 59 -60.90 -9.80 22.43
CA LEU E 59 -60.81 -10.03 20.99
C LEU E 59 -59.41 -9.67 20.52
N LYS E 60 -58.75 -10.60 19.83
CA LYS E 60 -57.40 -10.39 19.31
C LYS E 60 -57.46 -10.37 17.79
N GLY E 61 -56.94 -9.30 17.20
CA GLY E 61 -56.92 -9.16 15.76
C GLY E 61 -55.52 -9.22 15.17
N LYS E 62 -55.00 -8.08 14.77
CA LYS E 62 -53.68 -7.97 14.16
C LYS E 62 -52.80 -7.02 14.96
N LYS E 63 -51.48 -7.13 14.71
CA LYS E 63 -50.42 -6.37 15.40
C LYS E 63 -50.47 -6.54 16.91
N ARG E 64 -50.77 -7.78 17.35
CA ARG E 64 -51.09 -8.24 18.71
C ARG E 64 -51.94 -7.25 19.52
N ARG E 65 -52.93 -6.63 18.88
CA ARG E 65 -53.80 -5.67 19.52
C ARG E 65 -55.00 -6.38 20.15
N GLU E 66 -55.64 -5.68 21.08
CA GLU E 66 -56.77 -6.25 21.80
C GLU E 66 -57.89 -5.23 21.92
N ALA E 67 -59.11 -5.74 22.08
CA ALA E 67 -60.29 -4.92 22.30
C ALA E 67 -61.25 -5.71 23.16
N VAL E 68 -61.79 -5.06 24.19
CA VAL E 68 -62.63 -5.73 25.18
C VAL E 68 -64.07 -5.27 24.97
N CYS E 69 -64.95 -6.22 24.70
CA CYS E 69 -66.37 -5.94 24.46
C CYS E 69 -67.22 -6.93 25.26
N ILE E 70 -68.53 -6.80 25.13
CA ILE E 70 -69.49 -7.61 25.87
C ILE E 70 -70.28 -8.44 24.87
N VAL E 71 -70.32 -9.76 25.07
CA VAL E 71 -71.01 -10.68 24.16
C VAL E 71 -72.47 -10.77 24.58
N LEU E 72 -73.38 -10.50 23.65
CA LEU E 72 -74.80 -10.73 23.83
C LEU E 72 -75.27 -11.76 22.81
N SER E 73 -76.28 -12.53 23.19
CA SER E 73 -76.78 -13.61 22.35
C SER E 73 -77.60 -13.05 21.19
N ASP E 74 -77.31 -13.52 19.98
CA ASP E 74 -78.02 -13.11 18.77
C ASP E 74 -78.54 -14.34 18.05
N ASP E 75 -79.83 -14.34 17.71
CA ASP E 75 -80.43 -15.49 17.05
C ASP E 75 -80.05 -15.56 15.57
N THR E 76 -79.90 -14.40 14.92
CA THR E 76 -79.58 -14.36 13.51
C THR E 76 -78.08 -14.45 13.23
N CYS E 77 -77.24 -14.45 14.27
CA CYS E 77 -75.81 -14.58 14.09
C CYS E 77 -75.44 -16.02 13.75
N SER E 78 -74.48 -16.18 12.84
CA SER E 78 -74.02 -17.50 12.46
C SER E 78 -73.18 -18.12 13.56
N ASP E 79 -73.10 -19.45 13.55
CA ASP E 79 -72.31 -20.17 14.54
C ASP E 79 -70.81 -19.97 14.31
N GLU E 80 -70.38 -19.95 13.05
CA GLU E 80 -68.98 -19.77 12.71
C GLU E 80 -68.57 -18.31 12.59
N LYS E 81 -69.51 -17.37 12.73
CA LYS E 81 -69.24 -15.97 12.54
C LYS E 81 -69.49 -15.18 13.83
N ILE E 82 -68.82 -14.04 13.94
CA ILE E 82 -69.01 -13.10 15.04
C ILE E 82 -69.39 -11.75 14.44
N ARG E 83 -70.34 -11.07 15.05
CA ARG E 83 -70.85 -9.80 14.54
C ARG E 83 -70.18 -8.63 15.24
N MET E 84 -69.66 -7.68 14.46
CA MET E 84 -69.04 -6.48 15.00
C MET E 84 -69.25 -5.34 14.02
N ASN E 85 -69.18 -4.12 14.54
CA ASN E 85 -69.30 -2.92 13.72
C ASN E 85 -67.91 -2.42 13.32
N ARG E 86 -67.88 -1.29 12.62
CA ARG E 86 -66.61 -0.78 12.11
C ARG E 86 -65.77 -0.09 13.18
N VAL E 87 -66.37 0.23 14.34
CA VAL E 87 -65.59 0.76 15.46
C VAL E 87 -64.70 -0.34 16.05
N VAL E 88 -65.28 -1.53 16.26
CA VAL E 88 -64.50 -2.68 16.73
C VAL E 88 -63.55 -3.16 15.64
N ARG E 89 -64.00 -3.10 14.38
CA ARG E 89 -63.20 -3.59 13.25
C ARG E 89 -61.98 -2.70 12.99
N ASN E 90 -62.11 -1.39 13.17
CA ASN E 90 -60.94 -0.51 13.06
C ASN E 90 -60.02 -0.65 14.25
N ASN E 91 -60.57 -0.95 15.43
CA ASN E 91 -59.73 -1.17 16.60
C ASN E 91 -58.96 -2.47 16.53
N LEU E 92 -59.54 -3.50 15.90
CA LEU E 92 -58.89 -4.80 15.76
C LEU E 92 -58.01 -4.88 14.52
N ARG E 93 -57.97 -3.81 13.71
CA ARG E 93 -57.16 -3.69 12.49
C ARG E 93 -57.48 -4.80 11.47
N VAL E 94 -58.75 -5.16 11.37
CA VAL E 94 -59.18 -6.25 10.49
C VAL E 94 -60.16 -5.72 9.46
N ARG E 95 -60.60 -6.60 8.56
CA ARG E 95 -61.63 -6.27 7.58
C ARG E 95 -62.75 -7.30 7.61
N LEU E 96 -63.65 -7.23 6.63
CA LEU E 96 -64.71 -8.22 6.53
C LEU E 96 -64.17 -9.51 5.91
N GLY E 97 -64.59 -10.64 6.47
CA GLY E 97 -64.17 -11.94 5.98
C GLY E 97 -62.87 -12.45 6.56
N ASP E 98 -62.20 -11.68 7.42
CA ASP E 98 -60.97 -12.12 8.05
C ASP E 98 -61.28 -13.00 9.26
N VAL E 99 -60.24 -13.43 9.95
CA VAL E 99 -60.36 -14.30 11.11
C VAL E 99 -59.74 -13.62 12.32
N ILE E 100 -60.44 -13.68 13.46
CA ILE E 100 -59.97 -13.17 14.73
C ILE E 100 -60.13 -14.28 15.77
N SER E 101 -59.74 -13.96 17.02
CA SER E 101 -59.88 -14.89 18.13
C SER E 101 -60.57 -14.19 19.29
N ILE E 102 -61.57 -14.86 19.87
CA ILE E 102 -62.32 -14.35 21.00
C ILE E 102 -61.95 -15.14 22.25
N GLN E 103 -61.54 -14.43 23.30
CA GLN E 103 -61.08 -15.08 24.52
C GLN E 103 -61.89 -14.59 25.71
N PRO E 104 -62.51 -15.49 26.47
CA PRO E 104 -63.19 -15.05 27.71
C PRO E 104 -62.19 -14.64 28.77
N CYS E 105 -62.48 -13.52 29.43
CA CYS E 105 -61.58 -12.93 30.42
C CYS E 105 -62.30 -12.83 31.75
N PRO E 106 -62.03 -13.73 32.69
CA PRO E 106 -62.69 -13.68 34.00
C PRO E 106 -62.02 -12.76 35.02
N ASP E 107 -60.92 -12.09 34.65
CA ASP E 107 -60.15 -11.26 35.57
C ASP E 107 -60.22 -9.78 35.22
N VAL E 108 -61.38 -9.30 34.77
CA VAL E 108 -61.54 -7.89 34.42
C VAL E 108 -62.05 -7.13 35.64
N LYS E 109 -61.38 -6.03 35.97
CA LYS E 109 -61.73 -5.21 37.12
C LYS E 109 -62.15 -3.82 36.65
N TYR E 110 -62.77 -3.08 37.57
CA TYR E 110 -63.27 -1.75 37.28
C TYR E 110 -62.12 -0.74 37.22
N GLY E 111 -62.39 0.39 36.59
CA GLY E 111 -61.35 1.39 36.38
C GLY E 111 -61.21 2.35 37.55
N LYS E 112 -59.99 2.84 37.75
CA LYS E 112 -59.68 3.84 38.77
C LYS E 112 -59.54 5.24 38.17
N ARG E 113 -58.64 5.40 37.20
CA ARG E 113 -58.41 6.66 36.53
C ARG E 113 -58.32 6.43 35.03
N ILE E 114 -58.89 7.34 34.24
CA ILE E 114 -58.91 7.24 32.79
C ILE E 114 -58.45 8.57 32.20
N HIS E 115 -57.44 8.52 31.34
CA HIS E 115 -56.97 9.68 30.59
C HIS E 115 -57.24 9.44 29.11
N VAL E 116 -58.02 10.34 28.50
CA VAL E 116 -58.35 10.27 27.09
C VAL E 116 -58.03 11.61 26.45
N LEU E 117 -57.78 11.57 25.14
CA LEU E 117 -57.47 12.78 24.37
C LEU E 117 -58.24 12.72 23.06
N PRO E 118 -58.94 13.79 22.68
CA PRO E 118 -59.68 13.77 21.42
C PRO E 118 -58.77 13.91 20.22
N ILE E 119 -59.21 13.32 19.11
CA ILE E 119 -58.47 13.39 17.85
C ILE E 119 -58.80 14.74 17.21
N ASP E 120 -57.79 15.34 16.54
CA ASP E 120 -57.83 16.76 16.18
C ASP E 120 -58.88 17.06 15.11
N ASP E 121 -59.06 16.16 14.13
CA ASP E 121 -59.94 16.47 13.01
C ASP E 121 -61.42 16.33 13.36
N THR E 122 -61.76 15.73 14.50
CA THR E 122 -63.15 15.57 14.92
C THR E 122 -63.59 16.63 15.93
N VAL E 123 -62.70 17.55 16.31
CA VAL E 123 -63.03 18.62 17.26
C VAL E 123 -62.84 20.00 16.65
N GLU E 124 -62.67 20.10 15.33
CA GLU E 124 -62.52 21.37 14.66
C GLU E 124 -63.90 22.02 14.50
N GLY E 125 -64.04 23.25 15.00
CA GLY E 125 -65.29 23.96 14.90
C GLY E 125 -66.07 23.98 16.20
N ILE E 126 -65.88 22.97 17.03
CA ILE E 126 -66.54 22.88 18.33
C ILE E 126 -65.53 23.15 19.43
N THR E 127 -65.94 23.96 20.41
CA THR E 127 -65.13 24.30 21.57
C THR E 127 -65.98 24.21 22.82
N GLY E 128 -65.31 24.02 23.95
CA GLY E 128 -65.96 24.00 25.24
C GLY E 128 -65.67 22.72 25.98
N ASN E 129 -66.45 22.47 27.04
CA ASN E 129 -66.29 21.28 27.85
C ASN E 129 -66.91 20.10 27.12
N LEU E 130 -66.07 19.23 26.58
CA LEU E 130 -66.53 18.03 25.89
C LEU E 130 -66.82 16.87 26.85
N PHE E 131 -66.50 17.03 28.14
CA PHE E 131 -66.78 16.00 29.12
C PHE E 131 -68.28 15.88 29.39
N GLU E 132 -68.95 17.01 29.58
CA GLU E 132 -70.36 17.01 29.94
C GLU E 132 -71.29 16.78 28.75
N VAL E 133 -70.78 16.82 27.54
CA VAL E 133 -71.59 16.64 26.33
C VAL E 133 -71.42 15.25 25.75
N TYR E 134 -70.17 14.78 25.64
CA TYR E 134 -69.87 13.51 25.02
C TYR E 134 -69.47 12.43 26.00
N LEU E 135 -68.57 12.74 26.94
CA LEU E 135 -68.03 11.73 27.84
C LEU E 135 -69.01 11.34 28.94
N LYS E 136 -69.83 12.28 29.41
CA LYS E 136 -70.72 11.97 30.53
C LYS E 136 -71.92 11.09 30.16
N PRO E 137 -72.72 11.34 29.10
CA PRO E 137 -73.80 10.39 28.80
C PRO E 137 -73.31 9.06 28.22
N TYR E 138 -72.09 9.00 27.70
CA TYR E 138 -71.57 7.74 27.18
C TYR E 138 -71.13 6.79 28.28
N PHE E 139 -70.66 7.31 29.41
CA PHE E 139 -70.04 6.49 30.44
C PHE E 139 -70.80 6.50 31.77
N LEU E 140 -72.10 6.77 31.76
CA LEU E 140 -72.91 6.72 32.97
C LEU E 140 -73.82 5.51 32.94
N GLU E 141 -73.62 4.59 33.91
CA GLU E 141 -74.43 3.39 34.13
C GLU E 141 -74.47 2.48 32.89
N ALA E 142 -73.33 2.35 32.21
CA ALA E 142 -73.25 1.57 30.99
C ALA E 142 -72.34 0.35 31.10
N TYR E 143 -71.37 0.37 32.03
CA TYR E 143 -70.40 -0.72 32.28
C TYR E 143 -69.61 -1.08 31.01
N ARG E 144 -69.25 -0.08 30.23
CA ARG E 144 -68.52 -0.32 28.99
C ARG E 144 -67.05 -0.57 29.28
N PRO E 145 -66.48 -1.70 28.86
CA PRO E 145 -65.05 -1.90 29.02
C PRO E 145 -64.26 -1.30 27.86
N ILE E 146 -63.13 -0.68 28.19
CA ILE E 146 -62.29 0.00 27.21
C ILE E 146 -60.91 -0.64 27.23
N ARG E 147 -60.14 -0.32 26.19
CA ARG E 147 -58.76 -0.76 26.05
C ARG E 147 -57.89 0.45 25.75
N LYS E 148 -56.72 0.52 26.37
CA LYS E 148 -55.79 1.62 26.18
C LYS E 148 -55.23 1.57 24.76
N GLY E 149 -55.45 2.65 24.00
CA GLY E 149 -55.07 2.73 22.61
C GLY E 149 -56.20 2.52 21.62
N ASP E 150 -57.36 2.03 22.08
CA ASP E 150 -58.49 1.82 21.20
C ASP E 150 -59.17 3.14 20.85
N ILE E 151 -59.94 3.11 19.76
CA ILE E 151 -60.67 4.27 19.27
C ILE E 151 -62.15 3.95 19.35
N PHE E 152 -62.91 4.78 20.07
CA PHE E 152 -64.35 4.64 20.16
C PHE E 152 -65.01 5.95 19.76
N LEU E 153 -66.14 5.83 19.06
CA LEU E 153 -66.86 6.96 18.49
C LEU E 153 -68.09 7.26 19.34
N VAL E 154 -68.21 8.51 19.77
CA VAL E 154 -69.36 8.97 20.54
C VAL E 154 -70.06 10.05 19.71
N HIS E 155 -71.32 9.80 19.37
CA HIS E 155 -72.09 10.78 18.62
C HIS E 155 -72.63 11.86 19.56
N GLY E 156 -73.04 12.98 18.96
CA GLY E 156 -73.61 14.07 19.72
C GLY E 156 -73.48 15.41 19.01
N GLY E 157 -74.55 16.21 19.07
CA GLY E 157 -74.57 17.49 18.38
C GLY E 157 -74.54 17.39 16.87
N MET E 158 -75.18 16.35 16.31
CA MET E 158 -75.27 16.08 14.87
C MET E 158 -73.90 15.96 14.20
N ARG E 159 -72.92 15.41 14.92
CA ARG E 159 -71.57 15.25 14.41
C ARG E 159 -70.97 13.98 15.00
N ALA E 160 -69.86 13.54 14.40
CA ALA E 160 -69.17 12.33 14.83
C ALA E 160 -67.82 12.74 15.41
N VAL E 161 -67.65 12.53 16.72
CA VAL E 161 -66.44 12.90 17.44
C VAL E 161 -65.77 11.61 17.91
N GLU E 162 -64.54 11.38 17.48
CA GLU E 162 -63.78 10.20 17.85
C GLU E 162 -62.99 10.45 19.13
N PHE E 163 -62.79 9.38 19.90
CA PHE E 163 -62.04 9.45 21.15
C PHE E 163 -61.09 8.28 21.23
N LYS E 164 -59.89 8.54 21.76
CA LYS E 164 -58.84 7.54 21.89
C LYS E 164 -58.37 7.46 23.33
N VAL E 165 -58.24 6.25 23.85
CA VAL E 165 -57.78 6.04 25.22
C VAL E 165 -56.27 6.18 25.28
N VAL E 166 -55.78 6.99 26.20
CA VAL E 166 -54.35 7.28 26.32
C VAL E 166 -53.74 6.58 27.52
N GLU E 167 -54.25 6.84 28.72
CA GLU E 167 -53.65 6.32 29.93
C GLU E 167 -54.74 5.87 30.89
N THR E 168 -54.61 4.66 31.42
CA THR E 168 -55.51 4.13 32.44
C THR E 168 -54.68 3.63 33.62
N ASP E 169 -55.16 3.90 34.83
CA ASP E 169 -54.54 3.37 36.05
C ASP E 169 -54.63 1.83 36.10
N PRO E 170 -55.76 1.16 35.71
CA PRO E 170 -55.63 -0.25 35.33
C PRO E 170 -55.02 -0.39 33.95
N SER E 171 -53.68 -0.42 33.91
CA SER E 171 -52.92 -0.28 32.67
C SER E 171 -53.21 -1.30 31.55
N PRO E 172 -53.45 -2.63 31.80
CA PRO E 172 -53.89 -3.48 30.67
C PRO E 172 -55.25 -3.10 30.10
N TYR E 173 -56.30 -3.14 30.91
CA TYR E 173 -57.67 -2.83 30.50
C TYR E 173 -58.52 -2.60 31.74
N CYS E 174 -59.69 -2.00 31.53
CA CYS E 174 -60.56 -1.63 32.64
C CYS E 174 -61.99 -1.52 32.17
N ILE E 175 -62.91 -1.54 33.14
CA ILE E 175 -64.31 -1.20 32.93
C ILE E 175 -64.55 0.15 33.58
N VAL E 176 -65.21 1.05 32.85
CA VAL E 176 -65.43 2.42 33.34
C VAL E 176 -66.47 2.41 34.45
N ALA E 177 -66.01 2.44 35.70
CA ALA E 177 -66.88 2.52 36.85
C ALA E 177 -67.44 3.94 36.98
N PRO E 178 -68.58 4.11 37.67
CA PRO E 178 -69.05 5.46 37.99
C PRO E 178 -68.13 6.25 38.92
N ASP E 179 -67.28 5.58 39.69
CA ASP E 179 -66.32 6.25 40.55
C ASP E 179 -65.01 6.58 39.84
N THR E 180 -64.89 6.26 38.56
CA THR E 180 -63.67 6.50 37.82
C THR E 180 -63.58 7.96 37.40
N VAL E 181 -62.47 8.61 37.75
CA VAL E 181 -62.21 9.98 37.33
C VAL E 181 -61.66 9.98 35.91
N ILE E 182 -62.27 10.79 35.05
CA ILE E 182 -61.87 10.88 33.65
C ILE E 182 -61.07 12.17 33.46
N HIS E 183 -59.82 12.03 33.04
CA HIS E 183 -58.95 13.17 32.79
C HIS E 183 -59.01 13.48 31.29
N CYS E 184 -59.56 14.63 30.95
CA CYS E 184 -59.83 15.00 29.55
C CYS E 184 -59.38 16.43 29.29
N GLU E 185 -58.16 16.77 29.71
CA GLU E 185 -57.63 18.11 29.45
C GLU E 185 -57.31 18.28 27.97
N GLY E 186 -57.23 19.54 27.55
CA GLY E 186 -57.13 19.87 26.14
C GLY E 186 -55.77 19.60 25.51
N GLU E 187 -55.71 18.57 24.68
CA GLU E 187 -54.56 18.28 23.82
C GLU E 187 -55.04 17.45 22.63
N PRO E 188 -54.98 17.99 21.41
CA PRO E 188 -55.43 17.22 20.25
C PRO E 188 -54.35 16.32 19.68
N ILE E 189 -54.63 15.02 19.60
CA ILE E 189 -53.67 14.06 19.07
C ILE E 189 -53.89 13.92 17.57
N LYS E 190 -52.86 13.45 16.87
CA LYS E 190 -52.88 13.33 15.42
C LYS E 190 -53.24 11.91 15.01
N ARG E 191 -54.20 11.80 14.08
CA ARG E 191 -54.60 10.49 13.55
C ARG E 191 -53.55 10.00 12.56
N GLU E 192 -53.04 8.80 12.79
CA GLU E 192 -52.01 8.21 11.94
C GLU E 192 -52.67 7.23 10.97
N ASP E 193 -52.51 7.50 9.67
CA ASP E 193 -53.11 6.64 8.65
C ASP E 193 -52.36 5.32 8.48
N GLU E 194 -51.09 5.26 8.89
CA GLU E 194 -50.31 4.04 8.76
C GLU E 194 -50.61 3.04 9.87
N GLU E 195 -51.33 3.44 10.92
CA GLU E 195 -51.65 2.54 12.01
C GLU E 195 -52.74 1.53 11.65
N GLU E 196 -53.54 1.82 10.63
CA GLU E 196 -54.69 0.95 10.32
C GLU E 196 -54.26 -0.31 9.59
N SER E 197 -53.51 -0.17 8.50
CA SER E 197 -53.06 -1.33 7.74
C SER E 197 -51.98 -2.09 8.49
N LEU E 198 -51.93 -3.40 8.26
CA LEU E 198 -51.00 -4.29 8.95
C LEU E 198 -49.56 -3.98 8.59
N ASN E 199 -48.70 -3.94 9.59
CA ASN E 199 -47.35 -3.40 9.46
C ASN E 199 -46.24 -4.35 9.99
N GLU E 200 -46.10 -5.59 9.50
CA GLU E 200 -46.78 -6.25 8.37
C GLU E 200 -47.05 -7.68 8.82
N VAL E 201 -48.21 -7.91 9.44
CA VAL E 201 -48.42 -9.13 10.22
C VAL E 201 -48.87 -10.32 9.38
N GLY E 202 -49.03 -10.16 8.08
CA GLY E 202 -49.51 -11.24 7.25
C GLY E 202 -48.45 -12.31 7.04
N TYR E 203 -48.78 -13.56 7.37
CA TYR E 203 -47.92 -14.67 6.99
C TYR E 203 -47.85 -14.80 5.48
N ASP E 204 -48.99 -14.65 4.81
CA ASP E 204 -49.07 -14.66 3.36
C ASP E 204 -48.85 -13.29 2.73
N ASP E 205 -48.48 -12.29 3.54
CA ASP E 205 -48.12 -10.99 2.97
C ASP E 205 -46.80 -11.07 2.21
N ILE E 206 -45.85 -11.83 2.73
CA ILE E 206 -44.62 -12.11 2.00
C ILE E 206 -44.77 -13.46 1.30
N GLY E 207 -44.33 -13.52 0.04
CA GLY E 207 -44.41 -14.73 -0.73
C GLY E 207 -43.10 -15.02 -1.45
N GLY E 208 -43.11 -16.12 -2.19
CA GLY E 208 -41.98 -16.47 -3.03
C GLY E 208 -40.77 -17.00 -2.30
N CYS E 209 -40.93 -17.40 -1.04
CA CYS E 209 -39.79 -17.86 -0.25
C CYS E 209 -40.07 -19.14 0.51
N ARG E 210 -41.17 -19.85 0.18
CA ARG E 210 -41.82 -20.81 1.08
C ARG E 210 -40.92 -21.99 1.46
N LYS E 211 -40.08 -22.43 0.52
CA LYS E 211 -39.17 -23.56 0.74
C LYS E 211 -38.12 -23.26 1.81
N GLN E 212 -37.80 -21.99 2.04
CA GLN E 212 -37.01 -21.59 3.19
C GLN E 212 -37.77 -20.72 4.18
N LEU E 213 -38.90 -20.14 3.78
CA LEU E 213 -39.73 -19.39 4.72
C LEU E 213 -40.33 -20.31 5.77
N ALA E 214 -40.68 -21.54 5.38
CA ALA E 214 -41.16 -22.52 6.35
C ALA E 214 -40.07 -22.90 7.34
N GLN E 215 -38.83 -23.03 6.86
CA GLN E 215 -37.69 -23.36 7.72
C GLN E 215 -37.41 -22.25 8.72
N ILE E 216 -37.33 -20.99 8.25
CA ILE E 216 -37.02 -19.90 9.15
C ILE E 216 -38.20 -19.59 10.07
N LYS E 217 -39.43 -19.88 9.62
CA LYS E 217 -40.59 -19.75 10.49
C LYS E 217 -40.57 -20.80 11.58
N GLU E 218 -40.06 -22.00 11.29
CA GLU E 218 -39.90 -23.01 12.33
C GLU E 218 -38.81 -22.63 13.31
N MET E 219 -37.65 -22.18 12.81
CA MET E 219 -36.54 -21.81 13.71
C MET E 219 -36.80 -20.52 14.49
N VAL E 220 -37.77 -19.69 14.10
CA VAL E 220 -38.17 -18.59 14.99
C VAL E 220 -39.48 -18.86 15.71
N GLU E 221 -40.19 -19.94 15.35
CA GLU E 221 -41.45 -20.26 15.99
C GLU E 221 -41.27 -21.13 17.22
N LEU E 222 -40.44 -22.16 17.10
CA LEU E 222 -40.26 -23.07 18.24
C LEU E 222 -39.46 -22.50 19.42
N PRO E 223 -38.46 -21.61 19.23
CA PRO E 223 -37.97 -20.86 20.40
C PRO E 223 -39.03 -20.00 21.08
N LEU E 224 -39.92 -19.39 20.31
CA LEU E 224 -41.04 -18.69 20.94
C LEU E 224 -42.07 -19.69 21.43
N ARG E 225 -42.91 -19.23 22.36
CA ARG E 225 -44.12 -19.90 22.88
C ARG E 225 -43.79 -21.10 23.77
N HIS E 226 -42.52 -21.50 23.85
CA HIS E 226 -42.10 -22.73 24.53
C HIS E 226 -40.87 -22.46 25.38
N PRO E 227 -41.03 -21.81 26.54
CA PRO E 227 -39.86 -21.59 27.40
C PRO E 227 -39.41 -22.85 28.12
N ALA E 228 -40.34 -23.75 28.44
CA ALA E 228 -40.00 -25.00 29.12
C ALA E 228 -39.37 -26.03 28.18
N LEU E 229 -39.50 -25.83 26.87
CA LEU E 229 -38.86 -26.73 25.92
C LEU E 229 -37.36 -26.49 25.80
N PHE E 230 -36.86 -25.39 26.36
CA PHE E 230 -35.43 -25.11 26.34
C PHE E 230 -34.64 -26.03 27.24
N LYS E 231 -35.25 -26.55 28.31
CA LYS E 231 -34.57 -27.54 29.13
C LYS E 231 -34.53 -28.89 28.44
N ALA E 232 -35.52 -29.18 27.60
CA ALA E 232 -35.49 -30.40 26.81
C ALA E 232 -34.53 -30.30 25.63
N ILE E 233 -34.39 -29.10 25.06
CA ILE E 233 -33.53 -28.92 23.87
C ILE E 233 -32.05 -28.90 24.23
N GLY E 234 -31.71 -28.76 25.51
CA GLY E 234 -30.32 -28.66 25.91
C GLY E 234 -29.76 -27.27 25.66
N VAL E 235 -29.50 -26.95 24.40
CA VAL E 235 -29.07 -25.63 23.99
C VAL E 235 -29.94 -25.18 22.82
N LYS E 236 -30.31 -23.91 22.81
CA LYS E 236 -31.12 -23.38 21.72
C LYS E 236 -30.26 -23.28 20.46
N PRO E 237 -30.74 -23.80 19.33
CA PRO E 237 -29.98 -23.64 18.07
C PRO E 237 -29.89 -22.21 17.58
N PRO E 238 -30.99 -21.35 17.55
CA PRO E 238 -30.73 -19.99 17.06
C PRO E 238 -30.36 -18.99 18.15
N ARG E 239 -29.30 -18.23 17.90
CA ARG E 239 -28.97 -17.04 18.67
C ARG E 239 -28.85 -15.79 17.81
N GLY E 240 -28.29 -15.91 16.61
CA GLY E 240 -28.23 -14.83 15.65
C GLY E 240 -28.26 -15.40 14.25
N ILE E 241 -29.13 -14.88 13.40
CA ILE E 241 -29.43 -15.49 12.11
C ILE E 241 -29.08 -14.48 11.02
N LEU E 242 -28.18 -14.88 10.12
CA LEU E 242 -27.91 -14.06 8.95
C LEU E 242 -29.05 -14.21 7.95
N LEU E 243 -29.37 -13.12 7.27
CA LEU E 243 -30.27 -13.13 6.13
C LEU E 243 -29.47 -12.57 4.97
N TYR E 244 -28.84 -13.44 4.20
CA TYR E 244 -28.08 -13.02 3.04
C TYR E 244 -28.85 -13.31 1.76
N GLY E 245 -28.57 -12.51 0.74
CA GLY E 245 -29.24 -12.63 -0.53
C GLY E 245 -29.11 -11.35 -1.33
N PRO E 246 -29.78 -11.30 -2.48
CA PRO E 246 -29.77 -10.07 -3.27
C PRO E 246 -30.57 -8.98 -2.59
N PRO E 247 -30.23 -7.72 -2.83
CA PRO E 247 -31.03 -6.62 -2.27
C PRO E 247 -32.40 -6.52 -2.92
N GLY E 248 -33.37 -6.04 -2.17
CA GLY E 248 -34.71 -5.88 -2.66
C GLY E 248 -35.58 -7.12 -2.63
N THR E 249 -35.10 -8.20 -2.03
CA THR E 249 -35.87 -9.44 -1.98
C THR E 249 -36.87 -9.46 -0.83
N GLY E 250 -36.88 -8.44 0.02
CA GLY E 250 -37.84 -8.35 1.10
C GLY E 250 -37.34 -8.77 2.46
N LYS E 251 -36.06 -8.51 2.78
CA LYS E 251 -35.53 -8.89 4.08
C LYS E 251 -36.13 -8.04 5.19
N THR E 252 -36.40 -6.76 4.91
CA THR E 252 -37.14 -5.93 5.86
C THR E 252 -38.56 -6.45 6.03
N LEU E 253 -39.18 -6.88 4.94
CA LEU E 253 -40.52 -7.46 5.03
C LEU E 253 -40.48 -8.84 5.68
N ILE E 254 -39.37 -9.57 5.54
CA ILE E 254 -39.20 -10.82 6.26
C ILE E 254 -39.09 -10.58 7.75
N ALA E 255 -38.34 -9.54 8.14
CA ALA E 255 -38.16 -9.20 9.55
C ALA E 255 -39.44 -8.68 10.16
N ARG E 256 -40.22 -7.90 9.41
CA ARG E 256 -41.52 -7.48 9.88
C ARG E 256 -42.55 -8.60 9.82
N ALA E 257 -42.30 -9.64 9.02
CA ALA E 257 -43.23 -10.77 8.94
C ALA E 257 -43.15 -11.62 10.19
N VAL E 258 -41.95 -11.92 10.67
CA VAL E 258 -41.82 -12.63 11.94
C VAL E 258 -42.12 -11.71 13.11
N ALA E 259 -42.05 -10.39 12.91
CA ALA E 259 -42.56 -9.46 13.91
C ALA E 259 -44.07 -9.54 13.99
N ASN E 260 -44.58 -9.44 15.21
CA ASN E 260 -46.00 -9.38 15.61
C ASN E 260 -46.76 -10.67 15.35
N GLU E 261 -46.13 -11.73 14.82
CA GLU E 261 -46.79 -13.01 14.66
C GLU E 261 -46.68 -13.88 15.89
N THR E 262 -45.83 -13.52 16.83
CA THR E 262 -45.66 -14.25 18.09
C THR E 262 -45.89 -13.39 19.31
N GLY E 263 -45.96 -12.07 19.17
CA GLY E 263 -46.09 -11.19 20.31
C GLY E 263 -44.74 -10.79 20.87
N ALA E 264 -43.78 -10.55 19.98
CA ALA E 264 -42.42 -10.18 20.38
C ALA E 264 -42.12 -8.77 19.87
N PHE E 265 -41.19 -8.11 20.57
CA PHE E 265 -40.87 -6.73 20.27
C PHE E 265 -39.89 -6.67 19.11
N PHE E 266 -40.20 -5.86 18.10
CA PHE E 266 -39.45 -5.91 16.85
C PHE E 266 -38.16 -5.10 16.92
N PHE E 267 -38.28 -3.78 17.10
CA PHE E 267 -37.18 -2.84 17.34
C PHE E 267 -36.13 -2.86 16.22
N LEU E 268 -36.57 -2.38 15.06
CA LEU E 268 -35.68 -2.27 13.90
C LEU E 268 -34.54 -1.31 14.18
N ILE E 269 -33.32 -1.73 13.84
CA ILE E 269 -32.12 -0.94 14.06
C ILE E 269 -31.37 -0.87 12.74
N ASN E 270 -31.14 0.34 12.25
CA ASN E 270 -30.39 0.52 11.01
C ASN E 270 -28.91 0.68 11.31
N GLY E 271 -28.08 0.05 10.49
CA GLY E 271 -26.64 0.18 10.57
C GLY E 271 -26.12 1.59 10.34
N PRO E 272 -26.59 2.26 9.29
CA PRO E 272 -26.35 3.71 9.18
C PRO E 272 -26.89 4.53 10.33
N GLU E 273 -27.96 4.09 11.01
CA GLU E 273 -28.42 4.84 12.19
C GLU E 273 -27.45 4.70 13.35
N ILE E 274 -26.66 3.63 13.38
CA ILE E 274 -25.61 3.52 14.39
C ILE E 274 -24.37 4.29 13.95
N MET E 275 -24.02 4.20 12.66
CA MET E 275 -22.81 4.86 12.17
C MET E 275 -22.98 6.37 12.04
N SER E 276 -24.20 6.87 12.03
CA SER E 276 -24.43 8.30 11.82
C SER E 276 -24.12 9.13 13.05
N LYS E 277 -24.30 8.58 14.24
CA LYS E 277 -24.13 9.33 15.46
C LYS E 277 -22.64 9.55 15.77
N LEU E 278 -22.38 10.51 16.66
CA LEU E 278 -21.01 10.83 17.04
C LEU E 278 -20.44 9.75 17.95
N ALA E 279 -19.13 9.79 18.13
CA ALA E 279 -18.43 8.82 18.97
C ALA E 279 -18.81 8.99 20.43
N GLY E 280 -19.02 7.88 21.11
CA GLY E 280 -19.65 7.90 22.42
C GLY E 280 -21.14 7.67 22.29
N GLU E 281 -21.80 8.52 21.49
CA GLU E 281 -23.17 8.24 21.10
C GLU E 281 -23.24 7.05 20.16
N SER E 282 -22.22 6.86 19.31
CA SER E 282 -22.09 5.63 18.55
C SER E 282 -21.82 4.45 19.47
N GLU E 283 -21.03 4.66 20.52
CA GLU E 283 -20.88 3.66 21.57
C GLU E 283 -22.18 3.45 22.32
N SER E 284 -23.01 4.49 22.44
CA SER E 284 -24.34 4.35 22.99
C SER E 284 -25.29 3.83 21.90
N ASN E 285 -26.58 3.75 22.25
CA ASN E 285 -27.71 3.33 21.41
C ASN E 285 -27.60 1.89 20.90
N LEU E 286 -26.69 1.08 21.46
CA LEU E 286 -26.67 -0.35 21.21
C LEU E 286 -26.83 -1.14 22.49
N ARG E 287 -26.00 -0.87 23.51
CA ARG E 287 -26.22 -1.49 24.81
C ARG E 287 -27.47 -0.95 25.49
N LYS E 288 -27.82 0.31 25.21
CA LYS E 288 -29.15 0.80 25.55
C LYS E 288 -30.22 0.05 24.76
N ALA E 289 -29.94 -0.23 23.48
CA ALA E 289 -30.90 -0.92 22.64
C ALA E 289 -31.10 -2.37 23.07
N PHE E 290 -30.00 -3.08 23.37
CA PHE E 290 -30.19 -4.46 23.81
C PHE E 290 -30.66 -4.56 25.26
N GLU E 291 -30.44 -3.53 26.08
CA GLU E 291 -31.06 -3.58 27.40
C GLU E 291 -32.55 -3.27 27.33
N GLU E 292 -32.96 -2.39 26.41
CA GLU E 292 -34.37 -2.17 26.14
C GLU E 292 -35.04 -3.41 25.56
N ALA E 293 -34.27 -4.20 24.80
CA ALA E 293 -34.75 -5.52 24.44
C ALA E 293 -34.78 -6.46 25.64
N GLU E 294 -33.81 -6.33 26.55
CA GLU E 294 -33.62 -7.27 27.65
C GLU E 294 -34.67 -7.10 28.74
N LYS E 295 -35.28 -5.92 28.86
CA LYS E 295 -36.31 -5.76 29.87
C LYS E 295 -37.59 -6.54 29.54
N ASN E 296 -37.80 -6.87 28.27
CA ASN E 296 -38.95 -7.65 27.84
C ASN E 296 -38.50 -9.06 27.51
N ALA E 297 -39.33 -10.05 27.84
CA ALA E 297 -38.96 -11.43 27.56
C ALA E 297 -39.06 -11.78 26.06
N PRO E 298 -40.22 -11.57 25.33
CA PRO E 298 -40.15 -11.84 23.89
C PRO E 298 -39.55 -10.67 23.14
N ALA E 299 -38.32 -10.84 22.67
CA ALA E 299 -37.57 -9.74 22.09
C ALA E 299 -36.80 -10.21 20.87
N ILE E 300 -37.02 -9.52 19.75
CA ILE E 300 -36.27 -9.72 18.52
C ILE E 300 -35.55 -8.40 18.24
N ILE E 301 -34.44 -8.46 17.52
CA ILE E 301 -33.77 -7.27 17.01
C ILE E 301 -33.45 -7.52 15.54
N PHE E 302 -33.85 -6.57 14.69
CA PHE E 302 -33.45 -6.59 13.29
C PHE E 302 -32.35 -5.57 13.06
N ILE E 303 -31.29 -5.99 12.38
CA ILE E 303 -30.20 -5.12 11.98
C ILE E 303 -30.18 -5.06 10.46
N ASP E 304 -30.17 -3.86 9.90
CA ASP E 304 -30.00 -3.67 8.48
C ASP E 304 -28.58 -3.15 8.21
N GLU E 305 -27.99 -3.62 7.11
CA GLU E 305 -26.64 -3.28 6.66
C GLU E 305 -25.60 -3.66 7.71
N LEU E 306 -25.50 -4.97 7.93
CA LEU E 306 -24.49 -5.51 8.84
C LEU E 306 -23.08 -5.26 8.32
N ASP E 307 -22.89 -5.34 6.99
CA ASP E 307 -21.58 -5.10 6.40
C ASP E 307 -21.16 -3.64 6.51
N ALA E 308 -22.14 -2.72 6.54
CA ALA E 308 -21.82 -1.33 6.81
C ALA E 308 -21.36 -1.15 8.24
N ILE E 309 -21.96 -1.89 9.17
CA ILE E 309 -21.43 -1.94 10.53
C ILE E 309 -20.12 -2.71 10.56
N ALA E 310 -20.10 -3.89 9.97
CA ALA E 310 -18.98 -4.83 10.10
C ALA E 310 -18.49 -5.28 8.74
N PRO E 311 -17.61 -4.52 8.11
CA PRO E 311 -16.95 -5.00 6.89
C PRO E 311 -15.75 -5.87 7.21
N LYS E 312 -14.97 -6.20 6.18
CA LYS E 312 -13.74 -6.95 6.36
C LYS E 312 -12.69 -6.12 7.10
N ARG E 313 -11.71 -6.82 7.69
CA ARG E 313 -10.67 -6.16 8.47
C ARG E 313 -9.76 -5.31 7.60
N GLU E 314 -9.48 -5.77 6.37
CA GLU E 314 -8.72 -4.95 5.44
C GLU E 314 -9.55 -3.79 4.88
N LYS E 315 -10.87 -3.87 4.97
CA LYS E 315 -11.73 -2.76 4.57
C LYS E 315 -11.81 -1.68 5.65
N THR E 316 -11.46 -2.01 6.89
CA THR E 316 -11.59 -1.07 8.00
C THR E 316 -10.38 -0.14 8.01
N HIS E 317 -10.60 1.10 7.60
CA HIS E 317 -9.61 2.16 7.73
C HIS E 317 -10.24 3.25 8.60
N GLY E 318 -10.14 3.07 9.91
CA GLY E 318 -10.78 3.99 10.83
C GLY E 318 -10.87 3.44 12.24
N GLU E 319 -10.74 4.32 13.23
CA GLU E 319 -10.72 3.88 14.62
C GLU E 319 -12.09 3.45 15.10
N VAL E 320 -13.13 4.19 14.72
CA VAL E 320 -14.46 4.06 15.32
C VAL E 320 -15.13 2.75 14.92
N GLU E 321 -14.92 2.31 13.68
CA GLU E 321 -15.59 1.12 13.17
C GLU E 321 -15.11 -0.15 13.84
N ARG E 322 -13.80 -0.23 14.14
CA ARG E 322 -13.28 -1.38 14.87
C ARG E 322 -13.83 -1.42 16.29
N ARG E 323 -14.00 -0.26 16.91
CA ARG E 323 -14.62 -0.15 18.23
C ARG E 323 -16.06 -0.64 18.20
N ILE E 324 -16.82 -0.28 17.15
CA ILE E 324 -18.23 -0.64 17.17
C ILE E 324 -18.43 -2.11 16.78
N VAL E 325 -17.53 -2.69 15.96
CA VAL E 325 -17.58 -4.13 15.70
C VAL E 325 -17.24 -4.91 16.96
N SER E 326 -16.22 -4.46 17.71
CA SER E 326 -15.88 -5.12 18.97
C SER E 326 -17.00 -4.98 20.00
N GLN E 327 -17.67 -3.82 20.03
CA GLN E 327 -18.79 -3.63 20.95
C GLN E 327 -19.98 -4.50 20.59
N LEU E 328 -20.23 -4.69 19.29
CA LEU E 328 -21.29 -5.60 18.86
C LEU E 328 -20.96 -7.05 19.22
N LEU E 329 -19.68 -7.41 19.12
CA LEU E 329 -19.24 -8.76 19.51
C LEU E 329 -19.44 -9.00 21.01
N THR E 330 -19.04 -8.04 21.84
CA THR E 330 -19.21 -8.16 23.28
C THR E 330 -20.68 -8.18 23.67
N LEU E 331 -21.48 -7.33 23.04
CA LEU E 331 -22.88 -7.23 23.41
C LEU E 331 -23.67 -8.42 22.90
N MET E 332 -23.16 -9.11 21.89
CA MET E 332 -23.78 -10.37 21.50
C MET E 332 -23.40 -11.50 22.45
N ASP E 333 -22.12 -11.68 22.75
CA ASP E 333 -21.78 -12.84 23.56
C ASP E 333 -21.98 -12.61 25.06
N GLY E 334 -22.40 -11.41 25.46
CA GLY E 334 -22.79 -11.20 26.85
C GLY E 334 -24.03 -11.99 27.23
N LEU E 335 -25.00 -12.10 26.33
CA LEU E 335 -26.19 -12.89 26.60
C LEU E 335 -25.87 -14.37 26.41
N LYS E 336 -26.30 -15.18 27.38
CA LYS E 336 -26.08 -16.63 27.36
C LYS E 336 -27.33 -17.28 27.94
N GLN E 337 -28.25 -17.67 27.06
CA GLN E 337 -29.51 -18.36 27.39
C GLN E 337 -30.38 -17.56 28.35
N ARG E 338 -30.34 -16.23 28.27
CA ARG E 338 -31.10 -15.37 29.16
C ARG E 338 -32.20 -14.68 28.35
N ALA E 339 -33.45 -14.91 28.79
CA ALA E 339 -34.66 -14.23 28.30
C ALA E 339 -34.91 -14.45 26.80
N HIS E 340 -34.40 -15.56 26.26
CA HIS E 340 -34.58 -16.10 24.90
C HIS E 340 -34.51 -15.10 23.75
N VAL E 341 -33.70 -14.07 23.89
CA VAL E 341 -33.65 -12.99 22.91
C VAL E 341 -32.72 -13.39 21.76
N ILE E 342 -33.19 -13.19 20.53
CA ILE E 342 -32.43 -13.49 19.33
C ILE E 342 -32.39 -12.25 18.44
N VAL E 343 -31.56 -12.32 17.40
CA VAL E 343 -31.27 -11.18 16.55
C VAL E 343 -31.16 -11.68 15.11
N MET E 344 -31.61 -10.86 14.17
CA MET E 344 -31.46 -11.14 12.74
C MET E 344 -30.80 -9.95 12.06
N ALA E 345 -30.03 -10.26 11.01
CA ALA E 345 -29.28 -9.23 10.29
C ALA E 345 -29.37 -9.45 8.79
N ALA E 346 -29.50 -8.37 8.05
CA ALA E 346 -29.46 -8.41 6.60
C ALA E 346 -28.02 -8.40 6.11
N THR E 347 -27.80 -8.97 4.93
CA THR E 347 -26.45 -9.16 4.41
C THR E 347 -26.51 -9.20 2.90
N ASN E 348 -25.60 -8.48 2.24
CA ASN E 348 -25.39 -8.62 0.81
C ASN E 348 -24.90 -10.02 0.46
N ARG E 349 -23.72 -10.38 0.94
CA ARG E 349 -23.13 -11.69 0.69
C ARG E 349 -22.18 -11.98 1.85
N PRO E 350 -22.17 -13.22 2.36
CA PRO E 350 -21.42 -13.50 3.61
C PRO E 350 -19.90 -13.39 3.51
N ASN E 351 -19.32 -13.27 2.31
CA ASN E 351 -17.88 -13.04 2.23
C ASN E 351 -17.49 -11.64 2.69
N SER E 352 -18.39 -10.66 2.54
CA SER E 352 -18.12 -9.29 2.96
C SER E 352 -18.17 -9.11 4.47
N ILE E 353 -18.89 -9.99 5.17
CA ILE E 353 -18.97 -9.90 6.63
C ILE E 353 -17.64 -10.36 7.23
N ASP E 354 -17.28 -9.75 8.36
CA ASP E 354 -16.09 -10.11 9.11
C ASP E 354 -16.18 -11.56 9.58
N PRO E 355 -15.24 -12.43 9.22
CA PRO E 355 -15.36 -13.87 9.53
C PRO E 355 -15.23 -14.21 11.00
N ALA E 356 -14.79 -13.28 11.85
CA ALA E 356 -14.82 -13.52 13.29
C ALA E 356 -16.24 -13.54 13.84
N LEU E 357 -17.20 -12.94 13.13
CA LEU E 357 -18.59 -12.98 13.58
C LEU E 357 -19.21 -14.36 13.37
N ARG E 358 -18.88 -15.02 12.27
CA ARG E 358 -19.49 -16.31 11.93
C ARG E 358 -18.83 -17.39 12.75
N ARG E 359 -19.38 -17.64 13.93
CA ARG E 359 -18.88 -18.67 14.83
C ARG E 359 -20.01 -19.56 15.31
N PHE E 360 -19.74 -20.39 16.31
CA PHE E 360 -20.75 -21.26 16.91
C PHE E 360 -21.09 -20.73 18.29
N GLY E 361 -22.38 -20.57 18.56
CA GLY E 361 -22.85 -19.76 19.66
C GLY E 361 -22.93 -18.28 19.35
N ARG E 362 -22.53 -17.88 18.13
CA ARG E 362 -22.55 -16.47 17.73
C ARG E 362 -22.62 -16.47 16.20
N PHE E 363 -23.81 -16.13 15.68
CA PHE E 363 -24.16 -16.22 14.26
C PHE E 363 -23.89 -17.60 13.67
N ASP E 364 -24.60 -18.60 14.18
CA ASP E 364 -24.42 -19.97 13.71
C ASP E 364 -25.42 -20.36 12.62
N ARG E 365 -26.68 -20.01 12.78
CA ARG E 365 -27.70 -20.36 11.79
C ARG E 365 -27.66 -19.35 10.66
N GLU E 366 -27.42 -19.83 9.44
CA GLU E 366 -27.29 -18.98 8.27
C GLU E 366 -28.23 -19.48 7.19
N VAL E 367 -29.15 -18.63 6.75
CA VAL E 367 -30.19 -19.01 5.80
C VAL E 367 -30.15 -18.08 4.59
N ASP E 368 -30.53 -18.62 3.44
CA ASP E 368 -30.57 -17.89 2.19
C ASP E 368 -32.03 -17.65 1.80
N ILE E 369 -32.25 -16.58 1.04
CA ILE E 369 -33.55 -16.26 0.48
C ILE E 369 -33.56 -16.42 -1.03
N GLY E 370 -32.67 -15.72 -1.72
CA GLY E 370 -32.57 -15.81 -3.16
C GLY E 370 -33.69 -15.08 -3.87
N ILE E 371 -33.71 -15.25 -5.18
CA ILE E 371 -34.72 -14.62 -6.03
C ILE E 371 -35.99 -15.45 -5.95
N PRO E 372 -37.16 -14.88 -6.20
CA PRO E 372 -38.38 -15.70 -6.26
C PRO E 372 -38.44 -16.52 -7.52
N ASP E 373 -39.21 -17.61 -7.46
CA ASP E 373 -39.43 -18.47 -8.61
C ASP E 373 -40.56 -17.93 -9.47
N ALA E 374 -40.95 -18.72 -10.47
CA ALA E 374 -42.02 -18.31 -11.39
C ALA E 374 -43.37 -18.27 -10.67
N THR E 375 -43.70 -19.33 -9.94
CA THR E 375 -44.89 -19.31 -9.09
C THR E 375 -44.73 -18.35 -7.94
N GLY E 376 -43.48 -18.17 -7.47
CA GLY E 376 -43.23 -17.18 -6.43
C GLY E 376 -43.46 -15.75 -6.91
N ARG E 377 -42.98 -15.42 -8.11
CA ARG E 377 -43.25 -14.09 -8.66
C ARG E 377 -44.72 -13.94 -9.02
N LEU E 378 -45.38 -15.03 -9.38
CA LEU E 378 -46.83 -15.03 -9.60
C LEU E 378 -47.59 -14.65 -8.34
N GLU E 379 -47.27 -15.31 -7.22
CA GLU E 379 -47.99 -15.00 -5.99
C GLU E 379 -47.58 -13.66 -5.40
N ILE E 380 -46.35 -13.20 -5.66
CA ILE E 380 -45.95 -11.87 -5.20
C ILE E 380 -46.67 -10.79 -6.00
N LEU E 381 -46.86 -11.01 -7.31
CA LEU E 381 -47.68 -10.12 -8.13
C LEU E 381 -49.14 -10.13 -7.67
N GLN E 382 -49.64 -11.30 -7.26
CA GLN E 382 -50.99 -11.39 -6.71
C GLN E 382 -51.11 -10.60 -5.42
N ILE E 383 -50.10 -10.68 -4.55
CA ILE E 383 -50.09 -9.94 -3.28
C ILE E 383 -50.08 -8.44 -3.52
N HIS E 384 -49.19 -7.98 -4.40
CA HIS E 384 -49.11 -6.56 -4.68
C HIS E 384 -50.25 -6.05 -5.55
N THR E 385 -51.05 -6.93 -6.15
CA THR E 385 -52.26 -6.51 -6.83
C THR E 385 -53.53 -6.82 -6.05
N LYS E 386 -53.41 -7.28 -4.80
CA LYS E 386 -54.57 -7.38 -3.91
C LYS E 386 -55.23 -6.02 -3.71
N ASN E 387 -54.42 -4.99 -3.46
CA ASN E 387 -54.93 -3.69 -3.05
C ASN E 387 -55.35 -2.81 -4.22
N MET E 388 -55.14 -3.24 -5.46
CA MET E 388 -55.49 -2.43 -6.61
C MET E 388 -56.43 -3.21 -7.53
N LYS E 389 -57.29 -2.47 -8.21
CA LYS E 389 -58.29 -3.05 -9.11
C LYS E 389 -57.68 -3.32 -10.47
N LEU E 390 -57.90 -4.53 -10.98
CA LEU E 390 -57.46 -4.92 -12.30
C LEU E 390 -58.63 -4.83 -13.28
N ALA E 391 -58.30 -4.90 -14.57
CA ALA E 391 -59.32 -4.86 -15.61
C ALA E 391 -59.85 -6.24 -15.97
N ASP E 392 -59.34 -7.30 -15.32
CA ASP E 392 -59.70 -8.70 -15.51
C ASP E 392 -59.54 -9.17 -16.96
N ASP E 393 -58.54 -8.63 -17.66
CA ASP E 393 -58.22 -9.05 -19.02
C ASP E 393 -56.80 -9.59 -19.14
N VAL E 394 -56.00 -9.47 -18.10
CA VAL E 394 -54.61 -9.85 -18.17
C VAL E 394 -54.47 -11.36 -17.97
N ASP E 395 -53.41 -11.91 -18.55
CA ASP E 395 -53.07 -13.30 -18.27
C ASP E 395 -52.42 -13.46 -16.90
N LEU E 396 -51.53 -12.52 -16.55
CA LEU E 396 -50.93 -12.28 -15.23
C LEU E 396 -49.97 -13.39 -14.78
N GLU E 397 -49.84 -14.47 -15.54
CA GLU E 397 -48.88 -15.53 -15.28
C GLU E 397 -47.72 -15.51 -16.25
N GLN E 398 -47.99 -15.23 -17.53
CA GLN E 398 -46.92 -15.00 -18.47
C GLN E 398 -46.30 -13.62 -18.31
N VAL E 399 -46.95 -12.74 -17.55
CA VAL E 399 -46.28 -11.55 -17.04
C VAL E 399 -45.14 -11.96 -16.13
N ALA E 400 -45.40 -12.90 -15.21
CA ALA E 400 -44.38 -13.35 -14.29
C ALA E 400 -43.41 -14.34 -14.90
N ASN E 401 -43.77 -14.95 -16.04
CA ASN E 401 -42.92 -15.96 -16.66
C ASN E 401 -41.65 -15.35 -17.27
N GLU E 402 -41.76 -14.20 -17.91
CA GLU E 402 -40.61 -13.56 -18.55
C GLU E 402 -39.91 -12.57 -17.64
N THR E 403 -40.25 -12.53 -16.35
CA THR E 403 -39.52 -11.72 -15.38
C THR E 403 -38.34 -12.53 -14.85
N HIS E 404 -37.32 -12.65 -15.70
CA HIS E 404 -36.10 -13.36 -15.34
C HIS E 404 -35.04 -12.35 -14.90
N GLY E 405 -34.35 -12.67 -13.82
CA GLY E 405 -33.34 -11.78 -13.30
C GLY E 405 -33.89 -10.58 -12.56
N HIS E 406 -35.14 -10.63 -12.15
CA HIS E 406 -35.78 -9.54 -11.43
C HIS E 406 -35.83 -9.86 -9.94
N VAL E 407 -36.52 -9.01 -9.19
CA VAL E 407 -36.60 -9.13 -7.74
C VAL E 407 -37.94 -8.52 -7.33
N GLY E 408 -38.31 -8.70 -6.06
CA GLY E 408 -39.59 -8.19 -5.57
C GLY E 408 -39.70 -6.68 -5.58
N ALA E 409 -38.58 -5.99 -5.35
CA ALA E 409 -38.55 -4.54 -5.54
C ALA E 409 -38.74 -4.17 -7.00
N ASP E 410 -38.14 -4.96 -7.91
CA ASP E 410 -38.37 -4.76 -9.34
C ASP E 410 -39.80 -5.08 -9.73
N LEU E 411 -40.42 -6.05 -9.05
CA LEU E 411 -41.82 -6.36 -9.32
C LEU E 411 -42.74 -5.25 -8.83
N ALA E 412 -42.40 -4.65 -7.68
CA ALA E 412 -43.15 -3.50 -7.20
C ALA E 412 -42.99 -2.30 -8.13
N ALA E 413 -41.78 -2.12 -8.67
CA ALA E 413 -41.57 -1.08 -9.68
C ALA E 413 -42.33 -1.39 -10.96
N LEU E 414 -42.46 -2.67 -11.30
CA LEU E 414 -43.23 -3.09 -12.47
C LEU E 414 -44.71 -2.75 -12.33
N CYS E 415 -45.29 -3.09 -11.17
CA CYS E 415 -46.71 -2.81 -10.96
C CYS E 415 -46.96 -1.31 -10.80
N SER E 416 -46.02 -0.58 -10.20
CA SER E 416 -46.13 0.87 -10.09
C SER E 416 -46.06 1.54 -11.46
N GLU E 417 -45.16 1.08 -12.33
CA GLU E 417 -45.07 1.65 -13.67
C GLU E 417 -46.26 1.27 -14.53
N ALA E 418 -46.83 0.08 -14.31
CA ALA E 418 -48.05 -0.30 -15.02
C ALA E 418 -49.23 0.56 -14.60
N ALA E 419 -49.35 0.84 -13.29
CA ALA E 419 -50.39 1.76 -12.84
C ALA E 419 -50.12 3.19 -13.29
N LEU E 420 -48.85 3.55 -13.46
CA LEU E 420 -48.50 4.87 -13.98
C LEU E 420 -48.90 4.99 -15.45
N GLN E 421 -48.73 3.92 -16.23
CA GLN E 421 -49.20 3.90 -17.61
C GLN E 421 -50.72 3.90 -17.68
N ALA E 422 -51.38 3.26 -16.71
CA ALA E 422 -52.83 3.32 -16.63
C ALA E 422 -53.33 4.72 -16.28
N ILE E 423 -52.55 5.46 -15.48
CA ILE E 423 -52.82 6.86 -15.25
C ILE E 423 -52.61 7.65 -16.55
N ARG E 424 -51.55 7.32 -17.30
CA ARG E 424 -51.27 7.95 -18.59
C ARG E 424 -52.29 7.63 -19.66
N LYS E 425 -53.12 6.60 -19.47
CA LYS E 425 -54.30 6.43 -20.32
C LYS E 425 -55.24 7.63 -20.16
N LYS E 426 -55.45 8.06 -18.92
CA LYS E 426 -56.22 9.27 -18.68
C LYS E 426 -55.42 10.50 -19.06
N MET E 427 -56.10 11.48 -19.66
CA MET E 427 -55.47 12.75 -19.99
C MET E 427 -55.46 13.66 -18.76
N ASP E 428 -55.07 14.91 -18.94
CA ASP E 428 -55.08 15.87 -17.85
C ASP E 428 -56.50 16.32 -17.58
N LEU E 429 -57.19 15.58 -16.71
CA LEU E 429 -58.59 15.83 -16.41
C LEU E 429 -58.70 16.82 -15.26
N ILE E 430 -59.89 16.91 -14.64
CA ILE E 430 -60.17 17.89 -13.59
C ILE E 430 -59.56 17.51 -12.24
N ASP E 431 -58.86 16.37 -12.15
CA ASP E 431 -58.14 15.88 -10.97
C ASP E 431 -59.07 15.62 -9.79
N LEU E 432 -60.25 15.10 -10.07
CA LEU E 432 -61.15 14.58 -9.05
C LEU E 432 -61.13 13.06 -9.11
N ALA E 439 -61.99 12.42 -8.31
CA ALA E 439 -62.02 10.96 -8.21
C ALA E 439 -62.95 10.41 -9.27
N GLU E 440 -62.40 10.13 -10.44
CA GLU E 440 -63.16 9.49 -11.52
C GLU E 440 -62.65 8.09 -11.83
N VAL E 441 -61.37 7.94 -12.15
CA VAL E 441 -60.77 6.61 -12.32
C VAL E 441 -60.16 6.10 -11.02
N MET E 442 -60.27 6.86 -9.94
CA MET E 442 -59.86 6.38 -8.62
C MET E 442 -60.84 5.36 -8.07
N ASN E 443 -62.07 5.36 -8.58
CA ASN E 443 -63.05 4.36 -8.16
C ASN E 443 -62.67 2.97 -8.65
N SER E 444 -62.20 2.87 -9.91
CA SER E 444 -61.78 1.60 -10.48
C SER E 444 -60.76 1.87 -11.58
N LEU E 445 -59.70 1.07 -11.59
CA LEU E 445 -58.64 1.22 -12.57
C LEU E 445 -58.81 0.22 -13.70
N ALA E 446 -58.13 0.49 -14.81
CA ALA E 446 -58.25 -0.30 -16.02
C ALA E 446 -56.88 -0.62 -16.60
N VAL E 447 -55.98 -1.11 -15.74
CA VAL E 447 -54.64 -1.51 -16.20
C VAL E 447 -54.74 -2.81 -16.99
N THR E 448 -54.08 -2.83 -18.15
CA THR E 448 -54.17 -3.95 -19.08
C THR E 448 -52.82 -4.65 -19.22
N MET E 449 -52.78 -5.63 -20.11
CA MET E 449 -51.59 -6.47 -20.25
C MET E 449 -50.46 -5.73 -20.97
N ASP E 450 -50.80 -4.91 -21.97
CA ASP E 450 -49.79 -4.15 -22.68
C ASP E 450 -49.17 -3.06 -21.82
N ASP E 451 -49.88 -2.62 -20.76
CA ASP E 451 -49.27 -1.77 -19.75
C ASP E 451 -48.13 -2.51 -19.05
N PHE E 452 -48.33 -3.79 -18.72
CA PHE E 452 -47.28 -4.58 -18.13
C PHE E 452 -46.19 -4.90 -19.13
N ARG E 453 -46.54 -5.02 -20.42
CA ARG E 453 -45.53 -5.17 -21.46
C ARG E 453 -44.66 -3.93 -21.59
N TRP E 454 -45.27 -2.74 -21.49
CA TRP E 454 -44.51 -1.50 -21.51
C TRP E 454 -43.64 -1.35 -20.26
N ALA E 455 -44.15 -1.81 -19.12
CA ALA E 455 -43.35 -1.80 -17.90
C ALA E 455 -42.18 -2.78 -18.00
N LEU E 456 -42.39 -3.90 -18.68
CA LEU E 456 -41.31 -4.85 -18.93
C LEU E 456 -40.32 -4.31 -19.95
N SER E 457 -40.76 -3.40 -20.83
CA SER E 457 -39.84 -2.80 -21.79
C SER E 457 -38.84 -1.88 -21.10
N GLN E 458 -39.30 -1.01 -20.21
CA GLN E 458 -38.42 -0.20 -19.38
C GLN E 458 -38.25 -0.83 -18.01
N SER E 459 -37.59 -1.98 -17.99
CA SER E 459 -37.41 -2.76 -16.77
C SER E 459 -35.91 -3.02 -16.59
N ASN E 460 -35.30 -2.33 -15.63
CA ASN E 460 -33.90 -2.54 -15.34
C ASN E 460 -33.75 -3.63 -14.28
N PRO E 461 -33.17 -4.78 -14.61
CA PRO E 461 -33.08 -5.87 -13.63
C PRO E 461 -31.96 -5.62 -12.62
N SER E 462 -32.05 -6.36 -11.52
CA SER E 462 -31.06 -6.31 -10.45
C SER E 462 -30.38 -7.65 -10.21
N ALA E 463 -31.11 -8.76 -10.35
CA ALA E 463 -30.53 -10.09 -10.16
C ALA E 463 -29.76 -10.58 -11.38
N LEU E 464 -29.78 -9.83 -12.48
CA LEU E 464 -28.92 -10.11 -13.61
C LEU E 464 -27.47 -9.81 -13.24
N ARG E 465 -26.54 -10.38 -14.03
CA ARG E 465 -25.12 -10.54 -13.73
C ARG E 465 -24.89 -11.33 -12.44
N GLU E 466 -25.77 -12.29 -12.16
CA GLU E 466 -25.69 -13.16 -10.99
C GLU E 466 -26.44 -14.44 -11.28
N THR E 467 -25.73 -15.57 -11.21
CA THR E 467 -26.36 -16.86 -11.47
C THR E 467 -27.25 -17.25 -10.30
N VAL E 468 -28.47 -17.68 -10.60
CA VAL E 468 -29.46 -18.02 -9.60
C VAL E 468 -29.72 -19.51 -9.63
N VAL E 469 -30.53 -19.98 -8.69
CA VAL E 469 -30.91 -21.38 -8.58
C VAL E 469 -32.42 -21.49 -8.58
N GLU E 470 -32.93 -22.47 -9.32
CA GLU E 470 -34.37 -22.71 -9.44
C GLU E 470 -34.58 -24.14 -9.91
N VAL E 471 -35.85 -24.55 -9.93
CA VAL E 471 -36.26 -25.84 -10.47
C VAL E 471 -36.92 -25.59 -11.82
N PRO E 472 -36.31 -26.00 -12.93
CA PRO E 472 -36.89 -25.71 -14.25
C PRO E 472 -38.09 -26.60 -14.55
N GLN E 473 -38.89 -26.13 -15.51
CA GLN E 473 -40.08 -26.86 -15.94
C GLN E 473 -39.75 -27.57 -17.25
N VAL E 474 -39.38 -28.85 -17.15
CA VAL E 474 -39.07 -29.69 -18.30
C VAL E 474 -39.95 -30.93 -18.33
N THR E 475 -39.99 -31.68 -17.22
CA THR E 475 -40.81 -32.89 -16.99
C THR E 475 -40.54 -33.98 -18.03
N TRP E 476 -39.27 -34.10 -18.45
CA TRP E 476 -38.69 -35.27 -19.13
C TRP E 476 -39.20 -35.54 -20.54
N GLU E 477 -40.20 -34.79 -21.02
CA GLU E 477 -40.88 -35.14 -22.25
C GLU E 477 -40.48 -34.27 -23.43
N ASP E 478 -39.50 -33.38 -23.27
CA ASP E 478 -39.06 -32.59 -24.41
C ASP E 478 -38.22 -33.44 -25.36
N ILE E 479 -37.29 -34.24 -24.82
CA ILE E 479 -36.33 -35.02 -25.60
C ILE E 479 -36.50 -36.47 -25.21
N GLY E 480 -36.59 -37.34 -26.22
CA GLY E 480 -36.59 -38.77 -26.02
C GLY E 480 -35.21 -39.38 -26.19
N GLY E 481 -35.20 -40.69 -26.45
CA GLY E 481 -33.96 -41.40 -26.69
C GLY E 481 -33.21 -41.70 -25.40
N LEU E 482 -32.07 -42.39 -25.58
CA LEU E 482 -31.12 -42.78 -24.52
C LEU E 482 -31.81 -43.62 -23.44
N GLU E 483 -32.47 -44.69 -23.86
CA GLU E 483 -33.42 -45.41 -23.02
C GLU E 483 -32.74 -46.21 -21.92
N ASP E 484 -31.48 -46.60 -22.10
CA ASP E 484 -30.73 -47.22 -21.02
C ASP E 484 -29.79 -46.24 -20.34
N VAL E 485 -29.40 -45.16 -21.02
CA VAL E 485 -28.68 -44.08 -20.37
C VAL E 485 -29.57 -43.38 -19.36
N LYS E 486 -30.86 -43.26 -19.68
CA LYS E 486 -31.78 -42.66 -18.73
C LYS E 486 -32.04 -43.56 -17.53
N ARG E 487 -31.99 -44.88 -17.70
CA ARG E 487 -32.28 -45.79 -16.59
C ARG E 487 -31.14 -45.79 -15.57
N GLU E 488 -29.90 -45.82 -16.04
CA GLU E 488 -28.77 -45.62 -15.15
C GLU E 488 -28.71 -44.18 -14.65
N LEU E 489 -29.32 -43.24 -15.37
CA LEU E 489 -29.40 -41.87 -14.88
C LEU E 489 -30.36 -41.74 -13.70
N GLN E 490 -31.48 -42.48 -13.70
CA GLN E 490 -32.30 -42.45 -12.48
C GLN E 490 -31.66 -43.26 -11.35
N GLU E 491 -31.10 -44.43 -11.66
CA GLU E 491 -30.59 -45.22 -10.53
C GLU E 491 -29.22 -44.76 -10.07
N LEU E 492 -28.60 -43.79 -10.75
CA LEU E 492 -27.39 -43.16 -10.24
C LEU E 492 -27.67 -41.86 -9.51
N VAL E 493 -28.73 -41.14 -9.86
CA VAL E 493 -29.01 -39.84 -9.25
C VAL E 493 -30.32 -39.88 -8.48
N GLN E 494 -31.41 -40.22 -9.17
CA GLN E 494 -32.75 -40.10 -8.60
C GLN E 494 -32.99 -41.13 -7.50
N TYR E 495 -32.68 -42.39 -7.78
CA TYR E 495 -32.93 -43.48 -6.83
C TYR E 495 -32.02 -43.50 -5.60
N PRO E 496 -30.77 -42.99 -5.63
CA PRO E 496 -30.11 -42.67 -4.35
C PRO E 496 -30.87 -41.67 -3.48
N VAL E 497 -31.51 -40.67 -4.09
CA VAL E 497 -32.32 -39.74 -3.31
C VAL E 497 -33.60 -40.42 -2.83
N GLU E 498 -34.15 -41.33 -3.64
CA GLU E 498 -35.45 -41.93 -3.35
C GLU E 498 -35.38 -42.89 -2.17
N HIS E 499 -34.62 -43.97 -2.29
CA HIS E 499 -34.51 -44.99 -1.27
C HIS E 499 -33.06 -45.19 -0.85
N PRO E 500 -32.65 -44.73 0.32
CA PRO E 500 -31.30 -45.00 0.82
C PRO E 500 -31.17 -46.25 1.68
N ASP E 501 -32.26 -47.00 1.88
CA ASP E 501 -32.19 -48.24 2.65
C ASP E 501 -31.42 -49.31 1.90
N LYS E 502 -31.50 -49.31 0.58
CA LYS E 502 -30.66 -50.19 -0.23
C LYS E 502 -29.20 -49.76 -0.18
N PHE E 503 -28.92 -48.50 0.11
CA PHE E 503 -27.55 -48.07 0.37
C PHE E 503 -27.12 -48.41 1.80
N LEU E 504 -28.08 -48.59 2.70
CA LEU E 504 -27.80 -49.18 4.01
C LEU E 504 -27.68 -50.69 3.96
N LYS E 505 -28.04 -51.31 2.83
CA LYS E 505 -27.79 -52.71 2.51
C LYS E 505 -26.36 -52.91 2.01
N PHE E 506 -26.16 -53.97 1.22
CA PHE E 506 -24.90 -54.30 0.53
C PHE E 506 -24.25 -53.12 -0.19
N GLY E 507 -25.04 -52.16 -0.67
CA GLY E 507 -24.57 -50.99 -1.40
C GLY E 507 -23.57 -50.09 -0.70
N MET E 508 -22.50 -49.78 -1.42
CA MET E 508 -21.46 -48.87 -0.96
C MET E 508 -21.84 -47.44 -1.35
N THR E 509 -20.88 -46.53 -1.29
CA THR E 509 -21.13 -45.16 -1.72
C THR E 509 -21.36 -45.09 -3.23
N PRO E 510 -22.27 -44.23 -3.70
CA PRO E 510 -22.52 -44.13 -5.15
C PRO E 510 -21.52 -43.22 -5.84
N SER E 511 -21.74 -43.00 -7.13
CA SER E 511 -20.88 -42.09 -7.89
C SER E 511 -21.17 -40.64 -7.49
N LYS E 512 -20.10 -39.85 -7.41
CA LYS E 512 -20.27 -38.43 -7.10
C LYS E 512 -20.87 -37.67 -8.27
N GLY E 513 -20.39 -37.95 -9.48
CA GLY E 513 -20.90 -37.23 -10.64
C GLY E 513 -20.42 -37.87 -11.93
N VAL E 514 -21.08 -37.48 -13.02
CA VAL E 514 -20.78 -37.97 -14.35
C VAL E 514 -20.30 -36.81 -15.21
N LEU E 515 -19.90 -37.08 -16.45
CA LEU E 515 -19.56 -36.04 -17.41
C LEU E 515 -20.11 -36.43 -18.76
N PHE E 516 -20.67 -35.46 -19.48
CA PHE E 516 -21.22 -35.70 -20.79
C PHE E 516 -20.21 -35.34 -21.88
N TYR E 517 -19.99 -36.26 -22.82
CA TYR E 517 -19.17 -35.98 -23.98
C TYR E 517 -19.80 -36.61 -25.21
N GLY E 518 -19.76 -35.90 -26.32
CA GLY E 518 -20.42 -36.30 -27.54
C GLY E 518 -20.43 -35.17 -28.54
N PRO E 519 -21.62 -34.83 -29.06
CA PRO E 519 -21.74 -33.72 -30.03
C PRO E 519 -21.56 -32.37 -29.36
N PRO E 520 -21.58 -31.27 -30.15
CA PRO E 520 -21.76 -29.93 -29.54
C PRO E 520 -22.98 -29.85 -28.65
N GLY E 521 -22.74 -29.62 -27.36
CA GLY E 521 -23.72 -29.91 -26.33
C GLY E 521 -24.89 -28.95 -26.21
N CYS E 522 -25.67 -28.85 -27.28
CA CYS E 522 -26.88 -28.04 -27.22
C CYS E 522 -28.04 -28.80 -26.61
N GLY E 523 -27.94 -30.12 -26.49
CA GLY E 523 -28.98 -30.88 -25.85
C GLY E 523 -28.64 -31.28 -24.43
N LYS E 524 -27.40 -31.02 -24.01
CA LYS E 524 -26.94 -31.49 -22.70
C LYS E 524 -27.57 -30.70 -21.56
N THR E 525 -27.88 -29.42 -21.78
CA THR E 525 -28.52 -28.62 -20.72
C THR E 525 -29.93 -29.09 -20.44
N LEU E 526 -30.71 -29.37 -21.50
CA LEU E 526 -32.03 -29.95 -21.30
C LEU E 526 -31.95 -31.39 -20.85
N LEU E 527 -30.84 -32.08 -21.19
CA LEU E 527 -30.62 -33.42 -20.68
C LEU E 527 -30.30 -33.44 -19.19
N ALA E 528 -29.74 -32.34 -18.67
CA ALA E 528 -29.34 -32.25 -17.27
C ALA E 528 -30.41 -31.62 -16.39
N LYS E 529 -31.17 -30.65 -16.90
CA LYS E 529 -32.14 -29.93 -16.08
C LYS E 529 -33.34 -30.78 -15.69
N ALA E 530 -33.61 -31.85 -16.42
CA ALA E 530 -34.84 -32.62 -16.22
C ALA E 530 -34.78 -33.50 -14.98
N ILE E 531 -33.58 -33.86 -14.53
CA ILE E 531 -33.44 -34.71 -13.35
C ILE E 531 -33.90 -33.95 -12.11
N ALA E 532 -33.47 -32.69 -11.97
CA ALA E 532 -33.80 -31.89 -10.80
C ALA E 532 -35.28 -31.54 -10.73
N ASN E 533 -35.95 -31.48 -11.87
CA ASN E 533 -37.41 -31.36 -11.86
C ASN E 533 -38.03 -32.70 -11.47
N GLU E 534 -37.48 -33.80 -11.99
CA GLU E 534 -37.96 -35.13 -11.60
C GLU E 534 -37.63 -35.45 -10.15
N CYS E 535 -36.49 -34.99 -9.65
CA CYS E 535 -36.08 -35.26 -8.28
C CYS E 535 -36.73 -34.30 -7.28
N GLN E 536 -37.36 -33.23 -7.78
CA GLN E 536 -37.75 -32.04 -7.00
C GLN E 536 -36.56 -31.53 -6.19
N ALA E 537 -35.46 -31.33 -6.92
CA ALA E 537 -34.21 -30.82 -6.36
C ALA E 537 -33.85 -29.53 -7.06
N ASN E 538 -32.90 -28.81 -6.48
CA ASN E 538 -32.48 -27.53 -7.03
C ASN E 538 -31.50 -27.76 -8.18
N PHE E 539 -31.17 -26.69 -8.90
CA PHE E 539 -30.27 -26.79 -10.03
C PHE E 539 -29.43 -25.52 -10.12
N ILE E 540 -28.15 -25.68 -10.46
CA ILE E 540 -27.27 -24.57 -10.75
C ILE E 540 -26.46 -24.91 -12.00
N SER E 541 -26.36 -23.95 -12.92
CA SER E 541 -25.57 -24.10 -14.14
C SER E 541 -24.48 -23.04 -14.13
N ILE E 542 -23.25 -23.46 -13.88
CA ILE E 542 -22.10 -22.57 -13.96
C ILE E 542 -21.56 -22.65 -15.38
N LYS E 543 -21.75 -21.58 -16.14
CA LYS E 543 -21.43 -21.60 -17.56
C LYS E 543 -19.93 -21.41 -17.79
N GLY E 544 -19.50 -21.82 -18.97
CA GLY E 544 -18.10 -21.80 -19.38
C GLY E 544 -17.43 -20.43 -19.48
N PRO E 545 -18.08 -19.46 -20.13
CA PRO E 545 -17.57 -18.07 -20.07
C PRO E 545 -17.47 -17.49 -18.66
N GLU E 546 -18.35 -17.89 -17.74
CA GLU E 546 -18.18 -17.50 -16.34
C GLU E 546 -16.94 -18.14 -15.74
N LEU E 547 -16.63 -19.37 -16.13
CA LEU E 547 -15.40 -20.03 -15.66
C LEU E 547 -14.16 -19.36 -16.25
N LEU E 548 -14.24 -18.92 -17.51
CA LEU E 548 -13.13 -18.18 -18.12
C LEU E 548 -12.95 -16.82 -17.47
N THR E 549 -14.06 -16.19 -17.07
CA THR E 549 -14.00 -14.94 -16.32
C THR E 549 -13.39 -15.16 -14.93
N MET E 550 -13.69 -16.31 -14.31
CA MET E 550 -13.08 -16.64 -13.03
C MET E 550 -11.58 -16.91 -13.17
N TRP E 551 -11.16 -17.47 -14.30
CA TRP E 551 -9.72 -17.69 -14.51
C TRP E 551 -9.00 -16.36 -14.78
N PHE E 552 -9.48 -15.60 -15.77
CA PHE E 552 -8.76 -14.40 -16.19
C PHE E 552 -8.97 -13.24 -15.23
N GLY E 553 -10.07 -13.22 -14.49
CA GLY E 553 -10.30 -12.15 -13.53
C GLY E 553 -9.68 -12.34 -12.18
N GLU E 554 -8.92 -13.44 -12.00
CA GLU E 554 -8.26 -13.82 -10.74
C GLU E 554 -9.25 -13.92 -9.59
N SER E 555 -10.43 -14.45 -9.86
CA SER E 555 -11.50 -14.61 -8.89
C SER E 555 -11.82 -16.09 -8.68
N GLU E 556 -10.76 -16.91 -8.57
CA GLU E 556 -10.96 -18.35 -8.36
C GLU E 556 -11.37 -18.68 -6.94
N ALA E 557 -11.25 -17.73 -6.00
CA ALA E 557 -11.69 -17.96 -4.64
C ALA E 557 -13.21 -18.01 -4.53
N ASN E 558 -13.91 -17.32 -5.44
CA ASN E 558 -15.37 -17.27 -5.39
C ASN E 558 -16.03 -18.58 -5.80
N VAL E 559 -15.27 -19.48 -6.44
CA VAL E 559 -15.77 -20.81 -6.76
C VAL E 559 -16.04 -21.60 -5.48
N ARG E 560 -15.27 -21.34 -4.43
CA ARG E 560 -15.53 -21.95 -3.12
C ARG E 560 -16.86 -21.48 -2.55
N GLU E 561 -17.17 -20.19 -2.68
CA GLU E 561 -18.48 -19.72 -2.24
C GLU E 561 -19.60 -20.21 -3.14
N ILE E 562 -19.32 -20.45 -4.42
CA ILE E 562 -20.31 -21.04 -5.33
C ILE E 562 -20.64 -22.46 -4.88
N PHE E 563 -19.61 -23.24 -4.55
CA PHE E 563 -19.82 -24.58 -4.00
C PHE E 563 -20.49 -24.54 -2.63
N ASP E 564 -20.24 -23.47 -1.85
CA ASP E 564 -20.91 -23.33 -0.56
C ASP E 564 -22.40 -23.06 -0.72
N LYS E 565 -22.78 -22.21 -1.68
CA LYS E 565 -24.20 -22.01 -1.94
C LYS E 565 -24.84 -23.23 -2.58
N ALA E 566 -24.06 -24.01 -3.33
CA ALA E 566 -24.54 -25.28 -3.83
C ALA E 566 -24.81 -26.27 -2.70
N ARG E 567 -23.93 -26.31 -1.70
CA ARG E 567 -24.13 -27.17 -0.54
C ARG E 567 -25.30 -26.68 0.32
N GLN E 568 -25.49 -25.36 0.37
CA GLN E 568 -26.65 -24.81 1.04
C GLN E 568 -27.94 -25.14 0.30
N ALA E 569 -27.87 -25.27 -1.03
CA ALA E 569 -29.02 -25.60 -1.85
C ALA E 569 -29.22 -27.10 -2.03
N ALA E 570 -28.73 -27.90 -1.08
CA ALA E 570 -28.85 -29.36 -1.20
C ALA E 570 -30.31 -29.79 -1.02
N PRO E 571 -30.81 -30.71 -1.87
CA PRO E 571 -30.13 -31.35 -3.00
C PRO E 571 -30.10 -30.49 -4.26
N CYS E 572 -29.02 -30.59 -5.02
CA CYS E 572 -28.81 -29.72 -6.15
C CYS E 572 -27.98 -30.43 -7.21
N VAL E 573 -28.02 -29.90 -8.42
CA VAL E 573 -27.29 -30.45 -9.55
C VAL E 573 -26.28 -29.41 -10.01
N LEU E 574 -25.00 -29.80 -10.02
CA LEU E 574 -23.91 -28.90 -10.42
C LEU E 574 -23.60 -29.13 -11.89
N PHE E 575 -24.02 -28.21 -12.75
CA PHE E 575 -23.80 -28.34 -14.18
C PHE E 575 -22.56 -27.55 -14.58
N PHE E 576 -21.60 -28.25 -15.18
CA PHE E 576 -20.41 -27.64 -15.76
C PHE E 576 -20.43 -27.86 -17.26
N ASP E 577 -19.77 -26.96 -18.00
CA ASP E 577 -19.79 -27.05 -19.45
C ASP E 577 -18.49 -26.49 -20.01
N GLU E 578 -18.21 -26.92 -21.25
CA GLU E 578 -17.01 -26.62 -22.07
C GLU E 578 -15.71 -26.58 -21.25
N LEU E 579 -15.41 -27.72 -20.64
CA LEU E 579 -14.14 -27.87 -19.94
C LEU E 579 -12.98 -28.10 -20.91
N ASP E 580 -13.27 -28.40 -22.18
CA ASP E 580 -12.23 -28.39 -23.20
C ASP E 580 -11.81 -26.98 -23.57
N SER E 581 -12.67 -25.98 -23.33
CA SER E 581 -12.32 -24.60 -23.64
C SER E 581 -11.23 -24.08 -22.71
N ILE E 582 -11.30 -24.45 -21.43
CA ILE E 582 -10.27 -24.01 -20.50
C ILE E 582 -8.98 -24.81 -20.68
N ALA E 583 -9.05 -25.99 -21.32
CA ALA E 583 -7.86 -26.79 -21.58
C ALA E 583 -7.19 -26.45 -22.90
N LYS E 584 -7.88 -25.78 -23.82
CA LYS E 584 -7.29 -25.40 -25.09
C LYS E 584 -6.34 -24.20 -24.95
N ALA E 585 -6.45 -23.44 -23.85
CA ALA E 585 -5.55 -22.31 -23.66
C ALA E 585 -4.16 -22.75 -23.24
N ARG E 586 -4.03 -23.97 -22.70
CA ARG E 586 -2.74 -24.49 -22.26
C ARG E 586 -2.28 -25.70 -23.07
N GLY E 587 -3.20 -26.43 -23.68
CA GLY E 587 -2.80 -27.56 -24.51
C GLY E 587 -2.09 -27.16 -25.78
N GLY E 588 -2.56 -26.09 -26.41
CA GLY E 588 -1.96 -25.61 -27.65
C GLY E 588 -2.52 -26.30 -28.88
N GLY E 595 0.79 -25.40 -19.98
CA GLY E 595 0.81 -26.52 -19.05
C GLY E 595 -0.39 -27.43 -19.20
N ALA E 596 -0.79 -28.05 -18.09
CA ALA E 596 -1.96 -28.94 -18.08
C ALA E 596 -3.08 -28.41 -17.20
N ALA E 597 -2.80 -28.13 -15.93
CA ALA E 597 -3.84 -27.64 -15.02
C ALA E 597 -3.88 -26.11 -15.04
N ASP E 598 -4.97 -25.57 -14.49
CA ASP E 598 -5.20 -24.14 -14.44
C ASP E 598 -5.37 -23.69 -12.99
N ARG E 599 -5.59 -22.39 -12.81
CA ARG E 599 -5.82 -21.85 -11.47
C ARG E 599 -7.20 -22.21 -10.95
N VAL E 600 -8.13 -22.57 -11.83
CA VAL E 600 -9.48 -22.90 -11.40
C VAL E 600 -9.76 -24.40 -11.41
N ILE E 601 -9.00 -25.18 -12.19
CA ILE E 601 -9.24 -26.62 -12.29
C ILE E 601 -8.86 -27.32 -11.00
N ASN E 602 -7.69 -26.98 -10.44
CA ASN E 602 -7.27 -27.52 -9.16
C ASN E 602 -8.13 -27.00 -8.01
N GLN E 603 -8.63 -25.77 -8.12
CA GLN E 603 -9.54 -25.25 -7.10
C GLN E 603 -10.87 -25.99 -7.13
N ILE E 604 -11.36 -26.32 -8.34
CA ILE E 604 -12.57 -27.12 -8.50
C ILE E 604 -12.36 -28.52 -7.93
N LEU E 605 -11.17 -29.09 -8.17
CA LEU E 605 -10.84 -30.41 -7.63
C LEU E 605 -10.76 -30.40 -6.11
N THR E 606 -10.20 -29.33 -5.54
CA THR E 606 -10.12 -29.18 -4.09
C THR E 606 -11.51 -29.01 -3.48
N GLU E 607 -12.40 -28.31 -4.19
CA GLU E 607 -13.75 -28.16 -3.69
C GLU E 607 -14.55 -29.46 -3.76
N MET E 608 -14.42 -30.21 -4.85
CA MET E 608 -15.19 -31.44 -4.97
C MET E 608 -14.58 -32.60 -4.19
N ASP E 609 -13.30 -32.50 -3.82
CA ASP E 609 -12.71 -33.52 -2.95
C ASP E 609 -13.23 -33.38 -1.53
N GLY E 610 -13.55 -32.17 -1.10
CA GLY E 610 -14.18 -31.95 0.19
C GLY E 610 -15.66 -32.21 0.22
N MET E 611 -16.27 -32.49 -0.93
CA MET E 611 -17.69 -32.84 -0.97
C MET E 611 -17.93 -34.19 -0.34
N SER E 612 -19.01 -34.29 0.43
CA SER E 612 -19.33 -35.53 1.12
C SER E 612 -19.87 -36.57 0.14
N THR E 613 -19.77 -37.83 0.54
CA THR E 613 -20.41 -38.91 -0.21
C THR E 613 -21.93 -38.82 -0.10
N LYS E 614 -22.43 -38.31 1.01
CA LYS E 614 -23.84 -38.08 1.23
C LYS E 614 -24.22 -36.70 0.71
N LYS E 615 -25.40 -36.20 1.12
CA LYS E 615 -26.06 -34.93 0.83
C LYS E 615 -26.59 -34.84 -0.60
N ASN E 616 -26.37 -35.86 -1.43
CA ASN E 616 -26.90 -35.99 -2.80
C ASN E 616 -26.50 -34.83 -3.70
N VAL E 617 -25.31 -34.29 -3.48
CA VAL E 617 -24.82 -33.16 -4.27
C VAL E 617 -24.27 -33.73 -5.57
N PHE E 618 -25.12 -33.82 -6.58
CA PHE E 618 -24.74 -34.40 -7.85
C PHE E 618 -24.09 -33.34 -8.74
N ILE E 619 -22.99 -33.70 -9.38
CA ILE E 619 -22.33 -32.81 -10.33
C ILE E 619 -22.42 -33.46 -11.71
N ILE E 620 -22.33 -32.62 -12.74
CA ILE E 620 -22.38 -33.08 -14.13
C ILE E 620 -21.58 -32.11 -14.98
N GLY E 621 -20.78 -32.66 -15.89
CA GLY E 621 -19.95 -31.87 -16.76
C GLY E 621 -20.31 -32.08 -18.22
N ALA E 622 -20.11 -31.04 -19.02
CA ALA E 622 -20.36 -31.07 -20.45
C ALA E 622 -19.08 -30.71 -21.19
N THR E 623 -18.71 -31.51 -22.18
CA THR E 623 -17.48 -31.29 -22.90
C THR E 623 -17.65 -31.67 -24.36
N ASN E 624 -17.39 -30.74 -25.27
CA ASN E 624 -17.45 -31.03 -26.69
C ASN E 624 -16.25 -31.84 -27.17
N ARG E 625 -15.08 -31.59 -26.59
CA ARG E 625 -13.82 -32.22 -27.01
C ARG E 625 -13.23 -32.96 -25.83
N PRO E 626 -13.61 -34.21 -25.59
CA PRO E 626 -13.11 -34.95 -24.41
C PRO E 626 -11.66 -35.39 -24.51
N ASP E 627 -11.01 -35.23 -25.67
CA ASP E 627 -9.59 -35.52 -25.77
C ASP E 627 -8.76 -34.48 -25.02
N ILE E 628 -9.12 -33.20 -25.14
CA ILE E 628 -8.36 -32.13 -24.47
C ILE E 628 -9.00 -31.95 -23.10
N ILE E 629 -8.64 -32.84 -22.18
CA ILE E 629 -9.09 -32.83 -20.80
C ILE E 629 -7.88 -33.07 -19.91
N ASP E 630 -7.75 -32.26 -18.86
CA ASP E 630 -6.76 -32.52 -17.81
C ASP E 630 -7.06 -33.86 -17.16
N PRO E 631 -6.10 -34.80 -17.12
CA PRO E 631 -6.42 -36.18 -16.71
C PRO E 631 -6.55 -36.39 -15.20
N ALA E 632 -6.68 -35.32 -14.42
CA ALA E 632 -6.86 -35.42 -12.98
C ALA E 632 -8.33 -35.53 -12.57
N ILE E 633 -9.18 -36.01 -13.47
CA ILE E 633 -10.60 -36.19 -13.16
C ILE E 633 -11.09 -37.60 -13.49
N LEU E 634 -10.36 -38.39 -14.27
CA LEU E 634 -10.88 -39.64 -14.80
C LEU E 634 -10.80 -40.81 -13.83
N ARG E 635 -10.04 -40.69 -12.72
CA ARG E 635 -9.98 -41.79 -11.78
C ARG E 635 -11.26 -41.87 -10.94
N PRO E 636 -11.67 -43.06 -10.54
CA PRO E 636 -12.82 -43.19 -9.63
C PRO E 636 -12.51 -42.67 -8.24
N GLY E 637 -13.56 -42.47 -7.46
CA GLY E 637 -13.44 -41.78 -6.20
C GLY E 637 -13.75 -40.31 -6.34
N ARG E 638 -13.09 -39.64 -7.28
CA ARG E 638 -13.48 -38.28 -7.62
C ARG E 638 -14.64 -38.27 -8.61
N LEU E 639 -14.40 -38.80 -9.81
CA LEU E 639 -15.43 -38.84 -10.85
C LEU E 639 -15.14 -40.07 -11.71
N ASP E 640 -16.03 -41.05 -11.67
CA ASP E 640 -15.81 -42.35 -12.29
C ASP E 640 -16.56 -42.55 -13.60
N GLN E 641 -17.83 -42.17 -13.65
CA GLN E 641 -18.66 -42.52 -14.80
C GLN E 641 -18.45 -41.54 -15.94
N LEU E 642 -18.22 -42.06 -17.14
CA LEU E 642 -18.12 -41.28 -18.36
C LEU E 642 -19.28 -41.67 -19.27
N ILE E 643 -20.00 -40.66 -19.76
CA ILE E 643 -21.23 -40.88 -20.53
C ILE E 643 -20.98 -40.38 -21.95
N TYR E 644 -20.85 -41.33 -22.87
CA TYR E 644 -20.79 -41.00 -24.29
C TYR E 644 -22.20 -40.86 -24.84
N ILE E 645 -22.40 -39.86 -25.68
CA ILE E 645 -23.67 -39.73 -26.40
C ILE E 645 -23.40 -39.60 -27.89
N PRO E 646 -24.14 -40.33 -28.73
CA PRO E 646 -24.01 -40.13 -30.19
C PRO E 646 -24.87 -38.98 -30.68
N LEU E 647 -24.92 -38.80 -31.99
CA LEU E 647 -25.84 -37.85 -32.58
C LEU E 647 -27.27 -38.36 -32.45
N PRO E 648 -28.25 -37.45 -32.37
CA PRO E 648 -29.66 -37.87 -32.42
C PRO E 648 -30.00 -38.45 -33.79
N ASP E 649 -30.45 -39.70 -33.79
CA ASP E 649 -30.60 -40.46 -35.02
C ASP E 649 -31.95 -40.14 -35.69
N GLU E 650 -32.33 -40.99 -36.66
CA GLU E 650 -33.51 -40.74 -37.48
C GLU E 650 -34.81 -40.88 -36.69
N LYS E 651 -34.85 -41.80 -35.72
CA LYS E 651 -36.01 -41.88 -34.85
C LYS E 651 -36.02 -40.76 -33.82
N SER E 652 -34.86 -40.17 -33.54
CA SER E 652 -34.77 -39.05 -32.61
C SER E 652 -35.26 -37.75 -33.24
N ARG E 653 -35.37 -37.69 -34.56
CA ARG E 653 -35.93 -36.52 -35.23
C ARG E 653 -37.39 -36.31 -34.83
N VAL E 654 -38.13 -37.41 -34.69
CA VAL E 654 -39.52 -37.33 -34.23
C VAL E 654 -39.59 -36.87 -32.79
N ALA E 655 -38.63 -37.30 -31.97
CA ALA E 655 -38.59 -36.89 -30.56
C ALA E 655 -38.27 -35.41 -30.42
N ILE E 656 -37.39 -34.88 -31.27
CA ILE E 656 -37.11 -33.45 -31.24
C ILE E 656 -38.30 -32.66 -31.80
N LEU E 657 -38.93 -33.15 -32.87
CA LEU E 657 -40.01 -32.42 -33.51
C LEU E 657 -41.30 -32.44 -32.70
N LYS E 658 -41.48 -33.42 -31.82
CA LYS E 658 -42.65 -33.40 -30.93
C LYS E 658 -42.54 -32.31 -29.88
N ALA E 659 -41.32 -31.86 -29.55
CA ALA E 659 -41.14 -30.72 -28.66
C ALA E 659 -41.45 -29.39 -29.33
N ASN E 660 -41.63 -29.37 -30.65
CA ASN E 660 -42.03 -28.18 -31.38
C ASN E 660 -43.54 -28.03 -31.46
N LEU E 661 -44.30 -28.80 -30.67
CA LEU E 661 -45.72 -28.53 -30.49
C LEU E 661 -45.93 -27.17 -29.83
N ARG E 662 -45.14 -26.88 -28.79
CA ARG E 662 -45.03 -25.53 -28.26
C ARG E 662 -43.94 -24.79 -29.04
N LYS E 663 -43.98 -23.44 -28.94
CA LYS E 663 -43.00 -22.47 -29.42
C LYS E 663 -43.02 -22.32 -30.95
N SER E 664 -43.78 -23.18 -31.64
CA SER E 664 -44.10 -23.12 -33.06
C SER E 664 -45.33 -24.00 -33.31
N PRO E 665 -46.52 -23.57 -32.90
CA PRO E 665 -47.66 -24.50 -32.88
C PRO E 665 -48.31 -24.65 -34.24
N VAL E 666 -48.52 -25.90 -34.63
CA VAL E 666 -49.24 -26.23 -35.84
C VAL E 666 -50.04 -27.48 -35.54
N ALA E 667 -51.13 -27.70 -36.28
CA ALA E 667 -52.02 -28.82 -36.00
C ALA E 667 -51.91 -29.91 -37.07
N LYS E 668 -52.16 -29.58 -38.34
CA LYS E 668 -52.05 -30.57 -39.41
C LYS E 668 -51.80 -29.85 -40.72
N ASP E 669 -50.54 -29.82 -41.16
CA ASP E 669 -50.21 -29.38 -42.52
C ASP E 669 -49.22 -30.29 -43.23
N VAL E 670 -48.39 -31.03 -42.51
CA VAL E 670 -47.45 -31.98 -43.10
C VAL E 670 -47.17 -33.04 -42.05
N ASP E 671 -46.94 -34.27 -42.51
CA ASP E 671 -46.42 -35.29 -41.62
C ASP E 671 -44.99 -34.94 -41.23
N LEU E 672 -44.67 -35.08 -39.95
CA LEU E 672 -43.35 -34.71 -39.46
C LEU E 672 -42.39 -35.90 -39.47
N GLU E 673 -42.33 -36.57 -40.64
CA GLU E 673 -41.39 -37.66 -40.87
C GLU E 673 -40.74 -37.58 -42.24
N PHE E 674 -41.11 -36.58 -43.06
CA PHE E 674 -40.60 -36.48 -44.42
C PHE E 674 -39.13 -36.08 -44.44
N LEU E 675 -38.72 -35.21 -43.52
CA LEU E 675 -37.33 -34.80 -43.44
C LEU E 675 -36.46 -35.91 -42.84
N ALA E 676 -37.03 -36.71 -41.94
CA ALA E 676 -36.26 -37.76 -41.28
C ALA E 676 -36.07 -38.98 -42.16
N LYS E 677 -36.79 -39.09 -43.27
CA LYS E 677 -36.72 -40.29 -44.11
C LYS E 677 -35.45 -40.34 -44.94
N MET E 678 -34.88 -39.19 -45.30
CA MET E 678 -33.74 -39.15 -46.22
C MET E 678 -32.50 -38.50 -45.64
N THR E 679 -32.64 -37.59 -44.69
CA THR E 679 -31.48 -36.87 -44.14
C THR E 679 -30.66 -37.81 -43.26
N ASN E 680 -29.35 -37.84 -43.52
CA ASN E 680 -28.47 -38.75 -42.80
C ASN E 680 -28.18 -38.25 -41.39
N GLY E 681 -27.56 -37.07 -41.29
CA GLY E 681 -27.20 -36.56 -39.98
C GLY E 681 -27.32 -35.05 -39.86
N PHE E 682 -28.12 -34.61 -38.89
CA PHE E 682 -28.25 -33.21 -38.56
C PHE E 682 -28.46 -33.10 -37.07
N SER E 683 -27.87 -32.06 -36.47
CA SER E 683 -28.00 -31.87 -35.03
C SER E 683 -29.40 -31.38 -34.67
N GLY E 684 -29.78 -31.63 -33.42
CA GLY E 684 -31.02 -31.08 -32.91
C GLY E 684 -30.98 -29.58 -32.76
N ALA E 685 -29.77 -29.02 -32.55
CA ALA E 685 -29.59 -27.58 -32.69
C ALA E 685 -29.83 -27.14 -34.12
N ASP E 686 -29.35 -27.93 -35.09
CA ASP E 686 -29.61 -27.63 -36.49
C ASP E 686 -31.07 -27.84 -36.85
N LEU E 687 -31.72 -28.81 -36.21
CA LEU E 687 -33.14 -29.05 -36.48
C LEU E 687 -34.00 -27.93 -35.89
N THR E 688 -33.63 -27.42 -34.72
CA THR E 688 -34.35 -26.28 -34.17
C THR E 688 -34.02 -25.00 -34.92
N GLU E 689 -32.82 -24.92 -35.52
CA GLU E 689 -32.51 -23.83 -36.43
C GLU E 689 -33.39 -23.88 -37.67
N ILE E 690 -33.65 -25.10 -38.18
CA ILE E 690 -34.57 -25.30 -39.29
C ILE E 690 -35.99 -24.87 -38.91
N CYS E 691 -36.41 -25.24 -37.70
CA CYS E 691 -37.74 -24.87 -37.21
C CYS E 691 -37.87 -23.36 -37.02
N GLN E 692 -36.83 -22.72 -36.50
CA GLN E 692 -36.89 -21.27 -36.31
C GLN E 692 -36.78 -20.51 -37.62
N ARG E 693 -36.05 -21.04 -38.61
CA ARG E 693 -36.02 -20.38 -39.91
C ARG E 693 -37.33 -20.55 -40.66
N ALA E 694 -37.99 -21.71 -40.50
CA ALA E 694 -39.33 -21.89 -41.05
C ALA E 694 -40.33 -20.98 -40.35
N CYS E 695 -40.16 -20.77 -39.04
CA CYS E 695 -40.94 -19.79 -38.29
C CYS E 695 -40.73 -18.38 -38.84
N LYS E 696 -39.48 -18.02 -39.14
CA LYS E 696 -39.16 -16.71 -39.71
C LYS E 696 -39.80 -16.53 -41.09
N LEU E 697 -39.73 -17.56 -41.93
CA LEU E 697 -40.34 -17.50 -43.26
C LEU E 697 -41.86 -17.42 -43.18
N ALA E 698 -42.47 -18.13 -42.23
CA ALA E 698 -43.92 -18.10 -42.07
C ALA E 698 -44.40 -16.74 -41.57
N ILE E 699 -43.70 -16.17 -40.59
CA ILE E 699 -44.05 -14.84 -40.07
C ILE E 699 -43.84 -13.78 -41.14
N ARG E 700 -42.79 -13.93 -41.96
CA ARG E 700 -42.54 -12.97 -43.04
C ARG E 700 -43.62 -13.04 -44.12
N GLU E 701 -44.02 -14.25 -44.54
CA GLU E 701 -45.05 -14.34 -45.57
C GLU E 701 -46.41 -13.95 -45.02
N SER E 702 -46.61 -14.10 -43.71
CA SER E 702 -47.79 -13.49 -43.09
C SER E 702 -47.72 -11.97 -43.14
N ILE E 703 -46.53 -11.39 -43.06
CA ILE E 703 -46.42 -9.93 -43.13
C ILE E 703 -46.72 -9.41 -44.54
N GLU E 704 -46.15 -10.04 -45.59
CA GLU E 704 -46.68 -9.64 -46.91
C GLU E 704 -48.09 -10.17 -47.22
N SER E 705 -48.64 -11.05 -46.40
CA SER E 705 -50.06 -11.34 -46.52
C SER E 705 -50.93 -10.23 -45.92
N GLU E 706 -50.43 -9.51 -44.92
CA GLU E 706 -51.25 -8.48 -44.26
C GLU E 706 -50.98 -7.05 -44.74
N ILE E 707 -49.79 -6.75 -45.26
CA ILE E 707 -49.53 -5.41 -45.81
C ILE E 707 -50.37 -5.17 -47.07
N ARG E 708 -50.60 -6.22 -47.88
CA ARG E 708 -51.49 -6.07 -49.03
C ARG E 708 -52.95 -5.87 -48.62
N ARG E 709 -53.36 -6.45 -47.48
CA ARG E 709 -54.70 -6.21 -46.97
C ARG E 709 -54.83 -4.80 -46.38
N GLU E 710 -53.75 -4.28 -45.80
CA GLU E 710 -53.74 -2.88 -45.39
C GLU E 710 -53.76 -1.95 -46.59
N ARG E 711 -53.12 -2.34 -47.69
CA ARG E 711 -53.14 -1.56 -48.92
C ARG E 711 -54.52 -1.56 -49.55
N GLU E 712 -55.23 -2.69 -49.47
CA GLU E 712 -56.60 -2.77 -49.97
C GLU E 712 -57.54 -1.90 -49.15
N ARG E 713 -57.34 -1.86 -47.83
CA ARG E 713 -58.15 -1.01 -46.97
C ARG E 713 -57.38 0.22 -46.54
N ASP E 726 -57.32 -10.96 -38.11
CA ASP E 726 -57.24 -12.37 -38.46
C ASP E 726 -55.87 -12.71 -39.05
N PRO E 727 -54.95 -13.20 -38.20
CA PRO E 727 -53.60 -13.52 -38.68
C PRO E 727 -53.56 -14.74 -39.59
N VAL E 728 -54.28 -15.80 -39.21
CA VAL E 728 -54.27 -17.14 -39.81
C VAL E 728 -52.82 -17.62 -39.83
N PRO E 729 -52.26 -18.05 -38.69
CA PRO E 729 -50.83 -18.37 -38.65
C PRO E 729 -50.49 -19.79 -39.09
N GLU E 730 -51.41 -20.45 -39.80
CA GLU E 730 -51.17 -21.79 -40.30
C GLU E 730 -50.10 -21.77 -41.39
N ILE E 731 -49.14 -22.68 -41.29
CA ILE E 731 -48.01 -22.72 -42.18
C ILE E 731 -48.19 -23.87 -43.17
N ARG E 732 -47.37 -23.89 -44.21
CA ARG E 732 -47.45 -24.91 -45.26
C ARG E 732 -46.11 -25.64 -45.38
N ARG E 733 -46.03 -26.51 -46.38
CA ARG E 733 -44.86 -27.36 -46.53
C ARG E 733 -43.67 -26.63 -47.12
N ASP E 734 -43.91 -25.52 -47.83
CA ASP E 734 -42.84 -24.82 -48.54
C ASP E 734 -41.88 -24.12 -47.60
N HIS E 735 -42.39 -23.62 -46.47
CA HIS E 735 -41.51 -23.04 -45.44
C HIS E 735 -40.58 -24.11 -44.88
N PHE E 736 -41.11 -25.32 -44.67
CA PHE E 736 -40.28 -26.47 -44.30
C PHE E 736 -39.30 -26.84 -45.42
N GLU E 737 -39.68 -26.66 -46.68
CA GLU E 737 -38.81 -27.02 -47.79
C GLU E 737 -37.60 -26.09 -47.88
N GLU E 738 -37.82 -24.77 -47.90
CA GLU E 738 -36.67 -23.87 -47.87
C GLU E 738 -35.99 -23.81 -46.51
N ALA E 739 -36.64 -24.26 -45.43
CA ALA E 739 -35.91 -24.42 -44.17
C ALA E 739 -34.95 -25.60 -44.23
N MET E 740 -35.40 -26.73 -44.78
CA MET E 740 -34.56 -27.91 -44.84
C MET E 740 -33.50 -27.82 -45.93
N ARG E 741 -33.67 -26.93 -46.92
CA ARG E 741 -32.59 -26.70 -47.86
C ARG E 741 -31.69 -25.55 -47.45
N PHE E 742 -32.21 -24.56 -46.73
CA PHE E 742 -31.41 -23.45 -46.23
C PHE E 742 -30.92 -23.83 -44.83
N ALA E 743 -30.03 -24.81 -44.79
CA ALA E 743 -29.50 -25.30 -43.51
C ALA E 743 -28.09 -25.82 -43.76
N ARG E 744 -27.37 -26.02 -42.65
CA ARG E 744 -26.03 -26.57 -42.70
C ARG E 744 -25.79 -27.38 -41.43
N ARG E 745 -25.30 -28.60 -41.60
CA ARG E 745 -24.97 -29.48 -40.47
C ARG E 745 -23.75 -28.93 -39.75
N SER E 746 -23.95 -28.47 -38.51
CA SER E 746 -22.93 -27.75 -37.78
C SER E 746 -21.80 -28.64 -37.26
N VAL E 747 -22.04 -29.94 -37.12
CA VAL E 747 -21.01 -30.83 -36.60
C VAL E 747 -20.04 -31.18 -37.72
N SER E 748 -18.88 -31.71 -37.35
CA SER E 748 -17.84 -32.07 -38.31
C SER E 748 -17.57 -33.55 -38.24
N ASP E 749 -17.32 -34.16 -39.40
CA ASP E 749 -17.22 -35.62 -39.49
C ASP E 749 -15.93 -36.15 -38.89
N ASN E 750 -14.84 -35.36 -38.93
CA ASN E 750 -13.57 -35.82 -38.38
C ASN E 750 -13.55 -35.80 -36.85
N ASP E 751 -14.50 -35.13 -36.20
CA ASP E 751 -14.67 -35.27 -34.77
C ASP E 751 -15.45 -36.53 -34.40
N ILE E 752 -16.37 -36.93 -35.28
CA ILE E 752 -17.16 -38.14 -35.05
C ILE E 752 -16.28 -39.37 -35.05
N ARG E 753 -15.32 -39.47 -35.97
CA ARG E 753 -14.39 -40.59 -35.98
C ARG E 753 -13.46 -40.58 -34.78
N LYS E 754 -13.18 -39.41 -34.19
CA LYS E 754 -12.55 -39.38 -32.88
C LYS E 754 -13.49 -39.91 -31.80
N TYR E 755 -14.81 -39.74 -31.97
CA TYR E 755 -15.72 -40.31 -30.99
C TYR E 755 -15.84 -41.83 -31.12
N GLU E 756 -15.79 -42.39 -32.35
CA GLU E 756 -15.59 -43.85 -32.37
C GLU E 756 -14.17 -44.29 -32.03
N MET E 757 -13.17 -43.39 -32.05
CA MET E 757 -11.89 -43.75 -31.44
C MET E 757 -12.04 -43.90 -29.93
N PHE E 758 -12.82 -43.00 -29.31
CA PHE E 758 -13.17 -43.15 -27.90
C PHE E 758 -14.02 -44.40 -27.66
N ALA E 759 -14.89 -44.73 -28.61
CA ALA E 759 -15.75 -45.91 -28.48
C ALA E 759 -14.96 -47.21 -28.65
N GLN E 760 -13.96 -47.24 -29.54
CA GLN E 760 -13.13 -48.44 -29.65
C GLN E 760 -12.12 -48.52 -28.52
N THR E 761 -11.82 -47.40 -27.86
CA THR E 761 -11.21 -47.48 -26.54
C THR E 761 -12.20 -48.10 -25.54
N LEU E 762 -13.49 -47.82 -25.68
CA LEU E 762 -14.51 -48.29 -24.75
C LEU E 762 -14.94 -49.73 -24.96
N GLN E 763 -14.44 -50.43 -25.98
CA GLN E 763 -14.44 -51.89 -25.93
C GLN E 763 -13.21 -52.36 -25.17
N GLN E 764 -13.44 -53.14 -24.13
CA GLN E 764 -12.53 -53.36 -23.02
C GLN E 764 -12.13 -54.83 -22.96
N SER E 765 -11.49 -55.21 -21.86
CA SER E 765 -10.75 -56.47 -21.73
C SER E 765 -11.58 -57.57 -21.10
N ARG E 766 -12.85 -57.66 -21.49
CA ARG E 766 -13.82 -58.59 -20.92
C ARG E 766 -13.42 -60.06 -21.14
N GLY E 767 -13.94 -60.92 -20.27
CA GLY E 767 -13.83 -62.35 -20.43
C GLY E 767 -15.08 -62.93 -21.05
N PHE E 768 -14.94 -64.13 -21.62
CA PHE E 768 -16.07 -64.76 -22.28
C PHE E 768 -17.08 -65.35 -21.30
N GLY E 769 -16.64 -65.79 -20.13
CA GLY E 769 -17.55 -66.31 -19.14
C GLY E 769 -16.84 -67.22 -18.16
N SER E 770 -17.50 -67.42 -17.02
CA SER E 770 -17.01 -68.28 -15.96
C SER E 770 -17.18 -69.75 -16.35
N PHE E 771 -16.53 -70.63 -15.59
CA PHE E 771 -16.55 -72.06 -15.87
C PHE E 771 -17.26 -72.87 -14.79
N ARG E 772 -18.24 -72.26 -14.12
CA ARG E 772 -19.06 -73.00 -13.16
C ARG E 772 -20.32 -73.52 -13.83
N LYS F 18 -0.27 -41.54 41.66
CA LYS F 18 -1.45 -41.17 42.43
C LYS F 18 -2.51 -42.26 42.40
N GLN F 19 -3.76 -41.85 42.65
CA GLN F 19 -4.99 -42.65 42.57
C GLN F 19 -5.08 -43.79 43.57
N LYS F 20 -4.12 -43.89 44.49
CA LYS F 20 -4.14 -44.90 45.56
C LYS F 20 -3.66 -44.23 46.84
N ASN F 21 -4.60 -43.89 47.72
CA ASN F 21 -4.25 -43.22 48.97
C ASN F 21 -5.34 -43.56 49.99
N ARG F 22 -4.93 -44.24 51.09
CA ARG F 22 -5.71 -44.83 52.19
C ARG F 22 -7.03 -45.45 51.72
N PRO F 23 -6.98 -46.29 50.64
CA PRO F 23 -7.93 -46.22 49.51
C PRO F 23 -9.37 -45.84 49.83
N ASN F 24 -9.81 -44.74 49.23
CA ASN F 24 -11.10 -44.15 49.55
C ASN F 24 -11.86 -43.65 48.34
N ARG F 25 -11.39 -43.90 47.12
CA ARG F 25 -12.11 -43.54 45.92
C ARG F 25 -13.27 -44.51 45.73
N LEU F 26 -14.47 -44.09 46.16
CA LEU F 26 -15.63 -44.97 46.21
C LEU F 26 -16.65 -44.54 45.18
N ILE F 27 -17.38 -45.52 44.66
CA ILE F 27 -18.47 -45.28 43.72
C ILE F 27 -19.74 -44.96 44.50
N VAL F 28 -20.51 -44.00 44.02
CA VAL F 28 -21.72 -43.60 44.70
C VAL F 28 -22.81 -44.64 44.50
N ASP F 29 -23.72 -44.74 45.46
CA ASP F 29 -24.85 -45.64 45.40
C ASP F 29 -26.02 -45.02 46.16
N GLU F 30 -27.22 -45.51 45.87
CA GLU F 30 -28.41 -44.99 46.52
C GLU F 30 -28.51 -45.49 47.96
N ALA F 31 -28.86 -44.59 48.87
CA ALA F 31 -28.94 -44.90 50.28
C ALA F 31 -30.32 -45.41 50.65
N ILE F 32 -30.39 -46.13 51.77
CA ILE F 32 -31.65 -46.67 52.27
C ILE F 32 -32.36 -45.67 53.17
N ASN F 33 -31.60 -45.00 54.05
CA ASN F 33 -32.18 -43.98 54.92
C ASN F 33 -32.53 -42.74 54.11
N GLU F 34 -33.66 -42.12 54.45
CA GLU F 34 -34.17 -40.99 53.70
C GLU F 34 -33.73 -39.64 54.25
N ASP F 35 -32.88 -39.63 55.27
CA ASP F 35 -32.33 -38.37 55.77
C ASP F 35 -31.29 -37.84 54.79
N ASN F 36 -31.28 -36.51 54.61
CA ASN F 36 -30.38 -35.90 53.65
C ASN F 36 -28.94 -35.90 54.14
N SER F 37 -28.71 -35.75 55.44
CA SER F 37 -27.37 -35.67 56.00
C SER F 37 -26.81 -37.01 56.41
N VAL F 38 -27.38 -38.12 55.94
CA VAL F 38 -26.95 -39.46 56.33
C VAL F 38 -26.38 -40.15 55.10
N VAL F 39 -25.15 -40.62 55.21
CA VAL F 39 -24.52 -41.48 54.22
C VAL F 39 -24.08 -42.75 54.92
N SER F 40 -23.93 -43.83 54.14
CA SER F 40 -23.71 -45.16 54.69
C SER F 40 -22.46 -45.79 54.10
N LEU F 41 -21.79 -46.61 54.92
CA LEU F 41 -20.60 -47.34 54.52
C LEU F 41 -20.57 -48.67 55.26
N SER F 42 -19.66 -49.54 54.81
CA SER F 42 -19.53 -50.85 55.43
C SER F 42 -18.67 -50.76 56.69
N GLN F 43 -18.81 -51.80 57.53
CA GLN F 43 -18.05 -51.85 58.78
C GLN F 43 -16.53 -51.99 58.62
N PRO F 44 -15.97 -52.89 57.79
CA PRO F 44 -14.49 -52.93 57.72
C PRO F 44 -13.86 -51.77 56.99
N LYS F 45 -14.57 -51.11 56.08
CA LYS F 45 -14.00 -49.93 55.43
C LYS F 45 -13.99 -48.71 56.34
N MET F 46 -14.90 -48.64 57.31
CA MET F 46 -14.80 -47.62 58.33
C MET F 46 -13.63 -47.90 59.28
N ASP F 47 -13.28 -49.18 59.46
CA ASP F 47 -12.10 -49.53 60.24
C ASP F 47 -10.82 -49.27 59.44
N GLU F 48 -10.88 -49.48 58.12
CA GLU F 48 -9.70 -49.26 57.29
C GLU F 48 -9.40 -47.77 57.12
N LEU F 49 -10.44 -46.97 56.89
CA LEU F 49 -10.28 -45.52 56.74
C LEU F 49 -10.16 -44.80 58.07
N GLN F 50 -10.43 -45.51 59.18
CA GLN F 50 -10.38 -45.01 60.56
C GLN F 50 -11.31 -43.81 60.75
N LEU F 51 -12.59 -44.06 60.49
CA LEU F 51 -13.64 -43.08 60.69
C LEU F 51 -14.36 -43.36 62.01
N PHE F 52 -15.41 -42.61 62.28
CA PHE F 52 -16.26 -42.81 63.44
C PHE F 52 -17.71 -42.92 62.99
N ARG F 53 -18.57 -43.32 63.94
CA ARG F 53 -19.99 -43.47 63.64
C ARG F 53 -20.73 -42.14 63.54
N GLY F 54 -20.15 -41.05 64.06
CA GLY F 54 -20.75 -39.74 63.93
C GLY F 54 -19.76 -38.72 63.41
N ASP F 55 -18.81 -39.18 62.60
CA ASP F 55 -17.76 -38.32 62.06
C ASP F 55 -18.31 -37.47 60.92
N THR F 56 -17.93 -36.19 60.92
CA THR F 56 -18.27 -35.27 59.84
C THR F 56 -17.15 -35.28 58.82
N VAL F 57 -17.25 -36.19 57.85
CA VAL F 57 -16.20 -36.39 56.86
C VAL F 57 -16.28 -35.32 55.79
N LEU F 58 -15.23 -35.20 54.97
CA LEU F 58 -15.14 -34.21 53.92
C LEU F 58 -15.16 -34.96 52.58
N LEU F 59 -16.37 -35.17 52.06
CA LEU F 59 -16.55 -35.81 50.76
C LEU F 59 -16.14 -34.85 49.65
N LYS F 60 -15.40 -35.37 48.68
CA LYS F 60 -14.95 -34.58 47.53
C LYS F 60 -15.45 -35.23 46.25
N GLY F 61 -16.16 -34.47 45.43
CA GLY F 61 -16.71 -34.99 44.19
C GLY F 61 -16.28 -34.23 42.96
N LYS F 62 -17.17 -34.16 41.96
CA LYS F 62 -16.87 -33.47 40.73
C LYS F 62 -16.91 -31.96 40.91
N LYS F 63 -16.16 -31.26 40.05
CA LYS F 63 -16.13 -29.79 39.93
C LYS F 63 -15.73 -29.12 41.25
N ARG F 64 -14.76 -29.73 41.94
CA ARG F 64 -14.19 -29.40 43.26
C ARG F 64 -15.21 -29.03 44.35
N ARG F 65 -16.42 -29.57 44.23
CA ARG F 65 -17.51 -29.23 45.13
C ARG F 65 -17.60 -30.28 46.22
N GLU F 66 -17.77 -29.84 47.46
CA GLU F 66 -17.65 -30.72 48.61
C GLU F 66 -18.89 -30.61 49.48
N ALA F 67 -19.19 -31.71 50.17
CA ALA F 67 -20.29 -31.78 51.13
C ALA F 67 -19.79 -32.49 52.38
N VAL F 68 -20.27 -32.03 53.53
CA VAL F 68 -19.87 -32.58 54.82
C VAL F 68 -21.04 -33.40 55.36
N CYS F 69 -20.82 -34.70 55.54
CA CYS F 69 -21.89 -35.62 55.92
C CYS F 69 -21.43 -36.51 57.05
N ILE F 70 -22.38 -37.24 57.62
CA ILE F 70 -22.15 -38.15 58.75
C ILE F 70 -22.29 -39.58 58.24
N VAL F 71 -21.23 -40.36 58.42
CA VAL F 71 -21.19 -41.74 57.91
C VAL F 71 -21.74 -42.67 58.98
N LEU F 72 -22.71 -43.50 58.60
CA LEU F 72 -23.27 -44.53 59.46
C LEU F 72 -22.89 -45.90 58.94
N SER F 73 -22.84 -46.87 59.87
CA SER F 73 -22.46 -48.23 59.51
C SER F 73 -23.63 -48.95 58.84
N ASP F 74 -23.34 -49.57 57.69
CA ASP F 74 -24.34 -50.32 56.94
C ASP F 74 -23.79 -51.70 56.60
N ASP F 75 -24.60 -52.73 56.88
CA ASP F 75 -24.16 -54.10 56.62
C ASP F 75 -24.23 -54.45 55.14
N THR F 76 -25.24 -53.94 54.43
CA THR F 76 -25.44 -54.28 53.03
C THR F 76 -24.59 -53.45 52.07
N CYS F 77 -23.86 -52.46 52.56
CA CYS F 77 -23.02 -51.63 51.70
C CYS F 77 -21.79 -52.40 51.26
N SER F 78 -21.40 -52.20 50.00
CA SER F 78 -20.23 -52.84 49.45
C SER F 78 -18.96 -52.16 49.94
N ASP F 79 -17.83 -52.84 49.73
CA ASP F 79 -16.54 -52.30 50.18
C ASP F 79 -16.07 -51.17 49.29
N GLU F 80 -16.24 -51.31 47.98
CA GLU F 80 -15.77 -50.31 47.02
C GLU F 80 -16.79 -49.21 46.76
N LYS F 81 -17.98 -49.30 47.33
CA LYS F 81 -19.06 -48.36 47.07
C LYS F 81 -19.46 -47.64 48.34
N ILE F 82 -20.14 -46.49 48.16
CA ILE F 82 -20.65 -45.69 49.25
C ILE F 82 -22.10 -45.33 48.95
N ARG F 83 -22.95 -45.34 49.97
CA ARG F 83 -24.37 -45.06 49.82
C ARG F 83 -24.66 -43.61 50.17
N MET F 84 -25.45 -42.94 49.32
CA MET F 84 -25.84 -41.56 49.54
C MET F 84 -27.18 -41.31 48.87
N ASN F 85 -27.80 -40.19 49.22
CA ASN F 85 -29.11 -39.86 48.69
C ASN F 85 -28.98 -38.86 47.53
N ARG F 86 -30.12 -38.39 47.02
CA ARG F 86 -30.13 -37.53 45.84
C ARG F 86 -29.66 -36.12 46.15
N VAL F 87 -29.85 -35.66 47.40
CA VAL F 87 -29.52 -34.29 47.76
C VAL F 87 -28.01 -34.07 47.75
N VAL F 88 -27.27 -35.00 48.38
CA VAL F 88 -25.80 -34.94 48.38
C VAL F 88 -25.25 -35.21 46.99
N ARG F 89 -25.90 -36.11 46.24
CA ARG F 89 -25.50 -36.41 44.86
C ARG F 89 -25.70 -35.19 43.95
N ASN F 90 -26.76 -34.42 44.19
CA ASN F 90 -26.90 -33.15 43.50
C ASN F 90 -26.01 -32.07 44.11
N ASN F 91 -25.65 -32.20 45.39
CA ASN F 91 -24.75 -31.24 46.01
C ASN F 91 -23.32 -31.41 45.49
N LEU F 92 -22.91 -32.65 45.25
CA LEU F 92 -21.55 -32.94 44.81
C LEU F 92 -21.38 -32.85 43.30
N ARG F 93 -22.45 -32.48 42.57
CA ARG F 93 -22.50 -32.38 41.10
C ARG F 93 -22.11 -33.70 40.43
N VAL F 94 -22.61 -34.81 40.98
CA VAL F 94 -22.24 -36.14 40.51
C VAL F 94 -23.50 -36.89 40.12
N ARG F 95 -23.31 -37.92 39.28
CA ARG F 95 -24.35 -38.86 38.93
C ARG F 95 -23.95 -40.24 39.43
N LEU F 96 -24.88 -41.19 39.30
CA LEU F 96 -24.64 -42.55 39.80
C LEU F 96 -23.64 -43.27 38.90
N GLY F 97 -22.64 -43.91 39.52
CA GLY F 97 -21.60 -44.59 38.81
C GLY F 97 -20.30 -43.83 38.68
N ASP F 98 -20.23 -42.60 39.18
CA ASP F 98 -19.04 -41.78 39.07
C ASP F 98 -18.10 -42.08 40.24
N VAL F 99 -17.05 -41.27 40.39
CA VAL F 99 -16.03 -41.48 41.41
C VAL F 99 -15.99 -40.26 42.32
N ILE F 100 -15.96 -40.51 43.63
CA ILE F 100 -15.82 -39.47 44.65
C ILE F 100 -14.77 -39.96 45.65
N SER F 101 -14.24 -39.01 46.41
CA SER F 101 -13.25 -39.30 47.44
C SER F 101 -13.72 -38.77 48.79
N ILE F 102 -13.48 -39.55 49.84
CA ILE F 102 -13.93 -39.24 51.19
C ILE F 102 -12.72 -39.03 52.08
N GLN F 103 -12.72 -37.92 52.83
CA GLN F 103 -11.63 -37.56 53.72
C GLN F 103 -12.20 -37.27 55.11
N PRO F 104 -11.58 -37.76 56.17
CA PRO F 104 -11.99 -37.31 57.52
C PRO F 104 -11.57 -35.88 57.76
N CYS F 105 -12.49 -35.10 58.33
CA CYS F 105 -12.28 -33.68 58.57
C CYS F 105 -12.34 -33.40 60.07
N PRO F 106 -11.20 -33.23 60.74
CA PRO F 106 -11.21 -32.99 62.19
C PRO F 106 -11.29 -31.53 62.61
N ASP F 107 -11.16 -30.58 61.67
CA ASP F 107 -11.14 -29.16 62.00
C ASP F 107 -12.49 -28.50 61.76
N VAL F 108 -13.58 -29.23 61.98
CA VAL F 108 -14.92 -28.68 61.82
C VAL F 108 -15.29 -27.91 63.08
N LYS F 109 -15.75 -26.67 62.89
CA LYS F 109 -16.10 -25.79 64.00
C LYS F 109 -17.61 -25.52 64.01
N TYR F 110 -18.12 -25.19 65.19
CA TYR F 110 -19.54 -24.90 65.35
C TYR F 110 -19.89 -23.55 64.74
N GLY F 111 -21.12 -23.46 64.22
CA GLY F 111 -21.57 -22.24 63.59
C GLY F 111 -21.92 -21.15 64.58
N LYS F 112 -21.80 -19.90 64.12
CA LYS F 112 -22.12 -18.72 64.90
C LYS F 112 -23.29 -17.93 64.33
N ARG F 113 -23.23 -17.57 63.06
CA ARG F 113 -24.34 -16.96 62.34
C ARG F 113 -24.48 -17.65 60.99
N ILE F 114 -25.73 -17.98 60.63
CA ILE F 114 -26.02 -18.68 59.38
C ILE F 114 -27.00 -17.83 58.58
N HIS F 115 -26.64 -17.55 57.33
CA HIS F 115 -27.49 -16.84 56.39
C HIS F 115 -27.89 -17.81 55.30
N VAL F 116 -29.18 -18.17 55.26
CA VAL F 116 -29.72 -19.04 54.23
C VAL F 116 -30.90 -18.33 53.57
N LEU F 117 -31.13 -18.65 52.31
CA LEU F 117 -32.16 -18.01 51.51
C LEU F 117 -32.98 -19.06 50.78
N PRO F 118 -34.28 -18.86 50.62
CA PRO F 118 -35.11 -19.82 49.91
C PRO F 118 -34.94 -19.71 48.41
N ILE F 119 -35.46 -20.73 47.72
CA ILE F 119 -35.43 -20.80 46.26
C ILE F 119 -36.79 -20.38 45.74
N ASP F 120 -36.80 -19.54 44.70
CA ASP F 120 -37.99 -18.77 44.31
C ASP F 120 -39.12 -19.64 43.79
N ASP F 121 -38.81 -20.68 43.01
CA ASP F 121 -39.84 -21.57 42.49
C ASP F 121 -40.09 -22.77 43.40
N THR F 122 -39.63 -22.70 44.65
CA THR F 122 -39.98 -23.68 45.68
C THR F 122 -40.87 -23.09 46.76
N VAL F 123 -41.08 -21.78 46.78
CA VAL F 123 -41.86 -21.11 47.81
C VAL F 123 -43.10 -20.43 47.22
N GLU F 124 -43.53 -20.84 46.05
CA GLU F 124 -44.68 -20.22 45.40
C GLU F 124 -45.98 -20.65 46.08
N GLY F 125 -46.98 -19.76 46.01
CA GLY F 125 -48.26 -20.02 46.63
C GLY F 125 -48.31 -19.69 48.11
N ILE F 126 -47.40 -20.25 48.89
CA ILE F 126 -47.40 -20.09 50.35
C ILE F 126 -46.70 -18.79 50.71
N THR F 127 -47.28 -18.07 51.68
CA THR F 127 -46.70 -16.86 52.22
C THR F 127 -46.67 -16.96 53.74
N GLY F 128 -45.74 -16.22 54.35
CA GLY F 128 -45.61 -16.20 55.78
C GLY F 128 -44.17 -16.39 56.19
N ASN F 129 -43.97 -16.75 57.46
CA ASN F 129 -42.64 -16.95 58.02
C ASN F 129 -42.23 -18.40 57.80
N LEU F 130 -41.19 -18.61 57.00
CA LEU F 130 -40.69 -19.93 56.68
C LEU F 130 -39.66 -20.43 57.69
N PHE F 131 -39.31 -19.62 58.69
CA PHE F 131 -38.33 -20.04 59.69
C PHE F 131 -38.91 -21.09 60.63
N GLU F 132 -40.05 -20.79 61.25
CA GLU F 132 -40.67 -21.73 62.18
C GLU F 132 -41.32 -22.91 61.47
N VAL F 133 -41.67 -22.76 60.20
CA VAL F 133 -42.32 -23.84 59.46
C VAL F 133 -41.28 -24.83 58.94
N TYR F 134 -40.23 -24.31 58.29
CA TYR F 134 -39.26 -25.14 57.61
C TYR F 134 -37.89 -25.15 58.27
N LEU F 135 -37.36 -23.98 58.61
CA LEU F 135 -35.98 -23.90 59.12
C LEU F 135 -35.86 -24.40 60.55
N LYS F 136 -36.83 -24.06 61.41
CA LYS F 136 -36.77 -24.52 62.80
C LYS F 136 -36.96 -26.03 62.98
N PRO F 137 -37.94 -26.72 62.36
CA PRO F 137 -38.00 -28.19 62.58
C PRO F 137 -36.91 -28.97 61.88
N TYR F 138 -36.29 -28.44 60.82
CA TYR F 138 -35.21 -29.15 60.16
C TYR F 138 -33.91 -29.10 60.94
N PHE F 139 -33.75 -28.14 61.85
CA PHE F 139 -32.54 -28.00 62.65
C PHE F 139 -32.84 -28.07 64.15
N LEU F 140 -33.99 -28.62 64.53
CA LEU F 140 -34.36 -28.77 65.93
C LEU F 140 -33.54 -29.92 66.50
N GLU F 141 -32.40 -29.57 67.11
CA GLU F 141 -31.42 -30.52 67.70
C GLU F 141 -30.94 -31.54 66.68
N ALA F 142 -30.72 -31.10 65.44
CA ALA F 142 -30.37 -31.98 64.34
C ALA F 142 -28.87 -32.07 64.11
N TYR F 143 -28.17 -30.93 64.20
CA TYR F 143 -26.71 -30.80 64.02
C TYR F 143 -26.25 -31.34 62.66
N ARG F 144 -27.00 -31.00 61.62
CA ARG F 144 -26.63 -31.40 60.27
C ARG F 144 -25.44 -30.57 59.79
N PRO F 145 -24.31 -31.17 59.44
CA PRO F 145 -23.18 -30.38 58.94
C PRO F 145 -23.41 -29.97 57.49
N ILE F 146 -23.10 -28.72 57.18
CA ILE F 146 -23.28 -28.16 55.84
C ILE F 146 -22.02 -27.41 55.44
N ARG F 147 -21.93 -27.12 54.14
CA ARG F 147 -20.88 -26.30 53.58
C ARG F 147 -21.49 -25.07 52.94
N LYS F 148 -20.64 -24.10 52.62
CA LYS F 148 -21.12 -22.87 51.98
C LYS F 148 -21.49 -23.15 50.53
N GLY F 149 -22.68 -22.70 50.13
CA GLY F 149 -23.19 -22.96 48.80
C GLY F 149 -23.99 -24.23 48.67
N ASP F 150 -24.12 -25.00 49.75
CA ASP F 150 -24.84 -26.27 49.69
C ASP F 150 -26.35 -26.04 49.62
N ILE F 151 -27.05 -27.05 49.10
CA ILE F 151 -28.50 -27.04 49.01
C ILE F 151 -29.04 -28.24 49.77
N PHE F 152 -29.95 -28.00 50.71
CA PHE F 152 -30.60 -29.07 51.47
C PHE F 152 -32.10 -29.01 51.24
N LEU F 153 -32.74 -30.18 51.27
CA LEU F 153 -34.15 -30.31 50.98
C LEU F 153 -34.94 -30.51 52.27
N VAL F 154 -35.95 -29.67 52.47
CA VAL F 154 -36.87 -29.77 53.60
C VAL F 154 -38.26 -30.06 53.05
N HIS F 155 -38.89 -31.11 53.59
CA HIS F 155 -40.23 -31.51 53.16
C HIS F 155 -41.21 -31.23 54.28
N GLY F 156 -42.27 -30.50 53.95
CA GLY F 156 -43.28 -30.16 54.93
C GLY F 156 -44.31 -29.23 54.32
N GLY F 157 -45.47 -29.18 54.98
CA GLY F 157 -46.59 -28.39 54.49
C GLY F 157 -47.15 -28.91 53.18
N MET F 158 -47.15 -30.25 53.05
CA MET F 158 -47.60 -30.99 51.86
C MET F 158 -46.82 -30.60 50.60
N ARG F 159 -45.57 -30.18 50.77
CA ARG F 159 -44.71 -29.78 49.66
C ARG F 159 -43.26 -30.10 50.02
N ALA F 160 -42.36 -29.85 49.06
CA ALA F 160 -40.93 -30.03 49.26
C ALA F 160 -40.22 -28.76 48.83
N VAL F 161 -39.56 -28.10 49.78
CA VAL F 161 -38.92 -26.81 49.54
C VAL F 161 -37.42 -26.99 49.71
N GLU F 162 -36.65 -26.61 48.70
CA GLU F 162 -35.20 -26.61 48.78
C GLU F 162 -34.70 -25.27 49.28
N PHE F 163 -33.66 -25.31 50.11
CA PHE F 163 -33.04 -24.11 50.64
C PHE F 163 -31.54 -24.16 50.34
N LYS F 164 -30.99 -23.02 49.96
CA LYS F 164 -29.58 -22.93 49.57
C LYS F 164 -28.81 -22.16 50.65
N VAL F 165 -27.69 -22.72 51.07
CA VAL F 165 -26.81 -22.05 52.03
C VAL F 165 -26.08 -20.93 51.31
N VAL F 166 -26.09 -19.74 51.91
CA VAL F 166 -25.46 -18.57 51.30
C VAL F 166 -24.16 -18.23 52.01
N GLU F 167 -24.24 -17.94 53.31
CA GLU F 167 -23.07 -17.52 54.06
C GLU F 167 -23.20 -17.96 55.51
N THR F 168 -22.13 -18.55 56.05
CA THR F 168 -22.02 -18.87 57.46
C THR F 168 -20.86 -18.09 58.05
N ASP F 169 -20.91 -17.88 59.38
CA ASP F 169 -19.84 -17.18 60.05
C ASP F 169 -18.57 -18.03 60.14
N PRO F 170 -18.64 -19.38 60.32
CA PRO F 170 -17.54 -20.22 59.84
C PRO F 170 -17.66 -20.43 58.34
N SER F 171 -17.09 -19.50 57.57
CA SER F 171 -17.32 -19.41 56.12
C SER F 171 -16.98 -20.65 55.28
N PRO F 172 -15.90 -21.47 55.55
CA PRO F 172 -15.80 -22.75 54.83
C PRO F 172 -16.93 -23.73 55.13
N TYR F 173 -17.09 -24.12 56.39
CA TYR F 173 -18.14 -25.06 56.78
C TYR F 173 -18.42 -24.93 58.27
N CYS F 174 -19.59 -25.39 58.68
CA CYS F 174 -20.03 -25.27 60.06
C CYS F 174 -21.06 -26.34 60.36
N ILE F 175 -21.31 -26.55 61.66
CA ILE F 175 -22.34 -27.46 62.15
C ILE F 175 -23.49 -26.62 62.69
N VAL F 176 -24.71 -26.90 62.23
CA VAL F 176 -25.88 -26.13 62.63
C VAL F 176 -26.25 -26.46 64.06
N ALA F 177 -25.90 -25.59 64.98
CA ALA F 177 -26.22 -25.68 66.39
C ALA F 177 -27.50 -24.91 66.68
N PRO F 178 -28.24 -25.28 67.74
CA PRO F 178 -29.37 -24.44 68.17
C PRO F 178 -28.97 -23.06 68.66
N ASP F 179 -27.74 -22.88 69.13
CA ASP F 179 -27.26 -21.57 69.54
C ASP F 179 -26.80 -20.71 68.36
N THR F 180 -26.72 -21.28 67.16
CA THR F 180 -26.34 -20.50 65.98
C THR F 180 -27.48 -19.58 65.56
N VAL F 181 -27.14 -18.32 65.31
CA VAL F 181 -28.13 -17.34 64.88
C VAL F 181 -28.52 -17.63 63.44
N ILE F 182 -29.79 -17.97 63.21
CA ILE F 182 -30.30 -18.30 61.89
C ILE F 182 -31.00 -17.07 61.33
N HIS F 183 -30.56 -16.63 60.17
CA HIS F 183 -31.10 -15.43 59.52
C HIS F 183 -32.07 -15.84 58.42
N CYS F 184 -33.28 -15.28 58.47
CA CYS F 184 -34.36 -15.63 57.55
C CYS F 184 -34.91 -14.38 56.86
N GLU F 185 -34.00 -13.55 56.35
CA GLU F 185 -34.40 -12.37 55.60
C GLU F 185 -34.97 -12.77 54.24
N GLY F 186 -35.91 -11.97 53.76
CA GLY F 186 -36.59 -12.28 52.51
C GLY F 186 -35.79 -11.94 51.27
N GLU F 187 -35.23 -12.96 50.62
CA GLU F 187 -34.54 -12.85 49.35
C GLU F 187 -34.53 -14.21 48.67
N PRO F 188 -35.04 -14.33 47.45
CA PRO F 188 -35.14 -15.64 46.81
C PRO F 188 -33.94 -15.98 45.94
N ILE F 189 -33.53 -17.25 46.02
CA ILE F 189 -32.50 -17.77 45.13
C ILE F 189 -33.16 -18.20 43.82
N LYS F 190 -32.67 -17.66 42.72
CA LYS F 190 -33.30 -17.87 41.42
C LYS F 190 -32.89 -19.22 40.84
N ARG F 191 -33.85 -19.94 40.29
CA ARG F 191 -33.57 -21.07 39.42
C ARG F 191 -33.66 -20.62 37.97
N GLU F 192 -32.89 -21.31 37.12
CA GLU F 192 -32.26 -20.98 35.83
C GLU F 192 -31.03 -20.08 36.06
N ASP F 193 -30.82 -19.57 37.27
CA ASP F 193 -29.53 -19.09 37.73
C ASP F 193 -28.66 -20.23 38.26
N GLU F 194 -29.22 -21.43 38.38
CA GLU F 194 -28.41 -22.61 38.65
C GLU F 194 -27.56 -22.98 37.44
N GLU F 195 -27.98 -22.59 36.24
CA GLU F 195 -27.12 -22.70 35.07
C GLU F 195 -25.93 -21.75 35.16
N GLU F 196 -26.10 -20.59 35.80
CA GLU F 196 -24.95 -19.76 36.13
C GLU F 196 -24.12 -20.39 37.23
N SER F 197 -24.74 -21.15 38.13
CA SER F 197 -23.98 -21.94 39.09
C SER F 197 -23.33 -23.15 38.41
N LEU F 198 -23.93 -23.63 37.31
CA LEU F 198 -23.31 -24.66 36.49
C LEU F 198 -22.48 -24.05 35.35
N ASN F 199 -21.63 -23.10 35.70
CA ASN F 199 -20.71 -22.48 34.74
C ASN F 199 -19.36 -23.17 34.73
N GLU F 200 -19.19 -24.20 35.54
CA GLU F 200 -17.90 -24.86 35.73
C GLU F 200 -18.05 -26.35 35.46
N VAL F 201 -17.06 -26.91 34.76
CA VAL F 201 -17.01 -28.34 34.47
C VAL F 201 -15.60 -28.83 34.76
N GLY F 202 -15.49 -30.14 34.99
CA GLY F 202 -14.20 -30.73 35.27
C GLY F 202 -13.69 -31.57 34.13
N TYR F 203 -13.22 -32.78 34.44
CA TYR F 203 -12.74 -33.72 33.45
C TYR F 203 -13.85 -34.60 32.89
N ASP F 204 -15.09 -34.38 33.34
CA ASP F 204 -16.23 -35.00 32.69
C ASP F 204 -16.47 -34.41 31.31
N ASP F 205 -16.39 -33.09 31.21
CA ASP F 205 -16.55 -32.39 29.93
C ASP F 205 -15.17 -32.17 29.35
N ILE F 206 -14.84 -32.96 28.33
CA ILE F 206 -13.53 -32.95 27.70
C ILE F 206 -13.70 -32.88 26.19
N GLY F 207 -12.59 -32.93 25.48
CA GLY F 207 -12.62 -32.73 24.04
C GLY F 207 -12.12 -33.90 23.22
N GLY F 208 -11.82 -35.02 23.88
CA GLY F 208 -11.31 -36.20 23.19
C GLY F 208 -9.94 -36.03 22.60
N CYS F 209 -9.04 -35.38 23.33
CA CYS F 209 -7.73 -34.94 22.82
C CYS F 209 -6.63 -35.28 23.80
N ARG F 210 -6.55 -36.56 24.20
CA ARG F 210 -5.67 -37.00 25.28
C ARG F 210 -4.19 -36.75 25.00
N LYS F 211 -3.79 -36.77 23.73
CA LYS F 211 -2.43 -36.40 23.36
C LYS F 211 -2.14 -34.92 23.61
N GLN F 212 -3.17 -34.08 23.68
CA GLN F 212 -3.05 -32.67 24.02
C GLN F 212 -3.58 -32.35 25.41
N LEU F 213 -4.63 -33.06 25.85
CA LEU F 213 -5.18 -32.82 27.17
C LEU F 213 -4.25 -33.32 28.26
N ALA F 214 -3.60 -34.47 28.04
CA ALA F 214 -2.57 -34.91 28.97
C ALA F 214 -1.36 -33.99 28.94
N GLN F 215 -1.06 -33.41 27.77
CA GLN F 215 0.02 -32.43 27.66
C GLN F 215 -0.26 -31.17 28.47
N ILE F 216 -1.50 -30.66 28.42
CA ILE F 216 -1.77 -29.44 29.16
C ILE F 216 -1.97 -29.71 30.65
N LYS F 217 -2.48 -30.89 31.02
CA LYS F 217 -2.51 -31.32 32.42
C LYS F 217 -1.11 -31.42 32.99
N GLU F 218 -0.21 -32.07 32.26
CA GLU F 218 1.18 -32.21 32.66
C GLU F 218 1.95 -30.90 32.52
N MET F 219 1.40 -29.93 31.78
CA MET F 219 2.00 -28.61 31.75
C MET F 219 1.70 -27.83 33.02
N VAL F 220 0.42 -27.77 33.42
CA VAL F 220 0.06 -26.86 34.52
C VAL F 220 -0.56 -27.52 35.75
N GLU F 221 -0.22 -28.79 36.05
CA GLU F 221 -0.72 -29.32 37.31
C GLU F 221 0.08 -28.80 38.49
N LEU F 222 1.36 -28.46 38.26
CA LEU F 222 2.33 -28.02 39.26
C LEU F 222 2.12 -26.63 39.87
N PRO F 223 1.47 -25.64 39.23
CA PRO F 223 1.00 -24.50 40.04
C PRO F 223 0.02 -24.87 41.13
N LEU F 224 -0.84 -25.86 40.90
CA LEU F 224 -1.67 -26.39 41.97
C LEU F 224 -0.83 -27.25 42.91
N ARG F 225 -0.92 -26.96 44.21
CA ARG F 225 -0.43 -27.81 45.31
C ARG F 225 1.08 -28.02 45.38
N HIS F 226 1.86 -27.46 44.45
CA HIS F 226 3.29 -27.73 44.37
C HIS F 226 4.08 -26.43 44.23
N PRO F 227 4.26 -25.67 45.32
CA PRO F 227 5.10 -24.46 45.23
C PRO F 227 6.59 -24.71 45.34
N ALA F 228 7.02 -25.83 45.91
CA ALA F 228 8.43 -26.14 46.08
C ALA F 228 9.06 -26.77 44.85
N LEU F 229 8.25 -27.18 43.87
CA LEU F 229 8.81 -27.72 42.64
C LEU F 229 9.45 -26.64 41.77
N PHE F 230 9.01 -25.38 41.94
CA PHE F 230 9.72 -24.27 41.32
C PHE F 230 11.13 -24.12 41.89
N LYS F 231 11.28 -24.32 43.20
CA LYS F 231 12.60 -24.31 43.81
C LYS F 231 13.39 -25.56 43.45
N ALA F 232 12.70 -26.66 43.16
CA ALA F 232 13.37 -27.85 42.66
C ALA F 232 13.92 -27.64 41.26
N ILE F 233 13.17 -26.94 40.41
CA ILE F 233 13.64 -26.66 39.05
C ILE F 233 14.57 -25.46 39.03
N GLY F 234 14.07 -24.31 39.48
CA GLY F 234 14.83 -23.08 39.42
C GLY F 234 14.08 -21.97 38.71
N VAL F 235 13.32 -22.35 37.68
CA VAL F 235 12.52 -21.41 36.90
C VAL F 235 11.14 -22.04 36.71
N LYS F 236 10.14 -21.20 36.48
CA LYS F 236 8.81 -21.70 36.14
C LYS F 236 8.81 -22.21 34.70
N PRO F 237 8.43 -23.46 34.46
CA PRO F 237 8.43 -23.98 33.09
C PRO F 237 7.33 -23.39 32.21
N PRO F 238 6.14 -22.96 32.75
CA PRO F 238 5.35 -22.03 31.94
C PRO F 238 5.66 -20.57 32.19
N ARG F 239 5.92 -19.85 31.10
CA ARG F 239 5.80 -18.39 31.10
C ARG F 239 4.42 -18.00 30.57
N GLY F 240 4.11 -18.43 29.35
CA GLY F 240 2.80 -18.30 28.78
C GLY F 240 2.50 -19.45 27.84
N ILE F 241 1.40 -20.16 28.08
CA ILE F 241 1.05 -21.35 27.31
C ILE F 241 0.08 -20.94 26.20
N LEU F 242 0.29 -21.47 25.00
CA LEU F 242 -0.55 -21.15 23.85
C LEU F 242 -1.16 -22.42 23.30
N LEU F 243 -2.44 -22.35 22.92
CA LEU F 243 -3.15 -23.46 22.31
C LEU F 243 -3.81 -22.95 21.04
N TYR F 244 -3.26 -23.33 19.89
CA TYR F 244 -3.82 -22.97 18.60
C TYR F 244 -4.62 -24.13 18.04
N GLY F 245 -5.76 -23.82 17.43
CA GLY F 245 -6.61 -24.83 16.86
C GLY F 245 -7.67 -24.23 15.96
N PRO F 246 -8.60 -25.05 15.49
CA PRO F 246 -9.73 -24.53 14.73
C PRO F 246 -10.61 -23.67 15.62
N PRO F 247 -11.24 -22.64 15.07
CA PRO F 247 -12.06 -21.75 15.90
C PRO F 247 -13.34 -22.41 16.37
N GLY F 248 -13.72 -22.08 17.60
CA GLY F 248 -14.92 -22.65 18.18
C GLY F 248 -14.80 -24.10 18.59
N THR F 249 -13.59 -24.62 18.73
CA THR F 249 -13.40 -26.02 19.08
C THR F 249 -13.17 -26.10 20.61
N GLY F 250 -14.23 -25.73 21.32
CA GLY F 250 -14.30 -25.87 22.77
C GLY F 250 -13.33 -25.01 23.57
N LYS F 251 -12.72 -24.00 22.95
CA LYS F 251 -11.47 -23.42 23.45
C LYS F 251 -11.68 -22.65 24.75
N THR F 252 -12.78 -21.90 24.84
CA THR F 252 -13.14 -21.25 26.10
C THR F 252 -13.46 -22.28 27.18
N LEU F 253 -14.13 -23.36 26.80
CA LEU F 253 -14.40 -24.42 27.78
C LEU F 253 -13.17 -25.25 28.10
N ILE F 254 -12.21 -25.35 27.17
CA ILE F 254 -10.92 -25.95 27.52
C ILE F 254 -10.18 -25.08 28.54
N ALA F 255 -10.23 -23.76 28.35
CA ALA F 255 -9.60 -22.84 29.31
C ALA F 255 -10.35 -22.83 30.64
N ARG F 256 -11.65 -23.12 30.63
CA ARG F 256 -12.39 -23.22 31.88
C ARG F 256 -12.12 -24.55 32.58
N ALA F 257 -12.01 -25.63 31.82
CA ALA F 257 -11.83 -26.96 32.40
C ALA F 257 -10.39 -27.24 32.78
N VAL F 258 -9.44 -26.46 32.27
CA VAL F 258 -8.09 -26.57 32.81
C VAL F 258 -8.00 -25.86 34.15
N ALA F 259 -8.94 -24.96 34.44
CA ALA F 259 -9.22 -24.53 35.79
C ALA F 259 -10.21 -25.50 36.43
N ASN F 260 -10.75 -25.11 37.59
CA ASN F 260 -11.77 -25.79 38.42
C ASN F 260 -11.22 -27.04 39.12
N GLU F 261 -10.00 -27.45 38.78
CA GLU F 261 -9.26 -28.44 39.54
C GLU F 261 -8.19 -27.77 40.37
N THR F 262 -7.63 -26.68 39.86
CA THR F 262 -6.68 -25.87 40.62
C THR F 262 -7.38 -25.11 41.73
N GLY F 263 -8.65 -24.79 41.56
CA GLY F 263 -9.33 -23.91 42.48
C GLY F 263 -8.82 -22.49 42.42
N ALA F 264 -8.48 -22.03 41.23
CA ALA F 264 -7.86 -20.72 41.04
C ALA F 264 -8.90 -19.70 40.60
N PHE F 265 -8.79 -18.50 41.17
CA PHE F 265 -9.63 -17.37 40.80
C PHE F 265 -9.01 -16.77 39.54
N PHE F 266 -9.58 -17.11 38.39
CA PHE F 266 -8.98 -16.73 37.12
C PHE F 266 -9.14 -15.22 36.85
N PHE F 267 -10.36 -14.70 37.05
CA PHE F 267 -10.76 -13.34 36.66
C PHE F 267 -10.37 -13.01 35.22
N LEU F 268 -10.70 -13.94 34.31
CA LEU F 268 -10.29 -13.79 32.93
C LEU F 268 -11.12 -12.69 32.25
N ILE F 269 -10.47 -11.95 31.37
CA ILE F 269 -11.12 -10.89 30.61
C ILE F 269 -11.03 -11.25 29.13
N ASN F 270 -12.14 -11.06 28.42
CA ASN F 270 -12.15 -11.22 26.97
C ASN F 270 -11.48 -10.02 26.33
N GLY F 271 -10.74 -10.26 25.25
CA GLY F 271 -10.06 -9.23 24.50
C GLY F 271 -10.92 -8.12 23.90
N PRO F 272 -12.03 -8.47 23.24
CA PRO F 272 -12.97 -7.44 22.81
C PRO F 272 -13.61 -6.60 23.91
N GLU F 273 -13.60 -7.03 25.18
CA GLU F 273 -13.99 -6.11 26.26
C GLU F 273 -13.02 -4.94 26.34
N ILE F 274 -11.73 -5.24 26.23
CA ILE F 274 -10.70 -4.21 26.25
C ILE F 274 -10.75 -3.39 24.96
N MET F 275 -11.03 -4.05 23.83
CA MET F 275 -11.12 -3.36 22.56
C MET F 275 -12.36 -2.47 22.49
N SER F 276 -13.42 -2.81 23.20
CA SER F 276 -14.68 -2.07 23.12
C SER F 276 -14.64 -0.76 23.87
N LYS F 277 -13.77 -0.61 24.85
CA LYS F 277 -13.68 0.63 25.60
C LYS F 277 -13.00 1.71 24.77
N LEU F 278 -13.10 2.95 25.25
CA LEU F 278 -12.57 4.09 24.51
C LEU F 278 -11.05 4.17 24.67
N ALA F 279 -10.45 5.15 24.00
CA ALA F 279 -9.01 5.36 24.06
C ALA F 279 -8.63 5.90 25.44
N GLY F 280 -7.59 5.31 26.02
CA GLY F 280 -7.21 5.55 27.39
C GLY F 280 -7.83 4.57 28.37
N GLU F 281 -9.02 4.07 28.06
CA GLU F 281 -9.65 3.02 28.87
C GLU F 281 -9.19 1.63 28.48
N SER F 282 -8.33 1.50 27.46
CA SER F 282 -7.76 0.21 27.12
C SER F 282 -6.74 -0.23 28.17
N GLU F 283 -6.11 0.73 28.86
CA GLU F 283 -5.31 0.40 30.04
C GLU F 283 -6.18 -0.17 31.14
N SER F 284 -7.38 0.39 31.31
CA SER F 284 -8.35 -0.18 32.23
C SER F 284 -8.85 -1.51 31.71
N ASN F 285 -9.19 -2.40 32.64
CA ASN F 285 -9.66 -3.77 32.43
C ASN F 285 -8.64 -4.66 31.72
N LEU F 286 -7.38 -4.25 31.66
CA LEU F 286 -6.28 -5.10 31.21
C LEU F 286 -5.21 -5.23 32.28
N ARG F 287 -4.77 -4.12 32.87
CA ARG F 287 -3.87 -4.21 34.01
C ARG F 287 -4.63 -4.61 35.28
N LYS F 288 -5.94 -4.30 35.35
CA LYS F 288 -6.72 -4.44 36.57
C LYS F 288 -6.82 -5.90 36.99
N ALA F 289 -6.93 -6.81 36.00
CA ALA F 289 -6.78 -8.23 36.29
C ALA F 289 -5.38 -8.57 36.75
N PHE F 290 -4.36 -7.81 36.33
CA PHE F 290 -3.01 -8.18 36.74
C PHE F 290 -2.67 -7.73 38.16
N GLU F 291 -3.23 -6.62 38.68
CA GLU F 291 -3.11 -6.52 40.14
C GLU F 291 -4.22 -7.22 40.89
N GLU F 292 -5.26 -7.71 40.21
CA GLU F 292 -6.19 -8.60 40.87
C GLU F 292 -5.57 -9.97 41.09
N ALA F 293 -4.67 -10.38 40.19
CA ALA F 293 -3.88 -11.59 40.36
C ALA F 293 -2.80 -11.44 41.41
N GLU F 294 -2.51 -10.21 41.85
CA GLU F 294 -1.62 -10.01 42.99
C GLU F 294 -2.27 -10.50 44.28
N LYS F 295 -3.59 -10.44 44.35
CA LYS F 295 -4.31 -10.95 45.52
C LYS F 295 -4.22 -12.47 45.60
N ASN F 296 -4.48 -13.15 44.49
CA ASN F 296 -4.59 -14.61 44.47
C ASN F 296 -3.29 -15.20 43.93
N ALA F 297 -2.50 -15.83 44.82
CA ALA F 297 -1.27 -16.48 44.39
C ALA F 297 -1.50 -17.67 43.46
N PRO F 298 -2.41 -18.67 43.75
CA PRO F 298 -2.72 -19.62 42.67
C PRO F 298 -3.79 -19.05 41.75
N ALA F 299 -3.38 -18.64 40.55
CA ALA F 299 -4.28 -17.97 39.63
C ALA F 299 -3.78 -18.16 38.20
N ILE F 300 -4.72 -18.08 37.26
CA ILE F 300 -4.43 -18.11 35.84
C ILE F 300 -5.05 -16.87 35.21
N ILE F 301 -4.53 -16.49 34.05
CA ILE F 301 -5.05 -15.35 33.30
C ILE F 301 -5.32 -15.81 31.88
N PHE F 302 -6.56 -15.69 31.44
CA PHE F 302 -6.96 -16.10 30.10
C PHE F 302 -7.47 -14.92 29.31
N ILE F 303 -6.99 -14.77 28.09
CA ILE F 303 -7.45 -13.76 27.15
C ILE F 303 -8.08 -14.48 25.97
N ASP F 304 -9.39 -14.33 25.81
CA ASP F 304 -10.08 -14.93 24.68
C ASP F 304 -9.96 -14.03 23.47
N GLU F 305 -9.75 -14.66 22.30
CA GLU F 305 -9.66 -14.03 20.98
C GLU F 305 -8.57 -12.96 20.95
N LEU F 306 -7.35 -13.38 21.27
CA LEU F 306 -6.21 -12.48 21.31
C LEU F 306 -5.67 -12.16 19.92
N ASP F 307 -6.17 -12.85 18.88
CA ASP F 307 -5.85 -12.50 17.50
C ASP F 307 -6.35 -11.11 17.15
N ALA F 308 -7.51 -10.72 17.66
CA ALA F 308 -7.96 -9.34 17.54
C ALA F 308 -7.16 -8.39 18.41
N ILE F 309 -6.56 -8.90 19.49
CA ILE F 309 -5.77 -8.04 20.37
C ILE F 309 -4.39 -7.79 19.77
N ALA F 310 -3.67 -8.84 19.40
CA ALA F 310 -2.30 -8.71 18.88
C ALA F 310 -2.16 -9.39 17.52
N PRO F 311 -2.63 -8.74 16.45
CA PRO F 311 -2.30 -9.23 15.11
C PRO F 311 -0.97 -8.69 14.63
N LYS F 312 -0.66 -8.87 13.34
CA LYS F 312 0.52 -8.24 12.75
C LYS F 312 0.41 -6.72 12.84
N ARG F 313 1.53 -6.10 13.26
CA ARG F 313 1.53 -4.66 13.52
C ARG F 313 1.39 -3.86 12.23
N GLU F 314 2.05 -4.31 11.16
CA GLU F 314 1.92 -3.65 9.87
C GLU F 314 0.57 -3.90 9.21
N LYS F 315 -0.17 -4.92 9.67
CA LYS F 315 -1.51 -5.16 9.15
C LYS F 315 -2.51 -4.15 9.69
N THR F 316 -2.31 -3.69 10.93
CA THR F 316 -3.25 -2.73 11.52
C THR F 316 -3.05 -1.34 10.93
N HIS F 317 -4.17 -0.63 10.77
CA HIS F 317 -4.16 0.78 10.41
C HIS F 317 -4.67 1.55 11.61
N GLY F 318 -3.75 2.15 12.36
CA GLY F 318 -4.08 2.86 13.58
C GLY F 318 -2.97 2.76 14.60
N GLU F 319 -3.17 3.47 15.71
CA GLU F 319 -2.17 3.57 16.76
C GLU F 319 -2.60 2.98 18.10
N VAL F 320 -3.91 2.88 18.36
CA VAL F 320 -4.39 2.36 19.63
C VAL F 320 -4.13 0.85 19.74
N GLU F 321 -4.15 0.15 18.61
CA GLU F 321 -3.79 -1.27 18.58
C GLU F 321 -2.34 -1.48 19.00
N ARG F 322 -1.43 -0.60 18.56
CA ARG F 322 -0.05 -0.65 19.01
C ARG F 322 0.08 -0.32 20.48
N ARG F 323 -0.77 0.57 21.00
CA ARG F 323 -0.79 0.87 22.44
C ARG F 323 -1.19 -0.35 23.26
N ILE F 324 -2.22 -1.08 22.80
CA ILE F 324 -2.69 -2.27 23.51
C ILE F 324 -1.65 -3.37 23.44
N VAL F 325 -1.01 -3.54 22.27
CA VAL F 325 0.03 -4.56 22.09
C VAL F 325 1.24 -4.26 22.98
N SER F 326 1.64 -2.97 23.04
CA SER F 326 2.78 -2.57 23.85
C SER F 326 2.51 -2.73 25.33
N GLN F 327 1.30 -2.35 25.79
CA GLN F 327 1.03 -2.50 27.22
C GLN F 327 0.81 -3.96 27.61
N LEU F 328 0.34 -4.79 26.68
CA LEU F 328 0.24 -6.22 26.97
C LEU F 328 1.62 -6.86 27.05
N LEU F 329 2.54 -6.45 26.16
CA LEU F 329 3.91 -6.96 26.21
C LEU F 329 4.63 -6.46 27.46
N THR F 330 4.31 -5.24 27.91
CA THR F 330 4.89 -4.72 29.13
C THR F 330 4.37 -5.45 30.36
N LEU F 331 3.07 -5.72 30.41
CA LEU F 331 2.50 -6.42 31.56
C LEU F 331 2.67 -7.93 31.48
N MET F 332 3.21 -8.45 30.38
CA MET F 332 3.59 -9.86 30.32
C MET F 332 4.68 -10.19 31.34
N ASP F 333 5.74 -9.40 31.37
CA ASP F 333 6.82 -9.62 32.31
C ASP F 333 6.72 -8.70 33.52
N GLY F 334 5.57 -8.05 33.72
CA GLY F 334 5.37 -7.26 34.92
C GLY F 334 5.34 -8.11 36.17
N LEU F 335 4.76 -9.31 36.08
CA LEU F 335 4.81 -10.28 37.16
C LEU F 335 5.89 -11.30 36.83
N LYS F 336 7.14 -10.91 37.11
CA LYS F 336 8.30 -11.75 36.83
C LYS F 336 8.48 -12.72 37.99
N GLN F 337 7.70 -13.81 37.93
CA GLN F 337 7.68 -14.92 38.90
C GLN F 337 7.40 -14.43 40.31
N ARG F 338 6.49 -13.46 40.45
CA ARG F 338 6.14 -12.99 41.78
C ARG F 338 4.92 -13.71 42.32
N ALA F 339 3.80 -13.65 41.60
CA ALA F 339 2.60 -14.38 41.95
C ALA F 339 2.49 -15.70 41.21
N HIS F 340 3.43 -15.98 40.29
CA HIS F 340 3.53 -17.22 39.52
C HIS F 340 2.25 -17.51 38.74
N VAL F 341 1.67 -16.46 38.16
CA VAL F 341 0.43 -16.62 37.41
C VAL F 341 0.71 -17.24 36.06
N ILE F 342 -0.36 -17.73 35.42
CA ILE F 342 -0.28 -18.48 34.18
C ILE F 342 -1.10 -17.74 33.13
N VAL F 343 -0.50 -17.53 31.97
CA VAL F 343 -1.16 -16.84 30.86
C VAL F 343 -1.46 -17.86 29.76
N MET F 344 -2.74 -18.04 29.46
CA MET F 344 -3.17 -18.83 28.31
C MET F 344 -4.06 -17.99 27.43
N ALA F 345 -4.18 -18.39 26.16
CA ALA F 345 -4.84 -17.55 25.18
C ALA F 345 -5.49 -18.41 24.11
N ALA F 346 -6.43 -17.79 23.38
CA ALA F 346 -7.17 -18.42 22.30
C ALA F 346 -6.71 -17.83 20.98
N THR F 347 -5.96 -18.63 20.21
CA THR F 347 -5.46 -18.21 18.91
C THR F 347 -6.05 -19.10 17.83
N ASN F 348 -6.64 -18.48 16.81
CA ASN F 348 -7.20 -19.27 15.71
C ASN F 348 -6.10 -19.79 14.81
N ARG F 349 -5.05 -19.01 14.58
CA ARG F 349 -3.94 -19.42 13.74
C ARG F 349 -2.64 -18.93 14.37
N PRO F 350 -1.56 -19.70 14.22
CA PRO F 350 -0.25 -19.21 14.71
C PRO F 350 0.27 -18.01 13.95
N ASN F 351 -0.03 -17.90 12.65
CA ASN F 351 0.44 -16.75 11.89
C ASN F 351 -0.41 -15.51 12.11
N SER F 352 -1.55 -15.62 12.80
CA SER F 352 -2.31 -14.44 13.19
C SER F 352 -1.55 -13.64 14.24
N ILE F 353 -0.87 -14.33 15.15
CA ILE F 353 -0.05 -13.66 16.16
C ILE F 353 1.21 -13.14 15.50
N ASP F 354 1.57 -11.88 15.80
CA ASP F 354 2.83 -11.33 15.36
C ASP F 354 4.00 -12.07 16.04
N PRO F 355 5.12 -12.26 15.34
CA PRO F 355 6.23 -13.03 15.92
C PRO F 355 6.96 -12.32 17.05
N ALA F 356 6.77 -11.01 17.23
CA ALA F 356 7.43 -10.31 18.32
C ALA F 356 6.85 -10.68 19.67
N LEU F 357 5.53 -10.93 19.73
CA LEU F 357 4.92 -11.28 21.01
C LEU F 357 5.21 -12.72 21.41
N ARG F 358 5.29 -13.62 20.44
CA ARG F 358 5.49 -15.04 20.71
C ARG F 358 6.95 -15.46 20.60
N ARG F 359 7.87 -14.56 20.93
CA ARG F 359 9.29 -14.91 20.94
C ARG F 359 9.60 -15.83 22.12
N PHE F 360 10.76 -16.47 22.05
CA PHE F 360 11.11 -17.50 23.01
C PHE F 360 11.49 -16.87 24.35
N GLY F 361 10.98 -17.45 25.43
CA GLY F 361 11.15 -16.92 26.76
C GLY F 361 10.02 -16.03 27.23
N ARG F 362 9.22 -15.51 26.31
CA ARG F 362 8.12 -14.58 26.62
C ARG F 362 6.90 -15.01 25.82
N PHE F 363 5.97 -15.72 26.48
CA PHE F 363 4.69 -16.20 25.93
C PHE F 363 4.93 -17.09 24.71
N ASP F 364 5.58 -18.24 24.99
CA ASP F 364 6.14 -19.07 23.94
C ASP F 364 5.81 -20.55 24.03
N ARG F 365 5.20 -21.02 25.11
CA ARG F 365 4.86 -22.44 25.22
C ARG F 365 3.70 -22.76 24.28
N GLU F 366 3.96 -23.61 23.30
CA GLU F 366 3.07 -23.78 22.16
C GLU F 366 2.61 -25.23 22.08
N VAL F 367 1.36 -25.47 22.45
CA VAL F 367 0.71 -26.75 22.17
C VAL F 367 -0.47 -26.46 21.26
N ASP F 368 -1.18 -27.50 20.84
CA ASP F 368 -2.28 -27.32 19.90
C ASP F 368 -3.47 -28.14 20.36
N ILE F 369 -4.55 -28.08 19.57
CA ILE F 369 -5.76 -28.86 19.80
C ILE F 369 -6.10 -29.72 18.59
N GLY F 370 -6.23 -29.10 17.42
CA GLY F 370 -6.60 -29.83 16.23
C GLY F 370 -8.08 -30.21 16.25
N ILE F 371 -8.39 -31.26 15.50
CA ILE F 371 -9.75 -31.77 15.42
C ILE F 371 -9.80 -33.15 16.05
N PRO F 372 -10.89 -33.51 16.72
CA PRO F 372 -10.98 -34.86 17.30
C PRO F 372 -11.18 -35.93 16.24
N ASP F 373 -10.81 -37.15 16.61
CA ASP F 373 -10.94 -38.30 15.73
C ASP F 373 -12.33 -38.92 15.90
N ALA F 374 -12.50 -40.14 15.39
CA ALA F 374 -13.77 -40.85 15.53
C ALA F 374 -14.05 -41.19 16.98
N THR F 375 -13.03 -41.58 17.74
CA THR F 375 -13.21 -41.83 19.17
C THR F 375 -13.47 -40.54 19.93
N GLY F 376 -12.82 -39.45 19.50
CA GLY F 376 -13.07 -38.16 20.11
C GLY F 376 -14.48 -37.65 19.84
N ARG F 377 -14.95 -37.82 18.60
CA ARG F 377 -16.33 -37.47 18.26
C ARG F 377 -17.33 -38.35 19.00
N LEU F 378 -16.96 -39.62 19.20
CA LEU F 378 -17.77 -40.54 19.99
C LEU F 378 -17.92 -40.07 21.43
N GLU F 379 -16.79 -39.71 22.06
CA GLU F 379 -16.81 -39.23 23.44
C GLU F 379 -17.55 -37.90 23.57
N ILE F 380 -17.44 -37.05 22.54
CA ILE F 380 -18.24 -35.83 22.48
C ILE F 380 -19.72 -36.16 22.43
N LEU F 381 -20.09 -37.21 21.70
CA LEU F 381 -21.48 -37.63 21.61
C LEU F 381 -22.00 -38.17 22.94
N GLN F 382 -21.20 -38.97 23.68
CA GLN F 382 -21.70 -39.40 24.99
C GLN F 382 -21.73 -38.25 25.99
N ILE F 383 -20.82 -37.28 25.88
CA ILE F 383 -20.85 -36.11 26.75
C ILE F 383 -22.12 -35.30 26.51
N HIS F 384 -22.47 -35.08 25.25
CA HIS F 384 -23.64 -34.28 24.95
C HIS F 384 -24.95 -35.06 25.03
N THR F 385 -24.89 -36.40 25.14
CA THR F 385 -26.11 -37.17 25.30
C THR F 385 -26.28 -37.77 26.69
N LYS F 386 -25.32 -37.56 27.60
CA LYS F 386 -25.50 -38.07 28.96
C LYS F 386 -26.51 -37.27 29.77
N ASN F 387 -26.83 -36.05 29.35
CA ASN F 387 -27.85 -35.27 30.06
C ASN F 387 -29.24 -35.51 29.49
N MET F 388 -29.35 -35.55 28.16
CA MET F 388 -30.63 -35.78 27.53
C MET F 388 -30.95 -37.28 27.51
N LYS F 389 -32.19 -37.59 27.15
CA LYS F 389 -32.67 -38.96 27.05
C LYS F 389 -32.78 -39.34 25.58
N LEU F 390 -31.87 -40.19 25.11
CA LEU F 390 -32.01 -40.76 23.78
C LEU F 390 -33.04 -41.88 23.81
N ALA F 391 -33.43 -42.33 22.62
CA ALA F 391 -34.39 -43.41 22.48
C ALA F 391 -33.74 -44.79 22.41
N ASP F 392 -32.48 -44.90 22.87
CA ASP F 392 -31.61 -46.07 23.02
C ASP F 392 -31.69 -47.12 21.91
N ASP F 393 -31.85 -46.66 20.67
CA ASP F 393 -31.86 -47.54 19.51
C ASP F 393 -30.80 -47.17 18.48
N VAL F 394 -30.22 -45.97 18.58
CA VAL F 394 -29.17 -45.56 17.67
C VAL F 394 -27.86 -46.22 18.07
N ASP F 395 -27.00 -46.42 17.07
CA ASP F 395 -25.69 -47.00 17.35
C ASP F 395 -24.73 -46.00 17.99
N LEU F 396 -24.80 -44.73 17.55
CA LEU F 396 -24.03 -43.59 18.03
C LEU F 396 -22.52 -43.74 17.87
N GLU F 397 -22.05 -44.70 17.09
CA GLU F 397 -20.64 -44.95 16.85
C GLU F 397 -20.27 -44.83 15.38
N GLN F 398 -21.07 -45.39 14.48
CA GLN F 398 -20.85 -45.19 13.05
C GLN F 398 -21.16 -43.76 12.64
N VAL F 399 -22.04 -43.09 13.39
CA VAL F 399 -22.31 -41.67 13.16
C VAL F 399 -21.05 -40.84 13.44
N ALA F 400 -20.37 -41.14 14.55
CA ALA F 400 -19.14 -40.44 14.87
C ALA F 400 -17.97 -40.90 14.01
N ASN F 401 -18.06 -42.10 13.42
CA ASN F 401 -17.03 -42.56 12.50
C ASN F 401 -17.03 -41.73 11.22
N GLU F 402 -18.22 -41.35 10.76
CA GLU F 402 -18.37 -40.37 9.69
C GLU F 402 -18.48 -38.99 10.32
N THR F 403 -18.98 -38.00 9.56
CA THR F 403 -18.86 -36.55 9.82
C THR F 403 -17.39 -36.16 9.95
N HIS F 404 -16.65 -36.42 8.87
CA HIS F 404 -15.27 -35.99 8.78
C HIS F 404 -15.21 -34.47 8.65
N GLY F 405 -14.22 -33.87 9.32
CA GLY F 405 -14.11 -32.43 9.33
C GLY F 405 -15.22 -31.73 10.09
N HIS F 406 -15.55 -32.22 11.28
CA HIS F 406 -16.65 -31.67 12.07
C HIS F 406 -16.15 -31.28 13.45
N VAL F 407 -16.42 -30.03 13.83
CA VAL F 407 -16.16 -29.56 15.19
C VAL F 407 -17.22 -30.16 16.12
N GLY F 408 -16.82 -30.44 17.36
CA GLY F 408 -17.76 -30.94 18.36
C GLY F 408 -18.87 -29.96 18.72
N ALA F 409 -18.66 -28.67 18.47
CA ALA F 409 -19.76 -27.71 18.56
C ALA F 409 -20.83 -28.01 17.51
N ASP F 410 -20.41 -28.40 16.31
CA ASP F 410 -21.37 -28.86 15.32
C ASP F 410 -22.00 -30.19 15.70
N LEU F 411 -21.31 -31.02 16.50
CA LEU F 411 -21.96 -32.23 17.01
C LEU F 411 -23.02 -31.88 18.04
N ALA F 412 -22.77 -30.85 18.86
CA ALA F 412 -23.79 -30.36 19.78
C ALA F 412 -24.97 -29.76 19.04
N ALA F 413 -24.69 -29.06 17.94
CA ALA F 413 -25.77 -28.56 17.07
C ALA F 413 -26.52 -29.69 16.39
N LEU F 414 -25.83 -30.77 16.06
CA LEU F 414 -26.48 -31.96 15.51
C LEU F 414 -27.41 -32.61 16.51
N CYS F 415 -26.98 -32.69 17.77
CA CYS F 415 -27.84 -33.22 18.83
C CYS F 415 -29.04 -32.30 19.09
N SER F 416 -28.81 -30.99 19.01
CA SER F 416 -29.89 -30.02 19.15
C SER F 416 -30.89 -30.13 18.01
N GLU F 417 -30.41 -30.37 16.79
CA GLU F 417 -31.30 -30.58 15.66
C GLU F 417 -32.03 -31.91 15.75
N ALA F 418 -31.40 -32.91 16.35
CA ALA F 418 -32.08 -34.18 16.61
C ALA F 418 -33.22 -34.03 17.60
N ALA F 419 -32.98 -33.25 18.67
CA ALA F 419 -34.06 -32.95 19.62
C ALA F 419 -35.13 -32.06 18.99
N LEU F 420 -34.74 -31.17 18.09
CA LEU F 420 -35.71 -30.35 17.35
C LEU F 420 -36.58 -31.21 16.44
N GLN F 421 -35.99 -32.22 15.81
CA GLN F 421 -36.78 -33.18 15.03
C GLN F 421 -37.66 -34.04 15.92
N ALA F 422 -37.21 -34.33 17.14
CA ALA F 422 -38.05 -35.05 18.09
C ALA F 422 -39.27 -34.24 18.48
N ILE F 423 -39.10 -32.91 18.58
CA ILE F 423 -40.26 -32.03 18.72
C ILE F 423 -41.09 -32.04 17.42
N ARG F 424 -40.42 -32.01 16.27
CA ARG F 424 -41.08 -31.73 15.00
C ARG F 424 -41.93 -32.89 14.51
N LYS F 425 -41.52 -34.13 14.80
CA LYS F 425 -42.32 -35.27 14.38
C LYS F 425 -43.61 -35.38 15.19
N LYS F 426 -43.60 -34.87 16.41
CA LYS F 426 -44.84 -34.64 17.13
C LYS F 426 -45.59 -33.47 16.51
N MET F 427 -46.91 -33.61 16.37
CA MET F 427 -47.72 -32.54 15.81
C MET F 427 -47.93 -31.43 16.84
N ASP F 428 -48.68 -30.40 16.44
CA ASP F 428 -48.92 -29.24 17.30
C ASP F 428 -49.87 -29.61 18.43
N LEU F 429 -49.31 -30.01 19.57
CA LEU F 429 -50.09 -30.48 20.71
C LEU F 429 -50.38 -29.31 21.64
N ILE F 430 -50.81 -29.61 22.87
CA ILE F 430 -51.29 -28.59 23.81
C ILE F 430 -50.20 -28.24 24.81
N ASP F 431 -48.94 -28.46 24.42
CA ASP F 431 -47.73 -28.12 25.18
C ASP F 431 -47.69 -28.82 26.53
N LEU F 432 -47.71 -30.16 26.49
CA LEU F 432 -47.63 -31.00 27.68
C LEU F 432 -46.56 -32.05 27.42
N ALA F 439 -46.01 -32.60 28.51
CA ALA F 439 -44.91 -33.56 28.41
C ALA F 439 -45.46 -34.93 28.02
N GLU F 440 -45.77 -35.08 26.73
CA GLU F 440 -46.02 -36.38 26.14
C GLU F 440 -44.80 -36.89 25.39
N VAL F 441 -44.15 -35.99 24.66
CA VAL F 441 -42.89 -36.26 24.00
C VAL F 441 -41.73 -35.64 24.77
N MET F 442 -41.98 -34.58 25.55
CA MET F 442 -40.94 -33.88 26.31
C MET F 442 -40.33 -34.77 27.40
N ASN F 443 -41.13 -35.62 28.04
CA ASN F 443 -40.61 -36.51 29.07
C ASN F 443 -39.80 -37.67 28.51
N SER F 444 -40.07 -38.09 27.26
CA SER F 444 -39.38 -39.22 26.63
C SER F 444 -38.99 -38.79 25.22
N LEU F 445 -37.81 -38.22 25.08
CA LEU F 445 -37.34 -37.70 23.79
C LEU F 445 -36.93 -38.87 22.90
N ALA F 446 -37.62 -39.02 21.78
CA ALA F 446 -37.39 -40.13 20.85
C ALA F 446 -36.56 -39.64 19.68
N VAL F 447 -35.39 -40.24 19.50
CA VAL F 447 -34.48 -39.91 18.40
C VAL F 447 -34.14 -41.19 17.65
N THR F 448 -34.10 -41.10 16.32
CA THR F 448 -33.78 -42.23 15.47
C THR F 448 -32.49 -41.92 14.69
N MET F 449 -31.94 -42.98 14.09
CA MET F 449 -30.73 -42.82 13.27
C MET F 449 -31.03 -42.08 11.98
N ASP F 450 -32.23 -42.27 11.43
CA ASP F 450 -32.65 -41.49 10.27
C ASP F 450 -32.84 -40.02 10.62
N ASP F 451 -33.29 -39.74 11.85
CA ASP F 451 -33.36 -38.36 12.32
C ASP F 451 -31.97 -37.74 12.42
N PHE F 452 -30.99 -38.53 12.89
CA PHE F 452 -29.60 -38.05 12.96
C PHE F 452 -29.04 -37.81 11.57
N ARG F 453 -29.35 -38.69 10.62
CA ARG F 453 -28.86 -38.53 9.25
C ARG F 453 -29.52 -37.34 8.56
N TRP F 454 -30.80 -37.10 8.82
CA TRP F 454 -31.46 -35.98 8.17
C TRP F 454 -31.06 -34.66 8.82
N ALA F 455 -30.77 -34.66 10.12
CA ALA F 455 -30.19 -33.48 10.75
C ALA F 455 -28.78 -33.22 10.25
N LEU F 456 -28.03 -34.28 9.95
CA LEU F 456 -26.74 -34.13 9.29
C LEU F 456 -26.89 -33.57 7.88
N SER F 457 -27.95 -33.99 7.18
CA SER F 457 -28.23 -33.46 5.85
C SER F 457 -28.58 -31.98 5.89
N GLN F 458 -29.35 -31.56 6.90
CA GLN F 458 -29.58 -30.13 7.12
C GLN F 458 -28.54 -29.59 8.11
N SER F 459 -27.29 -29.68 7.69
CA SER F 459 -26.16 -29.15 8.44
C SER F 459 -25.03 -28.86 7.46
N ASN F 460 -23.94 -28.32 7.97
CA ASN F 460 -22.77 -28.05 7.14
C ASN F 460 -21.50 -28.08 7.99
N PRO F 461 -20.41 -28.64 7.49
CA PRO F 461 -19.15 -28.62 8.25
C PRO F 461 -18.41 -27.30 8.06
N SER F 462 -17.73 -26.90 9.13
CA SER F 462 -16.86 -25.74 9.10
C SER F 462 -15.38 -26.08 9.25
N ALA F 463 -15.05 -27.29 9.69
CA ALA F 463 -13.68 -27.75 9.75
C ALA F 463 -13.25 -28.45 8.47
N LEU F 464 -13.97 -28.23 7.37
CA LEU F 464 -13.61 -28.79 6.09
C LEU F 464 -12.36 -28.11 5.52
N ARG F 465 -11.77 -28.75 4.50
CA ARG F 465 -10.55 -28.36 3.78
C ARG F 465 -9.39 -28.01 4.72
N GLU F 466 -9.27 -28.77 5.79
CA GLU F 466 -8.18 -28.65 6.75
C GLU F 466 -7.41 -29.96 6.81
N THR F 467 -6.13 -29.86 7.15
CA THR F 467 -5.26 -31.02 7.21
C THR F 467 -5.55 -31.80 8.49
N VAL F 468 -6.03 -33.03 8.32
CA VAL F 468 -6.28 -33.88 9.48
C VAL F 468 -4.96 -34.40 10.04
N VAL F 469 -4.81 -34.32 11.36
CA VAL F 469 -3.61 -34.78 12.04
C VAL F 469 -3.80 -36.10 12.74
N GLU F 470 -4.99 -36.69 12.67
CA GLU F 470 -5.28 -37.93 13.36
C GLU F 470 -4.83 -39.13 12.52
N VAL F 471 -4.55 -40.23 13.21
CA VAL F 471 -4.13 -41.45 12.52
C VAL F 471 -5.37 -42.21 12.05
N PRO F 472 -5.42 -42.61 10.78
CA PRO F 472 -6.47 -43.51 10.31
C PRO F 472 -6.02 -44.96 10.44
N GLN F 473 -6.98 -45.86 10.27
CA GLN F 473 -6.72 -47.28 10.46
C GLN F 473 -7.24 -48.07 9.27
N VAL F 474 -6.38 -48.95 8.74
CA VAL F 474 -6.77 -49.98 7.79
C VAL F 474 -6.32 -51.36 8.23
N THR F 475 -5.50 -51.45 9.29
CA THR F 475 -5.10 -52.67 10.02
C THR F 475 -4.33 -53.68 9.16
N TRP F 476 -3.73 -53.23 8.04
CA TRP F 476 -2.59 -53.86 7.36
C TRP F 476 -2.91 -55.18 6.65
N GLU F 477 -4.08 -55.77 6.88
CA GLU F 477 -4.41 -57.03 6.25
C GLU F 477 -4.89 -56.85 4.83
N ASP F 478 -5.33 -55.65 4.47
CA ASP F 478 -5.95 -55.42 3.17
C ASP F 478 -4.94 -55.40 2.03
N ILE F 479 -3.65 -55.22 2.33
CA ILE F 479 -2.62 -55.21 1.31
C ILE F 479 -1.87 -56.53 1.35
N GLY F 480 -1.96 -57.29 0.26
CA GLY F 480 -1.27 -58.56 0.17
C GLY F 480 -0.22 -58.56 -0.92
N GLY F 481 0.73 -59.47 -0.83
CA GLY F 481 1.86 -59.46 -1.74
C GLY F 481 2.86 -58.38 -1.36
N LEU F 482 3.86 -58.21 -2.24
CA LEU F 482 4.93 -57.21 -2.13
C LEU F 482 5.68 -57.33 -0.80
N GLU F 483 6.03 -58.57 -0.46
CA GLU F 483 6.57 -58.89 0.88
C GLU F 483 7.93 -58.25 1.10
N ASP F 484 8.73 -58.14 0.05
CA ASP F 484 10.00 -57.41 0.14
C ASP F 484 9.76 -55.93 0.40
N VAL F 485 8.74 -55.36 -0.26
CA VAL F 485 8.39 -53.95 -0.04
C VAL F 485 7.91 -53.76 1.39
N LYS F 486 7.19 -54.75 1.93
CA LYS F 486 6.86 -54.74 3.36
C LYS F 486 8.11 -54.86 4.23
N ARG F 487 9.14 -55.56 3.75
CA ARG F 487 10.35 -55.73 4.55
C ARG F 487 11.13 -54.43 4.67
N GLU F 488 11.36 -53.71 3.58
CA GLU F 488 11.97 -52.38 3.78
C GLU F 488 11.00 -51.34 4.34
N LEU F 489 9.68 -51.52 4.24
CA LEU F 489 8.81 -50.60 4.94
C LEU F 489 8.82 -50.81 6.44
N GLN F 490 8.98 -52.06 6.90
CA GLN F 490 9.23 -52.31 8.31
C GLN F 490 10.65 -51.93 8.71
N GLU F 491 11.58 -51.92 7.75
CA GLU F 491 12.93 -51.42 8.03
C GLU F 491 12.92 -49.91 8.24
N LEU F 492 12.06 -49.18 7.53
CA LEU F 492 12.18 -47.73 7.47
C LEU F 492 11.70 -47.06 8.76
N VAL F 493 10.43 -47.23 9.12
CA VAL F 493 9.80 -46.37 10.11
C VAL F 493 9.38 -47.12 11.38
N GLN F 494 9.54 -48.45 11.44
CA GLN F 494 9.04 -49.20 12.59
C GLN F 494 9.92 -48.97 13.83
N TYR F 495 11.23 -48.92 13.65
CA TYR F 495 12.10 -48.84 14.81
C TYR F 495 13.13 -47.70 14.90
N PRO F 496 12.82 -46.40 14.60
CA PRO F 496 13.75 -45.36 15.06
C PRO F 496 13.52 -45.03 16.53
N VAL F 497 12.26 -45.09 16.95
CA VAL F 497 11.93 -44.88 18.35
C VAL F 497 11.67 -46.20 19.08
N GLU F 498 11.34 -47.27 18.34
CA GLU F 498 11.18 -48.57 18.96
C GLU F 498 12.53 -49.21 19.29
N HIS F 499 13.54 -48.98 18.43
CA HIS F 499 14.90 -49.41 18.69
C HIS F 499 15.85 -48.23 18.47
N PRO F 500 15.91 -47.27 19.42
CA PRO F 500 16.82 -46.14 19.24
C PRO F 500 18.28 -46.50 19.49
N ASP F 501 18.53 -47.26 20.56
CA ASP F 501 19.89 -47.64 20.91
C ASP F 501 20.42 -48.74 19.99
N LYS F 502 19.54 -49.64 19.52
CA LYS F 502 19.97 -50.67 18.60
C LYS F 502 20.28 -50.10 17.23
N PHE F 503 19.57 -49.05 16.81
CA PHE F 503 19.93 -48.35 15.59
C PHE F 503 21.20 -47.53 15.74
N LEU F 504 21.55 -47.15 16.97
CA LEU F 504 22.75 -46.38 17.25
C LEU F 504 23.98 -47.26 17.47
N LYS F 505 23.85 -48.58 17.24
CA LYS F 505 25.00 -49.48 17.28
C LYS F 505 26.03 -49.16 16.21
N PHE F 506 25.58 -48.81 15.00
CA PHE F 506 26.46 -48.32 13.95
C PHE F 506 26.70 -46.82 14.01
N GLY F 507 25.69 -46.04 14.40
CA GLY F 507 25.81 -44.62 14.56
C GLY F 507 25.24 -43.79 13.43
N MET F 508 24.87 -44.40 12.31
CA MET F 508 24.36 -43.63 11.18
C MET F 508 22.92 -43.19 11.42
N THR F 509 22.54 -42.14 10.69
CA THR F 509 21.21 -41.57 10.79
C THR F 509 20.19 -42.48 10.09
N PRO F 510 18.92 -42.41 10.49
CA PRO F 510 17.87 -43.06 9.70
C PRO F 510 17.68 -42.39 8.35
N SER F 511 17.10 -43.16 7.42
CA SER F 511 16.82 -42.65 6.08
C SER F 511 15.75 -41.58 6.14
N LYS F 512 16.08 -40.39 5.61
CA LYS F 512 15.18 -39.25 5.72
C LYS F 512 13.97 -39.40 4.80
N GLY F 513 14.18 -39.80 3.56
CA GLY F 513 13.12 -39.79 2.57
C GLY F 513 13.09 -41.06 1.73
N VAL F 514 11.88 -41.45 1.35
CA VAL F 514 11.65 -42.57 0.45
C VAL F 514 10.72 -42.09 -0.67
N LEU F 515 11.01 -42.52 -1.90
CA LEU F 515 10.23 -42.12 -3.05
C LEU F 515 9.55 -43.34 -3.65
N PHE F 516 8.25 -43.22 -3.91
CA PHE F 516 7.44 -44.32 -4.40
C PHE F 516 7.08 -44.09 -5.86
N TYR F 517 7.28 -45.12 -6.68
CA TYR F 517 7.01 -45.02 -8.11
C TYR F 517 6.52 -46.36 -8.64
N GLY F 518 5.67 -46.28 -9.66
CA GLY F 518 5.09 -47.46 -10.26
C GLY F 518 3.90 -47.11 -11.14
N PRO F 519 3.06 -48.11 -11.45
CA PRO F 519 1.88 -47.83 -12.25
C PRO F 519 0.83 -47.08 -11.45
N PRO F 520 -0.02 -46.29 -12.10
CA PRO F 520 -1.17 -45.68 -11.41
C PRO F 520 -2.27 -46.69 -11.13
N GLY F 521 -2.06 -47.51 -10.10
CA GLY F 521 -3.03 -48.51 -9.72
C GLY F 521 -2.89 -48.97 -8.28
N CYS F 522 -4.01 -48.95 -7.55
CA CYS F 522 -4.09 -49.20 -6.09
C CYS F 522 -3.13 -48.30 -5.33
N GLY F 523 -3.11 -47.03 -5.71
CA GLY F 523 -2.08 -46.15 -5.21
C GLY F 523 -2.57 -44.84 -4.63
N LYS F 524 -3.78 -44.82 -4.11
CA LYS F 524 -4.31 -43.58 -3.55
C LYS F 524 -3.69 -43.29 -2.19
N THR F 525 -3.98 -44.13 -1.19
CA THR F 525 -3.62 -43.85 0.20
C THR F 525 -3.36 -45.16 0.93
N LEU F 526 -3.36 -45.08 2.26
CA LEU F 526 -3.52 -46.11 3.30
C LEU F 526 -2.34 -47.04 3.51
N LEU F 527 -1.35 -47.06 2.62
CA LEU F 527 -0.17 -47.88 2.90
C LEU F 527 0.73 -47.22 3.93
N ALA F 528 1.00 -45.93 3.73
CA ALA F 528 1.74 -45.16 4.71
C ALA F 528 0.93 -44.96 5.99
N LYS F 529 -0.40 -44.91 5.87
CA LYS F 529 -1.26 -44.86 7.04
C LYS F 529 -1.16 -46.15 7.86
N ALA F 530 -1.09 -47.30 7.19
CA ALA F 530 -0.90 -48.57 7.89
C ALA F 530 0.47 -48.64 8.55
N ILE F 531 1.52 -48.24 7.82
CA ILE F 531 2.88 -48.34 8.34
C ILE F 531 3.13 -47.30 9.43
N ALA F 532 2.31 -46.24 9.52
CA ALA F 532 2.29 -45.43 10.72
C ALA F 532 1.41 -46.03 11.80
N ASN F 533 0.43 -46.85 11.42
CA ASN F 533 -0.47 -47.42 12.40
C ASN F 533 0.15 -48.54 13.22
N GLU F 534 1.17 -49.25 12.71
CA GLU F 534 1.88 -50.12 13.64
C GLU F 534 2.73 -49.34 14.63
N CYS F 535 3.19 -48.15 14.24
CA CYS F 535 4.02 -47.33 15.11
C CYS F 535 3.22 -46.43 16.03
N GLN F 536 1.88 -46.45 15.92
CA GLN F 536 0.95 -45.57 16.65
C GLN F 536 1.29 -44.11 16.42
N ALA F 537 1.62 -43.77 15.18
CA ALA F 537 2.08 -42.44 14.80
C ALA F 537 0.99 -41.70 14.05
N ASN F 538 1.03 -40.38 14.11
CA ASN F 538 0.05 -39.56 13.43
C ASN F 538 0.27 -39.59 11.92
N PHE F 539 -0.75 -39.13 11.19
CA PHE F 539 -0.67 -39.06 9.75
C PHE F 539 -1.16 -37.71 9.25
N ILE F 540 -0.36 -37.08 8.40
CA ILE F 540 -0.77 -35.89 7.65
C ILE F 540 -0.41 -36.11 6.19
N SER F 541 -1.42 -36.06 5.33
CA SER F 541 -1.23 -36.22 3.89
C SER F 541 -1.30 -34.86 3.22
N ILE F 542 -0.45 -34.68 2.21
CA ILE F 542 -0.45 -33.46 1.41
C ILE F 542 -1.03 -33.80 0.05
N LYS F 543 -2.11 -33.12 -0.33
CA LYS F 543 -2.79 -33.41 -1.57
C LYS F 543 -2.02 -32.85 -2.76
N GLY F 544 -2.21 -33.49 -3.91
CA GLY F 544 -1.60 -33.08 -5.16
C GLY F 544 -2.07 -31.73 -5.66
N PRO F 545 -3.37 -31.59 -5.96
CA PRO F 545 -3.88 -30.27 -6.35
C PRO F 545 -3.82 -29.19 -5.27
N GLU F 546 -3.63 -29.55 -4.01
CA GLU F 546 -3.32 -28.56 -2.99
C GLU F 546 -1.99 -27.87 -3.27
N LEU F 547 -0.98 -28.67 -3.65
CA LEU F 547 0.32 -28.12 -4.03
C LEU F 547 0.22 -27.28 -5.30
N LEU F 548 -0.60 -27.71 -6.25
CA LEU F 548 -0.78 -26.95 -7.48
C LEU F 548 -1.53 -25.65 -7.22
N THR F 549 -2.48 -25.67 -6.28
CA THR F 549 -3.19 -24.45 -5.90
C THR F 549 -2.27 -23.47 -5.20
N MET F 550 -1.40 -23.97 -4.33
CA MET F 550 -0.45 -23.09 -3.67
C MET F 550 0.64 -22.61 -4.62
N TRP F 551 0.94 -23.38 -5.67
CA TRP F 551 1.89 -22.91 -6.67
C TRP F 551 1.27 -21.85 -7.58
N PHE F 552 0.02 -22.06 -8.01
CA PHE F 552 -0.62 -21.13 -8.92
C PHE F 552 -1.07 -19.85 -8.23
N GLY F 553 -1.39 -19.93 -6.94
CA GLY F 553 -1.84 -18.75 -6.21
C GLY F 553 -0.74 -17.88 -5.65
N GLU F 554 0.52 -18.18 -5.96
CA GLU F 554 1.72 -17.48 -5.48
C GLU F 554 1.79 -17.45 -3.95
N SER F 555 1.35 -18.52 -3.32
CA SER F 555 1.30 -18.63 -1.86
C SER F 555 2.33 -19.68 -1.44
N GLU F 556 3.56 -19.23 -1.23
CA GLU F 556 4.66 -20.10 -0.84
C GLU F 556 5.06 -19.91 0.63
N ALA F 557 4.16 -19.35 1.44
CA ALA F 557 4.42 -19.17 2.86
C ALA F 557 3.66 -20.15 3.73
N ASN F 558 2.52 -20.67 3.26
CA ASN F 558 1.76 -21.65 4.02
C ASN F 558 2.39 -23.03 4.01
N VAL F 559 3.35 -23.28 3.11
CA VAL F 559 4.09 -24.53 3.12
C VAL F 559 4.96 -24.61 4.38
N ARG F 560 5.46 -23.47 4.86
CA ARG F 560 6.13 -23.42 6.16
C ARG F 560 5.18 -23.77 7.29
N GLU F 561 3.93 -23.29 7.21
CA GLU F 561 2.93 -23.55 8.23
C GLU F 561 2.57 -25.03 8.30
N ILE F 562 2.32 -25.65 7.14
CA ILE F 562 1.93 -27.06 7.16
C ILE F 562 3.12 -27.95 7.49
N PHE F 563 4.35 -27.57 7.10
CA PHE F 563 5.51 -28.36 7.45
C PHE F 563 5.83 -28.26 8.93
N ASP F 564 5.67 -27.07 9.52
CA ASP F 564 5.87 -26.92 10.96
C ASP F 564 4.77 -27.59 11.76
N LYS F 565 3.54 -27.61 11.24
CA LYS F 565 2.46 -28.35 11.89
C LYS F 565 2.72 -29.85 11.84
N ALA F 566 3.25 -30.33 10.71
CA ALA F 566 3.62 -31.74 10.60
C ALA F 566 4.77 -32.10 11.52
N ARG F 567 5.72 -31.17 11.71
CA ARG F 567 6.81 -31.43 12.64
C ARG F 567 6.32 -31.39 14.08
N GLN F 568 5.36 -30.51 14.37
CA GLN F 568 4.80 -30.42 15.72
C GLN F 568 3.85 -31.57 16.02
N ALA F 569 3.39 -32.29 14.99
CA ALA F 569 2.54 -33.46 15.17
C ALA F 569 3.34 -34.75 15.21
N ALA F 570 4.56 -34.70 15.75
CA ALA F 570 5.47 -35.84 15.80
C ALA F 570 4.88 -36.97 16.65
N PRO F 571 5.15 -38.25 16.30
CA PRO F 571 6.06 -38.85 15.30
C PRO F 571 5.47 -39.10 13.91
N CYS F 572 4.81 -38.11 13.31
CA CYS F 572 4.08 -38.31 12.07
C CYS F 572 5.00 -38.59 10.88
N VAL F 573 4.40 -39.20 9.85
CA VAL F 573 5.06 -39.52 8.60
C VAL F 573 4.30 -38.82 7.47
N LEU F 574 5.01 -38.02 6.70
CA LEU F 574 4.38 -37.24 5.64
C LEU F 574 4.06 -38.10 4.44
N PHE F 575 3.18 -37.57 3.58
CA PHE F 575 2.82 -38.24 2.34
C PHE F 575 2.56 -37.19 1.27
N PHE F 576 3.38 -37.21 0.21
CA PHE F 576 3.24 -36.30 -0.91
C PHE F 576 2.72 -37.07 -2.11
N ASP F 577 1.70 -36.53 -2.75
CA ASP F 577 1.02 -37.20 -3.87
C ASP F 577 1.18 -36.37 -5.14
N GLU F 578 1.54 -37.06 -6.22
CA GLU F 578 1.56 -36.54 -7.59
C GLU F 578 2.50 -35.33 -7.75
N LEU F 579 3.78 -35.57 -7.46
CA LEU F 579 4.79 -34.54 -7.68
C LEU F 579 5.10 -34.36 -9.17
N ASP F 580 4.79 -35.37 -9.99
CA ASP F 580 4.99 -35.26 -11.42
C ASP F 580 3.98 -34.33 -12.08
N SER F 581 2.84 -34.06 -11.41
CA SER F 581 1.87 -33.10 -11.92
C SER F 581 2.45 -31.69 -11.95
N ILE F 582 3.27 -31.34 -10.96
CA ILE F 582 4.04 -30.10 -11.03
C ILE F 582 5.05 -30.19 -12.17
N ALA F 583 5.67 -31.36 -12.33
CA ALA F 583 6.60 -31.57 -13.45
C ALA F 583 5.87 -31.60 -14.79
N LYS F 584 4.62 -32.07 -14.81
CA LYS F 584 3.82 -31.99 -16.03
C LYS F 584 3.45 -30.55 -16.36
N ALA F 585 3.23 -29.72 -15.33
CA ALA F 585 3.00 -28.30 -15.55
C ALA F 585 4.26 -27.60 -16.05
N ARG F 586 5.43 -27.99 -15.54
CA ARG F 586 6.69 -27.48 -16.08
C ARG F 586 7.00 -28.03 -17.47
N GLY F 587 6.39 -29.16 -17.86
CA GLY F 587 6.63 -29.71 -19.18
C GLY F 587 6.03 -28.89 -20.31
N GLY F 588 4.99 -28.10 -20.03
CA GLY F 588 4.39 -27.25 -21.03
C GLY F 588 3.53 -27.98 -22.03
N ALA F 596 13.16 -27.83 -14.31
CA ALA F 596 12.67 -28.97 -13.54
C ALA F 596 12.35 -28.56 -12.11
N ALA F 597 12.87 -27.41 -11.71
CA ALA F 597 12.66 -26.87 -10.38
C ALA F 597 11.86 -25.58 -10.46
N ASP F 598 11.02 -25.34 -9.46
CA ASP F 598 10.19 -24.14 -9.44
C ASP F 598 9.99 -23.77 -7.97
N ARG F 599 8.94 -22.97 -7.68
CA ARG F 599 8.77 -22.36 -6.35
C ARG F 599 8.50 -23.39 -5.28
N VAL F 600 7.54 -24.29 -5.51
CA VAL F 600 7.15 -25.26 -4.50
C VAL F 600 8.22 -26.32 -4.29
N ILE F 601 9.08 -26.56 -5.29
CA ILE F 601 10.21 -27.46 -5.10
C ILE F 601 11.24 -26.83 -4.19
N ASN F 602 11.39 -25.50 -4.25
CA ASN F 602 12.44 -24.80 -3.50
C ASN F 602 12.20 -24.84 -2.00
N GLN F 603 10.97 -24.54 -1.57
CA GLN F 603 10.68 -24.57 -0.14
C GLN F 603 10.64 -25.99 0.39
N ILE F 604 10.23 -26.95 -0.44
CA ILE F 604 10.23 -28.35 -0.02
C ILE F 604 11.67 -28.83 0.21
N LEU F 605 12.57 -28.49 -0.71
CA LEU F 605 13.98 -28.83 -0.55
C LEU F 605 14.61 -28.09 0.63
N THR F 606 14.23 -26.82 0.84
CA THR F 606 14.83 -26.01 1.89
C THR F 606 14.41 -26.51 3.27
N GLU F 607 13.11 -26.72 3.48
CA GLU F 607 12.65 -27.18 4.79
C GLU F 607 12.82 -28.68 4.99
N MET F 608 13.07 -29.44 3.92
CA MET F 608 13.42 -30.84 4.11
C MET F 608 14.89 -31.00 4.45
N ASP F 609 15.76 -30.21 3.80
CA ASP F 609 17.17 -30.20 4.21
C ASP F 609 17.36 -29.47 5.52
N GLY F 610 16.60 -28.41 5.76
CA GLY F 610 16.60 -27.73 7.05
C GLY F 610 15.68 -28.43 8.03
N MET F 611 16.05 -29.64 8.41
CA MET F 611 15.23 -30.47 9.27
C MET F 611 16.14 -31.47 9.97
N SER F 612 15.91 -31.66 11.26
CA SER F 612 16.71 -32.58 12.05
C SER F 612 16.45 -34.03 11.64
N THR F 613 17.45 -34.87 11.87
CA THR F 613 17.30 -36.31 11.67
C THR F 613 16.48 -36.96 12.77
N LYS F 614 16.19 -36.24 13.86
CA LYS F 614 15.26 -36.65 14.88
C LYS F 614 13.83 -36.29 14.49
N LYS F 615 12.92 -36.29 15.47
CA LYS F 615 11.49 -35.97 15.44
C LYS F 615 10.66 -37.07 14.78
N ASN F 616 11.31 -38.14 14.29
CA ASN F 616 10.67 -39.32 13.68
C ASN F 616 9.78 -38.94 12.50
N VAL F 617 10.25 -38.00 11.69
CA VAL F 617 9.49 -37.44 10.58
C VAL F 617 10.01 -38.06 9.29
N PHE F 618 9.11 -38.65 8.52
CA PHE F 618 9.47 -39.30 7.27
C PHE F 618 8.64 -38.70 6.14
N ILE F 619 9.29 -38.51 4.99
CA ILE F 619 8.65 -37.93 3.82
C ILE F 619 8.47 -39.02 2.77
N ILE F 620 7.24 -39.21 2.31
CA ILE F 620 6.91 -40.22 1.32
C ILE F 620 6.33 -39.52 0.11
N GLY F 621 6.97 -39.71 -1.04
CA GLY F 621 6.52 -39.10 -2.29
C GLY F 621 5.92 -40.13 -3.21
N ALA F 622 4.68 -39.87 -3.62
CA ALA F 622 3.96 -40.71 -4.57
C ALA F 622 3.99 -40.04 -5.93
N THR F 623 4.51 -40.76 -6.92
CA THR F 623 4.69 -40.21 -8.26
C THR F 623 4.69 -41.37 -9.24
N ASN F 624 3.77 -41.35 -10.20
CA ASN F 624 3.70 -42.44 -11.17
C ASN F 624 4.56 -42.20 -12.39
N ARG F 625 5.21 -41.04 -12.50
CA ARG F 625 6.08 -40.76 -13.63
C ARG F 625 7.48 -40.43 -13.13
N PRO F 626 8.38 -41.41 -13.01
CA PRO F 626 9.69 -41.15 -12.41
C PRO F 626 10.67 -40.44 -13.33
N ASP F 627 10.36 -40.31 -14.62
CA ASP F 627 11.30 -39.74 -15.56
C ASP F 627 11.40 -38.22 -15.45
N ILE F 628 10.30 -37.56 -15.07
CA ILE F 628 10.20 -36.10 -15.15
C ILE F 628 10.48 -35.45 -13.80
N ILE F 629 10.84 -36.24 -12.79
CA ILE F 629 11.03 -35.75 -11.42
C ILE F 629 12.27 -34.90 -11.28
N ASP F 630 12.40 -34.23 -10.13
CA ASP F 630 13.52 -33.33 -9.87
C ASP F 630 14.80 -34.13 -9.65
N PRO F 631 15.93 -33.71 -10.22
CA PRO F 631 17.18 -34.46 -10.03
C PRO F 631 17.79 -34.32 -8.65
N ALA F 632 17.51 -33.23 -7.92
CA ALA F 632 18.06 -33.09 -6.57
C ALA F 632 17.26 -33.88 -5.54
N ILE F 633 16.07 -34.36 -5.89
CA ILE F 633 15.31 -35.22 -5.01
C ILE F 633 16.00 -36.58 -4.86
N LEU F 634 16.43 -37.16 -5.99
CA LEU F 634 16.93 -38.53 -6.00
C LEU F 634 18.33 -38.69 -5.44
N ARG F 635 19.02 -37.60 -5.13
CA ARG F 635 20.34 -37.72 -4.51
C ARG F 635 20.19 -38.21 -3.07
N PRO F 636 21.06 -39.14 -2.63
CA PRO F 636 20.90 -39.71 -1.29
C PRO F 636 21.29 -38.73 -0.19
N GLY F 637 20.73 -38.97 0.99
CA GLY F 637 20.85 -38.05 2.09
C GLY F 637 19.54 -37.32 2.31
N ARG F 638 18.90 -36.93 1.21
CA ARG F 638 17.57 -36.34 1.25
C ARG F 638 16.49 -37.38 1.00
N LEU F 639 16.49 -37.98 -0.19
CA LEU F 639 15.62 -39.12 -0.52
C LEU F 639 16.47 -40.12 -1.27
N ASP F 640 16.55 -41.34 -0.75
CA ASP F 640 17.48 -42.30 -1.32
C ASP F 640 16.83 -43.61 -1.75
N GLN F 641 15.84 -44.08 -1.00
CA GLN F 641 15.25 -45.40 -1.24
C GLN F 641 14.28 -45.28 -2.40
N LEU F 642 14.75 -45.63 -3.60
CA LEU F 642 13.90 -45.68 -4.78
C LEU F 642 13.20 -47.04 -4.81
N ILE F 643 12.15 -47.16 -4.01
CA ILE F 643 11.40 -48.40 -3.89
C ILE F 643 10.42 -48.48 -5.04
N TYR F 644 10.51 -49.55 -5.83
CA TYR F 644 9.61 -49.75 -6.96
C TYR F 644 8.42 -50.60 -6.51
N ILE F 645 7.22 -50.10 -6.79
CA ILE F 645 5.99 -50.84 -6.54
C ILE F 645 5.52 -51.42 -7.87
N PRO F 646 5.46 -52.74 -8.02
CA PRO F 646 5.03 -53.34 -9.29
C PRO F 646 3.52 -53.30 -9.42
N LEU F 647 3.05 -53.78 -10.59
CA LEU F 647 1.64 -53.93 -10.84
C LEU F 647 1.08 -55.06 -9.98
N PRO F 648 -0.18 -54.95 -9.55
CA PRO F 648 -0.76 -56.00 -8.68
C PRO F 648 -0.93 -57.33 -9.40
N ASP F 649 -0.39 -58.38 -8.78
CA ASP F 649 -0.42 -59.74 -9.30
C ASP F 649 -1.63 -60.49 -8.74
N GLU F 650 -1.62 -61.82 -8.86
CA GLU F 650 -2.79 -62.63 -8.53
C GLU F 650 -3.08 -62.64 -7.03
N LYS F 651 -2.04 -62.76 -6.20
CA LYS F 651 -2.27 -62.72 -4.76
C LYS F 651 -2.67 -61.31 -4.32
N SER F 652 -2.20 -60.29 -5.03
CA SER F 652 -2.61 -58.91 -4.76
C SER F 652 -4.08 -58.70 -5.06
N ARG F 653 -4.58 -59.23 -6.17
CA ARG F 653 -6.00 -59.03 -6.46
C ARG F 653 -6.90 -59.92 -5.61
N VAL F 654 -6.41 -61.09 -5.16
CA VAL F 654 -7.13 -61.85 -4.14
C VAL F 654 -7.23 -61.06 -2.84
N ALA F 655 -6.14 -60.37 -2.47
CA ALA F 655 -6.18 -59.48 -1.31
C ALA F 655 -7.11 -58.28 -1.54
N ILE F 656 -7.22 -57.81 -2.78
CA ILE F 656 -8.10 -56.68 -3.08
C ILE F 656 -9.57 -57.11 -2.97
N LEU F 657 -9.91 -58.30 -3.48
CA LEU F 657 -11.26 -58.84 -3.27
C LEU F 657 -11.53 -59.16 -1.81
N LYS F 658 -10.51 -59.56 -1.05
CA LYS F 658 -10.70 -59.79 0.38
C LYS F 658 -10.93 -58.48 1.13
N ALA F 659 -10.28 -57.39 0.70
CA ALA F 659 -10.54 -56.09 1.27
C ALA F 659 -11.91 -55.56 0.87
N ASN F 660 -12.37 -55.91 -0.33
CA ASN F 660 -13.74 -55.62 -0.71
C ASN F 660 -14.74 -56.42 0.11
N LEU F 661 -14.36 -57.64 0.48
CA LEU F 661 -15.14 -58.41 1.46
C LEU F 661 -15.05 -57.80 2.85
N ARG F 662 -13.94 -57.13 3.15
CA ARG F 662 -13.77 -56.49 4.46
C ARG F 662 -14.61 -55.22 4.54
N LYS F 663 -15.29 -55.07 5.69
CA LYS F 663 -16.15 -53.92 6.03
C LYS F 663 -17.28 -53.71 5.02
N SER F 664 -17.81 -54.81 4.48
CA SER F 664 -18.91 -54.77 3.54
C SER F 664 -19.72 -56.06 3.72
N PRO F 665 -21.04 -55.98 3.63
CA PRO F 665 -21.86 -57.20 3.77
C PRO F 665 -21.73 -58.08 2.52
N VAL F 666 -21.55 -59.38 2.75
CA VAL F 666 -21.32 -60.34 1.68
C VAL F 666 -21.76 -61.71 2.20
N ALA F 667 -22.12 -62.60 1.27
CA ALA F 667 -22.49 -63.97 1.57
C ALA F 667 -21.73 -64.91 0.65
N LYS F 668 -21.93 -66.21 0.85
CA LYS F 668 -21.23 -67.22 0.07
C LYS F 668 -21.88 -67.38 -1.30
N ASP F 669 -21.31 -68.32 -2.07
CA ASP F 669 -21.37 -68.66 -3.52
C ASP F 669 -20.46 -67.74 -4.34
N VAL F 670 -19.80 -66.76 -3.71
CA VAL F 670 -18.84 -65.94 -4.43
C VAL F 670 -17.56 -66.73 -4.66
N ASP F 671 -16.88 -66.44 -5.76
CA ASP F 671 -15.68 -67.18 -6.12
C ASP F 671 -14.67 -66.25 -6.76
N LEU F 672 -13.41 -66.67 -6.72
CA LEU F 672 -12.31 -65.88 -7.27
C LEU F 672 -11.47 -66.64 -8.27
N GLU F 673 -11.69 -67.94 -8.46
CA GLU F 673 -10.87 -68.74 -9.37
C GLU F 673 -11.21 -68.51 -10.83
N PHE F 674 -12.31 -67.83 -11.13
CA PHE F 674 -12.53 -67.36 -12.50
C PHE F 674 -11.56 -66.25 -12.87
N LEU F 675 -11.06 -65.52 -11.87
CA LEU F 675 -10.25 -64.34 -12.08
C LEU F 675 -8.76 -64.66 -12.22
N ALA F 676 -8.41 -65.96 -12.26
CA ALA F 676 -7.01 -66.37 -12.37
C ALA F 676 -6.42 -65.98 -13.72
N LYS F 677 -7.22 -65.99 -14.78
CA LYS F 677 -6.82 -65.46 -16.06
C LYS F 677 -7.72 -64.35 -16.57
N MET F 678 -8.88 -64.13 -15.95
CA MET F 678 -9.69 -62.96 -16.29
C MET F 678 -9.01 -61.68 -15.82
N THR F 679 -8.56 -61.66 -14.56
CA THR F 679 -7.77 -60.56 -14.04
C THR F 679 -6.31 -60.99 -14.04
N ASN F 680 -5.70 -60.92 -15.23
CA ASN F 680 -4.29 -61.25 -15.35
C ASN F 680 -3.42 -60.14 -14.73
N GLY F 681 -3.50 -58.93 -15.28
CA GLY F 681 -2.99 -57.77 -14.60
C GLY F 681 -3.94 -56.61 -14.71
N PHE F 682 -4.50 -56.17 -13.59
CA PHE F 682 -5.46 -55.08 -13.54
C PHE F 682 -4.96 -54.00 -12.60
N SER F 683 -5.48 -52.79 -12.81
CA SER F 683 -5.29 -51.73 -11.84
C SER F 683 -6.14 -52.00 -10.60
N GLY F 684 -5.65 -51.57 -9.44
CA GLY F 684 -6.40 -51.74 -8.22
C GLY F 684 -7.64 -50.86 -8.17
N ALA F 685 -7.52 -49.63 -8.68
CA ALA F 685 -8.67 -48.74 -8.80
C ALA F 685 -9.69 -49.29 -9.80
N ASP F 686 -9.20 -49.94 -10.85
CA ASP F 686 -10.06 -50.65 -11.80
C ASP F 686 -10.81 -51.79 -11.12
N LEU F 687 -10.16 -52.52 -10.23
CA LEU F 687 -10.84 -53.63 -9.56
C LEU F 687 -11.83 -53.13 -8.52
N THR F 688 -11.52 -52.01 -7.86
CA THR F 688 -12.48 -51.43 -6.93
C THR F 688 -13.69 -50.86 -7.64
N GLU F 689 -13.51 -50.28 -8.85
CA GLU F 689 -14.69 -49.81 -9.56
C GLU F 689 -15.44 -50.97 -10.22
N ILE F 690 -14.75 -52.10 -10.45
CA ILE F 690 -15.44 -53.34 -10.82
C ILE F 690 -16.37 -53.80 -9.71
N CYS F 691 -15.85 -53.81 -8.47
CA CYS F 691 -16.66 -54.21 -7.31
C CYS F 691 -17.80 -53.22 -7.06
N GLN F 692 -17.52 -51.93 -7.23
CA GLN F 692 -18.54 -50.90 -7.03
C GLN F 692 -19.61 -50.96 -8.12
N ARG F 693 -19.22 -51.26 -9.37
CA ARG F 693 -20.21 -51.31 -10.44
C ARG F 693 -21.05 -52.58 -10.35
N ALA F 694 -20.46 -53.70 -9.91
CA ALA F 694 -21.24 -54.90 -9.66
C ALA F 694 -22.17 -54.72 -8.46
N CYS F 695 -21.70 -54.00 -7.44
CA CYS F 695 -22.53 -53.72 -6.28
C CYS F 695 -23.68 -52.78 -6.63
N LYS F 696 -23.44 -51.83 -7.54
CA LYS F 696 -24.53 -50.98 -8.00
C LYS F 696 -25.43 -51.69 -9.00
N LEU F 697 -24.95 -52.76 -9.65
CA LEU F 697 -25.85 -53.62 -10.40
C LEU F 697 -26.75 -54.42 -9.46
N ALA F 698 -26.21 -54.81 -8.30
CA ALA F 698 -27.06 -55.40 -7.26
C ALA F 698 -28.04 -54.37 -6.69
N ILE F 699 -27.64 -53.11 -6.63
CA ILE F 699 -28.55 -52.02 -6.25
C ILE F 699 -29.66 -51.87 -7.30
N ARG F 700 -29.30 -52.01 -8.58
CA ARG F 700 -30.27 -51.96 -9.67
C ARG F 700 -31.25 -53.13 -9.61
N GLU F 701 -30.77 -54.33 -9.26
CA GLU F 701 -31.69 -55.45 -9.09
C GLU F 701 -32.51 -55.33 -7.80
N SER F 702 -32.01 -54.59 -6.80
CA SER F 702 -32.86 -54.25 -5.65
C SER F 702 -33.96 -53.26 -6.05
N ILE F 703 -33.65 -52.34 -6.97
CA ILE F 703 -34.67 -51.46 -7.53
C ILE F 703 -35.68 -52.26 -8.34
N GLU F 704 -35.21 -53.30 -9.04
CA GLU F 704 -36.13 -54.22 -9.72
C GLU F 704 -36.97 -55.01 -8.73
N SER F 705 -36.43 -55.32 -7.55
CA SER F 705 -37.24 -55.92 -6.48
C SER F 705 -38.29 -54.93 -5.95
N GLU F 706 -37.94 -53.65 -5.92
CA GLU F 706 -38.93 -52.62 -5.58
C GLU F 706 -40.03 -52.54 -6.64
N ILE F 707 -39.66 -52.72 -7.91
CA ILE F 707 -40.64 -52.80 -8.99
C ILE F 707 -41.52 -54.04 -8.84
N ARG F 708 -40.92 -55.15 -8.37
CA ARG F 708 -41.65 -56.37 -8.08
C ARG F 708 -42.69 -56.15 -6.99
N ARG F 709 -42.29 -55.48 -5.91
CA ARG F 709 -43.21 -55.08 -4.85
C ARG F 709 -44.27 -54.11 -5.36
N GLU F 710 -43.91 -53.27 -6.33
CA GLU F 710 -44.86 -52.31 -6.90
C GLU F 710 -45.98 -52.99 -7.68
N ARG F 711 -45.64 -53.95 -8.55
CA ARG F 711 -46.71 -54.57 -9.33
C ARG F 711 -47.30 -55.79 -8.63
N GLU F 712 -46.77 -56.20 -7.47
CA GLU F 712 -47.53 -57.08 -6.59
C GLU F 712 -48.81 -56.41 -6.10
N ARG F 713 -48.73 -55.12 -5.77
CA ARG F 713 -49.91 -54.34 -5.42
C ARG F 713 -50.46 -53.64 -6.66
N ASP F 726 -39.00 -60.51 -2.04
CA ASP F 726 -37.60 -60.75 -1.70
C ASP F 726 -36.65 -59.69 -2.27
N PRO F 727 -35.84 -59.07 -1.39
CA PRO F 727 -34.88 -58.08 -1.89
C PRO F 727 -33.69 -58.72 -2.60
N VAL F 728 -33.21 -59.85 -2.07
CA VAL F 728 -32.03 -60.61 -2.51
C VAL F 728 -30.81 -59.68 -2.58
N PRO F 729 -30.21 -59.31 -1.44
CA PRO F 729 -29.08 -58.37 -1.49
C PRO F 729 -27.79 -58.99 -2.03
N GLU F 730 -27.65 -60.31 -1.94
CA GLU F 730 -26.46 -60.96 -2.48
C GLU F 730 -26.49 -60.98 -4.00
N ILE F 731 -25.34 -60.69 -4.61
CA ILE F 731 -25.19 -60.61 -6.06
C ILE F 731 -25.30 -61.98 -6.70
N ARG F 732 -25.41 -62.01 -8.03
CA ARG F 732 -25.56 -63.25 -8.76
C ARG F 732 -24.25 -64.03 -8.81
N ARG F 733 -24.35 -65.28 -9.29
CA ARG F 733 -23.17 -66.11 -9.49
C ARG F 733 -22.27 -65.54 -10.57
N ASP F 734 -22.85 -65.04 -11.65
CA ASP F 734 -22.08 -64.40 -12.71
C ASP F 734 -22.49 -62.94 -12.81
N HIS F 735 -22.57 -62.28 -11.65
CA HIS F 735 -22.89 -60.86 -11.59
C HIS F 735 -21.76 -59.99 -12.14
N PHE F 736 -20.54 -60.53 -12.23
CA PHE F 736 -19.39 -59.82 -12.78
C PHE F 736 -19.31 -59.91 -14.30
N GLU F 737 -20.24 -60.60 -14.95
CA GLU F 737 -20.10 -60.94 -16.37
C GLU F 737 -20.25 -59.69 -17.25
N GLU F 738 -21.28 -58.88 -17.00
CA GLU F 738 -21.39 -57.63 -17.72
C GLU F 738 -20.43 -56.57 -17.18
N ALA F 739 -19.94 -56.73 -15.95
CA ALA F 739 -18.93 -55.83 -15.41
C ALA F 739 -17.56 -56.08 -16.02
N MET F 740 -17.36 -57.24 -16.64
CA MET F 740 -16.15 -57.48 -17.43
C MET F 740 -16.03 -56.50 -18.59
N ARG F 741 -17.15 -56.10 -19.19
CA ARG F 741 -17.17 -55.06 -20.21
C ARG F 741 -17.21 -53.66 -19.62
N PHE F 742 -16.95 -53.50 -18.32
CA PHE F 742 -16.95 -52.20 -17.69
C PHE F 742 -15.59 -51.90 -17.07
N ALA F 743 -14.52 -52.39 -17.70
CA ALA F 743 -13.18 -52.29 -17.11
C ALA F 743 -12.14 -52.36 -18.21
N ARG F 744 -11.49 -51.25 -18.49
CA ARG F 744 -10.39 -51.19 -19.46
C ARG F 744 -9.07 -51.04 -18.72
N ARG F 745 -8.07 -51.81 -19.17
CA ARG F 745 -6.71 -51.70 -18.63
C ARG F 745 -6.15 -50.38 -19.11
N SER F 746 -6.28 -49.36 -18.25
CA SER F 746 -5.95 -47.98 -18.62
C SER F 746 -4.45 -47.76 -18.77
N VAL F 747 -3.62 -48.62 -18.19
CA VAL F 747 -2.18 -48.52 -18.36
C VAL F 747 -1.82 -49.03 -19.76
N SER F 748 -0.93 -48.30 -20.42
CA SER F 748 -0.42 -48.70 -21.72
C SER F 748 0.87 -49.47 -21.55
N ASP F 749 1.19 -50.30 -22.55
CA ASP F 749 2.32 -51.22 -22.43
C ASP F 749 3.66 -50.49 -22.55
N ASN F 750 3.70 -49.35 -23.23
CA ASN F 750 4.95 -48.62 -23.34
C ASN F 750 5.29 -47.90 -22.02
N ASP F 751 4.28 -47.59 -21.21
CA ASP F 751 4.55 -47.07 -19.87
C ASP F 751 5.12 -48.16 -18.97
N ILE F 752 4.66 -49.40 -19.13
CA ILE F 752 5.27 -50.52 -18.42
C ILE F 752 6.68 -50.77 -18.93
N ARG F 753 6.91 -50.55 -20.23
CA ARG F 753 8.25 -50.65 -20.80
C ARG F 753 9.19 -49.60 -20.24
N LYS F 754 8.70 -48.36 -20.09
CA LYS F 754 9.56 -47.32 -19.52
C LYS F 754 9.74 -47.48 -18.01
N TYR F 755 8.78 -48.11 -17.33
CA TYR F 755 8.98 -48.49 -15.93
C TYR F 755 10.06 -49.56 -15.81
N GLU F 756 10.04 -50.54 -16.72
CA GLU F 756 11.07 -51.57 -16.74
C GLU F 756 12.44 -50.98 -17.08
N MET F 757 12.47 -49.99 -17.99
CA MET F 757 13.72 -49.34 -18.36
C MET F 757 14.27 -48.49 -17.21
N PHE F 758 13.39 -47.81 -16.48
CA PHE F 758 13.86 -47.05 -15.33
C PHE F 758 14.24 -47.95 -14.17
N ALA F 759 13.64 -49.14 -14.07
CA ALA F 759 14.05 -50.10 -13.06
C ALA F 759 15.40 -50.71 -13.37
N GLN F 760 15.63 -51.07 -14.64
CA GLN F 760 16.92 -51.63 -15.03
C GLN F 760 18.02 -50.59 -15.12
N THR F 761 17.65 -49.30 -15.25
CA THR F 761 18.64 -48.23 -15.13
C THR F 761 19.16 -48.14 -13.69
N LEU F 762 18.25 -48.27 -12.72
CA LEU F 762 18.63 -48.26 -11.32
C LEU F 762 19.01 -49.65 -10.80
N GLN F 763 18.84 -50.69 -11.61
CA GLN F 763 19.35 -52.00 -11.25
C GLN F 763 20.86 -51.99 -11.29
N GLN F 764 21.48 -52.61 -10.28
CA GLN F 764 22.90 -52.49 -10.03
C GLN F 764 23.61 -53.80 -10.36
N SER F 765 24.90 -53.85 -10.04
CA SER F 765 25.79 -54.88 -10.54
C SER F 765 25.68 -56.19 -9.74
N ARG F 766 26.02 -57.28 -10.43
CA ARG F 766 26.07 -58.63 -9.89
C ARG F 766 27.47 -59.19 -10.10
N GLY F 767 28.11 -59.59 -9.00
CA GLY F 767 29.46 -60.11 -9.08
C GLY F 767 29.65 -61.38 -8.28
N PHE F 768 30.41 -62.32 -8.83
CA PHE F 768 30.64 -63.62 -8.20
C PHE F 768 31.96 -64.18 -8.75
N GLY F 769 32.23 -65.43 -8.42
CA GLY F 769 33.44 -66.10 -8.90
C GLY F 769 34.53 -66.18 -7.85
N THR G 263 29.34 7.80 77.47
CA THR G 263 29.35 7.37 78.86
C THR G 263 30.28 8.25 79.71
N ALA G 264 31.55 7.88 79.77
CA ALA G 264 32.52 8.64 80.52
C ALA G 264 32.93 9.90 79.77
N PRO G 265 33.52 10.88 80.47
CA PRO G 265 33.96 12.10 79.80
C PRO G 265 35.22 11.85 78.98
N GLN G 266 35.29 12.49 77.81
CA GLN G 266 36.40 12.35 76.89
C GLN G 266 37.15 13.68 76.79
N VAL G 267 38.15 13.70 75.90
CA VAL G 267 38.97 14.87 75.67
C VAL G 267 38.84 15.28 74.21
N LEU G 268 38.54 16.56 73.98
CA LEU G 268 38.38 17.08 72.63
C LEU G 268 39.74 17.52 72.08
N ASN G 269 39.72 18.22 70.94
CA ASN G 269 40.94 18.69 70.30
C ASN G 269 41.37 19.99 70.95
N THR G 270 41.98 19.87 72.12
CA THR G 270 42.47 21.02 72.86
C THR G 270 43.94 21.34 72.58
N SER G 271 44.60 20.55 71.73
CA SER G 271 46.00 20.77 71.42
C SER G 271 46.15 21.53 70.10
N SER G 272 47.33 22.11 69.91
CA SER G 272 47.61 22.84 68.69
C SER G 272 47.81 21.86 67.52
N PRO G 273 47.34 22.21 66.32
CA PRO G 273 47.53 21.31 65.17
C PRO G 273 48.97 21.24 64.68
N ALA G 274 49.78 22.27 64.92
CA ALA G 274 51.16 22.29 64.45
C ALA G 274 52.11 21.52 65.36
N GLN G 275 51.69 21.18 66.57
CA GLN G 275 52.55 20.46 67.52
C GLN G 275 52.19 18.99 67.63
N GLN G 276 51.13 18.54 66.96
CA GLN G 276 50.73 17.13 67.05
C GLN G 276 51.72 16.23 66.33
N ALA G 277 52.22 16.65 65.17
CA ALA G 277 53.23 15.88 64.46
C ALA G 277 54.57 15.88 65.20
N GLU G 278 54.90 17.00 65.86
CA GLU G 278 56.11 17.04 66.68
C GLU G 278 56.01 16.14 67.90
N ASN G 279 54.82 16.09 68.52
CA ASN G 279 54.61 15.19 69.66
C ASN G 279 54.61 13.73 69.22
N GLU G 280 54.09 13.45 68.02
CA GLU G 280 54.13 12.10 67.47
C GLU G 280 55.56 11.68 67.15
N ALA G 281 56.38 12.60 66.62
CA ALA G 281 57.79 12.32 66.37
C ALA G 281 58.56 12.12 67.67
N LYS G 282 58.23 12.88 68.70
CA LYS G 282 58.87 12.72 70.00
C LYS G 282 58.50 11.39 70.65
N ALA G 283 57.24 10.97 70.51
CA ALA G 283 56.82 9.67 71.03
C ALA G 283 57.41 8.53 70.23
N SER G 284 57.62 8.73 68.92
CA SER G 284 58.28 7.71 68.10
C SER G 284 59.75 7.57 68.46
N SER G 285 60.42 8.70 68.73
CA SER G 285 61.82 8.66 69.13
C SER G 285 61.99 8.24 70.58
N SER G 286 60.94 8.30 71.40
CA SER G 286 61.02 7.80 72.76
C SER G 286 61.16 6.28 72.81
N ILE G 287 60.51 5.59 71.88
CA ILE G 287 60.63 4.14 71.80
C ILE G 287 61.92 3.78 71.08
N LEU G 288 62.73 2.93 71.69
CA LEU G 288 63.99 2.51 71.10
C LEU G 288 63.75 1.59 69.90
N ILE G 289 64.58 1.76 68.87
CA ILE G 289 64.40 1.05 67.61
C ILE G 289 65.61 0.12 67.42
N ASN G 290 65.33 -1.16 67.22
CA ASN G 290 66.36 -2.17 66.96
C ASN G 290 66.11 -2.78 65.59
N GLU G 291 67.17 -2.89 64.80
CA GLU G 291 67.09 -3.43 63.45
C GLU G 291 67.44 -4.91 63.38
N ALA G 292 67.71 -5.55 64.52
CA ALA G 292 68.05 -6.96 64.55
C ALA G 292 66.84 -7.86 64.81
N GLU G 293 65.64 -7.30 64.84
CA GLU G 293 64.41 -8.03 65.12
C GLU G 293 63.37 -7.71 64.06
N PRO G 294 62.45 -8.66 63.77
CA PRO G 294 61.34 -8.35 62.86
C PRO G 294 60.37 -7.34 63.45
N THR G 295 60.32 -6.16 62.84
CA THR G 295 59.57 -5.03 63.40
C THR G 295 58.07 -5.25 63.25
N THR G 296 57.34 -5.13 64.36
CA THR G 296 55.90 -5.31 64.40
C THR G 296 55.24 -3.93 64.51
N ASN G 297 54.35 -3.64 63.57
CA ASN G 297 53.67 -2.34 63.51
C ASN G 297 52.41 -2.40 64.36
N ILE G 298 52.51 -1.95 65.60
CA ILE G 298 51.39 -2.01 66.53
C ILE G 298 50.44 -0.87 66.21
N GLN G 299 49.18 -1.21 65.91
CA GLN G 299 48.18 -0.25 65.47
C GLN G 299 47.29 0.14 66.65
N ILE G 300 47.23 1.45 66.93
CA ILE G 300 46.44 2.00 68.02
C ILE G 300 45.43 2.97 67.44
N ARG G 301 44.16 2.78 67.75
CA ARG G 301 43.11 3.73 67.40
C ARG G 301 42.38 4.14 68.67
N LEU G 302 42.30 5.45 68.90
CA LEU G 302 41.65 6.00 70.08
C LEU G 302 40.21 6.37 69.78
N ALA G 303 39.35 6.27 70.79
CA ALA G 303 37.93 6.55 70.65
C ALA G 303 37.56 7.96 71.08
N ASP G 304 38.48 8.92 70.91
CA ASP G 304 38.23 10.31 71.24
C ASP G 304 37.98 11.17 70.01
N GLY G 305 37.61 10.55 68.89
CA GLY G 305 37.41 11.28 67.64
C GLY G 305 37.81 10.48 66.43
N GLY G 306 38.45 9.32 66.64
CA GLY G 306 38.78 8.43 65.55
C GLY G 306 40.18 8.56 64.98
N ARG G 307 41.04 9.39 65.58
CA ARG G 307 42.42 9.50 65.11
C ARG G 307 43.22 8.28 65.52
N LEU G 308 44.16 7.89 64.66
CA LEU G 308 44.93 6.69 64.89
C LEU G 308 46.33 6.86 64.33
N VAL G 309 47.33 6.39 65.10
CA VAL G 309 48.73 6.43 64.71
C VAL G 309 49.36 5.07 64.97
N GLN G 310 50.54 4.86 64.39
CA GLN G 310 51.32 3.65 64.66
C GLN G 310 52.81 3.95 64.50
N LYS G 311 53.57 3.67 65.57
CA LYS G 311 55.02 3.77 65.54
C LYS G 311 55.56 2.94 66.70
N PHE G 312 56.13 1.77 66.41
CA PHE G 312 56.58 0.87 67.46
C PHE G 312 57.73 0.00 66.97
N ASN G 313 58.38 -0.67 67.93
CA ASN G 313 59.43 -1.62 67.70
C ASN G 313 58.88 -3.05 67.85
N HIS G 314 59.78 -4.03 67.87
CA HIS G 314 59.36 -5.43 67.89
C HIS G 314 58.96 -5.89 69.28
N SER G 315 59.89 -5.85 70.23
CA SER G 315 59.67 -6.40 71.57
C SER G 315 59.61 -5.26 72.58
N HIS G 316 58.44 -5.08 73.19
CA HIS G 316 58.24 -4.09 74.24
C HIS G 316 57.13 -4.61 75.16
N ARG G 317 56.58 -3.72 75.99
CA ARG G 317 55.55 -4.08 76.95
C ARG G 317 54.33 -3.18 76.77
N ILE G 318 53.24 -3.56 77.44
CA ILE G 318 52.01 -2.78 77.41
C ILE G 318 52.19 -1.46 78.17
N SER G 319 53.07 -1.47 79.18
CA SER G 319 53.44 -0.22 79.86
C SER G 319 54.17 0.73 78.93
N ASP G 320 54.97 0.19 77.99
CA ASP G 320 55.58 1.03 76.97
C ASP G 320 54.55 1.56 75.99
N ILE G 321 53.48 0.81 75.74
CA ILE G 321 52.37 1.32 74.92
C ILE G 321 51.64 2.45 75.64
N ARG G 322 51.46 2.32 76.96
CA ARG G 322 50.87 3.40 77.75
C ARG G 322 51.77 4.63 77.78
N LEU G 323 53.09 4.42 77.85
CA LEU G 323 54.05 5.52 77.77
C LEU G 323 54.01 6.20 76.40
N PHE G 324 53.85 5.41 75.34
CA PHE G 324 53.72 5.95 73.99
C PHE G 324 52.44 6.76 73.82
N ILE G 325 51.35 6.31 74.45
CA ILE G 325 50.08 7.06 74.39
C ILE G 325 50.20 8.36 75.19
N VAL G 326 50.88 8.32 76.34
CA VAL G 326 51.09 9.52 77.15
C VAL G 326 51.97 10.52 76.42
N ASP G 327 53.06 10.05 75.80
CA ASP G 327 53.94 10.94 75.06
C ASP G 327 53.36 11.38 73.73
N ALA G 328 52.34 10.68 73.21
CA ALA G 328 51.76 11.06 71.93
C ALA G 328 50.94 12.34 72.05
N ARG G 329 50.08 12.42 73.06
CA ARG G 329 49.24 13.59 73.29
C ARG G 329 49.12 13.84 74.78
N PRO G 330 49.06 15.11 75.20
CA PRO G 330 48.87 15.42 76.62
C PRO G 330 47.43 15.43 77.08
N ALA G 331 46.48 15.00 76.25
CA ALA G 331 45.08 15.03 76.64
C ALA G 331 44.71 13.83 77.51
N MET G 332 45.15 12.64 77.13
CA MET G 332 44.85 11.42 77.87
C MET G 332 46.02 10.96 78.73
N ALA G 333 47.01 11.84 78.96
CA ALA G 333 48.12 11.49 79.83
C ALA G 333 47.68 11.40 81.29
N ALA G 334 46.83 12.32 81.72
CA ALA G 334 46.30 12.30 83.09
C ALA G 334 44.94 11.64 83.19
N THR G 335 44.21 11.52 82.08
CA THR G 335 42.91 10.86 82.07
C THR G 335 43.11 9.35 82.15
N SER G 336 42.37 8.70 83.06
CA SER G 336 42.47 7.26 83.21
C SER G 336 41.79 6.56 82.04
N PHE G 337 42.50 5.59 81.45
CA PHE G 337 42.01 4.89 80.28
C PHE G 337 42.47 3.44 80.34
N VAL G 338 41.61 2.53 79.88
CA VAL G 338 41.92 1.10 79.82
C VAL G 338 41.78 0.66 78.36
N LEU G 339 42.88 0.19 77.78
CA LEU G 339 42.86 -0.32 76.42
C LEU G 339 42.28 -1.73 76.41
N MET G 340 41.85 -2.17 75.22
CA MET G 340 41.25 -3.48 75.07
C MET G 340 41.44 -3.97 73.64
N THR G 341 41.23 -5.28 73.46
CA THR G 341 41.18 -5.89 72.15
C THR G 341 39.74 -6.27 71.84
N THR G 342 39.27 -5.92 70.64
CA THR G 342 37.92 -6.27 70.25
C THR G 342 37.84 -7.74 69.84
N PHE G 343 36.76 -8.40 70.28
CA PHE G 343 36.31 -9.78 70.05
C PHE G 343 37.21 -10.94 70.50
N PRO G 344 37.85 -10.92 71.67
CA PRO G 344 37.85 -12.12 72.53
C PRO G 344 36.88 -12.04 73.70
N ASN G 345 36.15 -10.91 73.82
CA ASN G 345 35.46 -10.48 75.05
C ASN G 345 36.41 -10.49 76.24
N LYS G 346 37.53 -9.79 76.09
CA LYS G 346 38.54 -9.69 77.14
C LYS G 346 39.09 -8.27 77.18
N GLU G 347 39.77 -7.96 78.28
CA GLU G 347 40.43 -6.68 78.47
C GLU G 347 41.95 -6.87 78.55
N LEU G 348 42.66 -5.75 78.56
CA LEU G 348 44.12 -5.74 78.53
C LEU G 348 44.65 -5.40 79.93
N ALA G 349 44.79 -6.43 80.75
CA ALA G 349 45.47 -6.32 82.03
C ALA G 349 46.91 -6.79 81.86
N ASP G 350 47.65 -6.87 82.98
CA ASP G 350 49.04 -7.33 83.07
C ASP G 350 49.96 -6.48 82.19
N GLU G 351 50.11 -5.21 82.61
CA GLU G 351 50.83 -4.21 81.82
C GLU G 351 52.32 -4.49 81.67
N ASN G 352 52.90 -5.34 82.51
CA ASN G 352 54.31 -5.70 82.41
C ASN G 352 54.55 -6.85 81.42
N GLN G 353 53.50 -7.43 80.85
CA GLN G 353 53.65 -8.53 79.92
C GLN G 353 54.10 -8.03 78.55
N THR G 354 54.78 -8.89 77.81
CA THR G 354 55.27 -8.56 76.49
C THR G 354 54.17 -8.74 75.44
N LEU G 355 54.51 -8.39 74.19
CA LEU G 355 53.52 -8.44 73.12
C LEU G 355 53.23 -9.87 72.66
N LYS G 356 54.25 -10.73 72.63
CA LYS G 356 54.08 -12.07 72.10
C LYS G 356 53.33 -12.98 73.06
N GLU G 357 53.47 -12.78 74.37
CA GLU G 357 52.86 -13.68 75.34
C GLU G 357 51.36 -13.47 75.45
N ALA G 358 50.90 -12.22 75.39
CA ALA G 358 49.48 -11.89 75.51
C ALA G 358 48.82 -11.62 74.17
N ASN G 359 49.48 -12.01 73.07
CA ASN G 359 48.98 -11.88 71.69
C ASN G 359 48.67 -10.44 71.31
N LEU G 360 49.63 -9.55 71.57
CA LEU G 360 49.54 -8.15 71.18
C LEU G 360 50.33 -7.86 69.91
N LEU G 361 50.52 -8.86 69.06
CA LEU G 361 51.22 -8.65 67.79
C LEU G 361 50.32 -7.91 66.80
N ASN G 362 50.49 -6.58 66.74
CA ASN G 362 49.72 -5.66 65.90
C ASN G 362 48.22 -5.75 66.15
N ALA G 363 47.83 -6.02 67.39
CA ALA G 363 46.45 -6.35 67.69
C ALA G 363 45.60 -5.09 67.79
N VAL G 364 44.31 -5.28 68.06
CA VAL G 364 43.38 -4.17 68.20
C VAL G 364 43.61 -3.50 69.56
N ILE G 365 43.83 -2.19 69.53
CA ILE G 365 43.91 -1.39 70.75
C ILE G 365 42.88 -0.28 70.65
N VAL G 366 41.90 -0.31 71.55
CA VAL G 366 40.80 0.65 71.57
C VAL G 366 40.82 1.35 72.92
N GLN G 367 40.91 2.69 72.89
CA GLN G 367 40.92 3.48 74.11
C GLN G 367 39.50 3.53 74.69
N ARG G 368 39.30 2.82 75.80
CA ARG G 368 38.02 2.76 76.47
C ARG G 368 38.11 3.51 77.80
N LEU G 369 37.19 4.43 78.03
CA LEU G 369 37.19 5.27 79.21
C LEU G 369 36.20 4.73 80.24
N THR G 370 36.68 4.53 81.47
CA THR G 370 35.84 4.02 82.54
C THR G 370 35.43 5.12 83.50
PB ADP H . 19.42 -12.75 27.96
O1B ADP H . 20.38 -11.60 27.76
O2B ADP H . 19.63 -13.85 26.96
O3B ADP H . 19.27 -13.19 29.39
PA ADP H . 16.60 -12.93 27.97
O1A ADP H . 15.62 -12.64 26.86
O2A ADP H . 16.19 -12.65 29.39
O3A ADP H . 17.96 -12.13 27.65
O5' ADP H . 16.99 -14.51 27.90
C5' ADP H . 16.30 -15.44 28.72
C4' ADP H . 17.20 -16.59 29.19
O4' ADP H . 18.04 -17.10 28.15
C3' ADP H . 18.11 -16.13 30.33
O3' ADP H . 17.80 -16.84 31.53
C2' ADP H . 19.52 -16.48 29.87
O2' ADP H . 20.23 -17.12 30.92
C1' ADP H . 19.34 -17.42 28.68
N9 ADP H . 20.39 -17.21 27.65
C8 ADP H . 20.15 -16.90 26.37
N7 ADP H . 21.30 -16.79 25.66
C5 ADP H . 22.32 -17.05 26.51
C6 ADP H . 23.80 -17.10 26.42
N6 ADP H . 24.42 -16.86 25.24
N1 ADP H . 24.49 -17.40 27.53
C2 ADP H . 23.87 -17.65 28.70
N3 ADP H . 22.54 -17.61 28.86
C4 ADP H . 21.71 -17.33 27.82
PB ADP I . 22.62 -34.32 -0.05
O1B ADP I . 23.61 -33.96 -1.13
O2B ADP I . 21.38 -35.00 -0.57
O3B ADP I . 22.35 -33.20 0.94
PA ADP I . 24.68 -35.12 1.69
O1A ADP I . 25.74 -34.63 0.73
O2A ADP I . 24.33 -34.26 2.88
O3A ADP I . 23.35 -35.45 0.84
O5' ADP I . 25.17 -36.56 2.24
C5' ADP I . 26.45 -37.07 1.87
C4' ADP I . 27.23 -37.57 3.08
O4' ADP I . 28.33 -38.39 2.67
C3' ADP I . 27.83 -36.41 3.88
O3' ADP I . 27.13 -36.21 5.10
C2' ADP I . 29.27 -36.81 4.17
O2' ADP I . 29.49 -36.88 5.57
C1' ADP I . 29.45 -38.18 3.53
N9 ADP I . 30.76 -38.23 2.81
C8 ADP I . 31.94 -38.37 3.43
N7 ADP I . 32.97 -38.37 2.54
C5 ADP I . 32.44 -38.23 1.31
C6 ADP I . 32.95 -38.15 -0.07
N6 ADP I . 34.28 -38.24 -0.32
N1 ADP I . 32.07 -38.01 -1.08
C2 ADP I . 30.75 -37.93 -0.84
N3 ADP I . 30.21 -37.99 0.39
C4 ADP I . 30.98 -38.13 1.50
PB ADP J . 27.72 14.60 8.71
O1B ADP J . 28.51 15.62 7.93
O2B ADP J . 26.39 15.11 9.22
O3B ADP J . 27.67 13.23 8.08
PA ADP J . 29.86 13.41 9.99
O1A ADP J . 30.60 13.74 8.72
O2A ADP J . 29.41 11.99 10.23
O3A ADP J . 28.58 14.39 10.05
O5' ADP J . 30.81 13.87 11.20
C5' ADP J . 31.06 13.02 12.31
C4' ADP J . 32.49 13.22 12.78
O4' ADP J . 33.40 12.83 11.74
C3' ADP J . 32.75 14.69 13.07
O3' ADP J . 33.08 14.86 14.45
C2' ADP J . 33.93 15.09 12.21
O2' ADP J . 34.99 15.58 13.03
C1' ADP J . 34.39 13.82 11.49
N9 ADP J . 34.47 14.06 10.02
C8 ADP J . 33.77 13.39 9.10
N7 ADP J . 34.06 13.82 7.85
C5 ADP J . 34.97 14.79 7.96
C6 ADP J . 35.72 15.68 7.03
N6 ADP J . 35.52 15.60 5.69
N1 ADP J . 36.59 16.56 7.56
C2 ADP J . 36.79 16.64 8.88
N3 ADP J . 36.16 15.88 9.78
C4 ADP J . 35.25 14.94 9.40
PB ADP K . 36.57 -4.71 -18.90
O1B ADP K . 36.99 -3.83 -20.06
O2B ADP K . 35.71 -5.88 -19.30
O3B ADP K . 36.08 -3.96 -17.70
PA ADP K . 39.22 -4.52 -17.96
O1A ADP K . 39.81 -3.85 -19.18
O2A ADP K . 38.86 -3.70 -16.75
O3A ADP K . 37.94 -5.40 -18.42
O5' ADP K . 40.26 -5.66 -17.48
C5' ADP K . 41.64 -5.55 -17.80
C4' ADP K . 42.51 -5.90 -16.60
O4' ADP K . 43.66 -6.63 -17.05
C3' ADP K . 43.00 -4.65 -15.91
O3' ADP K . 42.77 -4.74 -14.50
C2' ADP K . 44.47 -4.57 -16.19
O2' ADP K . 45.20 -4.49 -14.97
C1' ADP K . 44.86 -5.84 -16.94
N9 ADP K . 45.26 -5.57 -18.34
C8 ADP K . 44.76 -6.27 -19.39
N7 ADP K . 45.29 -5.85 -20.56
C5 ADP K . 46.14 -4.86 -20.29
C6 ADP K . 47.03 -3.99 -21.09
N6 ADP K . 47.08 -4.12 -22.43
N1 ADP K . 47.77 -3.08 -20.43
C2 ADP K . 47.72 -2.96 -19.10
N3 ADP K . 46.94 -3.71 -18.30
C4 ADP K . 46.14 -4.68 -18.83
PB ADP L . 7.42 32.00 -10.06
O1B ADP L . 6.42 32.32 -11.14
O2B ADP L . 6.95 32.26 -8.66
O3B ADP L . 8.11 30.66 -10.24
PA ADP L . 9.59 32.95 -11.55
O1A ADP L . 8.77 32.88 -12.80
O2A ADP L . 10.57 31.84 -11.23
O3A ADP L . 8.58 33.09 -10.30
O5' ADP L . 10.42 34.32 -11.53
C5' ADP L . 11.36 34.59 -10.51
C4' ADP L . 12.55 35.33 -11.13
O4' ADP L . 12.87 34.71 -12.38
C3' ADP L . 12.21 36.78 -11.41
O3' ADP L . 13.08 37.63 -10.67
C2' ADP L . 12.44 36.99 -12.89
O2' ADP L . 13.37 38.04 -13.11
C1' ADP L . 12.99 35.67 -13.44
N9 ADP L . 12.21 35.19 -14.60
C8 ADP L . 11.57 34.01 -14.64
N7 ADP L . 10.94 33.84 -15.84
C5 ADP L . 11.21 34.92 -16.59
C6 ADP L . 10.86 35.37 -17.95
N6 ADP L . 10.09 34.61 -18.77
N1 ADP L . 11.33 36.57 -18.36
C2 ADP L . 12.09 37.34 -17.56
N3 ADP L . 12.44 36.98 -16.31
C4 ADP L . 12.05 35.81 -15.77
PB ADP M . 20.11 10.34 -41.54
O1B ADP M . 20.74 11.67 -41.18
O2B ADP M . 21.04 9.17 -41.38
O3B ADP M . 18.76 10.15 -40.92
PA ADP M . 20.60 11.07 -44.34
O1A ADP M . 21.42 12.25 -43.87
O2A ADP M . 21.30 9.98 -45.10
O3A ADP M . 19.80 10.34 -43.13
O5' ADP M . 19.48 11.65 -45.34
C5' ADP M . 18.97 12.95 -45.10
C4' ADP M . 19.54 13.92 -46.12
O4' ADP M . 18.72 13.96 -47.30
C3' ADP M . 19.59 15.33 -45.55
O3' ADP M . 20.95 15.73 -45.38
C2' ADP M . 18.91 16.21 -46.59
O2' ADP M . 19.75 17.32 -46.93
C1' ADP M . 18.67 15.30 -47.78
N9 ADP M . 17.37 15.59 -48.43
C8 ADP M . 16.49 16.53 -48.04
N7 ADP M . 15.39 16.55 -48.85
C5 ADP M . 15.58 15.59 -49.79
C6 ADP M . 14.82 15.08 -50.95
N6 ADP M . 13.61 15.59 -51.29
N1 ADP M . 15.37 14.08 -51.67
C2 ADP M . 16.57 13.55 -51.35
N3 ADP M . 17.31 13.98 -50.31
C4 ADP M . 16.89 14.98 -49.50
PB ADP N . -25.43 16.43 -15.90
O1B ADP N . -26.49 16.30 -16.97
O2B ADP N . -24.07 15.89 -16.24
O3B ADP N . -25.90 15.97 -14.54
PA ADP N . -23.80 18.72 -15.89
O1A ADP N . -23.32 18.51 -17.30
O2A ADP N . -22.92 18.26 -14.75
O3A ADP N . -25.23 18.03 -15.74
O5' ADP N . -24.07 20.30 -15.72
C5' ADP N . -22.95 21.16 -15.56
C4' ADP N . -23.22 22.62 -15.91
O4' ADP N . -23.53 22.83 -17.29
C3' ADP N . -24.38 23.22 -15.13
O3' ADP N . -23.88 23.87 -13.96
C2' ADP N . -25.00 24.23 -16.09
O2' ADP N . -24.86 25.55 -15.54
C1' ADP N . -24.21 24.10 -17.37
N9 ADP N . -25.06 24.22 -18.58
C8 ADP N . -25.34 23.25 -19.46
N7 ADP N . -26.15 23.67 -20.47
C5 ADP N . -26.40 24.97 -20.25
C6 ADP N . -27.18 26.03 -20.91
N6 ADP N . -27.86 25.77 -22.05
N1 ADP N . -27.18 27.26 -20.35
C2 ADP N . -26.50 27.52 -19.22
N3 ADP N . -25.78 26.61 -18.56
C4 ADP N . -25.68 25.33 -19.01
PB ADP O . -13.15 -0.09 -43.06
O1B ADP O . -14.24 0.76 -42.46
O2B ADP O . -11.80 0.59 -43.17
O3B ADP O . -13.09 -1.50 -42.49
PA ADP O . -13.58 0.85 -45.69
O1A ADP O . -13.87 2.17 -45.01
O2A ADP O . -12.29 0.67 -46.47
O3A ADP O . -13.60 -0.31 -44.58
O5' ADP O . -14.83 0.47 -46.63
C5' ADP O . -14.63 -0.08 -47.94
C4' ADP O . -15.87 0.11 -48.81
O4' ADP O . -16.17 -1.08 -49.53
C3' ADP O . -17.13 0.51 -48.06
O3' ADP O . -17.34 1.92 -48.14
C2' ADP O . -18.25 -0.21 -48.77
O2' ADP O . -18.94 0.69 -49.65
C1' ADP O . -17.58 -1.30 -49.58
N9 ADP O . -17.83 -2.60 -48.93
C8 ADP O . -18.55 -2.83 -47.82
N7 ADP O . -18.55 -4.15 -47.50
C5 ADP O . -17.82 -4.78 -48.43
C6 ADP O . -17.41 -6.17 -48.72
N6 ADP O . -17.79 -7.18 -47.91
N1 ADP O . -16.65 -6.39 -49.80
C2 ADP O . -16.24 -5.40 -50.62
N3 ADP O . -16.58 -4.13 -50.42
C4 ADP O . -17.34 -3.76 -49.37
PB ADP P . -34.22 -2.89 2.46
O1B ADP P . -34.05 -2.24 1.11
O2B ADP P . -34.14 -1.93 3.62
O3B ADP P . -33.42 -4.15 2.65
PA ADP P . -36.21 -4.68 1.61
O1A ADP P . -35.39 -4.72 0.35
O2A ADP P . -36.17 -5.87 2.53
O3A ADP P . -35.75 -3.41 2.49
O5' ADP P . -37.74 -4.35 1.23
C5' ADP P . -38.12 -3.09 0.70
C4' ADP P . -39.59 -3.09 0.29
O4' ADP P . -39.80 -3.87 -0.89
C3' ADP P . -40.49 -3.67 1.38
O3' ADP P . -41.26 -2.64 1.98
C2' ADP P . -41.40 -4.64 0.66
O2' ADP P . -42.77 -4.23 0.77
C1' ADP P . -40.99 -4.65 -0.80
N9 ADP P . -40.67 -6.04 -1.20
C8 ADP P . -39.43 -6.48 -1.52
N7 ADP P . -39.47 -7.79 -1.84
C5 ADP P . -40.73 -8.22 -1.71
C6 ADP P . -41.44 -9.49 -1.91
N6 ADP P . -40.77 -10.60 -2.29
N1 ADP P . -42.77 -9.51 -1.69
C2 ADP P . -43.44 -8.41 -1.30
N3 ADP P . -42.86 -7.21 -1.11
C4 ADP P . -41.53 -7.05 -1.30
PB ADP Q . -24.65 -25.05 -24.83
O1B ADP Q . -24.56 -23.55 -24.58
O2B ADP Q . -23.57 -25.59 -25.72
O3B ADP Q . -24.91 -25.87 -23.59
PA ADP Q . -27.46 -25.12 -25.07
O1A ADP Q . -27.59 -23.79 -24.36
O2A ADP Q . -27.71 -26.40 -24.33
O3A ADP Q . -25.99 -25.21 -25.72
O5' ADP Q . -28.42 -25.10 -26.36
C5' ADP Q . -29.82 -24.91 -26.22
C4' ADP Q . -30.50 -25.07 -27.58
O4' ADP Q . -30.31 -26.40 -28.08
C3' ADP Q . -31.99 -24.83 -27.50
O3' ADP Q . -32.32 -23.57 -28.08
C2' ADP Q . -32.63 -25.95 -28.31
O2' ADP Q . -33.27 -25.41 -29.45
C1' ADP Q . -31.47 -26.85 -28.75
N9 ADP Q . -31.76 -28.27 -28.41
C8 ADP Q . -32.82 -28.73 -27.70
N7 ADP Q . -32.78 -30.08 -27.59
C5 ADP Q . -31.69 -30.52 -28.24
C6 ADP Q . -31.06 -31.84 -28.51
N6 ADP Q . -31.60 -32.99 -28.06
N1 ADP Q . -29.92 -31.85 -29.24
C2 ADP Q . -29.37 -30.71 -29.71
N3 ADP Q . -29.89 -29.49 -29.50
C4 ADP Q . -31.04 -29.33 -28.79
PB ADP R . -14.98 -20.12 22.01
O1B ADP R . -15.00 -20.08 20.50
O2B ADP R . -15.21 -18.78 22.67
O3B ADP R . -13.83 -20.92 22.58
PA ADP R . -16.66 -22.27 21.54
O1A ADP R . -17.33 -21.83 20.28
O2A ADP R . -15.41 -23.10 21.48
O3A ADP R . -16.28 -20.98 22.42
O5' ADP R . -17.75 -23.09 22.40
C5' ADP R . -19.13 -22.98 22.06
C4' ADP R . -19.88 -24.20 22.58
O4' ADP R . -19.43 -25.39 21.93
C3' ADP R . -19.64 -24.37 24.06
O3' ADP R . -20.85 -24.18 24.78
C2' ADP R . -19.16 -25.79 24.23
O2' ADP R . -19.98 -26.47 25.18
C1' ADP R . -19.30 -26.46 22.87
N9 ADP R . -18.12 -27.29 22.52
C8 ADP R . -17.41 -27.17 21.39
N7 ADP R . -16.40 -28.07 21.32
C5 ADP R . -16.45 -28.80 22.45
C6 ADP R . -15.68 -29.92 23.01
N6 ADP R . -14.61 -30.44 22.35
N1 ADP R . -16.05 -30.41 24.21
C2 ADP R . -17.10 -29.90 24.88
N3 ADP R . -17.85 -28.89 24.42
C4 ADP R . -17.60 -28.30 23.22
PB ADP S . -4.95 -43.66 -7.29
O1B ADP S . -5.23 -43.75 -8.76
O2B ADP S . -5.63 -42.50 -6.59
O3B ADP S . -5.07 -44.98 -6.56
PA ADP S . -2.37 -43.97 -8.24
O1A ADP S . -2.37 -43.12 -9.49
O2A ADP S . -2.75 -45.43 -8.33
O3A ADP S . -3.40 -43.29 -7.20
O5' ADP S . -0.94 -43.85 -7.51
C5' ADP S . 0.23 -44.33 -8.18
C4' ADP S . 1.46 -44.10 -7.32
O4' ADP S . 1.15 -44.34 -5.95
C3' ADP S . 2.61 -45.02 -7.72
O3' ADP S . 3.72 -44.25 -8.18
C2' ADP S . 2.97 -45.78 -6.46
O2' ADP S . 4.36 -45.63 -6.16
C1' ADP S . 2.14 -45.17 -5.34
N9 ADP S . 1.45 -46.23 -4.58
C8 ADP S . 1.29 -47.51 -4.96
N7 ADP S . 0.60 -48.22 -4.03
C5 ADP S . 0.32 -47.36 -3.02
C6 ADP S . -0.38 -47.46 -1.73
N6 ADP S . -0.93 -48.62 -1.32
N1 ADP S . -0.46 -46.33 -0.98
C2 ADP S . 0.07 -45.16 -1.39
N3 ADP S . 0.72 -45.01 -2.55
C4 ADP S . 0.89 -46.06 -3.39
#